data_5IAY
#
_entry.id   5IAY
#
loop_
_entity.id
_entity.type
_entity.pdbx_description
1 polymer 'E3 ubiquitin-protein ligase UHRF1'
2 polymer Spacer
#
loop_
_entity_poly.entity_id
_entity_poly.type
_entity_poly.pdbx_seq_one_letter_code
_entity_poly.pdbx_strand_id
1 'polypeptide(L)'
;LYKVNEYVDARDTNMGAWFEAQVVRVTRKAPSRDEPCSSTSRPALEEDVIYHVKYDDYPENGVVQMNSRDVRARARTIIK
WQDLEVGQVVMLNYNPDNPKERGFWYDAEISRKRETRTARELYANVVLGDDSLNDCRIIFVDEVFKIERPGE
;
A
2 'polypeptide(L)' TGKGKWKRKSAGGGPS B
#
# COMPACT_ATOMS: atom_id res chain seq x y z
N LEU A 1 16.40 1.77 -0.18
CA LEU A 1 15.12 1.01 -0.27
C LEU A 1 14.51 0.90 1.12
N TYR A 2 14.42 -0.28 1.67
CA TYR A 2 13.83 -0.46 3.02
C TYR A 2 14.94 -0.76 4.02
N LYS A 3 15.23 0.18 4.89
CA LYS A 3 16.30 -0.05 5.91
C LYS A 3 15.68 -0.12 7.30
N VAL A 4 16.36 -0.73 8.22
CA VAL A 4 15.81 -0.86 9.60
C VAL A 4 15.40 0.51 10.13
N ASN A 5 14.27 0.58 10.78
CA ASN A 5 13.78 1.88 11.32
C ASN A 5 13.29 2.78 10.18
N GLU A 6 12.90 2.18 9.07
CA GLU A 6 12.39 2.98 7.93
C GLU A 6 10.86 3.00 7.97
N TYR A 7 10.25 4.03 7.45
CA TYR A 7 8.77 4.10 7.46
C TYR A 7 8.23 3.67 6.10
N VAL A 8 7.74 2.47 6.01
CA VAL A 8 7.20 1.98 4.71
C VAL A 8 5.84 1.33 4.95
N ASP A 9 5.03 1.22 3.93
CA ASP A 9 3.69 0.60 4.11
C ASP A 9 3.74 -0.89 3.71
N ALA A 10 3.01 -1.72 4.38
CA ALA A 10 3.01 -3.17 4.04
C ALA A 10 1.60 -3.55 3.54
N ARG A 11 1.52 -4.36 2.53
CA ARG A 11 0.18 -4.75 1.98
C ARG A 11 -0.14 -6.20 2.31
N ASP A 12 -1.37 -6.48 2.64
CA ASP A 12 -1.76 -7.88 2.93
C ASP A 12 -2.28 -8.51 1.63
N THR A 13 -1.53 -9.42 1.06
CA THR A 13 -1.97 -10.05 -0.21
C THR A 13 -3.36 -10.68 -0.05
N ASN A 14 -3.66 -11.22 1.09
CA ASN A 14 -4.99 -11.87 1.28
C ASN A 14 -6.12 -10.86 1.13
N MET A 15 -5.96 -9.66 1.61
CA MET A 15 -7.06 -8.64 1.49
C MET A 15 -6.66 -7.57 0.47
N GLY A 16 -5.41 -7.48 0.14
CA GLY A 16 -4.97 -6.44 -0.84
C GLY A 16 -5.13 -5.06 -0.20
N ALA A 17 -5.03 -4.97 1.10
CA ALA A 17 -5.19 -3.65 1.77
C ALA A 17 -3.83 -3.11 2.21
N TRP A 18 -3.66 -1.82 2.16
CA TRP A 18 -2.36 -1.21 2.57
C TRP A 18 -2.53 -0.48 3.90
N PHE A 19 -1.58 -0.59 4.78
CA PHE A 19 -1.69 0.10 6.10
C PHE A 19 -0.30 0.60 6.53
N GLU A 20 -0.25 1.57 7.39
CA GLU A 20 1.07 2.09 7.85
C GLU A 20 1.87 0.96 8.49
N ALA A 21 3.14 0.88 8.20
CA ALA A 21 3.98 -0.21 8.79
C ALA A 21 5.40 0.30 9.01
N GLN A 22 6.09 -0.25 9.98
CA GLN A 22 7.48 0.19 10.24
C GLN A 22 8.45 -0.97 10.00
N VAL A 23 9.68 -0.68 9.68
CA VAL A 23 10.65 -1.77 9.43
C VAL A 23 11.40 -2.07 10.73
N VAL A 24 11.50 -3.33 11.09
CA VAL A 24 12.21 -3.68 12.35
C VAL A 24 13.54 -4.36 12.02
N ARG A 25 13.57 -5.27 11.08
CA ARG A 25 14.84 -5.95 10.75
C ARG A 25 14.85 -6.42 9.30
N VAL A 26 16.01 -6.50 8.70
CA VAL A 26 16.11 -6.98 7.29
C VAL A 26 17.03 -8.20 7.28
N THR A 27 16.57 -9.30 6.74
CA THR A 27 17.43 -10.51 6.72
C THR A 27 17.18 -11.32 5.45
N ARG A 28 17.98 -12.32 5.21
CA ARG A 28 17.80 -13.16 4.00
C ARG A 28 18.16 -14.61 4.33
N LYS A 29 17.60 -15.55 3.62
CA LYS A 29 17.91 -16.98 3.89
C LYS A 29 18.78 -17.55 2.76
N ALA A 30 19.80 -18.28 3.11
CA ALA A 30 20.69 -18.86 2.07
C ALA A 30 20.61 -20.39 2.13
N PRO A 31 21.05 -21.04 1.08
CA PRO A 31 21.03 -22.54 0.98
C PRO A 31 22.08 -23.18 1.89
N SER A 32 21.80 -24.35 2.40
CA SER A 32 22.80 -25.02 3.26
C SER A 32 24.03 -25.38 2.42
N ARG A 33 23.81 -25.78 1.19
CA ARG A 33 24.95 -26.13 0.31
C ARG A 33 24.55 -25.86 -1.14
N ASP A 34 23.75 -26.72 -1.71
CA ASP A 34 23.31 -26.51 -3.12
C ASP A 34 21.82 -26.84 -3.25
N GLU A 35 21.15 -27.02 -2.14
CA GLU A 35 19.70 -27.36 -2.20
C GLU A 35 18.88 -26.36 -1.37
N PRO A 36 18.72 -25.16 -1.86
CA PRO A 36 17.95 -24.10 -1.16
C PRO A 36 16.57 -24.60 -0.74
N CYS A 37 16.08 -24.17 0.39
CA CYS A 37 14.75 -24.63 0.85
C CYS A 37 13.70 -24.26 -0.21
N SER A 38 13.81 -23.09 -0.79
CA SER A 38 12.83 -22.68 -1.83
C SER A 38 12.90 -21.17 -2.02
N SER A 39 13.87 -20.69 -2.76
CA SER A 39 13.99 -19.22 -2.99
C SER A 39 14.07 -18.95 -4.48
N THR A 40 13.58 -17.81 -4.92
CA THR A 40 13.64 -17.48 -6.37
C THR A 40 15.11 -17.41 -6.82
N SER A 41 15.96 -16.84 -6.01
CA SER A 41 17.40 -16.74 -6.39
C SER A 41 18.26 -16.73 -5.13
N ARG A 42 19.53 -16.96 -5.27
CA ARG A 42 20.42 -16.97 -4.07
C ARG A 42 20.55 -15.54 -3.53
N PRO A 43 20.71 -15.37 -2.25
CA PRO A 43 20.84 -14.03 -1.63
C PRO A 43 22.04 -13.26 -2.20
N ALA A 44 21.88 -11.97 -2.40
CA ALA A 44 22.99 -11.17 -2.97
C ALA A 44 22.49 -9.78 -3.31
N LEU A 45 21.35 -9.69 -3.94
CA LEU A 45 20.79 -8.36 -4.32
C LEU A 45 19.87 -7.87 -3.20
N GLU A 46 19.71 -6.58 -3.07
CA GLU A 46 18.83 -6.05 -2.00
C GLU A 46 17.43 -6.65 -2.17
N GLU A 47 17.01 -6.87 -3.38
CA GLU A 47 15.67 -7.45 -3.61
C GLU A 47 15.72 -8.95 -3.31
N ASP A 48 16.90 -9.51 -3.22
CA ASP A 48 17.01 -10.96 -2.94
C ASP A 48 17.07 -11.21 -1.42
N VAL A 49 16.62 -10.27 -0.65
CA VAL A 49 16.63 -10.45 0.84
C VAL A 49 15.21 -10.35 1.39
N ILE A 50 15.04 -10.71 2.64
CA ILE A 50 13.68 -10.65 3.24
C ILE A 50 13.61 -9.45 4.18
N TYR A 51 12.48 -8.80 4.24
CA TYR A 51 12.36 -7.60 5.13
C TYR A 51 11.32 -7.88 6.22
N HIS A 52 11.59 -7.44 7.41
CA HIS A 52 10.64 -7.67 8.53
C HIS A 52 9.93 -6.35 8.85
N VAL A 53 8.63 -6.30 8.69
CA VAL A 53 7.89 -5.05 8.99
C VAL A 53 6.74 -5.36 9.94
N LYS A 54 6.34 -4.38 10.72
CA LYS A 54 5.22 -4.60 11.68
C LYS A 54 4.08 -3.62 11.36
N TYR A 55 2.89 -3.93 11.74
CA TYR A 55 1.76 -3.01 11.45
C TYR A 55 1.52 -2.13 12.67
N ASP A 56 1.65 -0.83 12.52
CA ASP A 56 1.43 0.07 13.68
C ASP A 56 0.01 -0.12 14.21
N ASP A 57 -0.94 -0.30 13.34
CA ASP A 57 -2.35 -0.49 13.79
C ASP A 57 -2.45 -1.80 14.57
N TYR A 58 -1.74 -2.81 14.15
CA TYR A 58 -1.81 -4.13 14.85
C TYR A 58 -0.40 -4.63 15.17
N PRO A 59 0.22 -4.07 16.18
CA PRO A 59 1.59 -4.46 16.60
C PRO A 59 1.61 -5.79 17.36
N GLU A 60 0.46 -6.25 17.78
CA GLU A 60 0.39 -7.54 18.53
C GLU A 60 0.90 -8.68 17.64
N ASN A 61 0.73 -8.57 16.36
CA ASN A 61 1.20 -9.66 15.44
C ASN A 61 2.65 -10.02 15.76
N GLY A 62 3.45 -9.05 16.13
CA GLY A 62 4.87 -9.35 16.44
C GLY A 62 5.75 -8.95 15.25
N VAL A 63 6.34 -9.91 14.59
CA VAL A 63 7.21 -9.58 13.42
C VAL A 63 6.66 -10.29 12.18
N VAL A 64 6.41 -9.56 11.13
CA VAL A 64 5.87 -10.17 9.88
C VAL A 64 6.95 -10.12 8.79
N GLN A 65 7.09 -11.18 8.03
CA GLN A 65 8.12 -11.17 6.95
C GLN A 65 7.43 -10.84 5.62
N MET A 66 7.92 -9.88 4.91
CA MET A 66 7.29 -9.52 3.61
C MET A 66 8.36 -9.21 2.56
N ASN A 67 8.06 -9.39 1.31
CA ASN A 67 9.07 -9.09 0.26
C ASN A 67 8.96 -7.62 -0.14
N SER A 68 9.96 -7.10 -0.80
CA SER A 68 9.92 -5.66 -1.19
C SER A 68 8.77 -5.42 -2.17
N ARG A 69 8.40 -6.42 -2.94
CA ARG A 69 7.30 -6.25 -3.91
C ARG A 69 6.01 -5.86 -3.18
N ASP A 70 5.78 -6.40 -2.02
CA ASP A 70 4.53 -6.07 -1.28
C ASP A 70 4.78 -4.91 -0.31
N VAL A 71 6.01 -4.45 -0.22
CA VAL A 71 6.32 -3.32 0.70
C VAL A 71 6.70 -2.08 -0.12
N ARG A 72 6.13 -0.95 0.19
CA ARG A 72 6.45 0.28 -0.57
C ARG A 72 6.67 1.46 0.40
N ALA A 73 7.46 2.41 0.02
CA ALA A 73 7.70 3.58 0.91
C ALA A 73 6.39 4.32 1.17
N ARG A 74 6.23 4.91 2.31
CA ARG A 74 4.97 5.64 2.61
C ARG A 74 4.85 6.87 1.70
N ALA A 75 3.67 7.17 1.24
CA ALA A 75 3.49 8.35 0.35
C ALA A 75 3.87 9.62 1.11
N ARG A 76 4.49 10.56 0.44
CA ARG A 76 4.90 11.82 1.12
C ARG A 76 4.33 13.03 0.38
N THR A 77 3.72 12.82 -0.76
CA THR A 77 3.16 13.97 -1.52
C THR A 77 1.64 13.79 -1.70
N ILE A 78 0.88 14.81 -1.44
CA ILE A 78 -0.60 14.72 -1.60
C ILE A 78 -1.00 15.38 -2.91
N ILE A 79 -1.79 14.73 -3.71
CA ILE A 79 -2.20 15.33 -5.00
C ILE A 79 -3.58 15.98 -4.86
N LYS A 80 -3.71 17.22 -5.26
CA LYS A 80 -5.02 17.93 -5.14
C LYS A 80 -5.78 17.79 -6.46
N TRP A 81 -7.07 18.05 -6.44
CA TRP A 81 -7.86 17.94 -7.70
C TRP A 81 -7.11 18.61 -8.85
N GLN A 82 -6.57 19.76 -8.62
CA GLN A 82 -5.81 20.47 -9.69
C GLN A 82 -4.57 19.66 -10.08
N ASP A 83 -4.01 18.93 -9.15
CA ASP A 83 -2.77 18.16 -9.46
C ASP A 83 -3.11 16.72 -9.88
N LEU A 84 -4.36 16.39 -10.10
CA LEU A 84 -4.68 14.99 -10.52
C LEU A 84 -4.33 14.81 -11.99
N GLU A 85 -3.70 13.71 -12.32
CA GLU A 85 -3.32 13.45 -13.73
C GLU A 85 -3.92 12.12 -14.18
N VAL A 86 -3.98 11.86 -15.45
CA VAL A 86 -4.55 10.58 -15.93
C VAL A 86 -3.42 9.59 -16.20
N GLY A 87 -3.55 8.38 -15.73
CA GLY A 87 -2.49 7.37 -15.96
C GLY A 87 -1.54 7.31 -14.75
N GLN A 88 -1.81 8.09 -13.73
CA GLN A 88 -0.92 8.06 -12.53
C GLN A 88 -1.50 7.09 -11.51
N VAL A 89 -0.66 6.40 -10.77
CA VAL A 89 -1.18 5.44 -9.77
C VAL A 89 -1.30 6.15 -8.42
N VAL A 90 -2.44 6.06 -7.80
CA VAL A 90 -2.65 6.73 -6.49
C VAL A 90 -3.27 5.74 -5.50
N MET A 91 -3.23 6.06 -4.23
CA MET A 91 -3.83 5.15 -3.21
C MET A 91 -5.07 5.81 -2.60
N LEU A 92 -6.15 5.10 -2.52
CA LEU A 92 -7.40 5.70 -1.95
C LEU A 92 -8.09 4.66 -1.08
N ASN A 93 -9.11 5.05 -0.36
CA ASN A 93 -9.82 4.08 0.52
C ASN A 93 -11.02 3.49 -0.23
N TYR A 94 -11.04 2.19 -0.40
CA TYR A 94 -12.18 1.55 -1.12
C TYR A 94 -12.73 0.41 -0.27
N ASN A 95 -14.02 0.33 -0.11
CA ASN A 95 -14.63 -0.76 0.71
C ASN A 95 -15.55 -1.61 -0.18
N PRO A 96 -15.07 -2.72 -0.68
CA PRO A 96 -15.88 -3.61 -1.55
C PRO A 96 -17.21 -4.01 -0.91
N ASP A 97 -17.19 -4.33 0.36
CA ASP A 97 -18.46 -4.73 1.03
C ASP A 97 -19.41 -3.53 1.07
N ASN A 98 -18.91 -2.37 1.40
CA ASN A 98 -19.80 -1.17 1.45
C ASN A 98 -19.07 0.04 0.86
N PRO A 99 -19.03 0.13 -0.44
CA PRO A 99 -18.36 1.26 -1.14
C PRO A 99 -18.83 2.63 -0.65
N LYS A 100 -20.00 2.68 -0.06
CA LYS A 100 -20.53 3.99 0.43
C LYS A 100 -19.98 4.27 1.83
N GLU A 101 -19.14 3.40 2.33
CA GLU A 101 -18.56 3.61 3.70
C GLU A 101 -17.04 3.80 3.60
N ARG A 102 -16.37 3.75 4.72
CA ARG A 102 -14.89 3.92 4.72
C ARG A 102 -14.24 2.68 4.10
N GLY A 103 -13.08 2.84 3.53
CA GLY A 103 -12.39 1.68 2.88
C GLY A 103 -10.92 1.65 3.31
N PHE A 104 -10.21 0.62 2.92
CA PHE A 104 -8.77 0.54 3.29
C PHE A 104 -7.94 1.10 2.15
N TRP A 105 -6.75 1.57 2.43
CA TRP A 105 -5.91 2.14 1.35
C TRP A 105 -5.73 1.13 0.23
N TYR A 106 -6.54 1.22 -0.80
CA TYR A 106 -6.41 0.27 -1.94
C TYR A 106 -5.77 0.98 -3.13
N ASP A 107 -4.81 0.37 -3.76
CA ASP A 107 -4.14 1.02 -4.92
C ASP A 107 -5.13 1.13 -6.09
N ALA A 108 -4.98 2.14 -6.89
CA ALA A 108 -5.89 2.33 -8.05
C ALA A 108 -5.29 3.34 -9.02
N GLU A 109 -5.69 3.31 -10.26
CA GLU A 109 -5.15 4.28 -11.26
C GLU A 109 -6.25 5.24 -11.70
N ILE A 110 -5.89 6.41 -12.14
CA ILE A 110 -6.93 7.39 -12.59
C ILE A 110 -7.41 6.99 -13.99
N SER A 111 -8.66 6.67 -14.12
CA SER A 111 -9.19 6.27 -15.46
C SER A 111 -9.70 7.50 -16.21
N ARG A 112 -10.64 8.21 -15.65
CA ARG A 112 -11.18 9.41 -16.35
C ARG A 112 -11.61 10.47 -15.34
N LYS A 113 -11.47 11.73 -15.69
CA LYS A 113 -11.88 12.82 -14.77
C LYS A 113 -13.11 13.52 -15.33
N ARG A 114 -14.09 13.82 -14.51
CA ARG A 114 -15.31 14.50 -15.01
C ARG A 114 -15.70 15.62 -14.05
N GLU A 115 -16.08 16.76 -14.57
CA GLU A 115 -16.48 17.90 -13.70
C GLU A 115 -17.91 18.33 -14.03
N THR A 116 -18.65 18.78 -13.05
CA THR A 116 -20.04 19.22 -13.29
C THR A 116 -20.18 20.69 -12.88
N ARG A 117 -21.26 21.32 -13.22
CA ARG A 117 -21.44 22.77 -12.87
C ARG A 117 -21.22 22.98 -11.37
N THR A 118 -21.62 22.05 -10.55
CA THR A 118 -21.43 22.23 -9.08
C THR A 118 -21.06 20.88 -8.44
N ALA A 119 -20.48 19.98 -9.18
CA ALA A 119 -20.11 18.66 -8.60
C ALA A 119 -18.90 18.09 -9.35
N ARG A 120 -18.14 17.25 -8.70
CA ARG A 120 -16.95 16.65 -9.37
C ARG A 120 -17.04 15.13 -9.29
N GLU A 121 -16.73 14.44 -10.35
CA GLU A 121 -16.78 12.95 -10.33
C GLU A 121 -15.47 12.41 -10.90
N LEU A 122 -14.85 11.49 -10.21
CA LEU A 122 -13.56 10.92 -10.71
C LEU A 122 -13.74 9.42 -10.99
N TYR A 123 -13.11 8.93 -12.03
CA TYR A 123 -13.21 7.48 -12.33
C TYR A 123 -11.83 6.85 -12.15
N ALA A 124 -11.76 5.73 -11.47
CA ALA A 124 -10.44 5.09 -11.25
C ALA A 124 -10.58 3.57 -11.28
N ASN A 125 -9.50 2.87 -11.49
CA ASN A 125 -9.57 1.39 -11.51
C ASN A 125 -9.02 0.87 -10.18
N VAL A 126 -9.74 0.00 -9.52
CA VAL A 126 -9.25 -0.52 -8.20
C VAL A 126 -8.87 -1.99 -8.33
N VAL A 127 -7.75 -2.36 -7.75
CA VAL A 127 -7.30 -3.78 -7.84
C VAL A 127 -7.25 -4.39 -6.43
N LEU A 128 -7.82 -5.54 -6.24
CA LEU A 128 -7.78 -6.18 -4.89
C LEU A 128 -6.65 -7.20 -4.86
N GLY A 129 -6.25 -7.62 -3.69
CA GLY A 129 -5.14 -8.62 -3.59
C GLY A 129 -5.35 -9.74 -4.62
N ASP A 130 -6.57 -10.05 -4.95
CA ASP A 130 -6.81 -11.14 -5.94
C ASP A 130 -7.97 -10.76 -6.87
N ASP A 131 -8.96 -10.10 -6.35
CA ASP A 131 -10.12 -9.72 -7.22
C ASP A 131 -9.83 -8.40 -7.93
N SER A 132 -10.50 -8.16 -9.03
CA SER A 132 -10.27 -6.88 -9.77
C SER A 132 -11.56 -6.06 -9.78
N LEU A 133 -11.44 -4.76 -9.80
CA LEU A 133 -12.64 -3.89 -9.82
C LEU A 133 -12.37 -2.70 -10.72
N ASN A 134 -11.70 -2.92 -11.83
CA ASN A 134 -11.38 -1.79 -12.75
C ASN A 134 -12.67 -1.07 -13.15
N ASP A 135 -12.54 0.10 -13.72
CA ASP A 135 -13.75 0.87 -14.14
C ASP A 135 -14.67 1.07 -12.94
N CYS A 136 -14.13 1.54 -11.84
CA CYS A 136 -14.96 1.76 -10.63
C CYS A 136 -15.03 3.27 -10.34
N ARG A 137 -16.10 3.71 -9.73
CA ARG A 137 -16.24 5.16 -9.42
C ARG A 137 -15.70 5.43 -8.01
N ILE A 138 -15.03 6.53 -7.82
CA ILE A 138 -14.48 6.84 -6.47
C ILE A 138 -15.41 7.83 -5.77
N ILE A 139 -16.02 7.43 -4.68
CA ILE A 139 -16.93 8.36 -3.96
C ILE A 139 -16.13 9.50 -3.33
N PHE A 140 -15.00 9.21 -2.76
CA PHE A 140 -14.19 10.29 -2.13
C PHE A 140 -13.09 10.73 -3.10
N VAL A 141 -13.13 11.95 -3.55
CA VAL A 141 -12.09 12.44 -4.48
C VAL A 141 -11.03 13.21 -3.71
N ASP A 142 -11.42 13.82 -2.62
CA ASP A 142 -10.44 14.60 -1.80
C ASP A 142 -9.35 13.68 -1.26
N GLU A 143 -9.69 12.45 -0.95
CA GLU A 143 -8.66 11.52 -0.41
C GLU A 143 -7.85 10.90 -1.54
N VAL A 144 -6.82 11.57 -1.97
CA VAL A 144 -5.96 11.02 -3.07
C VAL A 144 -4.52 10.93 -2.57
N PHE A 145 -3.84 9.85 -2.83
CA PHE A 145 -2.44 9.73 -2.36
C PHE A 145 -1.52 9.28 -3.50
N LYS A 146 -0.31 9.73 -3.48
CA LYS A 146 0.67 9.37 -4.54
C LYS A 146 1.59 8.26 -4.02
N ILE A 147 2.03 7.38 -4.89
CA ILE A 147 2.94 6.28 -4.45
C ILE A 147 4.38 6.63 -4.84
N GLU A 148 5.31 6.46 -3.94
CA GLU A 148 6.73 6.77 -4.26
C GLU A 148 7.49 5.47 -4.52
N ARG A 149 8.48 5.52 -5.38
CA ARG A 149 9.26 4.29 -5.67
C ARG A 149 10.75 4.64 -5.71
N PRO A 150 11.60 3.68 -5.48
CA PRO A 150 13.08 3.88 -5.49
C PRO A 150 13.59 4.33 -6.86
N GLY A 151 12.86 4.03 -7.90
CA GLY A 151 13.31 4.45 -9.27
C GLY A 151 14.05 3.29 -9.93
N GLU A 152 14.16 2.18 -9.26
CA GLU A 152 14.87 1.03 -9.87
C GLU A 152 14.71 -0.20 -8.98
N THR B 1 11.42 9.99 17.90
CA THR B 1 10.63 10.85 16.97
C THR B 1 9.86 11.89 17.78
N GLY B 2 9.06 11.47 18.71
CA GLY B 2 8.28 12.44 19.54
C GLY B 2 7.55 11.69 20.65
N LYS B 3 6.76 12.38 21.42
CA LYS B 3 6.03 11.71 22.53
C LYS B 3 5.15 10.60 21.97
N GLY B 4 4.59 10.81 20.80
CA GLY B 4 3.72 9.76 20.19
C GLY B 4 3.88 9.77 18.67
N LYS B 5 3.34 8.80 18.00
CA LYS B 5 3.45 8.75 16.51
C LYS B 5 2.10 9.14 15.89
N TRP B 6 2.13 9.71 14.71
CA TRP B 6 0.85 10.11 14.06
C TRP B 6 0.47 9.05 13.01
N LYS B 7 -0.79 8.72 12.93
CA LYS B 7 -1.23 7.70 11.94
C LYS B 7 -2.14 8.35 10.89
N ARG B 8 -2.21 7.79 9.72
CA ARG B 8 -3.10 8.36 8.67
C ARG B 8 -4.51 7.78 8.83
N LYS B 9 -5.51 8.50 8.38
CA LYS B 9 -6.90 7.99 8.53
C LYS B 9 -7.18 6.89 7.51
N SER B 10 -7.76 5.81 7.94
CA SER B 10 -8.08 4.70 7.01
C SER B 10 -9.03 3.72 7.70
N ALA B 11 -10.11 3.35 7.06
CA ALA B 11 -11.05 2.40 7.71
C ALA B 11 -11.84 1.63 6.63
N GLY B 12 -12.23 0.43 6.94
CA GLY B 12 -13.01 -0.38 5.95
C GLY B 12 -13.49 -1.68 6.61
N GLY B 13 -14.10 -2.55 5.85
CA GLY B 13 -14.59 -3.82 6.43
C GLY B 13 -15.99 -3.62 7.00
N GLY B 14 -16.50 -4.58 7.71
CA GLY B 14 -17.87 -4.45 8.30
C GLY B 14 -17.81 -4.78 9.79
N PRO B 15 -17.34 -3.85 10.58
CA PRO B 15 -17.23 -4.03 12.06
C PRO B 15 -18.57 -4.42 12.70
N SER B 16 -18.54 -5.25 13.70
CA SER B 16 -19.81 -5.67 14.36
C SER B 16 -19.88 -5.04 15.76
N LEU A 1 15.70 -2.12 -0.10
CA LEU A 1 15.63 -0.64 -0.28
C LEU A 1 15.24 0.02 1.05
N TYR A 2 14.70 -0.75 1.96
CA TYR A 2 14.30 -0.18 3.28
C TYR A 2 15.25 -0.69 4.37
N LYS A 3 15.47 0.09 5.39
CA LYS A 3 16.38 -0.35 6.49
C LYS A 3 15.58 -0.62 7.76
N VAL A 4 16.14 -1.41 8.65
CA VAL A 4 15.42 -1.72 9.91
C VAL A 4 15.03 -0.42 10.60
N ASN A 5 13.84 -0.36 11.15
CA ASN A 5 13.38 0.88 11.82
C ASN A 5 12.92 1.89 10.78
N GLU A 6 12.69 1.44 9.58
CA GLU A 6 12.21 2.36 8.50
C GLU A 6 10.68 2.34 8.46
N TYR A 7 10.07 3.40 8.02
CA TYR A 7 8.59 3.44 7.97
C TYR A 7 8.13 3.15 6.55
N VAL A 8 7.52 2.00 6.33
CA VAL A 8 7.04 1.66 4.97
C VAL A 8 5.62 1.10 5.05
N ASP A 9 4.89 1.13 3.98
CA ASP A 9 3.50 0.60 4.00
C ASP A 9 3.55 -0.92 3.77
N ALA A 10 2.69 -1.65 4.43
CA ALA A 10 2.67 -3.13 4.25
C ALA A 10 1.34 -3.54 3.61
N ARG A 11 1.37 -4.50 2.73
CA ARG A 11 0.11 -4.94 2.07
C ARG A 11 -0.41 -6.22 2.72
N ASP A 12 -1.70 -6.32 2.89
CA ASP A 12 -2.28 -7.56 3.50
C ASP A 12 -2.64 -8.54 2.39
N THR A 13 -1.95 -9.63 2.30
CA THR A 13 -2.26 -10.62 1.23
C THR A 13 -3.70 -11.13 1.38
N ASN A 14 -4.16 -11.31 2.58
CA ASN A 14 -5.53 -11.84 2.80
C ASN A 14 -6.61 -10.90 2.24
N MET A 15 -6.51 -9.61 2.48
CA MET A 15 -7.54 -8.67 1.97
C MET A 15 -6.95 -7.73 0.93
N GLY A 16 -5.66 -7.64 0.87
CA GLY A 16 -5.02 -6.73 -0.13
C GLY A 16 -5.13 -5.29 0.37
N ALA A 17 -5.22 -5.10 1.66
CA ALA A 17 -5.34 -3.72 2.21
C ALA A 17 -3.96 -3.22 2.67
N TRP A 18 -3.72 -1.94 2.55
CA TRP A 18 -2.40 -1.39 2.97
C TRP A 18 -2.57 -0.61 4.29
N PHE A 19 -1.61 -0.69 5.16
CA PHE A 19 -1.70 0.05 6.45
C PHE A 19 -0.31 0.49 6.89
N GLU A 20 -0.22 1.44 7.78
CA GLU A 20 1.12 1.89 8.25
C GLU A 20 1.86 0.72 8.90
N ALA A 21 3.13 0.58 8.61
CA ALA A 21 3.89 -0.54 9.22
C ALA A 21 5.36 -0.11 9.39
N GLN A 22 6.03 -0.68 10.34
CA GLN A 22 7.46 -0.32 10.57
C GLN A 22 8.35 -1.53 10.24
N VAL A 23 9.56 -1.28 9.80
CA VAL A 23 10.46 -2.42 9.46
C VAL A 23 11.16 -2.91 10.73
N VAL A 24 11.14 -4.20 10.97
CA VAL A 24 11.79 -4.73 12.20
C VAL A 24 13.07 -5.47 11.83
N ARG A 25 13.06 -6.26 10.79
CA ARG A 25 14.31 -7.00 10.42
C ARG A 25 14.35 -7.31 8.93
N VAL A 26 15.52 -7.28 8.34
CA VAL A 26 15.65 -7.59 6.89
C VAL A 26 16.71 -8.69 6.73
N THR A 27 16.34 -9.84 6.21
CA THR A 27 17.35 -10.92 6.05
C THR A 27 17.03 -11.77 4.82
N ARG A 28 17.99 -12.55 4.38
CA ARG A 28 17.76 -13.42 3.20
C ARG A 28 18.29 -14.82 3.50
N LYS A 29 17.64 -15.84 3.00
CA LYS A 29 18.13 -17.22 3.26
C LYS A 29 19.13 -17.63 2.17
N ALA A 30 20.24 -18.18 2.56
CA ALA A 30 21.26 -18.59 1.54
C ALA A 30 21.27 -20.11 1.42
N PRO A 31 21.87 -20.62 0.38
CA PRO A 31 21.97 -22.09 0.12
C PRO A 31 22.95 -22.77 1.06
N SER A 32 22.70 -23.98 1.45
CA SER A 32 23.63 -24.68 2.36
C SER A 32 24.98 -24.83 1.66
N ARG A 33 24.97 -25.09 0.38
CA ARG A 33 26.25 -25.24 -0.37
C ARG A 33 26.04 -24.79 -1.82
N ASP A 34 25.04 -25.31 -2.47
CA ASP A 34 24.77 -24.90 -3.87
C ASP A 34 23.42 -25.46 -4.32
N GLU A 35 22.54 -25.74 -3.39
CA GLU A 35 21.20 -26.28 -3.75
C GLU A 35 20.11 -25.45 -3.07
N PRO A 36 19.99 -24.20 -3.43
CA PRO A 36 18.97 -23.29 -2.84
C PRO A 36 17.54 -23.79 -3.11
N CYS A 37 16.64 -23.60 -2.18
CA CYS A 37 15.25 -24.05 -2.39
C CYS A 37 14.65 -23.36 -3.61
N SER A 38 15.01 -22.12 -3.84
CA SER A 38 14.46 -21.39 -5.01
C SER A 38 15.55 -20.52 -5.64
N SER A 39 15.34 -20.06 -6.83
CA SER A 39 16.37 -19.20 -7.50
C SER A 39 16.40 -17.83 -6.83
N THR A 40 17.42 -17.06 -7.09
CA THR A 40 17.52 -15.70 -6.47
C THR A 40 17.52 -15.82 -4.95
N SER A 41 17.38 -17.01 -4.43
CA SER A 41 17.37 -17.17 -2.95
C SER A 41 18.70 -16.65 -2.38
N ARG A 42 19.76 -16.79 -3.13
CA ARG A 42 21.08 -16.30 -2.62
C ARG A 42 21.05 -14.76 -2.52
N PRO A 43 21.56 -14.20 -1.45
CA PRO A 43 21.57 -12.73 -1.27
C PRO A 43 22.48 -12.04 -2.28
N ALA A 44 22.06 -10.91 -2.81
CA ALA A 44 22.90 -10.19 -3.80
C ALA A 44 22.32 -8.79 -4.03
N LEU A 45 21.09 -8.71 -4.46
CA LEU A 45 20.47 -7.37 -4.69
C LEU A 45 19.58 -7.02 -3.51
N GLU A 46 19.43 -5.76 -3.21
CA GLU A 46 18.58 -5.35 -2.07
C GLU A 46 17.16 -5.86 -2.29
N GLU A 47 16.71 -5.88 -3.51
CA GLU A 47 15.34 -6.39 -3.81
C GLU A 47 15.32 -7.91 -3.66
N ASP A 48 16.46 -8.53 -3.70
CA ASP A 48 16.53 -10.01 -3.57
C ASP A 48 16.61 -10.40 -2.09
N VAL A 49 16.15 -9.54 -1.20
CA VAL A 49 16.21 -9.87 0.25
C VAL A 49 14.79 -9.86 0.83
N ILE A 50 14.63 -10.35 2.03
CA ILE A 50 13.28 -10.37 2.64
C ILE A 50 13.18 -9.27 3.70
N TYR A 51 12.05 -8.63 3.80
CA TYR A 51 11.90 -7.54 4.79
C TYR A 51 10.82 -7.92 5.82
N HIS A 52 11.08 -7.68 7.07
CA HIS A 52 10.06 -8.01 8.10
C HIS A 52 9.41 -6.72 8.58
N VAL A 53 8.11 -6.63 8.48
CA VAL A 53 7.41 -5.39 8.90
C VAL A 53 6.29 -5.73 9.87
N LYS A 54 5.91 -4.80 10.70
CA LYS A 54 4.81 -5.04 11.67
C LYS A 54 3.74 -3.97 11.49
N TYR A 55 2.53 -4.26 11.85
CA TYR A 55 1.45 -3.24 11.68
C TYR A 55 1.31 -2.44 12.96
N ASP A 56 1.54 -1.16 12.90
CA ASP A 56 1.43 -0.32 14.13
C ASP A 56 0.02 -0.45 14.71
N ASP A 57 -0.96 -0.51 13.85
CA ASP A 57 -2.36 -0.64 14.34
C ASP A 57 -2.54 -1.97 15.06
N TYR A 58 -1.91 -3.01 14.57
CA TYR A 58 -2.05 -4.35 15.23
C TYR A 58 -0.67 -4.97 15.45
N PRO A 59 0.05 -4.52 16.46
CA PRO A 59 1.41 -5.05 16.76
C PRO A 59 1.36 -6.42 17.42
N GLU A 60 0.20 -6.81 17.91
CA GLU A 60 0.08 -8.14 18.57
C GLU A 60 0.38 -9.25 17.56
N ASN A 61 0.14 -9.01 16.31
CA ASN A 61 0.41 -10.05 15.27
C ASN A 61 1.81 -10.62 15.46
N GLY A 62 2.75 -9.79 15.85
CA GLY A 62 4.15 -10.29 16.05
C GLY A 62 5.04 -9.79 14.90
N VAL A 63 5.63 -10.69 14.15
CA VAL A 63 6.52 -10.26 13.03
C VAL A 63 6.00 -10.85 11.72
N VAL A 64 5.89 -10.04 10.70
CA VAL A 64 5.39 -10.52 9.38
C VAL A 64 6.56 -10.54 8.38
N GLN A 65 6.65 -11.58 7.58
CA GLN A 65 7.77 -11.64 6.58
C GLN A 65 7.21 -11.46 5.18
N MET A 66 7.66 -10.46 4.47
CA MET A 66 7.16 -10.24 3.08
C MET A 66 8.29 -9.68 2.22
N ASN A 67 8.14 -9.74 0.92
CA ASN A 67 9.20 -9.21 0.02
C ASN A 67 8.97 -7.72 -0.24
N SER A 68 9.91 -7.07 -0.86
CA SER A 68 9.76 -5.60 -1.13
C SER A 68 8.57 -5.38 -2.08
N ARG A 69 8.28 -6.33 -2.92
CA ARG A 69 7.13 -6.17 -3.86
C ARG A 69 5.84 -5.93 -3.07
N ASP A 70 5.70 -6.57 -1.95
CA ASP A 70 4.45 -6.38 -1.14
C ASP A 70 4.65 -5.24 -0.15
N VAL A 71 5.86 -4.73 -0.05
CA VAL A 71 6.13 -3.61 0.89
C VAL A 71 6.55 -2.37 0.11
N ARG A 72 5.99 -1.23 0.41
CA ARG A 72 6.37 0.01 -0.32
C ARG A 72 6.66 1.14 0.66
N ALA A 73 7.41 2.12 0.25
CA ALA A 73 7.74 3.26 1.15
C ALA A 73 6.45 3.92 1.65
N ARG A 74 6.47 4.46 2.83
CA ARG A 74 5.25 5.13 3.37
C ARG A 74 4.94 6.38 2.56
N ALA A 75 3.69 6.61 2.25
CA ALA A 75 3.32 7.81 1.46
C ALA A 75 3.54 9.07 2.32
N ARG A 76 4.00 10.13 1.72
CA ARG A 76 4.24 11.37 2.49
C ARG A 76 3.97 12.60 1.60
N THR A 77 3.45 12.38 0.43
CA THR A 77 3.17 13.53 -0.48
C THR A 77 1.69 13.57 -0.84
N ILE A 78 1.09 14.73 -0.77
CA ILE A 78 -0.36 14.85 -1.11
C ILE A 78 -0.51 15.39 -2.52
N ILE A 79 -1.30 14.75 -3.33
CA ILE A 79 -1.48 15.23 -4.73
C ILE A 79 -2.77 16.05 -4.83
N LYS A 80 -2.74 17.13 -5.55
CA LYS A 80 -3.95 17.98 -5.68
C LYS A 80 -4.69 17.63 -6.96
N TRP A 81 -5.94 18.00 -7.05
CA TRP A 81 -6.72 17.69 -8.29
C TRP A 81 -5.92 18.15 -9.51
N GLN A 82 -5.30 19.29 -9.44
CA GLN A 82 -4.51 19.81 -10.59
C GLN A 82 -3.35 18.85 -10.90
N ASP A 83 -2.82 18.21 -9.90
CA ASP A 83 -1.66 17.29 -10.13
C ASP A 83 -2.14 15.86 -10.43
N LEU A 84 -3.41 15.63 -10.62
CA LEU A 84 -3.87 14.25 -10.92
C LEU A 84 -3.65 13.94 -12.39
N GLU A 85 -3.16 12.77 -12.70
CA GLU A 85 -2.93 12.39 -14.12
C GLU A 85 -3.69 11.11 -14.44
N VAL A 86 -3.93 10.84 -15.69
CA VAL A 86 -4.67 9.60 -16.06
C VAL A 86 -3.67 8.50 -16.42
N GLY A 87 -3.88 7.31 -15.92
CA GLY A 87 -2.94 6.19 -16.23
C GLY A 87 -1.90 6.06 -15.11
N GLN A 88 -2.04 6.83 -14.07
CA GLN A 88 -1.07 6.75 -12.95
C GLN A 88 -1.65 5.86 -11.84
N VAL A 89 -0.82 5.17 -11.11
CA VAL A 89 -1.34 4.29 -10.02
C VAL A 89 -1.24 5.03 -8.69
N VAL A 90 -2.33 5.10 -7.97
CA VAL A 90 -2.32 5.80 -6.66
C VAL A 90 -3.06 4.95 -5.62
N MET A 91 -2.85 5.23 -4.36
CA MET A 91 -3.54 4.44 -3.30
C MET A 91 -4.56 5.34 -2.59
N LEU A 92 -5.77 4.86 -2.45
CA LEU A 92 -6.82 5.68 -1.77
C LEU A 92 -7.65 4.76 -0.88
N ASN A 93 -8.51 5.31 -0.07
CA ASN A 93 -9.35 4.46 0.82
C ASN A 93 -10.63 4.05 0.08
N TYR A 94 -10.82 2.77 -0.12
CA TYR A 94 -12.04 2.30 -0.82
C TYR A 94 -12.72 1.22 0.03
N ASN A 95 -14.02 1.27 0.13
CA ASN A 95 -14.75 0.27 0.96
C ASN A 95 -15.72 -0.52 0.07
N PRO A 96 -15.29 -1.63 -0.47
CA PRO A 96 -16.14 -2.48 -1.36
C PRO A 96 -17.48 -2.83 -0.70
N ASP A 97 -17.48 -3.17 0.55
CA ASP A 97 -18.75 -3.52 1.24
C ASP A 97 -19.66 -2.30 1.32
N ASN A 98 -19.12 -1.16 1.67
CA ASN A 98 -19.95 0.08 1.76
C ASN A 98 -19.17 1.26 1.21
N PRO A 99 -19.11 1.40 -0.08
CA PRO A 99 -18.38 2.51 -0.76
C PRO A 99 -18.80 3.89 -0.23
N LYS A 100 -19.98 3.98 0.34
CA LYS A 100 -20.45 5.29 0.87
C LYS A 100 -19.87 5.52 2.27
N GLU A 101 -19.08 4.60 2.75
CA GLU A 101 -18.49 4.75 4.11
C GLU A 101 -16.96 4.79 4.02
N ARG A 102 -16.30 4.68 5.14
CA ARG A 102 -14.81 4.71 5.13
C ARG A 102 -14.27 3.41 4.54
N GLY A 103 -13.10 3.45 3.96
CA GLY A 103 -12.52 2.24 3.34
C GLY A 103 -11.05 2.09 3.76
N PHE A 104 -10.42 1.01 3.38
CA PHE A 104 -8.99 0.81 3.74
C PHE A 104 -8.12 1.25 2.57
N TRP A 105 -6.90 1.59 2.82
CA TRP A 105 -6.01 2.04 1.72
C TRP A 105 -5.88 0.95 0.65
N TYR A 106 -6.66 1.05 -0.39
CA TYR A 106 -6.58 0.03 -1.48
C TYR A 106 -5.86 0.63 -2.69
N ASP A 107 -5.06 -0.13 -3.36
CA ASP A 107 -4.33 0.42 -4.55
C ASP A 107 -5.27 0.45 -5.76
N ALA A 108 -5.43 1.61 -6.35
CA ALA A 108 -6.33 1.72 -7.53
C ALA A 108 -5.69 2.66 -8.55
N GLU A 109 -6.07 2.54 -9.80
CA GLU A 109 -5.49 3.42 -10.85
C GLU A 109 -6.54 4.44 -11.32
N ILE A 110 -6.11 5.55 -11.83
CA ILE A 110 -7.08 6.58 -12.30
C ILE A 110 -7.58 6.20 -13.69
N SER A 111 -8.87 5.99 -13.83
CA SER A 111 -9.40 5.61 -15.17
C SER A 111 -9.71 6.87 -15.98
N ARG A 112 -10.64 7.67 -15.53
CA ARG A 112 -10.97 8.90 -16.29
C ARG A 112 -11.38 10.02 -15.33
N LYS A 113 -11.02 11.25 -15.64
CA LYS A 113 -11.39 12.38 -14.75
C LYS A 113 -12.60 13.11 -15.35
N ARG A 114 -13.59 13.39 -14.56
CA ARG A 114 -14.79 14.11 -15.10
C ARG A 114 -15.21 15.22 -14.14
N GLU A 115 -15.54 16.37 -14.68
CA GLU A 115 -15.96 17.51 -13.81
C GLU A 115 -17.43 17.83 -14.06
N THR A 116 -18.13 18.26 -13.05
CA THR A 116 -19.58 18.60 -13.23
C THR A 116 -19.76 20.11 -13.03
N ARG A 117 -20.90 20.62 -13.38
CA ARG A 117 -21.13 22.09 -13.23
C ARG A 117 -20.81 22.54 -11.80
N THR A 118 -21.20 21.77 -10.81
CA THR A 118 -20.92 22.17 -9.41
C THR A 118 -20.35 20.99 -8.62
N ALA A 119 -19.78 20.03 -9.29
CA ALA A 119 -19.23 18.86 -8.55
C ALA A 119 -18.10 18.22 -9.36
N ARG A 120 -17.28 17.42 -8.73
CA ARG A 120 -16.16 16.76 -9.46
C ARG A 120 -16.32 15.23 -9.35
N GLU A 121 -16.12 14.52 -10.42
CA GLU A 121 -16.26 13.04 -10.37
C GLU A 121 -14.98 12.38 -10.90
N LEU A 122 -14.50 11.39 -10.20
CA LEU A 122 -13.25 10.69 -10.64
C LEU A 122 -13.54 9.20 -10.85
N TYR A 123 -12.97 8.61 -11.87
CA TYR A 123 -13.19 7.16 -12.10
C TYR A 123 -11.85 6.45 -11.93
N ALA A 124 -11.82 5.38 -11.19
CA ALA A 124 -10.54 4.66 -10.97
C ALA A 124 -10.79 3.15 -10.91
N ASN A 125 -9.78 2.37 -11.13
CA ASN A 125 -9.95 0.89 -11.07
C ASN A 125 -9.35 0.40 -9.75
N VAL A 126 -10.12 -0.32 -8.97
CA VAL A 126 -9.59 -0.81 -7.66
C VAL A 126 -9.43 -2.32 -7.68
N VAL A 127 -8.33 -2.82 -7.19
CA VAL A 127 -8.10 -4.29 -7.17
C VAL A 127 -7.92 -4.76 -5.72
N LEU A 128 -8.52 -5.86 -5.36
CA LEU A 128 -8.36 -6.37 -3.97
C LEU A 128 -7.31 -7.47 -3.95
N GLY A 129 -6.78 -7.79 -2.81
CA GLY A 129 -5.74 -8.85 -2.74
C GLY A 129 -6.15 -10.06 -3.60
N ASP A 130 -7.42 -10.28 -3.77
CA ASP A 130 -7.87 -11.44 -4.60
C ASP A 130 -9.02 -11.03 -5.51
N ASP A 131 -9.97 -10.28 -5.00
CA ASP A 131 -11.12 -9.86 -5.85
C ASP A 131 -10.76 -8.59 -6.63
N SER A 132 -11.43 -8.34 -7.73
CA SER A 132 -11.13 -7.12 -8.53
C SER A 132 -12.36 -6.21 -8.56
N LEU A 133 -12.15 -4.93 -8.68
CA LEU A 133 -13.29 -3.98 -8.72
C LEU A 133 -12.98 -2.88 -9.74
N ASN A 134 -12.39 -3.24 -10.84
CA ASN A 134 -12.06 -2.22 -11.88
C ASN A 134 -13.31 -1.41 -12.24
N ASP A 135 -13.13 -0.31 -12.93
CA ASP A 135 -14.31 0.53 -13.31
C ASP A 135 -15.09 0.93 -12.06
N CYS A 136 -14.41 1.44 -11.07
CA CYS A 136 -15.11 1.84 -9.81
C CYS A 136 -15.10 3.37 -9.69
N ARG A 137 -16.12 3.92 -9.09
CA ARG A 137 -16.18 5.41 -8.94
C ARG A 137 -15.57 5.80 -7.59
N ILE A 138 -14.85 6.89 -7.54
CA ILE A 138 -14.23 7.31 -6.25
C ILE A 138 -15.10 8.40 -5.60
N ILE A 139 -15.66 8.11 -4.46
CA ILE A 139 -16.51 9.13 -3.78
C ILE A 139 -15.63 10.21 -3.16
N PHE A 140 -14.51 9.85 -2.62
CA PHE A 140 -13.62 10.86 -2.00
C PHE A 140 -12.55 11.27 -3.01
N VAL A 141 -12.47 12.53 -3.33
CA VAL A 141 -11.45 13.01 -4.30
C VAL A 141 -10.41 13.88 -3.59
N ASP A 142 -10.59 14.08 -2.32
CA ASP A 142 -9.63 14.91 -1.55
C ASP A 142 -8.57 14.02 -0.89
N GLU A 143 -8.54 12.76 -1.23
CA GLU A 143 -7.54 11.84 -0.61
C GLU A 143 -6.78 11.08 -1.72
N VAL A 144 -5.73 11.66 -2.23
CA VAL A 144 -4.94 10.97 -3.29
C VAL A 144 -3.49 10.82 -2.83
N PHE A 145 -2.93 9.66 -2.96
CA PHE A 145 -1.52 9.45 -2.54
C PHE A 145 -0.71 8.86 -3.69
N LYS A 146 0.54 9.19 -3.77
CA LYS A 146 1.39 8.65 -4.87
C LYS A 146 2.23 7.49 -4.35
N ILE A 147 2.52 6.53 -5.18
CA ILE A 147 3.32 5.36 -4.71
C ILE A 147 4.81 5.63 -4.94
N GLU A 148 5.63 5.37 -3.96
CA GLU A 148 7.09 5.61 -4.11
C GLU A 148 7.74 4.38 -4.75
N ARG A 149 8.71 4.59 -5.61
CA ARG A 149 9.38 3.43 -6.27
C ARG A 149 10.89 3.67 -6.28
N PRO A 150 11.67 2.61 -6.36
CA PRO A 150 13.15 2.70 -6.41
C PRO A 150 13.64 3.49 -7.62
N GLY A 151 12.83 3.61 -8.63
CA GLY A 151 13.25 4.36 -9.85
C GLY A 151 13.81 3.39 -10.88
N GLU A 152 13.71 2.10 -10.62
CA GLU A 152 14.24 1.11 -11.59
C GLU A 152 15.61 1.57 -12.11
N THR B 1 10.50 14.34 19.65
CA THR B 1 10.47 15.82 19.48
C THR B 1 9.02 16.30 19.38
N GLY B 2 8.08 15.41 19.56
CA GLY B 2 6.65 15.82 19.47
C GLY B 2 5.84 15.05 20.51
N LYS B 3 4.58 15.35 20.63
CA LYS B 3 3.73 14.63 21.62
C LYS B 3 3.75 13.12 21.32
N GLY B 4 3.79 12.77 20.07
CA GLY B 4 3.82 11.32 19.70
C GLY B 4 3.77 11.18 18.18
N LYS B 5 3.67 9.96 17.69
CA LYS B 5 3.62 9.76 16.22
C LYS B 5 2.17 9.79 15.76
N TRP B 6 1.92 10.32 14.59
CA TRP B 6 0.52 10.38 14.07
C TRP B 6 0.32 9.33 12.98
N LYS B 7 -0.74 8.59 13.04
CA LYS B 7 -0.99 7.54 12.02
C LYS B 7 -1.98 8.08 10.97
N ARG B 8 -1.84 7.68 9.75
CA ARG B 8 -2.78 8.17 8.70
C ARG B 8 -4.20 7.70 9.04
N LYS B 9 -5.20 8.45 8.68
CA LYS B 9 -6.59 8.04 9.01
C LYS B 9 -7.06 6.98 8.02
N SER B 10 -7.62 5.91 8.51
CA SER B 10 -8.13 4.84 7.62
C SER B 10 -9.26 4.09 8.33
N ALA B 11 -10.30 3.75 7.62
CA ALA B 11 -11.42 3.02 8.28
C ALA B 11 -12.26 2.30 7.22
N GLY B 12 -12.86 1.20 7.59
CA GLY B 12 -13.69 0.44 6.62
C GLY B 12 -14.14 -0.89 7.25
N GLY B 13 -14.78 -1.73 6.50
CA GLY B 13 -15.24 -3.03 7.06
C GLY B 13 -16.59 -2.84 7.76
N GLY B 14 -16.98 -3.78 8.58
CA GLY B 14 -18.29 -3.65 9.29
C GLY B 14 -19.41 -3.51 8.26
N PRO B 15 -19.67 -4.56 7.52
CA PRO B 15 -20.73 -4.57 6.48
C PRO B 15 -22.10 -4.18 7.05
N SER B 16 -22.29 -4.35 8.33
CA SER B 16 -23.60 -3.98 8.94
C SER B 16 -23.36 -3.41 10.35
N LEU A 1 16.52 1.28 -0.65
CA LEU A 1 15.06 1.03 -0.81
C LEU A 1 14.43 0.80 0.57
N TYR A 2 14.46 -0.42 1.05
CA TYR A 2 13.86 -0.72 2.39
C TYR A 2 14.99 -1.10 3.36
N LYS A 3 15.27 -0.26 4.32
CA LYS A 3 16.35 -0.58 5.30
C LYS A 3 15.74 -0.82 6.68
N VAL A 4 16.46 -1.52 7.53
CA VAL A 4 15.95 -1.81 8.89
C VAL A 4 15.47 -0.52 9.56
N ASN A 5 14.41 -0.62 10.33
CA ASN A 5 13.86 0.58 11.03
C ASN A 5 13.43 1.64 10.00
N GLU A 6 13.02 1.21 8.84
CA GLU A 6 12.57 2.18 7.80
C GLU A 6 11.04 2.23 7.80
N TYR A 7 10.47 3.34 7.41
CA TYR A 7 8.99 3.44 7.39
C TYR A 7 8.48 3.21 5.97
N VAL A 8 7.88 2.07 5.73
CA VAL A 8 7.35 1.77 4.37
C VAL A 8 5.92 1.23 4.49
N ASP A 9 5.16 1.31 3.44
CA ASP A 9 3.76 0.81 3.49
C ASP A 9 3.75 -0.70 3.18
N ALA A 10 3.00 -1.45 3.94
CA ALA A 10 2.93 -2.92 3.69
C ALA A 10 1.50 -3.27 3.26
N ARG A 11 1.36 -4.17 2.32
CA ARG A 11 -0.02 -4.52 1.84
C ARG A 11 -0.29 -6.00 2.12
N ASP A 12 -1.51 -6.33 2.44
CA ASP A 12 -1.84 -7.76 2.68
C ASP A 12 -2.33 -8.35 1.37
N THR A 13 -1.53 -9.17 0.75
CA THR A 13 -1.95 -9.77 -0.55
C THR A 13 -3.30 -10.49 -0.40
N ASN A 14 -3.58 -11.01 0.77
CA ASN A 14 -4.87 -11.73 0.97
C ASN A 14 -6.06 -10.80 0.75
N MET A 15 -5.99 -9.57 1.20
CA MET A 15 -7.14 -8.63 1.02
C MET A 15 -6.75 -7.49 0.08
N GLY A 16 -5.48 -7.29 -0.14
CA GLY A 16 -5.03 -6.19 -1.04
C GLY A 16 -5.21 -4.86 -0.32
N ALA A 17 -5.15 -4.87 0.99
CA ALA A 17 -5.32 -3.59 1.74
C ALA A 17 -3.95 -3.03 2.12
N TRP A 18 -3.80 -1.73 2.09
CA TRP A 18 -2.49 -1.11 2.45
C TRP A 18 -2.59 -0.41 3.80
N PHE A 19 -1.57 -0.52 4.61
CA PHE A 19 -1.59 0.14 5.94
C PHE A 19 -0.17 0.54 6.34
N GLU A 20 -0.02 1.49 7.23
CA GLU A 20 1.34 1.91 7.65
C GLU A 20 2.08 0.73 8.30
N ALA A 21 3.33 0.55 7.97
CA ALA A 21 4.10 -0.56 8.57
C ALA A 21 5.58 -0.16 8.69
N GLN A 22 6.30 -0.74 9.61
CA GLN A 22 7.74 -0.39 9.78
C GLN A 22 8.59 -1.61 9.41
N VAL A 23 9.75 -1.39 8.86
CA VAL A 23 10.62 -2.54 8.49
C VAL A 23 11.29 -3.09 9.76
N VAL A 24 11.00 -4.31 10.11
CA VAL A 24 11.61 -4.90 11.34
C VAL A 24 13.02 -5.42 11.03
N ARG A 25 13.18 -6.10 9.93
CA ARG A 25 14.53 -6.64 9.60
C ARG A 25 14.57 -7.14 8.15
N VAL A 26 15.73 -7.08 7.53
CA VAL A 26 15.86 -7.57 6.13
C VAL A 26 17.02 -8.56 6.06
N THR A 27 16.73 -9.81 5.84
CA THR A 27 17.82 -10.82 5.76
C THR A 27 17.47 -11.92 4.76
N ARG A 28 18.44 -12.66 4.30
CA ARG A 28 18.17 -13.75 3.33
C ARG A 28 18.72 -15.07 3.89
N LYS A 29 18.09 -16.16 3.58
CA LYS A 29 18.60 -17.47 4.09
C LYS A 29 19.61 -18.05 3.10
N ALA A 30 20.69 -18.59 3.59
CA ALA A 30 21.72 -19.18 2.70
C ALA A 30 21.84 -20.68 2.97
N PRO A 31 22.39 -21.40 2.04
CA PRO A 31 22.57 -22.89 2.16
C PRO A 31 23.72 -23.23 3.10
N SER A 32 23.57 -24.24 3.92
CA SER A 32 24.68 -24.61 4.83
C SER A 32 25.86 -25.07 3.98
N ARG A 33 25.60 -25.76 2.92
CA ARG A 33 26.70 -26.23 2.03
C ARG A 33 26.13 -26.47 0.62
N ASP A 34 25.39 -27.52 0.44
CA ASP A 34 24.79 -27.81 -0.88
C ASP A 34 23.33 -28.23 -0.71
N GLU A 35 22.75 -27.94 0.42
CA GLU A 35 21.33 -28.33 0.66
C GLU A 35 20.50 -27.11 1.06
N PRO A 36 20.34 -26.15 0.16
CA PRO A 36 19.54 -24.92 0.44
C PRO A 36 18.14 -25.25 0.96
N CYS A 37 17.64 -24.47 1.88
CA CYS A 37 16.28 -24.74 2.43
C CYS A 37 15.25 -24.67 1.29
N SER A 38 15.42 -23.78 0.37
CA SER A 38 14.46 -23.67 -0.77
C SER A 38 15.07 -22.84 -1.90
N SER A 39 15.49 -21.64 -1.61
CA SER A 39 16.09 -20.80 -2.68
C SER A 39 17.38 -21.44 -3.18
N THR A 40 17.71 -21.23 -4.44
CA THR A 40 18.95 -21.84 -5.00
C THR A 40 19.94 -20.74 -5.37
N SER A 41 19.72 -19.53 -4.91
CA SER A 41 20.64 -18.42 -5.24
C SER A 41 21.26 -17.85 -3.95
N ARG A 42 22.48 -17.40 -4.02
CA ARG A 42 23.14 -16.84 -2.80
C ARG A 42 22.79 -15.35 -2.70
N PRO A 43 22.73 -14.82 -1.50
CA PRO A 43 22.40 -13.38 -1.28
C PRO A 43 23.36 -12.46 -2.04
N ALA A 44 22.86 -11.39 -2.59
CA ALA A 44 23.75 -10.47 -3.34
C ALA A 44 22.98 -9.23 -3.80
N LEU A 45 21.89 -9.40 -4.47
CA LEU A 45 21.11 -8.23 -4.95
C LEU A 45 20.07 -7.83 -3.90
N GLU A 46 19.77 -6.57 -3.79
CA GLU A 46 18.77 -6.12 -2.78
C GLU A 46 17.43 -6.80 -3.08
N GLU A 47 17.12 -7.01 -4.32
CA GLU A 47 15.83 -7.67 -4.66
C GLU A 47 15.92 -9.16 -4.32
N ASP A 48 17.10 -9.65 -4.09
CA ASP A 48 17.27 -11.09 -3.76
C ASP A 48 17.25 -11.28 -2.24
N VAL A 49 16.74 -10.33 -1.50
CA VAL A 49 16.71 -10.47 -0.01
C VAL A 49 15.26 -10.46 0.49
N ILE A 50 15.06 -10.81 1.73
CA ILE A 50 13.67 -10.84 2.28
C ILE A 50 13.48 -9.66 3.24
N TYR A 51 12.31 -9.07 3.24
CA TYR A 51 12.06 -7.90 4.13
C TYR A 51 10.98 -8.26 5.14
N HIS A 52 11.16 -7.88 6.39
CA HIS A 52 10.14 -8.18 7.42
C HIS A 52 9.48 -6.89 7.87
N VAL A 53 8.18 -6.82 7.81
CA VAL A 53 7.47 -5.57 8.22
C VAL A 53 6.31 -5.91 9.17
N LYS A 54 5.91 -4.97 9.96
CA LYS A 54 4.78 -5.21 10.91
C LYS A 54 3.78 -4.06 10.79
N TYR A 55 2.53 -4.32 11.04
CA TYR A 55 1.52 -3.23 10.94
C TYR A 55 1.45 -2.48 12.26
N ASP A 56 1.78 -1.22 12.28
CA ASP A 56 1.72 -0.45 13.55
C ASP A 56 0.30 -0.51 14.12
N ASP A 57 -0.69 -0.46 13.26
CA ASP A 57 -2.09 -0.51 13.74
C ASP A 57 -2.36 -1.85 14.42
N TYR A 58 -1.82 -2.92 13.90
CA TYR A 58 -2.05 -4.26 14.51
C TYR A 58 -0.72 -4.99 14.71
N PRO A 59 0.02 -4.63 15.73
CA PRO A 59 1.34 -5.26 16.03
C PRO A 59 1.17 -6.63 16.71
N GLU A 60 0.01 -6.90 17.23
CA GLU A 60 -0.22 -8.20 17.92
C GLU A 60 -0.07 -9.35 16.92
N ASN A 61 -0.32 -9.10 15.67
CA ASN A 61 -0.21 -10.19 14.65
C ASN A 61 1.14 -10.90 14.80
N GLY A 62 2.17 -10.18 15.13
CA GLY A 62 3.51 -10.83 15.30
C GLY A 62 4.48 -10.25 14.26
N VAL A 63 5.12 -11.11 13.50
CA VAL A 63 6.09 -10.62 12.47
C VAL A 63 5.66 -11.11 11.09
N VAL A 64 5.64 -10.23 10.12
CA VAL A 64 5.23 -10.63 8.74
C VAL A 64 6.46 -10.59 7.83
N GLN A 65 6.69 -11.63 7.08
CA GLN A 65 7.87 -11.65 6.18
C GLN A 65 7.40 -11.49 4.73
N MET A 66 7.85 -10.47 4.05
CA MET A 66 7.41 -10.27 2.64
C MET A 66 8.57 -9.70 1.82
N ASN A 67 8.44 -9.69 0.52
CA ASN A 67 9.53 -9.16 -0.35
C ASN A 67 9.25 -7.69 -0.68
N SER A 68 10.16 -7.05 -1.35
CA SER A 68 9.95 -5.60 -1.70
C SER A 68 8.74 -5.46 -2.64
N ARG A 69 8.44 -6.48 -3.39
CA ARG A 69 7.29 -6.40 -4.32
C ARG A 69 6.00 -6.10 -3.55
N ASP A 70 5.86 -6.64 -2.37
CA ASP A 70 4.62 -6.39 -1.57
C ASP A 70 4.85 -5.25 -0.59
N VAL A 71 6.01 -4.65 -0.61
CA VAL A 71 6.29 -3.52 0.33
C VAL A 71 6.66 -2.27 -0.46
N ARG A 72 6.07 -1.15 -0.13
CA ARG A 72 6.38 0.11 -0.86
C ARG A 72 6.74 1.22 0.14
N ALA A 73 7.57 2.14 -0.27
CA ALA A 73 7.95 3.25 0.65
C ALA A 73 6.70 4.03 1.08
N ARG A 74 6.72 4.59 2.26
CA ARG A 74 5.52 5.35 2.72
C ARG A 74 5.28 6.56 1.81
N ALA A 75 4.04 6.88 1.56
CA ALA A 75 3.73 8.04 0.67
C ALA A 75 4.30 9.32 1.29
N ARG A 76 4.81 10.21 0.47
CA ARG A 76 5.39 11.48 1.00
C ARG A 76 4.69 12.68 0.38
N THR A 77 4.38 12.61 -0.88
CA THR A 77 3.75 13.78 -1.55
C THR A 77 2.23 13.60 -1.65
N ILE A 78 1.49 14.60 -1.28
CA ILE A 78 0.01 14.53 -1.35
C ILE A 78 -0.48 15.27 -2.60
N ILE A 79 -1.32 14.65 -3.37
CA ILE A 79 -1.81 15.33 -4.60
C ILE A 79 -3.21 15.91 -4.36
N LYS A 80 -3.43 17.15 -4.75
CA LYS A 80 -4.76 17.77 -4.54
C LYS A 80 -5.64 17.56 -5.77
N TRP A 81 -6.92 17.70 -5.62
CA TRP A 81 -7.84 17.50 -6.79
C TRP A 81 -7.29 18.24 -8.01
N GLN A 82 -6.87 19.46 -7.83
CA GLN A 82 -6.33 20.25 -8.97
C GLN A 82 -5.07 19.57 -9.53
N ASP A 83 -4.32 18.91 -8.69
CA ASP A 83 -3.06 18.26 -9.17
C ASP A 83 -3.32 16.81 -9.61
N LEU A 84 -4.54 16.39 -9.71
CA LEU A 84 -4.81 14.99 -10.15
C LEU A 84 -4.68 14.89 -11.68
N GLU A 85 -4.05 13.84 -12.14
CA GLU A 85 -3.88 13.67 -13.62
C GLU A 85 -4.47 12.32 -14.02
N VAL A 86 -4.67 12.09 -15.29
CA VAL A 86 -5.25 10.79 -15.73
C VAL A 86 -4.10 9.87 -16.15
N GLY A 87 -4.14 8.64 -15.71
CA GLY A 87 -3.05 7.68 -16.09
C GLY A 87 -2.03 7.55 -14.94
N GLN A 88 -2.26 8.25 -13.84
CA GLN A 88 -1.30 8.13 -12.70
C GLN A 88 -1.85 7.13 -11.68
N VAL A 89 -0.98 6.48 -10.94
CA VAL A 89 -1.46 5.49 -9.94
C VAL A 89 -1.42 6.13 -8.54
N VAL A 90 -2.51 6.07 -7.83
CA VAL A 90 -2.55 6.65 -6.47
C VAL A 90 -3.26 5.68 -5.51
N MET A 91 -3.12 5.88 -4.23
CA MET A 91 -3.79 4.97 -3.25
C MET A 91 -4.89 5.73 -2.53
N LEU A 92 -6.05 5.13 -2.41
CA LEU A 92 -7.17 5.82 -1.70
C LEU A 92 -7.92 4.80 -0.84
N ASN A 93 -8.83 5.25 -0.02
CA ASN A 93 -9.60 4.31 0.84
C ASN A 93 -10.86 3.84 0.10
N TYR A 94 -10.97 2.56 -0.13
CA TYR A 94 -12.17 2.03 -0.85
C TYR A 94 -12.80 0.92 0.00
N ASN A 95 -14.09 0.93 0.13
CA ASN A 95 -14.79 -0.12 0.93
C ASN A 95 -15.74 -0.91 0.04
N PRO A 96 -15.29 -2.01 -0.52
CA PRO A 96 -16.13 -2.85 -1.42
C PRO A 96 -17.47 -3.24 -0.78
N ASP A 97 -17.45 -3.60 0.48
CA ASP A 97 -18.72 -3.99 1.16
C ASP A 97 -19.66 -2.78 1.26
N ASN A 98 -19.13 -1.64 1.62
CA ASN A 98 -19.99 -0.42 1.75
C ASN A 98 -19.24 0.80 1.21
N PRO A 99 -19.19 0.95 -0.08
CA PRO A 99 -18.49 2.10 -0.73
C PRO A 99 -18.95 3.46 -0.17
N LYS A 100 -20.11 3.51 0.42
CA LYS A 100 -20.61 4.79 0.98
C LYS A 100 -20.02 5.01 2.38
N GLU A 101 -19.18 4.11 2.83
CA GLU A 101 -18.58 4.26 4.18
C GLU A 101 -17.06 4.35 4.07
N ARG A 102 -16.38 4.24 5.18
CA ARG A 102 -14.89 4.31 5.16
C ARG A 102 -14.33 3.03 4.55
N GLY A 103 -13.16 3.12 3.96
CA GLY A 103 -12.55 1.92 3.31
C GLY A 103 -11.07 1.83 3.69
N PHE A 104 -10.42 0.78 3.29
CA PHE A 104 -8.96 0.63 3.61
C PHE A 104 -8.15 1.19 2.44
N TRP A 105 -6.96 1.65 2.69
CA TRP A 105 -6.15 2.20 1.57
C TRP A 105 -5.98 1.15 0.47
N TYR A 106 -6.79 1.22 -0.55
CA TYR A 106 -6.66 0.25 -1.67
C TYR A 106 -6.00 0.94 -2.86
N ASP A 107 -5.12 0.27 -3.54
CA ASP A 107 -4.44 0.90 -4.72
C ASP A 107 -5.49 1.17 -5.81
N ALA A 108 -5.29 2.21 -6.57
CA ALA A 108 -6.27 2.54 -7.64
C ALA A 108 -5.64 3.53 -8.62
N GLU A 109 -6.13 3.58 -9.83
CA GLU A 109 -5.58 4.53 -10.84
C GLU A 109 -6.65 5.53 -11.25
N ILE A 110 -6.26 6.69 -11.71
CA ILE A 110 -7.27 7.70 -12.12
C ILE A 110 -7.80 7.33 -13.51
N SER A 111 -9.08 7.13 -13.62
CA SER A 111 -9.67 6.77 -14.95
C SER A 111 -10.04 8.04 -15.71
N ARG A 112 -11.00 8.78 -15.22
CA ARG A 112 -11.41 10.01 -15.94
C ARG A 112 -11.82 11.10 -14.95
N LYS A 113 -11.48 12.33 -15.23
CA LYS A 113 -11.86 13.44 -14.32
C LYS A 113 -13.10 14.15 -14.88
N ARG A 114 -14.14 14.29 -14.10
CA ARG A 114 -15.37 14.97 -14.60
C ARG A 114 -15.90 15.93 -13.54
N GLU A 115 -16.27 17.12 -13.94
CA GLU A 115 -16.81 18.11 -12.97
C GLU A 115 -18.14 18.64 -13.48
N THR A 116 -19.04 18.96 -12.60
CA THR A 116 -20.38 19.50 -13.02
C THR A 116 -20.50 20.95 -12.57
N ARG A 117 -21.48 21.65 -13.07
CA ARG A 117 -21.65 23.08 -12.68
C ARG A 117 -21.75 23.23 -11.17
N THR A 118 -22.39 22.30 -10.50
CA THR A 118 -22.52 22.40 -9.02
C THR A 118 -22.21 21.04 -8.36
N ALA A 119 -21.51 20.19 -9.04
CA ALA A 119 -21.19 18.86 -8.45
C ALA A 119 -19.86 18.35 -9.02
N ARG A 120 -19.24 17.42 -8.34
CA ARG A 120 -17.94 16.87 -8.83
C ARG A 120 -18.10 15.37 -9.06
N GLU A 121 -17.48 14.86 -10.09
CA GLU A 121 -17.58 13.40 -10.38
C GLU A 121 -16.20 12.89 -10.79
N LEU A 122 -15.71 11.88 -10.13
CA LEU A 122 -14.36 11.34 -10.48
C LEU A 122 -14.45 9.85 -10.74
N TYR A 123 -13.81 9.37 -11.78
CA TYR A 123 -13.84 7.91 -12.07
C TYR A 123 -12.43 7.34 -11.89
N ALA A 124 -12.32 6.24 -11.21
CA ALA A 124 -10.97 5.64 -10.98
C ALA A 124 -11.07 4.12 -11.02
N ASN A 125 -9.97 3.46 -11.26
CA ASN A 125 -9.99 1.96 -11.29
C ASN A 125 -9.40 1.43 -10.00
N VAL A 126 -10.10 0.56 -9.32
CA VAL A 126 -9.58 0.01 -8.03
C VAL A 126 -9.27 -1.48 -8.20
N VAL A 127 -8.14 -1.91 -7.69
CA VAL A 127 -7.76 -3.35 -7.81
C VAL A 127 -7.64 -3.97 -6.43
N LEU A 128 -8.24 -5.12 -6.22
CA LEU A 128 -8.14 -5.78 -4.89
C LEU A 128 -7.02 -6.82 -4.94
N GLY A 129 -6.55 -7.28 -3.81
CA GLY A 129 -5.46 -8.27 -3.79
C GLY A 129 -5.81 -9.46 -4.70
N ASP A 130 -7.07 -9.74 -4.89
CA ASP A 130 -7.44 -10.91 -5.74
C ASP A 130 -8.59 -10.53 -6.69
N ASP A 131 -9.42 -9.59 -6.30
CA ASP A 131 -10.56 -9.20 -7.17
C ASP A 131 -10.26 -7.86 -7.85
N SER A 132 -10.91 -7.59 -8.95
CA SER A 132 -10.67 -6.31 -9.67
C SER A 132 -11.95 -5.48 -9.66
N LEU A 133 -11.81 -4.18 -9.67
CA LEU A 133 -13.02 -3.29 -9.67
C LEU A 133 -12.75 -2.10 -10.58
N ASN A 134 -12.11 -2.32 -11.69
CA ASN A 134 -11.80 -1.21 -12.62
C ASN A 134 -13.10 -0.49 -13.02
N ASP A 135 -12.98 0.69 -13.57
CA ASP A 135 -14.20 1.45 -13.99
C ASP A 135 -15.13 1.62 -12.80
N CYS A 136 -14.62 2.08 -11.68
CA CYS A 136 -15.46 2.27 -10.48
C CYS A 136 -15.50 3.76 -10.12
N ARG A 137 -16.53 4.19 -9.45
CA ARG A 137 -16.63 5.63 -9.06
C ARG A 137 -16.02 5.83 -7.67
N ILE A 138 -15.31 6.90 -7.46
CA ILE A 138 -14.69 7.14 -6.13
C ILE A 138 -15.46 8.23 -5.40
N ILE A 139 -16.03 7.91 -4.26
CA ILE A 139 -16.79 8.93 -3.49
C ILE A 139 -15.85 9.99 -2.91
N PHE A 140 -14.72 9.57 -2.38
CA PHE A 140 -13.79 10.55 -1.78
C PHE A 140 -12.67 10.87 -2.78
N VAL A 141 -12.56 12.11 -3.17
CA VAL A 141 -11.49 12.49 -4.14
C VAL A 141 -10.43 13.31 -3.40
N ASP A 142 -10.80 13.95 -2.33
CA ASP A 142 -9.81 14.76 -1.56
C ASP A 142 -8.72 13.86 -0.99
N GLU A 143 -9.08 12.67 -0.61
CA GLU A 143 -8.06 11.74 -0.02
C GLU A 143 -7.27 11.05 -1.14
N VAL A 144 -6.23 11.67 -1.60
CA VAL A 144 -5.41 11.05 -2.69
C VAL A 144 -3.96 10.91 -2.20
N PHE A 145 -3.36 9.78 -2.44
CA PHE A 145 -1.95 9.59 -2.00
C PHE A 145 -1.09 9.15 -3.18
N LYS A 146 0.15 9.57 -3.20
CA LYS A 146 1.06 9.18 -4.31
C LYS A 146 1.96 8.03 -3.85
N ILE A 147 2.32 7.15 -4.75
CA ILE A 147 3.19 6.00 -4.36
C ILE A 147 4.61 6.26 -4.84
N GLU A 148 5.58 6.04 -3.99
CA GLU A 148 7.00 6.27 -4.39
C GLU A 148 7.59 4.98 -4.95
N ARG A 149 8.51 5.09 -5.86
CA ARG A 149 9.13 3.86 -6.45
C ARG A 149 10.65 3.98 -6.36
N PRO A 150 11.34 2.87 -6.47
CA PRO A 150 12.82 2.82 -6.40
C PRO A 150 13.48 3.69 -7.47
N GLY A 151 12.77 3.97 -8.54
CA GLY A 151 13.35 4.82 -9.61
C GLY A 151 13.98 3.93 -10.68
N GLU A 152 13.84 2.64 -10.55
CA GLU A 152 14.43 1.73 -11.57
C GLU A 152 13.98 0.29 -11.29
N THR B 1 7.74 11.58 16.52
CA THR B 1 8.13 12.57 17.55
C THR B 1 6.88 13.28 18.07
N GLY B 2 7.05 14.19 18.99
CA GLY B 2 5.87 14.92 19.54
C GLY B 2 5.23 14.10 20.67
N LYS B 3 4.03 14.43 21.06
CA LYS B 3 3.36 13.67 22.15
C LYS B 3 3.26 12.20 21.75
N GLY B 4 3.08 11.92 20.49
CA GLY B 4 2.98 10.50 20.05
C GLY B 4 3.17 10.43 18.53
N LYS B 5 3.03 9.26 17.96
CA LYS B 5 3.20 9.13 16.48
C LYS B 5 1.85 9.28 15.79
N TRP B 6 1.84 9.85 14.61
CA TRP B 6 0.55 10.03 13.88
C TRP B 6 0.44 8.98 12.78
N LYS B 7 -0.73 8.44 12.57
CA LYS B 7 -0.92 7.41 11.51
C LYS B 7 -2.00 7.86 10.53
N ARG B 8 -1.89 7.47 9.30
CA ARG B 8 -2.93 7.88 8.29
C ARG B 8 -4.28 7.31 8.73
N LYS B 9 -5.35 8.00 8.47
CA LYS B 9 -6.69 7.48 8.87
C LYS B 9 -7.10 6.36 7.91
N SER B 10 -7.61 5.29 8.44
CA SER B 10 -8.05 4.16 7.58
C SER B 10 -9.23 3.46 8.24
N ALA B 11 -10.13 2.90 7.46
CA ALA B 11 -11.29 2.20 8.06
C ALA B 11 -12.13 1.54 6.96
N GLY B 12 -12.60 0.35 7.22
CA GLY B 12 -13.43 -0.37 6.21
C GLY B 12 -14.05 -1.61 6.84
N GLY B 13 -14.75 -2.40 6.08
CA GLY B 13 -15.39 -3.62 6.65
C GLY B 13 -16.73 -3.24 7.28
N GLY B 14 -17.26 -4.10 8.11
CA GLY B 14 -18.57 -3.79 8.77
C GLY B 14 -18.40 -2.56 9.68
N PRO B 15 -19.49 -1.89 9.95
CA PRO B 15 -19.46 -0.67 10.82
C PRO B 15 -18.91 -0.96 12.22
N SER B 16 -18.97 -2.20 12.64
CA SER B 16 -18.44 -2.54 13.99
C SER B 16 -17.88 -3.97 13.97
N LEU A 1 15.89 -2.98 -0.82
CA LEU A 1 15.55 -1.62 -1.30
C LEU A 1 15.24 -0.71 -0.10
N TYR A 2 14.73 -1.28 0.96
CA TYR A 2 14.40 -0.47 2.16
C TYR A 2 15.38 -0.81 3.28
N LYS A 3 15.59 0.10 4.20
CA LYS A 3 16.54 -0.16 5.32
C LYS A 3 15.80 -0.31 6.65
N VAL A 4 16.42 -0.97 7.58
CA VAL A 4 15.78 -1.18 8.92
C VAL A 4 15.36 0.16 9.52
N ASN A 5 14.24 0.18 10.19
CA ASN A 5 13.72 1.43 10.82
C ASN A 5 13.36 2.45 9.74
N GLU A 6 13.01 1.99 8.57
CA GLU A 6 12.62 2.93 7.49
C GLU A 6 11.10 3.05 7.44
N TYR A 7 10.59 4.19 7.09
CA TYR A 7 9.11 4.36 7.01
C TYR A 7 8.61 3.86 5.66
N VAL A 8 8.11 2.66 5.62
CA VAL A 8 7.60 2.10 4.33
C VAL A 8 6.21 1.51 4.57
N ASP A 9 5.43 1.36 3.53
CA ASP A 9 4.07 0.78 3.69
C ASP A 9 4.10 -0.70 3.30
N ALA A 10 3.37 -1.52 4.01
CA ALA A 10 3.32 -2.97 3.68
C ALA A 10 1.91 -3.33 3.23
N ARG A 11 1.79 -4.17 2.24
CA ARG A 11 0.44 -4.54 1.73
C ARG A 11 0.11 -5.98 2.12
N ASP A 12 -1.13 -6.24 2.44
CA ASP A 12 -1.53 -7.63 2.77
C ASP A 12 -2.01 -8.31 1.49
N THR A 13 -1.23 -9.21 0.96
CA THR A 13 -1.64 -9.89 -0.30
C THR A 13 -3.03 -10.52 -0.15
N ASN A 14 -3.35 -11.03 1.00
CA ASN A 14 -4.68 -11.68 1.19
C ASN A 14 -5.83 -10.67 0.99
N MET A 15 -5.67 -9.45 1.45
CA MET A 15 -6.77 -8.45 1.27
C MET A 15 -6.37 -7.40 0.25
N GLY A 16 -5.12 -7.30 -0.06
CA GLY A 16 -4.66 -6.29 -1.05
C GLY A 16 -4.82 -4.89 -0.45
N ALA A 17 -4.74 -4.78 0.85
CA ALA A 17 -4.90 -3.45 1.50
C ALA A 17 -3.53 -2.88 1.90
N TRP A 18 -3.38 -1.58 1.88
CA TRP A 18 -2.09 -0.96 2.25
C TRP A 18 -2.23 -0.27 3.62
N PHE A 19 -1.23 -0.38 4.46
CA PHE A 19 -1.31 0.27 5.80
C PHE A 19 0.09 0.72 6.24
N GLU A 20 0.17 1.63 7.17
CA GLU A 20 1.50 2.11 7.65
C GLU A 20 2.29 0.94 8.27
N ALA A 21 3.55 0.84 7.95
CA ALA A 21 4.38 -0.26 8.53
C ALA A 21 5.83 0.19 8.68
N GLN A 22 6.54 -0.36 9.62
CA GLN A 22 7.96 0.03 9.82
C GLN A 22 8.85 -1.18 9.56
N VAL A 23 10.07 -0.96 9.11
CA VAL A 23 10.97 -2.12 8.86
C VAL A 23 11.77 -2.42 10.13
N VAL A 24 11.73 -3.65 10.59
CA VAL A 24 12.48 -3.98 11.83
C VAL A 24 13.82 -4.63 11.46
N ARG A 25 13.85 -5.42 10.42
CA ARG A 25 15.13 -6.08 10.04
C ARG A 25 15.02 -6.66 8.62
N VAL A 26 16.11 -6.69 7.90
CA VAL A 26 16.08 -7.25 6.52
C VAL A 26 17.11 -8.38 6.42
N THR A 27 16.68 -9.58 6.16
CA THR A 27 17.63 -10.72 6.07
C THR A 27 17.14 -11.74 5.04
N ARG A 28 18.00 -12.62 4.61
CA ARG A 28 17.59 -13.67 3.62
C ARG A 28 18.10 -15.02 4.09
N LYS A 29 17.36 -16.07 3.87
CA LYS A 29 17.83 -17.42 4.30
C LYS A 29 18.91 -17.92 3.34
N ALA A 30 19.94 -18.52 3.86
CA ALA A 30 21.05 -19.04 2.98
C ALA A 30 21.13 -20.56 3.11
N PRO A 31 21.77 -21.18 2.15
CA PRO A 31 21.95 -22.66 2.14
C PRO A 31 23.00 -23.13 3.14
N SER A 32 22.83 -24.29 3.70
CA SER A 32 23.84 -24.79 4.69
C SER A 32 25.17 -25.00 3.97
N ARG A 33 25.13 -25.38 2.72
CA ARG A 33 26.40 -25.59 1.96
C ARG A 33 26.13 -25.37 0.48
N ASP A 34 25.18 -26.10 -0.07
CA ASP A 34 24.86 -25.94 -1.51
C ASP A 34 23.57 -26.70 -1.84
N GLU A 35 22.77 -27.00 -0.85
CA GLU A 35 21.50 -27.74 -1.10
C GLU A 35 20.35 -27.03 -0.39
N PRO A 36 20.03 -25.83 -0.80
CA PRO A 36 18.92 -25.05 -0.17
C PRO A 36 17.57 -25.74 -0.28
N CYS A 37 16.79 -25.73 0.77
CA CYS A 37 15.45 -26.39 0.72
C CYS A 37 14.59 -25.72 -0.34
N SER A 38 14.85 -24.47 -0.63
CA SER A 38 14.03 -23.75 -1.65
C SER A 38 14.91 -23.44 -2.87
N SER A 39 14.30 -23.32 -4.02
CA SER A 39 15.08 -23.03 -5.26
C SER A 39 15.45 -21.54 -5.29
N THR A 40 15.32 -20.86 -4.18
CA THR A 40 15.66 -19.41 -4.17
C THR A 40 17.16 -19.23 -4.42
N SER A 41 17.56 -18.06 -4.81
CA SER A 41 19.01 -17.81 -5.09
C SER A 41 19.71 -17.31 -3.83
N ARG A 42 21.01 -17.42 -3.78
CA ARG A 42 21.76 -16.97 -2.58
C ARG A 42 21.66 -15.44 -2.48
N PRO A 43 21.72 -14.89 -1.29
CA PRO A 43 21.63 -13.42 -1.09
C PRO A 43 22.69 -12.68 -1.88
N ALA A 44 22.35 -11.54 -2.43
CA ALA A 44 23.35 -10.78 -3.22
C ALA A 44 22.82 -9.37 -3.54
N LEU A 45 21.72 -9.28 -4.22
CA LEU A 45 21.16 -7.92 -4.55
C LEU A 45 20.17 -7.50 -3.47
N GLU A 46 20.05 -6.22 -3.24
CA GLU A 46 19.09 -5.74 -2.20
C GLU A 46 17.68 -6.20 -2.57
N GLU A 47 17.36 -6.21 -3.83
CA GLU A 47 16.00 -6.66 -4.25
C GLU A 47 15.91 -8.18 -4.10
N ASP A 48 17.03 -8.84 -3.99
CA ASP A 48 17.01 -10.32 -3.86
C ASP A 48 17.03 -10.72 -2.38
N VAL A 49 16.58 -9.86 -1.51
CA VAL A 49 16.58 -10.19 -0.04
C VAL A 49 15.16 -10.13 0.50
N ILE A 50 14.95 -10.60 1.71
CA ILE A 50 13.58 -10.57 2.29
C ILE A 50 13.51 -9.44 3.31
N TYR A 51 12.38 -8.80 3.45
CA TYR A 51 12.26 -7.67 4.41
C TYR A 51 11.26 -8.03 5.50
N HIS A 52 11.58 -7.71 6.72
CA HIS A 52 10.64 -8.01 7.84
C HIS A 52 10.05 -6.69 8.33
N VAL A 53 8.76 -6.53 8.28
CA VAL A 53 8.14 -5.25 8.72
C VAL A 53 7.02 -5.53 9.73
N LYS A 54 6.74 -4.56 10.57
CA LYS A 54 5.66 -4.73 11.58
C LYS A 54 4.57 -3.70 11.31
N TYR A 55 3.33 -4.07 11.41
CA TYR A 55 2.23 -3.08 11.14
C TYR A 55 1.93 -2.29 12.40
N ASP A 56 2.03 -0.99 12.34
CA ASP A 56 1.75 -0.17 13.55
C ASP A 56 0.26 -0.29 13.91
N ASP A 57 -0.60 -0.28 12.92
CA ASP A 57 -2.06 -0.38 13.18
C ASP A 57 -2.40 -1.75 13.80
N TYR A 58 -1.76 -2.79 13.33
CA TYR A 58 -2.06 -4.15 13.89
C TYR A 58 -0.77 -4.84 14.33
N PRO A 59 -0.23 -4.45 15.47
CA PRO A 59 1.02 -5.05 16.00
C PRO A 59 0.79 -6.47 16.54
N GLU A 60 -0.45 -6.83 16.76
CA GLU A 60 -0.75 -8.19 17.29
C GLU A 60 -0.28 -9.25 16.29
N ASN A 61 -0.34 -8.95 15.02
CA ASN A 61 0.11 -9.94 14.00
C ASN A 61 1.54 -10.37 14.31
N GLY A 62 2.32 -9.50 14.89
CA GLY A 62 3.73 -9.86 15.20
C GLY A 62 4.61 -9.40 14.04
N VAL A 63 5.64 -10.13 13.72
CA VAL A 63 6.52 -9.69 12.59
C VAL A 63 6.10 -10.43 11.32
N VAL A 64 5.84 -9.70 10.27
CA VAL A 64 5.41 -10.34 8.99
C VAL A 64 6.54 -10.21 7.97
N GLN A 65 6.80 -11.25 7.22
CA GLN A 65 7.90 -11.19 6.22
C GLN A 65 7.30 -11.07 4.82
N MET A 66 7.70 -10.09 4.06
CA MET A 66 7.16 -9.92 2.69
C MET A 66 8.27 -9.43 1.75
N ASN A 67 8.06 -9.52 0.47
CA ASN A 67 9.11 -9.08 -0.50
C ASN A 67 8.99 -7.57 -0.72
N SER A 68 9.99 -6.97 -1.33
CA SER A 68 9.94 -5.50 -1.57
C SER A 68 8.78 -5.17 -2.52
N ARG A 69 8.44 -6.07 -3.41
CA ARG A 69 7.32 -5.79 -4.34
C ARG A 69 6.04 -5.55 -3.55
N ASP A 70 5.83 -6.31 -2.50
CA ASP A 70 4.61 -6.13 -1.67
C ASP A 70 4.80 -4.93 -0.75
N VAL A 71 6.01 -4.53 -0.53
CA VAL A 71 6.27 -3.36 0.38
C VAL A 71 6.67 -2.14 -0.47
N ARG A 72 6.05 -1.02 -0.20
CA ARG A 72 6.39 0.21 -0.98
C ARG A 72 6.67 1.37 -0.03
N ALA A 73 7.46 2.32 -0.44
CA ALA A 73 7.77 3.48 0.45
C ALA A 73 6.47 4.19 0.82
N ARG A 74 6.41 4.76 1.99
CA ARG A 74 5.17 5.47 2.41
C ARG A 74 5.02 6.77 1.60
N ALA A 75 3.83 7.07 1.16
CA ALA A 75 3.62 8.31 0.38
C ALA A 75 3.83 9.53 1.27
N ARG A 76 4.42 10.57 0.74
CA ARG A 76 4.67 11.79 1.56
C ARG A 76 4.17 13.02 0.79
N THR A 77 3.58 12.82 -0.36
CA THR A 77 3.08 13.98 -1.16
C THR A 77 1.60 13.80 -1.47
N ILE A 78 0.82 14.82 -1.28
CA ILE A 78 -0.64 14.73 -1.56
C ILE A 78 -0.94 15.38 -2.90
N ILE A 79 -1.67 14.69 -3.75
CA ILE A 79 -1.98 15.26 -5.09
C ILE A 79 -3.34 15.98 -5.04
N LYS A 80 -3.41 17.16 -5.58
CA LYS A 80 -4.69 17.92 -5.57
C LYS A 80 -5.39 17.77 -6.92
N TRP A 81 -6.65 18.09 -6.99
CA TRP A 81 -7.40 17.96 -8.28
C TRP A 81 -6.57 18.57 -9.41
N GLN A 82 -5.99 19.71 -9.18
CA GLN A 82 -5.17 20.36 -10.24
C GLN A 82 -4.00 19.45 -10.63
N ASP A 83 -3.50 18.69 -9.71
CA ASP A 83 -2.33 17.81 -10.02
C ASP A 83 -2.79 16.38 -10.37
N LEU A 84 -4.06 16.15 -10.54
CA LEU A 84 -4.51 14.77 -10.89
C LEU A 84 -4.31 14.54 -12.40
N GLU A 85 -3.82 13.38 -12.75
CA GLU A 85 -3.60 13.06 -14.19
C GLU A 85 -4.33 11.77 -14.53
N VAL A 86 -4.70 11.58 -15.76
CA VAL A 86 -5.41 10.33 -16.15
C VAL A 86 -4.40 9.28 -16.60
N GLY A 87 -4.54 8.07 -16.14
CA GLY A 87 -3.58 7.01 -16.54
C GLY A 87 -2.51 6.86 -15.46
N GLN A 88 -2.64 7.58 -14.38
CA GLN A 88 -1.63 7.48 -13.28
C GLN A 88 -2.18 6.57 -12.18
N VAL A 89 -1.32 5.92 -11.45
CA VAL A 89 -1.80 5.02 -10.36
C VAL A 89 -1.68 5.73 -9.01
N VAL A 90 -2.75 5.75 -8.26
CA VAL A 90 -2.71 6.42 -6.93
C VAL A 90 -3.37 5.52 -5.89
N MET A 91 -3.14 5.78 -4.62
CA MET A 91 -3.75 4.95 -3.56
C MET A 91 -4.80 5.75 -2.80
N LEU A 92 -5.95 5.19 -2.59
CA LEU A 92 -7.02 5.92 -1.85
C LEU A 92 -7.75 4.94 -0.93
N ASN A 93 -8.60 5.44 -0.07
CA ASN A 93 -9.32 4.52 0.86
C ASN A 93 -10.61 4.01 0.19
N TYR A 94 -10.71 2.73 -0.03
CA TYR A 94 -11.93 2.17 -0.68
C TYR A 94 -12.48 1.04 0.19
N ASN A 95 -13.77 1.00 0.38
CA ASN A 95 -14.38 -0.06 1.23
C ASN A 95 -15.38 -0.87 0.37
N PRO A 96 -14.95 -1.96 -0.21
CA PRO A 96 -15.82 -2.81 -1.06
C PRO A 96 -17.13 -3.17 -0.38
N ASP A 97 -17.09 -3.51 0.89
CA ASP A 97 -18.34 -3.87 1.61
C ASP A 97 -19.26 -2.66 1.72
N ASN A 98 -18.71 -1.52 2.07
CA ASN A 98 -19.56 -0.30 2.18
C ASN A 98 -18.81 0.92 1.64
N PRO A 99 -18.81 1.08 0.35
CA PRO A 99 -18.11 2.21 -0.34
C PRO A 99 -18.53 3.57 0.24
N LYS A 100 -19.68 3.64 0.84
CA LYS A 100 -20.14 4.94 1.41
C LYS A 100 -19.51 5.16 2.79
N GLU A 101 -18.71 4.24 3.24
CA GLU A 101 -18.07 4.37 4.59
C GLU A 101 -16.56 4.47 4.42
N ARG A 102 -15.83 4.39 5.51
CA ARG A 102 -14.35 4.47 5.42
C ARG A 102 -13.82 3.18 4.81
N GLY A 103 -12.69 3.25 4.15
CA GLY A 103 -12.10 2.05 3.50
C GLY A 103 -10.61 1.99 3.78
N PHE A 104 -9.95 0.93 3.38
CA PHE A 104 -8.49 0.83 3.63
C PHE A 104 -7.77 1.38 2.40
N TRP A 105 -6.60 1.92 2.59
CA TRP A 105 -5.86 2.50 1.43
C TRP A 105 -5.65 1.43 0.35
N TYR A 106 -6.51 1.39 -0.62
CA TYR A 106 -6.37 0.39 -1.72
C TYR A 106 -5.76 1.06 -2.95
N ASP A 107 -4.99 0.33 -3.72
CA ASP A 107 -4.37 0.93 -4.93
C ASP A 107 -5.38 0.95 -6.07
N ALA A 108 -5.61 2.11 -6.63
CA ALA A 108 -6.58 2.23 -7.75
C ALA A 108 -6.01 3.17 -8.82
N GLU A 109 -6.47 3.05 -10.03
CA GLU A 109 -5.95 3.93 -11.11
C GLU A 109 -7.03 4.95 -11.50
N ILE A 110 -6.63 6.08 -12.03
CA ILE A 110 -7.63 7.10 -12.43
C ILE A 110 -8.15 6.79 -13.82
N SER A 111 -9.43 6.52 -13.94
CA SER A 111 -10.00 6.20 -15.28
C SER A 111 -10.46 7.49 -15.97
N ARG A 112 -11.38 8.19 -15.36
CA ARG A 112 -11.87 9.45 -15.99
C ARG A 112 -12.22 10.47 -14.89
N LYS A 113 -11.92 11.72 -15.12
CA LYS A 113 -12.23 12.76 -14.10
C LYS A 113 -13.40 13.62 -14.61
N ARG A 114 -14.37 13.86 -13.78
CA ARG A 114 -15.53 14.70 -14.22
C ARG A 114 -15.83 15.76 -13.16
N GLU A 115 -16.05 16.98 -13.58
CA GLU A 115 -16.35 18.06 -12.59
C GLU A 115 -17.69 18.72 -12.96
N THR A 116 -18.42 19.16 -11.97
CA THR A 116 -19.72 19.83 -12.24
C THR A 116 -19.65 21.26 -11.72
N ARG A 117 -20.59 22.09 -12.11
CA ARG A 117 -20.56 23.51 -11.65
C ARG A 117 -20.54 23.58 -10.12
N THR A 118 -21.24 22.69 -9.46
CA THR A 118 -21.26 22.72 -7.97
C THR A 118 -20.95 21.34 -7.39
N ALA A 119 -20.34 20.48 -8.17
CA ALA A 119 -20.02 19.12 -7.64
C ALA A 119 -18.80 18.56 -8.35
N ARG A 120 -18.11 17.65 -7.72
CA ARG A 120 -16.90 17.05 -8.36
C ARG A 120 -16.98 15.52 -8.26
N GLU A 121 -16.78 14.83 -9.35
CA GLU A 121 -16.85 13.34 -9.32
C GLU A 121 -15.61 12.76 -10.03
N LEU A 122 -14.99 11.76 -9.44
CA LEU A 122 -13.79 11.14 -10.07
C LEU A 122 -14.04 9.66 -10.32
N TYR A 123 -13.55 9.14 -11.42
CA TYR A 123 -13.74 7.69 -11.70
C TYR A 123 -12.36 7.02 -11.65
N ALA A 124 -12.26 5.90 -10.98
CA ALA A 124 -10.95 5.21 -10.90
C ALA A 124 -11.15 3.69 -10.92
N ASN A 125 -10.13 2.96 -11.25
CA ASN A 125 -10.25 1.47 -11.27
C ASN A 125 -9.57 0.92 -10.02
N VAL A 126 -10.27 0.13 -9.24
CA VAL A 126 -9.66 -0.42 -8.00
C VAL A 126 -9.43 -1.93 -8.15
N VAL A 127 -8.28 -2.40 -7.73
CA VAL A 127 -8.00 -3.86 -7.83
C VAL A 127 -7.74 -4.41 -6.43
N LEU A 128 -8.26 -5.58 -6.13
CA LEU A 128 -8.04 -6.16 -4.79
C LEU A 128 -6.89 -7.17 -4.86
N GLY A 129 -6.29 -7.48 -3.74
CA GLY A 129 -5.15 -8.43 -3.74
C GLY A 129 -5.46 -9.61 -4.66
N ASP A 130 -6.70 -9.81 -5.01
CA ASP A 130 -7.05 -10.96 -5.90
C ASP A 130 -8.28 -10.60 -6.75
N ASP A 131 -9.27 -10.02 -6.14
CA ASP A 131 -10.50 -9.66 -6.92
C ASP A 131 -10.30 -8.30 -7.59
N SER A 132 -11.03 -8.04 -8.64
CA SER A 132 -10.88 -6.74 -9.35
C SER A 132 -12.17 -5.91 -9.19
N LEU A 133 -12.05 -4.62 -9.22
CA LEU A 133 -13.24 -3.73 -9.08
C LEU A 133 -13.06 -2.54 -10.02
N ASN A 134 -12.51 -2.76 -11.18
CA ASN A 134 -12.29 -1.64 -12.13
C ASN A 134 -13.59 -0.86 -12.34
N ASP A 135 -13.51 0.26 -13.00
CA ASP A 135 -14.74 1.08 -13.23
C ASP A 135 -15.43 1.38 -11.89
N CYS A 136 -14.67 1.86 -10.93
CA CYS A 136 -15.26 2.17 -9.59
C CYS A 136 -15.36 3.68 -9.42
N ARG A 137 -16.27 4.13 -8.60
CA ARG A 137 -16.42 5.60 -8.37
C ARG A 137 -15.72 5.99 -7.07
N ILE A 138 -15.07 7.12 -7.05
CA ILE A 138 -14.36 7.55 -5.81
C ILE A 138 -15.22 8.58 -5.06
N ILE A 139 -15.67 8.24 -3.88
CA ILE A 139 -16.50 9.19 -3.09
C ILE A 139 -15.61 10.29 -2.50
N PHE A 140 -14.44 9.95 -2.02
CA PHE A 140 -13.56 10.98 -1.44
C PHE A 140 -12.57 11.45 -2.49
N VAL A 141 -12.56 12.72 -2.80
CA VAL A 141 -11.61 13.25 -3.82
C VAL A 141 -10.57 14.13 -3.14
N ASP A 142 -10.63 14.24 -1.84
CA ASP A 142 -9.65 15.10 -1.13
C ASP A 142 -8.54 14.22 -0.53
N GLU A 143 -8.53 12.95 -0.87
CA GLU A 143 -7.47 12.04 -0.32
C GLU A 143 -6.81 11.28 -1.45
N VAL A 144 -5.79 11.83 -2.05
CA VAL A 144 -5.09 11.13 -3.16
C VAL A 144 -3.61 10.99 -2.81
N PHE A 145 -3.06 9.81 -2.97
CA PHE A 145 -1.61 9.62 -2.66
C PHE A 145 -0.91 8.99 -3.87
N LYS A 146 0.34 9.33 -4.05
CA LYS A 146 1.10 8.77 -5.20
C LYS A 146 1.98 7.63 -4.71
N ILE A 147 2.23 6.65 -5.54
CA ILE A 147 3.08 5.50 -5.11
C ILE A 147 4.54 5.78 -5.47
N GLU A 148 5.43 5.53 -4.55
CA GLU A 148 6.87 5.76 -4.82
C GLU A 148 7.54 4.44 -5.17
N ARG A 149 8.58 4.47 -5.98
CA ARG A 149 9.27 3.21 -6.36
C ARG A 149 10.77 3.36 -6.10
N PRO A 150 11.46 2.25 -5.99
CA PRO A 150 12.93 2.24 -5.75
C PRO A 150 13.71 2.96 -6.85
N GLY A 151 13.13 3.09 -8.01
CA GLY A 151 13.83 3.78 -9.13
C GLY A 151 14.56 2.74 -9.98
N GLU A 152 14.35 1.49 -9.71
CA GLU A 152 15.04 0.43 -10.52
C GLU A 152 14.10 -0.08 -11.61
N THR B 1 -0.41 11.21 21.73
CA THR B 1 -0.46 12.68 21.59
C THR B 1 0.58 13.15 20.57
N GLY B 2 0.78 14.43 20.45
CA GLY B 2 1.79 14.94 19.47
C GLY B 2 3.14 14.29 19.74
N LYS B 3 3.43 14.01 20.99
CA LYS B 3 4.74 13.38 21.32
C LYS B 3 4.88 12.06 20.57
N GLY B 4 3.79 11.37 20.34
CA GLY B 4 3.87 10.08 19.61
C GLY B 4 3.89 10.34 18.10
N LYS B 5 3.88 9.30 17.31
CA LYS B 5 3.89 9.49 15.84
C LYS B 5 2.45 9.59 15.32
N TRP B 6 2.26 10.24 14.21
CA TRP B 6 0.89 10.37 13.66
C TRP B 6 0.66 9.30 12.59
N LYS B 7 -0.50 8.70 12.58
CA LYS B 7 -0.80 7.64 11.57
C LYS B 7 -1.81 8.17 10.56
N ARG B 8 -1.71 7.74 9.33
CA ARG B 8 -2.69 8.21 8.30
C ARG B 8 -4.08 7.66 8.65
N LYS B 9 -5.11 8.39 8.37
CA LYS B 9 -6.48 7.91 8.70
C LYS B 9 -6.85 6.77 7.75
N SER B 10 -7.29 5.66 8.29
CA SER B 10 -7.67 4.52 7.41
C SER B 10 -8.66 3.63 8.15
N ALA B 11 -9.74 3.26 7.51
CA ALA B 11 -10.74 2.38 8.18
C ALA B 11 -11.62 1.70 7.14
N GLY B 12 -12.15 0.55 7.47
CA GLY B 12 -13.03 -0.18 6.52
C GLY B 12 -13.42 -1.53 7.13
N GLY B 13 -14.24 -2.28 6.44
CA GLY B 13 -14.65 -3.61 6.99
C GLY B 13 -15.61 -3.41 8.16
N GLY B 14 -16.43 -2.39 8.09
CA GLY B 14 -17.39 -2.13 9.20
C GLY B 14 -18.02 -3.46 9.66
N PRO B 15 -18.81 -4.07 8.81
CA PRO B 15 -19.47 -5.37 9.13
C PRO B 15 -18.47 -6.48 9.42
N SER B 16 -18.80 -7.37 10.31
CA SER B 16 -17.85 -8.48 10.65
C SER B 16 -18.64 -9.65 11.24
N LEU A 1 15.54 0.35 -2.42
CA LEU A 1 14.72 -0.71 -1.77
C LEU A 1 14.31 -0.24 -0.36
N TYR A 2 13.94 -1.14 0.50
CA TYR A 2 13.52 -0.73 1.86
C TYR A 2 14.61 -1.12 2.88
N LYS A 3 14.78 -0.31 3.88
CA LYS A 3 15.84 -0.56 4.90
C LYS A 3 15.19 -0.95 6.23
N VAL A 4 15.86 -1.73 7.03
CA VAL A 4 15.31 -2.15 8.35
C VAL A 4 14.92 -0.91 9.17
N ASN A 5 13.82 -0.98 9.85
CA ASN A 5 13.38 0.18 10.69
C ASN A 5 12.94 1.35 9.78
N GLU A 6 12.78 1.09 8.51
CA GLU A 6 12.34 2.19 7.60
C GLU A 6 10.81 2.24 7.60
N TYR A 7 10.24 3.39 7.34
CA TYR A 7 8.76 3.50 7.32
C TYR A 7 8.24 3.21 5.92
N VAL A 8 7.64 2.06 5.73
CA VAL A 8 7.10 1.71 4.39
C VAL A 8 5.69 1.12 4.55
N ASP A 9 4.91 1.14 3.50
CA ASP A 9 3.53 0.60 3.59
C ASP A 9 3.56 -0.91 3.33
N ALA A 10 2.75 -1.66 4.02
CA ALA A 10 2.72 -3.14 3.82
C ALA A 10 1.36 -3.55 3.24
N ARG A 11 1.34 -4.50 2.35
CA ARG A 11 0.05 -4.93 1.73
C ARG A 11 -0.44 -6.21 2.39
N ASP A 12 -1.72 -6.30 2.64
CA ASP A 12 -2.27 -7.53 3.26
C ASP A 12 -2.73 -8.48 2.14
N THR A 13 -2.09 -9.60 2.00
CA THR A 13 -2.49 -10.55 0.92
C THR A 13 -3.94 -11.00 1.13
N ASN A 14 -4.34 -11.18 2.35
CA ASN A 14 -5.74 -11.67 2.62
C ASN A 14 -6.79 -10.67 2.13
N MET A 15 -6.61 -9.39 2.37
CA MET A 15 -7.64 -8.39 1.94
C MET A 15 -7.06 -7.47 0.86
N GLY A 16 -5.77 -7.42 0.75
CA GLY A 16 -5.15 -6.53 -0.27
C GLY A 16 -5.23 -5.08 0.20
N ALA A 17 -5.29 -4.88 1.50
CA ALA A 17 -5.37 -3.48 2.02
C ALA A 17 -3.99 -3.00 2.46
N TRP A 18 -3.72 -1.73 2.30
CA TRP A 18 -2.38 -1.20 2.70
C TRP A 18 -2.51 -0.44 4.02
N PHE A 19 -1.58 -0.64 4.93
CA PHE A 19 -1.63 0.11 6.22
C PHE A 19 -0.21 0.47 6.64
N GLU A 20 -0.06 1.36 7.58
CA GLU A 20 1.32 1.75 8.01
C GLU A 20 2.04 0.53 8.57
N ALA A 21 3.27 0.35 8.20
CA ALA A 21 4.04 -0.82 8.72
C ALA A 21 5.52 -0.44 8.82
N GLN A 22 6.23 -0.98 9.76
CA GLN A 22 7.67 -0.64 9.90
C GLN A 22 8.51 -1.86 9.50
N VAL A 23 9.66 -1.64 8.91
CA VAL A 23 10.50 -2.79 8.50
C VAL A 23 11.20 -3.35 9.73
N VAL A 24 11.07 -4.62 9.96
CA VAL A 24 11.73 -5.23 11.15
C VAL A 24 13.11 -5.76 10.76
N ARG A 25 13.23 -6.40 9.63
CA ARG A 25 14.55 -6.92 9.21
C ARG A 25 14.53 -7.31 7.74
N VAL A 26 15.57 -7.02 7.00
CA VAL A 26 15.62 -7.39 5.56
C VAL A 26 16.80 -8.34 5.33
N THR A 27 16.52 -9.60 5.12
CA THR A 27 17.63 -10.58 4.89
C THR A 27 17.16 -11.69 3.94
N ARG A 28 18.07 -12.46 3.43
CA ARG A 28 17.69 -13.58 2.51
C ARG A 28 18.17 -14.90 3.12
N LYS A 29 17.48 -15.97 2.84
CA LYS A 29 17.89 -17.28 3.41
C LYS A 29 18.92 -17.93 2.48
N ALA A 30 20.04 -18.33 3.03
CA ALA A 30 21.10 -18.97 2.19
C ALA A 30 21.31 -20.41 2.67
N PRO A 31 21.90 -21.22 1.84
CA PRO A 31 22.17 -22.66 2.16
C PRO A 31 23.32 -22.82 3.15
N SER A 32 23.18 -23.72 4.09
CA SER A 32 24.27 -23.93 5.08
C SER A 32 25.28 -24.91 4.50
N ARG A 33 25.55 -24.79 3.22
CA ARG A 33 26.52 -25.71 2.56
C ARG A 33 25.98 -27.14 2.66
N ASP A 34 24.84 -27.30 3.28
CA ASP A 34 24.23 -28.65 3.41
C ASP A 34 22.87 -28.65 2.72
N GLU A 35 22.28 -27.49 2.54
CA GLU A 35 20.95 -27.42 1.87
C GLU A 35 20.98 -26.38 0.75
N PRO A 36 21.80 -26.61 -0.25
CA PRO A 36 21.93 -25.69 -1.41
C PRO A 36 20.59 -25.09 -1.84
N CYS A 37 20.56 -23.82 -2.12
CA CYS A 37 19.29 -23.17 -2.55
C CYS A 37 19.33 -22.95 -4.06
N SER A 38 19.56 -23.97 -4.82
CA SER A 38 19.61 -23.81 -6.30
C SER A 38 18.30 -23.16 -6.77
N SER A 39 17.21 -23.47 -6.13
CA SER A 39 15.91 -22.86 -6.54
C SER A 39 16.01 -21.33 -6.44
N THR A 40 16.78 -20.84 -5.50
CA THR A 40 16.92 -19.37 -5.34
C THR A 40 18.38 -18.97 -5.56
N SER A 41 18.64 -17.71 -5.73
CA SER A 41 20.05 -17.26 -5.96
C SER A 41 20.66 -16.75 -4.65
N ARG A 42 21.95 -16.75 -4.55
CA ARG A 42 22.62 -16.28 -3.31
C ARG A 42 22.38 -14.77 -3.15
N PRO A 43 22.31 -14.28 -1.93
CA PRO A 43 22.09 -12.83 -1.67
C PRO A 43 23.16 -11.96 -2.34
N ALA A 44 22.78 -10.83 -2.87
CA ALA A 44 23.80 -9.95 -3.53
C ALA A 44 23.17 -8.60 -3.87
N LEU A 45 22.10 -8.60 -4.62
CA LEU A 45 21.45 -7.31 -5.00
C LEU A 45 20.35 -6.98 -3.99
N GLU A 46 20.12 -5.72 -3.75
CA GLU A 46 19.06 -5.33 -2.78
C GLU A 46 17.72 -5.90 -3.25
N GLU A 47 17.50 -5.95 -4.53
CA GLU A 47 16.22 -6.51 -5.05
C GLU A 47 16.23 -8.03 -4.91
N ASP A 48 17.39 -8.60 -4.71
CA ASP A 48 17.49 -10.08 -4.56
C ASP A 48 17.41 -10.48 -3.08
N VAL A 49 16.79 -9.67 -2.26
CA VAL A 49 16.69 -10.01 -0.80
C VAL A 49 15.23 -10.05 -0.37
N ILE A 50 14.96 -10.55 0.80
CA ILE A 50 13.56 -10.63 1.29
C ILE A 50 13.35 -9.53 2.34
N TYR A 51 12.16 -8.99 2.40
CA TYR A 51 11.91 -7.89 3.39
C TYR A 51 10.86 -8.34 4.41
N HIS A 52 11.09 -8.06 5.67
CA HIS A 52 10.11 -8.44 6.71
C HIS A 52 9.52 -7.16 7.32
N VAL A 53 8.23 -7.05 7.39
CA VAL A 53 7.60 -5.83 7.94
C VAL A 53 6.55 -6.18 9.00
N LYS A 54 6.24 -5.26 9.86
CA LYS A 54 5.21 -5.52 10.92
C LYS A 54 4.10 -4.47 10.79
N TYR A 55 2.94 -4.76 11.32
CA TYR A 55 1.83 -3.77 11.21
C TYR A 55 1.72 -2.99 12.52
N ASP A 56 1.87 -1.69 12.46
CA ASP A 56 1.78 -0.88 13.72
C ASP A 56 0.39 -1.08 14.33
N ASP A 57 -0.63 -1.14 13.53
CA ASP A 57 -2.01 -1.32 14.06
C ASP A 57 -2.12 -2.69 14.74
N TYR A 58 -1.50 -3.70 14.18
CA TYR A 58 -1.58 -5.06 14.78
C TYR A 58 -0.17 -5.64 14.94
N PRO A 59 0.56 -5.21 15.94
CA PRO A 59 1.93 -5.70 16.20
C PRO A 59 1.94 -7.10 16.82
N GLU A 60 0.80 -7.56 17.28
CA GLU A 60 0.73 -8.91 17.89
C GLU A 60 1.11 -9.97 16.86
N ASN A 61 0.85 -9.71 15.60
CA ASN A 61 1.19 -10.71 14.54
C ASN A 61 2.64 -11.17 14.70
N GLY A 62 3.52 -10.28 15.10
CA GLY A 62 4.94 -10.67 15.27
C GLY A 62 5.75 -10.19 14.07
N VAL A 63 6.26 -11.10 13.28
CA VAL A 63 7.06 -10.69 12.09
C VAL A 63 6.42 -11.25 10.81
N VAL A 64 6.25 -10.41 9.82
CA VAL A 64 5.65 -10.88 8.53
C VAL A 64 6.71 -10.89 7.45
N GLN A 65 6.74 -11.91 6.63
CA GLN A 65 7.77 -11.97 5.54
C GLN A 65 7.08 -11.77 4.19
N MET A 66 7.46 -10.76 3.46
CA MET A 66 6.83 -10.54 2.13
C MET A 66 7.88 -10.04 1.14
N ASN A 67 7.56 -10.06 -0.13
CA ASN A 67 8.53 -9.59 -1.16
C ASN A 67 8.35 -8.09 -1.38
N SER A 68 9.24 -7.49 -2.13
CA SER A 68 9.12 -6.02 -2.38
C SER A 68 7.84 -5.73 -3.16
N ARG A 69 7.37 -6.66 -3.94
CA ARG A 69 6.14 -6.43 -4.73
C ARG A 69 4.97 -6.12 -3.79
N ASP A 70 4.93 -6.73 -2.64
CA ASP A 70 3.80 -6.48 -1.69
C ASP A 70 4.20 -5.37 -0.70
N VAL A 71 5.37 -4.82 -0.83
CA VAL A 71 5.81 -3.76 0.11
C VAL A 71 6.10 -2.47 -0.67
N ARG A 72 5.60 -1.36 -0.21
CA ARG A 72 5.83 -0.06 -0.92
C ARG A 72 6.30 1.00 0.08
N ALA A 73 7.09 1.93 -0.36
CA ALA A 73 7.58 3.01 0.55
C ALA A 73 6.41 3.89 0.97
N ARG A 74 6.46 4.46 2.15
CA ARG A 74 5.35 5.33 2.61
C ARG A 74 5.33 6.61 1.77
N ALA A 75 4.16 7.02 1.33
CA ALA A 75 4.06 8.26 0.52
C ALA A 75 4.28 9.48 1.43
N ARG A 76 4.94 10.48 0.94
CA ARG A 76 5.19 11.70 1.78
C ARG A 76 4.69 12.94 1.05
N THR A 77 4.05 12.77 -0.08
CA THR A 77 3.56 13.95 -0.85
C THR A 77 2.06 13.80 -1.15
N ILE A 78 1.30 14.83 -0.90
CA ILE A 78 -0.16 14.77 -1.18
C ILE A 78 -0.45 15.51 -2.49
N ILE A 79 -1.19 14.91 -3.37
CA ILE A 79 -1.50 15.57 -4.67
C ILE A 79 -2.91 16.19 -4.62
N LYS A 80 -3.08 17.31 -5.27
CA LYS A 80 -4.41 17.98 -5.28
C LYS A 80 -5.31 17.32 -6.34
N TRP A 81 -6.60 17.40 -6.16
CA TRP A 81 -7.52 16.78 -7.16
C TRP A 81 -7.22 17.34 -8.56
N GLN A 82 -6.97 18.61 -8.65
CA GLN A 82 -6.65 19.23 -9.97
C GLN A 82 -5.34 18.68 -10.53
N ASP A 83 -4.42 18.32 -9.67
CA ASP A 83 -3.10 17.81 -10.15
C ASP A 83 -3.16 16.31 -10.45
N LEU A 84 -4.32 15.72 -10.44
CA LEU A 84 -4.40 14.25 -10.73
C LEU A 84 -4.34 14.03 -12.24
N GLU A 85 -3.67 12.98 -12.65
CA GLU A 85 -3.55 12.69 -14.11
C GLU A 85 -4.25 11.35 -14.41
N VAL A 86 -4.43 11.05 -15.66
CA VAL A 86 -5.10 9.76 -16.02
C VAL A 86 -4.03 8.70 -16.28
N GLY A 87 -4.21 7.51 -15.76
CA GLY A 87 -3.20 6.45 -15.97
C GLY A 87 -2.20 6.47 -14.82
N GLN A 88 -2.46 7.26 -13.82
CA GLN A 88 -1.52 7.34 -12.66
C GLN A 88 -1.99 6.36 -11.57
N VAL A 89 -1.07 5.71 -10.91
CA VAL A 89 -1.47 4.76 -9.85
C VAL A 89 -1.34 5.43 -8.48
N VAL A 90 -2.40 5.44 -7.72
CA VAL A 90 -2.36 6.09 -6.37
C VAL A 90 -3.09 5.22 -5.36
N MET A 91 -2.93 5.50 -4.09
CA MET A 91 -3.62 4.70 -3.04
C MET A 91 -4.68 5.57 -2.36
N LEU A 92 -5.88 5.09 -2.24
CA LEU A 92 -6.95 5.90 -1.59
C LEU A 92 -7.79 4.99 -0.68
N ASN A 93 -8.66 5.57 0.09
CA ASN A 93 -9.52 4.73 1.00
C ASN A 93 -10.75 4.24 0.22
N TYR A 94 -10.87 2.95 0.07
CA TYR A 94 -12.05 2.40 -0.67
C TYR A 94 -12.70 1.30 0.20
N ASN A 95 -14.00 1.32 0.30
CA ASN A 95 -14.70 0.30 1.13
C ASN A 95 -15.68 -0.50 0.25
N PRO A 96 -15.24 -1.61 -0.30
CA PRO A 96 -16.10 -2.44 -1.19
C PRO A 96 -17.40 -2.85 -0.50
N ASP A 97 -17.35 -3.22 0.75
CA ASP A 97 -18.58 -3.61 1.47
C ASP A 97 -19.53 -2.41 1.59
N ASN A 98 -19.00 -1.27 1.93
CA ASN A 98 -19.87 -0.06 2.06
C ASN A 98 -19.13 1.16 1.50
N PRO A 99 -19.11 1.29 0.20
CA PRO A 99 -18.42 2.42 -0.48
C PRO A 99 -18.88 3.78 0.04
N LYS A 100 -20.04 3.83 0.64
CA LYS A 100 -20.55 5.13 1.18
C LYS A 100 -19.96 5.39 2.57
N GLU A 101 -19.13 4.50 3.03
CA GLU A 101 -18.52 4.67 4.39
C GLU A 101 -17.00 4.74 4.27
N ARG A 102 -16.30 4.67 5.37
CA ARG A 102 -14.82 4.73 5.34
C ARG A 102 -14.26 3.44 4.75
N GLY A 103 -13.11 3.51 4.15
CA GLY A 103 -12.50 2.31 3.52
C GLY A 103 -11.01 2.22 3.92
N PHE A 104 -10.35 1.15 3.56
CA PHE A 104 -8.91 1.02 3.90
C PHE A 104 -8.09 1.47 2.71
N TRP A 105 -6.88 1.90 2.94
CA TRP A 105 -6.04 2.37 1.79
C TRP A 105 -5.86 1.26 0.77
N TYR A 106 -6.65 1.26 -0.27
CA TYR A 106 -6.52 0.22 -1.33
C TYR A 106 -5.86 0.85 -2.56
N ASP A 107 -4.99 0.14 -3.22
CA ASP A 107 -4.34 0.72 -4.42
C ASP A 107 -5.38 0.92 -5.51
N ALA A 108 -5.28 2.00 -6.25
CA ALA A 108 -6.28 2.25 -7.31
C ALA A 108 -5.66 3.14 -8.40
N GLU A 109 -6.17 3.07 -9.60
CA GLU A 109 -5.62 3.92 -10.70
C GLU A 109 -6.69 4.91 -11.16
N ILE A 110 -6.29 6.01 -11.74
CA ILE A 110 -7.29 7.00 -12.21
C ILE A 110 -7.88 6.54 -13.53
N SER A 111 -9.17 6.42 -13.61
CA SER A 111 -9.81 5.96 -14.89
C SER A 111 -10.22 7.18 -15.72
N ARG A 112 -11.05 8.02 -15.18
CA ARG A 112 -11.49 9.22 -15.96
C ARG A 112 -11.77 10.38 -15.01
N LYS A 113 -11.48 11.58 -15.44
CA LYS A 113 -11.75 12.77 -14.57
C LYS A 113 -12.89 13.58 -15.19
N ARG A 114 -13.91 13.87 -14.43
CA ARG A 114 -15.05 14.65 -14.99
C ARG A 114 -15.48 15.73 -13.98
N GLU A 115 -15.71 16.93 -14.46
CA GLU A 115 -16.13 18.03 -13.55
C GLU A 115 -17.53 18.51 -13.96
N THR A 116 -18.31 18.94 -13.00
CA THR A 116 -19.68 19.43 -13.33
C THR A 116 -19.75 20.93 -13.01
N ARG A 117 -20.77 21.60 -13.48
CA ARG A 117 -20.88 23.06 -13.22
C ARG A 117 -20.83 23.34 -11.72
N THR A 118 -21.44 22.51 -10.91
CA THR A 118 -21.42 22.75 -9.44
C THR A 118 -21.03 21.46 -8.70
N ALA A 119 -20.37 20.56 -9.35
CA ALA A 119 -19.98 19.29 -8.67
C ALA A 119 -18.73 18.70 -9.32
N ARG A 120 -18.03 17.85 -8.62
CA ARG A 120 -16.81 17.23 -9.19
C ARG A 120 -16.97 15.70 -9.17
N GLU A 121 -16.58 15.04 -10.23
CA GLU A 121 -16.71 13.56 -10.26
C GLU A 121 -15.38 12.93 -10.70
N LEU A 122 -14.88 12.00 -9.92
CA LEU A 122 -13.58 11.34 -10.29
C LEU A 122 -13.82 9.84 -10.50
N TYR A 123 -13.23 9.29 -11.52
CA TYR A 123 -13.41 7.83 -11.78
C TYR A 123 -12.05 7.14 -11.59
N ALA A 124 -12.02 6.05 -10.87
CA ALA A 124 -10.73 5.34 -10.65
C ALA A 124 -10.96 3.84 -10.63
N ASN A 125 -9.92 3.08 -10.85
CA ASN A 125 -10.06 1.59 -10.83
C ASN A 125 -9.49 1.07 -9.51
N VAL A 126 -10.22 0.22 -8.82
CA VAL A 126 -9.71 -0.31 -7.52
C VAL A 126 -9.41 -1.80 -7.65
N VAL A 127 -8.30 -2.23 -7.12
CA VAL A 127 -7.92 -3.67 -7.21
C VAL A 127 -7.80 -4.26 -5.81
N LEU A 128 -8.41 -5.38 -5.55
CA LEU A 128 -8.31 -6.00 -4.20
C LEU A 128 -7.22 -7.08 -4.24
N GLY A 129 -6.75 -7.50 -3.11
CA GLY A 129 -5.69 -8.54 -3.07
C GLY A 129 -6.03 -9.68 -4.05
N ASP A 130 -7.29 -9.93 -4.27
CA ASP A 130 -7.66 -11.03 -5.21
C ASP A 130 -8.86 -10.61 -6.08
N ASP A 131 -9.79 -9.89 -5.51
CA ASP A 131 -10.98 -9.46 -6.31
C ASP A 131 -10.66 -8.16 -7.05
N SER A 132 -11.36 -7.89 -8.12
CA SER A 132 -11.10 -6.65 -8.90
C SER A 132 -12.35 -5.76 -8.86
N LEU A 133 -12.16 -4.47 -8.90
CA LEU A 133 -13.32 -3.53 -8.88
C LEU A 133 -13.02 -2.36 -9.80
N ASN A 134 -12.41 -2.62 -10.92
CA ASN A 134 -12.06 -1.53 -11.87
C ASN A 134 -13.33 -0.76 -12.27
N ASP A 135 -13.17 0.38 -12.88
CA ASP A 135 -14.35 1.19 -13.29
C ASP A 135 -15.24 1.49 -12.08
N CYS A 136 -14.64 1.98 -11.01
CA CYS A 136 -15.43 2.29 -9.79
C CYS A 136 -15.40 3.80 -9.53
N ARG A 137 -16.40 4.33 -8.89
CA ARG A 137 -16.43 5.79 -8.61
C ARG A 137 -15.81 6.05 -7.24
N ILE A 138 -15.06 7.10 -7.10
CA ILE A 138 -14.43 7.40 -5.78
C ILE A 138 -15.19 8.52 -5.08
N ILE A 139 -15.78 8.25 -3.95
CA ILE A 139 -16.54 9.30 -3.21
C ILE A 139 -15.57 10.34 -2.65
N PHE A 140 -14.45 9.92 -2.14
CA PHE A 140 -13.49 10.89 -1.58
C PHE A 140 -12.41 11.21 -2.62
N VAL A 141 -12.28 12.45 -2.98
CA VAL A 141 -11.25 12.84 -3.98
C VAL A 141 -10.18 13.71 -3.32
N ASP A 142 -10.28 13.90 -2.02
CA ASP A 142 -9.27 14.74 -1.32
C ASP A 142 -8.20 13.84 -0.69
N GLU A 143 -8.27 12.56 -0.94
CA GLU A 143 -7.24 11.64 -0.35
C GLU A 143 -6.49 10.94 -1.48
N VAL A 144 -5.44 11.54 -1.99
CA VAL A 144 -4.66 10.90 -3.09
C VAL A 144 -3.20 10.76 -2.67
N PHE A 145 -2.62 9.60 -2.85
CA PHE A 145 -1.19 9.42 -2.49
C PHE A 145 -0.44 8.82 -3.69
N LYS A 146 0.80 9.21 -3.85
CA LYS A 146 1.60 8.68 -4.99
C LYS A 146 2.51 7.56 -4.48
N ILE A 147 2.79 6.58 -5.31
CA ILE A 147 3.66 5.46 -4.86
C ILE A 147 5.11 5.76 -5.20
N GLU A 148 6.01 5.55 -4.27
CA GLU A 148 7.44 5.83 -4.53
C GLU A 148 8.16 4.53 -4.88
N ARG A 149 9.16 4.59 -5.71
CA ARG A 149 9.90 3.36 -6.09
C ARG A 149 11.41 3.57 -5.87
N PRO A 150 12.15 2.50 -5.70
CA PRO A 150 13.62 2.56 -5.49
C PRO A 150 14.34 3.20 -6.68
N GLY A 151 13.72 3.20 -7.83
CA GLY A 151 14.38 3.79 -9.03
C GLY A 151 15.09 2.70 -9.82
N GLU A 152 14.91 1.47 -9.44
CA GLU A 152 15.58 0.35 -10.19
C GLU A 152 14.66 -0.87 -10.20
N THR B 1 -3.70 15.23 21.40
CA THR B 1 -2.61 14.93 22.37
C THR B 1 -1.38 15.75 22.03
N GLY B 2 -0.81 15.53 20.88
CA GLY B 2 0.41 16.31 20.47
C GLY B 2 1.66 15.53 20.87
N LYS B 3 1.50 14.33 21.35
CA LYS B 3 2.69 13.52 21.76
C LYS B 3 2.56 12.10 21.18
N GLY B 4 3.65 11.40 21.09
CA GLY B 4 3.60 10.02 20.54
C GLY B 4 3.68 10.06 19.02
N LYS B 5 3.44 8.96 18.36
CA LYS B 5 3.49 8.94 16.87
C LYS B 5 2.07 9.00 16.31
N TRP B 6 1.91 9.60 15.15
CA TRP B 6 0.55 9.70 14.56
C TRP B 6 0.41 8.66 13.43
N LYS B 7 -0.72 8.01 13.35
CA LYS B 7 -0.92 6.98 12.29
C LYS B 7 -1.82 7.55 11.20
N ARG B 8 -1.71 7.03 10.01
CA ARG B 8 -2.57 7.52 8.90
C ARG B 8 -4.03 7.17 9.19
N LYS B 9 -4.95 8.02 8.80
CA LYS B 9 -6.38 7.73 9.08
C LYS B 9 -6.90 6.69 8.08
N SER B 10 -7.59 5.70 8.55
CA SER B 10 -8.13 4.66 7.64
C SER B 10 -9.20 3.85 8.38
N ALA B 11 -10.32 3.63 7.75
CA ALA B 11 -11.40 2.85 8.42
C ALA B 11 -12.33 2.24 7.38
N GLY B 12 -13.09 1.25 7.77
CA GLY B 12 -14.02 0.59 6.82
C GLY B 12 -14.37 -0.82 7.32
N GLY B 13 -13.64 -1.31 8.28
CA GLY B 13 -13.93 -2.67 8.82
C GLY B 13 -15.39 -2.72 9.29
N GLY B 14 -15.89 -1.64 9.80
CA GLY B 14 -17.30 -1.62 10.29
C GLY B 14 -18.06 -0.46 9.63
N PRO B 15 -19.34 -0.36 9.88
CA PRO B 15 -20.19 0.72 9.30
C PRO B 15 -19.59 2.11 9.54
N SER B 16 -18.79 2.25 10.57
CA SER B 16 -18.19 3.59 10.86
C SER B 16 -19.30 4.63 10.99
N LEU A 1 16.10 -2.43 -1.31
CA LEU A 1 15.75 -1.00 -1.57
C LEU A 1 15.38 -0.30 -0.27
N TYR A 2 14.92 -1.05 0.70
CA TYR A 2 14.52 -0.45 2.01
C TYR A 2 15.47 -0.96 3.10
N LYS A 3 15.73 -0.15 4.09
CA LYS A 3 16.65 -0.58 5.19
C LYS A 3 15.87 -0.80 6.49
N VAL A 4 16.41 -1.58 7.38
CA VAL A 4 15.71 -1.84 8.67
C VAL A 4 15.27 -0.51 9.29
N ASN A 5 14.12 -0.50 9.91
CA ASN A 5 13.58 0.74 10.54
C ASN A 5 13.22 1.76 9.46
N GLU A 6 12.99 1.32 8.25
CA GLU A 6 12.60 2.25 7.17
C GLU A 6 11.06 2.34 7.12
N TYR A 7 10.53 3.43 6.64
CA TYR A 7 9.05 3.56 6.58
C TYR A 7 8.56 3.21 5.17
N VAL A 8 7.93 2.09 5.02
CA VAL A 8 7.42 1.69 3.68
C VAL A 8 5.97 1.21 3.80
N ASP A 9 5.24 1.21 2.72
CA ASP A 9 3.82 0.75 2.78
C ASP A 9 3.77 -0.74 2.43
N ALA A 10 3.02 -1.51 3.18
CA ALA A 10 2.91 -2.96 2.90
C ALA A 10 1.48 -3.28 2.48
N ARG A 11 1.31 -4.15 1.51
CA ARG A 11 -0.07 -4.50 1.06
C ARG A 11 -0.41 -5.93 1.46
N ASP A 12 -1.63 -6.17 1.83
CA ASP A 12 -2.04 -7.55 2.20
C ASP A 12 -2.59 -8.24 0.95
N THR A 13 -1.87 -9.17 0.40
CA THR A 13 -2.34 -9.87 -0.82
C THR A 13 -3.72 -10.51 -0.60
N ASN A 14 -3.98 -11.00 0.58
CA ASN A 14 -5.29 -11.65 0.84
C ASN A 14 -6.45 -10.67 0.68
N MET A 15 -6.30 -9.44 1.11
CA MET A 15 -7.42 -8.45 0.97
C MET A 15 -7.05 -7.38 -0.05
N GLY A 16 -5.80 -7.27 -0.38
CA GLY A 16 -5.37 -6.25 -1.38
C GLY A 16 -5.47 -4.85 -0.73
N ALA A 17 -5.36 -4.79 0.57
CA ALA A 17 -5.47 -3.46 1.25
C ALA A 17 -4.07 -2.93 1.58
N TRP A 18 -3.90 -1.63 1.55
CA TRP A 18 -2.57 -1.04 1.85
C TRP A 18 -2.64 -0.32 3.21
N PHE A 19 -1.58 -0.40 3.99
CA PHE A 19 -1.59 0.28 5.31
C PHE A 19 -0.17 0.69 5.68
N GLU A 20 -0.02 1.61 6.59
CA GLU A 20 1.34 2.06 7.00
C GLU A 20 2.10 0.86 7.59
N ALA A 21 3.36 0.73 7.27
CA ALA A 21 4.16 -0.41 7.81
C ALA A 21 5.62 0.02 7.97
N GLN A 22 6.33 -0.61 8.86
CA GLN A 22 7.77 -0.25 9.06
C GLN A 22 8.63 -1.48 8.84
N VAL A 23 9.88 -1.29 8.49
CA VAL A 23 10.78 -2.45 8.25
C VAL A 23 11.50 -2.79 9.56
N VAL A 24 11.46 -4.04 9.96
CA VAL A 24 12.15 -4.44 11.21
C VAL A 24 13.45 -5.17 10.88
N ARG A 25 13.42 -6.06 9.92
CA ARG A 25 14.66 -6.80 9.57
C ARG A 25 14.63 -7.21 8.10
N VAL A 26 15.78 -7.29 7.46
CA VAL A 26 15.81 -7.71 6.03
C VAL A 26 16.79 -8.87 5.87
N THR A 27 16.28 -10.06 5.62
CA THR A 27 17.18 -11.22 5.45
C THR A 27 16.56 -12.19 4.42
N ARG A 28 17.32 -13.13 3.94
CA ARG A 28 16.76 -14.09 2.94
C ARG A 28 17.40 -15.46 3.14
N LYS A 29 16.75 -16.49 2.67
CA LYS A 29 17.31 -17.85 2.84
C LYS A 29 18.28 -18.16 1.70
N ALA A 30 19.51 -18.45 2.02
CA ALA A 30 20.51 -18.76 0.94
C ALA A 30 20.97 -20.22 1.10
N PRO A 31 20.44 -21.13 0.33
CA PRO A 31 20.82 -22.57 0.42
C PRO A 31 22.13 -22.86 -0.33
N SER A 32 23.00 -23.64 0.26
CA SER A 32 24.29 -23.96 -0.43
C SER A 32 24.01 -24.92 -1.59
N ARG A 33 23.20 -25.91 -1.35
CA ARG A 33 22.85 -26.89 -2.42
C ARG A 33 21.45 -27.42 -2.14
N ASP A 34 20.47 -26.58 -2.27
CA ASP A 34 19.07 -27.00 -1.98
C ASP A 34 19.00 -27.53 -0.55
N GLU A 35 19.73 -26.91 0.34
CA GLU A 35 19.71 -27.35 1.77
C GLU A 35 19.50 -26.13 2.67
N PRO A 36 18.38 -25.47 2.54
CA PRO A 36 18.05 -24.27 3.36
C PRO A 36 18.03 -24.58 4.86
N CYS A 37 17.98 -25.84 5.22
CA CYS A 37 17.98 -26.19 6.67
C CYS A 37 19.00 -25.31 7.39
N SER A 38 19.94 -24.79 6.67
CA SER A 38 20.98 -23.91 7.28
C SER A 38 21.27 -22.76 6.32
N SER A 39 21.84 -21.69 6.82
CA SER A 39 22.14 -20.52 5.94
C SER A 39 23.66 -20.39 5.77
N THR A 40 24.12 -20.23 4.55
CA THR A 40 25.58 -20.08 4.31
C THR A 40 25.84 -18.85 3.44
N SER A 41 27.04 -18.34 3.46
CA SER A 41 27.35 -17.14 2.63
C SER A 41 26.21 -16.13 2.71
N ARG A 42 26.25 -15.12 1.89
CA ARG A 42 25.17 -14.08 1.91
C ARG A 42 24.34 -14.20 0.63
N PRO A 43 23.10 -13.77 0.65
CA PRO A 43 22.24 -13.83 -0.57
C PRO A 43 22.91 -13.17 -1.77
N ALA A 44 22.65 -13.66 -2.94
CA ALA A 44 23.27 -13.10 -4.18
C ALA A 44 23.32 -11.57 -4.10
N LEU A 45 22.36 -10.91 -4.70
CA LEU A 45 22.35 -9.42 -4.69
C LEU A 45 21.65 -8.90 -3.44
N GLU A 46 22.04 -7.76 -2.95
CA GLU A 46 21.38 -7.20 -1.75
C GLU A 46 19.90 -6.99 -2.08
N GLU A 47 19.60 -6.63 -3.29
CA GLU A 47 18.18 -6.43 -3.69
C GLU A 47 17.50 -7.80 -3.75
N ASP A 48 18.23 -8.82 -4.10
CA ASP A 48 17.65 -10.18 -4.17
C ASP A 48 17.48 -10.71 -2.74
N VAL A 49 16.94 -9.90 -1.87
CA VAL A 49 16.73 -10.32 -0.46
C VAL A 49 15.28 -10.14 -0.06
N ILE A 50 14.88 -10.66 1.07
CA ILE A 50 13.45 -10.52 1.50
C ILE A 50 13.39 -9.47 2.62
N TYR A 51 12.29 -8.77 2.72
CA TYR A 51 12.17 -7.72 3.77
C TYR A 51 11.07 -8.08 4.76
N HIS A 52 11.33 -7.87 6.03
CA HIS A 52 10.30 -8.18 7.07
C HIS A 52 9.70 -6.87 7.55
N VAL A 53 8.42 -6.68 7.38
CA VAL A 53 7.79 -5.41 7.82
C VAL A 53 6.59 -5.71 8.74
N LYS A 54 6.22 -4.77 9.56
CA LYS A 54 5.07 -4.98 10.48
C LYS A 54 3.99 -3.94 10.18
N TYR A 55 2.77 -4.20 10.56
CA TYR A 55 1.68 -3.22 10.28
C TYR A 55 1.45 -2.37 11.52
N ASP A 56 1.64 -1.08 11.42
CA ASP A 56 1.41 -0.20 12.60
C ASP A 56 -0.03 -0.35 13.06
N ASP A 57 -0.95 -0.47 12.14
CA ASP A 57 -2.38 -0.61 12.51
C ASP A 57 -2.57 -1.91 13.30
N TYR A 58 -1.90 -2.97 12.90
CA TYR A 58 -2.06 -4.27 13.62
C TYR A 58 -0.69 -4.86 13.93
N PRO A 59 -0.03 -4.36 14.95
CA PRO A 59 1.32 -4.86 15.35
C PRO A 59 1.25 -6.24 16.02
N GLU A 60 0.09 -6.62 16.47
CA GLU A 60 -0.05 -7.95 17.13
C GLU A 60 0.28 -9.06 16.13
N ASN A 61 0.07 -8.83 14.87
CA ASN A 61 0.36 -9.87 13.85
C ASN A 61 1.77 -10.42 14.06
N GLY A 62 2.70 -9.59 14.45
CA GLY A 62 4.08 -10.07 14.67
C GLY A 62 4.99 -9.59 13.53
N VAL A 63 5.57 -10.51 12.80
CA VAL A 63 6.47 -10.12 11.67
C VAL A 63 5.94 -10.70 10.35
N VAL A 64 5.86 -9.87 9.33
CA VAL A 64 5.36 -10.34 8.02
C VAL A 64 6.51 -10.38 7.02
N GLN A 65 6.59 -11.40 6.19
CA GLN A 65 7.70 -11.49 5.21
C GLN A 65 7.14 -11.33 3.79
N MET A 66 7.60 -10.35 3.06
CA MET A 66 7.10 -10.16 1.67
C MET A 66 8.23 -9.63 0.78
N ASN A 67 8.04 -9.65 -0.51
CA ASN A 67 9.11 -9.16 -1.43
C ASN A 67 8.93 -7.66 -1.67
N SER A 68 9.87 -7.04 -2.33
CA SER A 68 9.77 -5.58 -2.59
C SER A 68 8.56 -5.29 -3.47
N ARG A 69 8.16 -6.22 -4.30
CA ARG A 69 6.99 -6.00 -5.18
C ARG A 69 5.76 -5.65 -4.34
N ASP A 70 5.59 -6.30 -3.22
CA ASP A 70 4.40 -6.02 -2.36
C ASP A 70 4.72 -4.88 -1.39
N VAL A 71 5.95 -4.45 -1.35
CA VAL A 71 6.33 -3.34 -0.42
C VAL A 71 6.78 -2.13 -1.23
N ARG A 72 6.27 -0.97 -0.93
CA ARG A 72 6.66 0.25 -1.68
C ARG A 72 7.03 1.38 -0.70
N ALA A 73 7.83 2.31 -1.13
CA ALA A 73 8.21 3.44 -0.23
C ALA A 73 6.96 4.17 0.24
N ARG A 74 6.98 4.71 1.43
CA ARG A 74 5.78 5.43 1.95
C ARG A 74 5.56 6.71 1.13
N ALA A 75 4.33 7.02 0.81
CA ALA A 75 4.05 8.25 0.02
C ALA A 75 4.39 9.48 0.87
N ARG A 76 4.93 10.50 0.26
CA ARG A 76 5.29 11.73 1.01
C ARG A 76 4.66 12.96 0.35
N THR A 77 3.97 12.77 -0.75
CA THR A 77 3.34 13.92 -1.45
C THR A 77 1.82 13.72 -1.53
N ILE A 78 1.07 14.74 -1.19
CA ILE A 78 -0.42 14.63 -1.26
C ILE A 78 -0.91 15.35 -2.51
N ILE A 79 -1.76 14.71 -3.28
CA ILE A 79 -2.26 15.36 -4.53
C ILE A 79 -3.62 16.01 -4.26
N LYS A 80 -3.76 17.26 -4.59
CA LYS A 80 -5.05 17.97 -4.36
C LYS A 80 -5.85 17.98 -5.66
N TRP A 81 -7.12 18.31 -5.59
CA TRP A 81 -7.94 18.35 -6.83
C TRP A 81 -7.19 19.08 -7.93
N GLN A 82 -6.59 20.20 -7.61
CA GLN A 82 -5.84 20.97 -8.64
C GLN A 82 -4.65 20.15 -9.13
N ASP A 83 -4.08 19.32 -8.29
CA ASP A 83 -2.90 18.52 -8.70
C ASP A 83 -3.31 17.12 -9.17
N LEU A 84 -4.57 16.86 -9.33
CA LEU A 84 -4.96 15.49 -9.80
C LEU A 84 -4.60 15.34 -11.28
N GLU A 85 -3.95 14.25 -11.61
CA GLU A 85 -3.56 14.00 -13.02
C GLU A 85 -4.22 12.69 -13.49
N VAL A 86 -4.48 12.57 -14.76
CA VAL A 86 -5.12 11.33 -15.26
C VAL A 86 -4.04 10.33 -15.69
N GLY A 87 -4.16 9.09 -15.31
CA GLY A 87 -3.14 8.08 -15.70
C GLY A 87 -2.16 7.87 -14.54
N GLN A 88 -2.35 8.53 -13.43
CA GLN A 88 -1.43 8.36 -12.28
C GLN A 88 -2.03 7.35 -11.31
N VAL A 89 -1.20 6.58 -10.65
CA VAL A 89 -1.74 5.57 -9.68
C VAL A 89 -1.74 6.18 -8.29
N VAL A 90 -2.86 6.13 -7.61
CA VAL A 90 -2.94 6.71 -6.24
C VAL A 90 -3.65 5.73 -5.30
N MET A 91 -3.50 5.90 -4.02
CA MET A 91 -4.18 4.99 -3.06
C MET A 91 -5.27 5.76 -2.32
N LEU A 92 -6.46 5.22 -2.26
CA LEU A 92 -7.56 5.93 -1.56
C LEU A 92 -8.33 4.91 -0.71
N ASN A 93 -9.19 5.38 0.16
CA ASN A 93 -9.96 4.43 1.01
C ASN A 93 -11.21 3.98 0.27
N TYR A 94 -11.28 2.72 -0.07
CA TYR A 94 -12.48 2.20 -0.78
C TYR A 94 -13.06 1.03 0.02
N ASN A 95 -14.36 1.02 0.19
CA ASN A 95 -15.01 -0.07 0.98
C ASN A 95 -15.98 -0.84 0.07
N PRO A 96 -15.54 -1.93 -0.51
CA PRO A 96 -16.39 -2.75 -1.43
C PRO A 96 -17.73 -3.11 -0.79
N ASP A 97 -17.73 -3.48 0.48
CA ASP A 97 -19.00 -3.85 1.15
C ASP A 97 -19.92 -2.62 1.27
N ASN A 98 -19.38 -1.50 1.66
CA ASN A 98 -20.23 -0.28 1.80
C ASN A 98 -19.47 0.95 1.29
N PRO A 99 -19.47 1.17 0.01
CA PRO A 99 -18.77 2.34 -0.61
C PRO A 99 -19.17 3.66 0.04
N LYS A 100 -20.31 3.71 0.67
CA LYS A 100 -20.75 4.98 1.32
C LYS A 100 -20.13 5.10 2.71
N GLU A 101 -19.34 4.14 3.11
CA GLU A 101 -18.71 4.18 4.46
C GLU A 101 -17.19 4.28 4.32
N ARG A 102 -16.49 4.18 5.41
CA ARG A 102 -15.00 4.27 5.34
C ARG A 102 -14.44 3.01 4.68
N GLY A 103 -13.31 3.11 4.06
CA GLY A 103 -12.71 1.93 3.37
C GLY A 103 -11.22 1.84 3.69
N PHE A 104 -10.57 0.80 3.25
CA PHE A 104 -9.11 0.68 3.52
C PHE A 104 -8.35 1.29 2.35
N TRP A 105 -7.17 1.78 2.58
CA TRP A 105 -6.41 2.41 1.47
C TRP A 105 -6.19 1.39 0.34
N TYR A 106 -7.03 1.42 -0.66
CA TYR A 106 -6.87 0.46 -1.80
C TYR A 106 -6.19 1.18 -2.96
N ASP A 107 -5.36 0.49 -3.69
CA ASP A 107 -4.66 1.14 -4.84
C ASP A 107 -5.60 1.27 -6.03
N ALA A 108 -5.77 2.45 -6.53
CA ALA A 108 -6.66 2.68 -7.69
C ALA A 108 -6.04 3.71 -8.62
N GLU A 109 -6.40 3.70 -9.88
CA GLU A 109 -5.83 4.69 -10.84
C GLU A 109 -6.90 5.71 -11.21
N ILE A 110 -6.51 6.88 -11.63
CA ILE A 110 -7.50 7.92 -12.01
C ILE A 110 -7.95 7.67 -13.45
N SER A 111 -9.22 7.44 -13.66
CA SER A 111 -9.71 7.19 -15.04
C SER A 111 -10.09 8.50 -15.72
N ARG A 112 -10.95 9.28 -15.11
CA ARG A 112 -11.36 10.57 -15.75
C ARG A 112 -11.83 11.56 -14.68
N LYS A 113 -11.59 12.82 -14.90
CA LYS A 113 -12.03 13.86 -13.92
C LYS A 113 -13.30 14.53 -14.47
N ARG A 114 -14.30 14.69 -13.64
CA ARG A 114 -15.55 15.34 -14.13
C ARG A 114 -16.02 16.39 -13.12
N GLU A 115 -16.46 17.52 -13.59
CA GLU A 115 -16.94 18.60 -12.66
C GLU A 115 -18.41 18.88 -12.92
N THR A 116 -19.14 19.24 -11.90
CA THR A 116 -20.58 19.54 -12.07
C THR A 116 -20.82 21.02 -11.72
N ARG A 117 -21.98 21.52 -12.01
CA ARG A 117 -22.26 22.96 -11.72
C ARG A 117 -21.96 23.27 -10.25
N THR A 118 -22.28 22.37 -9.36
CA THR A 118 -22.02 22.63 -7.91
C THR A 118 -21.44 21.38 -7.23
N ALA A 119 -20.86 20.50 -7.99
CA ALA A 119 -20.30 19.25 -7.38
C ALA A 119 -19.15 18.72 -8.24
N ARG A 120 -18.30 17.90 -7.66
CA ARG A 120 -17.16 17.33 -8.43
C ARG A 120 -17.25 15.81 -8.41
N GLU A 121 -17.01 15.17 -9.53
CA GLU A 121 -17.07 13.68 -9.57
C GLU A 121 -15.76 13.13 -10.15
N LEU A 122 -15.21 12.12 -9.53
CA LEU A 122 -13.93 11.53 -10.03
C LEU A 122 -14.14 10.06 -10.39
N TYR A 123 -13.53 9.61 -11.46
CA TYR A 123 -13.67 8.18 -11.85
C TYR A 123 -12.31 7.51 -11.70
N ALA A 124 -12.26 6.37 -11.08
CA ALA A 124 -10.94 5.68 -10.92
C ALA A 124 -11.14 4.16 -11.00
N ASN A 125 -10.10 3.44 -11.29
CA ASN A 125 -10.21 1.97 -11.38
C ASN A 125 -9.60 1.36 -10.10
N VAL A 126 -10.37 0.58 -9.39
CA VAL A 126 -9.83 -0.02 -8.12
C VAL A 126 -9.61 -1.52 -8.30
N VAL A 127 -8.50 -2.02 -7.83
CA VAL A 127 -8.22 -3.48 -7.96
C VAL A 127 -8.07 -4.11 -6.58
N LEU A 128 -8.65 -5.26 -6.38
CA LEU A 128 -8.52 -5.93 -5.05
C LEU A 128 -7.45 -7.01 -5.14
N GLY A 129 -6.97 -7.48 -4.02
CA GLY A 129 -5.90 -8.51 -4.04
C GLY A 129 -6.23 -9.60 -5.07
N ASP A 130 -7.50 -9.85 -5.30
CA ASP A 130 -7.87 -10.91 -6.30
C ASP A 130 -9.04 -10.43 -7.16
N ASP A 131 -9.99 -9.75 -6.57
CA ASP A 131 -11.16 -9.27 -7.36
C ASP A 131 -10.82 -7.92 -8.00
N SER A 132 -11.51 -7.56 -9.06
CA SER A 132 -11.24 -6.26 -9.73
C SER A 132 -12.48 -5.39 -9.65
N LEU A 133 -12.29 -4.09 -9.66
CA LEU A 133 -13.44 -3.15 -9.59
C LEU A 133 -13.17 -1.95 -10.50
N ASN A 134 -12.58 -2.21 -11.64
CA ASN A 134 -12.27 -1.09 -12.58
C ASN A 134 -13.54 -0.28 -12.86
N ASP A 135 -13.39 0.89 -13.42
CA ASP A 135 -14.58 1.75 -13.72
C ASP A 135 -15.38 1.97 -12.44
N CYS A 136 -14.73 2.38 -11.39
CA CYS A 136 -15.44 2.62 -10.10
C CYS A 136 -15.49 4.12 -9.82
N ARG A 137 -16.52 4.58 -9.17
CA ARG A 137 -16.64 6.04 -8.87
C ARG A 137 -16.05 6.30 -7.48
N ILE A 138 -15.37 7.40 -7.30
CA ILE A 138 -14.78 7.70 -5.97
C ILE A 138 -15.68 8.67 -5.21
N ILE A 139 -16.24 8.24 -4.12
CA ILE A 139 -17.14 9.13 -3.33
C ILE A 139 -16.29 10.19 -2.60
N PHE A 140 -15.16 9.81 -2.07
CA PHE A 140 -14.31 10.79 -1.34
C PHE A 140 -13.25 11.32 -2.29
N VAL A 141 -13.19 12.62 -2.45
CA VAL A 141 -12.18 13.23 -3.36
C VAL A 141 -11.13 13.97 -2.52
N ASP A 142 -11.27 13.93 -1.22
CA ASP A 142 -10.28 14.64 -0.36
C ASP A 142 -9.24 13.65 0.15
N GLU A 143 -9.28 12.42 -0.30
CA GLU A 143 -8.28 11.41 0.16
C GLU A 143 -7.50 10.88 -1.05
N VAL A 144 -6.44 11.53 -1.42
CA VAL A 144 -5.63 11.07 -2.57
C VAL A 144 -4.18 10.86 -2.11
N PHE A 145 -3.57 9.77 -2.51
CA PHE A 145 -2.15 9.54 -2.11
C PHE A 145 -1.32 9.15 -3.33
N LYS A 146 -0.08 9.53 -3.35
CA LYS A 146 0.79 9.19 -4.50
C LYS A 146 1.67 7.99 -4.13
N ILE A 147 1.92 7.12 -5.06
CA ILE A 147 2.76 5.92 -4.76
C ILE A 147 4.12 6.06 -5.43
N GLU A 148 5.18 5.79 -4.71
CA GLU A 148 6.54 5.92 -5.31
C GLU A 148 7.02 4.53 -5.75
N ARG A 149 7.84 4.48 -6.77
CA ARG A 149 8.36 3.18 -7.26
C ARG A 149 9.88 3.23 -7.36
N PRO A 150 10.51 2.09 -7.40
CA PRO A 150 12.00 1.98 -7.49
C PRO A 150 12.56 2.68 -8.73
N GLY A 151 11.73 2.90 -9.72
CA GLY A 151 12.22 3.58 -10.95
C GLY A 151 12.64 2.53 -11.99
N GLU A 152 12.39 1.27 -11.70
CA GLU A 152 12.78 0.20 -12.66
C GLU A 152 11.61 -0.77 -12.84
N THR B 1 2.52 7.01 22.09
CA THR B 1 3.84 7.37 21.47
C THR B 1 3.66 7.52 19.95
N GLY B 2 4.65 8.01 19.28
CA GLY B 2 4.53 8.16 17.80
C GLY B 2 3.99 9.56 17.47
N LYS B 3 3.91 10.41 18.46
CA LYS B 3 3.38 11.79 18.20
C LYS B 3 4.23 12.47 17.13
N GLY B 4 5.52 12.26 17.15
CA GLY B 4 6.41 12.90 16.13
C GLY B 4 5.93 12.49 14.74
N LYS B 5 5.46 11.29 14.58
CA LYS B 5 4.98 10.83 13.25
C LYS B 5 3.46 10.86 13.21
N TRP B 6 2.88 11.09 12.06
CA TRP B 6 1.39 11.12 11.97
C TRP B 6 0.87 9.78 11.45
N LYS B 7 -0.10 9.22 12.09
CA LYS B 7 -0.65 7.91 11.63
C LYS B 7 -1.83 8.16 10.68
N ARG B 8 -1.81 7.55 9.52
CA ARG B 8 -2.93 7.74 8.56
C ARG B 8 -4.18 7.07 9.11
N LYS B 9 -5.34 7.63 8.86
CA LYS B 9 -6.59 7.00 9.37
C LYS B 9 -7.19 6.10 8.30
N SER B 10 -7.60 4.93 8.66
CA SER B 10 -8.19 4.00 7.65
C SER B 10 -9.31 3.19 8.30
N ALA B 11 -10.31 2.82 7.53
CA ALA B 11 -11.43 2.02 8.11
C ALA B 11 -12.24 1.40 6.98
N GLY B 12 -12.73 0.20 7.20
CA GLY B 12 -13.53 -0.49 6.14
C GLY B 12 -14.05 -1.81 6.70
N GLY B 13 -14.66 -2.62 5.87
CA GLY B 13 -15.19 -3.92 6.35
C GLY B 13 -16.61 -3.73 6.90
N GLY B 14 -17.12 -4.71 7.59
CA GLY B 14 -18.49 -4.59 8.16
C GLY B 14 -18.46 -4.87 9.66
N PRO B 15 -17.78 -4.03 10.41
CA PRO B 15 -17.67 -4.20 11.89
C PRO B 15 -19.04 -4.06 12.58
N SER B 16 -19.98 -3.44 11.95
CA SER B 16 -21.33 -3.27 12.56
C SER B 16 -22.41 -3.62 11.53
N LEU A 1 15.49 -2.76 -0.58
CA LEU A 1 15.38 -1.34 -1.03
C LEU A 1 15.12 -0.45 0.20
N TYR A 2 14.65 -1.03 1.27
CA TYR A 2 14.37 -0.22 2.49
C TYR A 2 15.36 -0.61 3.60
N LYS A 3 15.59 0.27 4.54
CA LYS A 3 16.55 -0.04 5.64
C LYS A 3 15.80 -0.20 6.97
N VAL A 4 16.38 -0.89 7.90
CA VAL A 4 15.72 -1.10 9.22
C VAL A 4 15.39 0.25 9.84
N ASN A 5 14.28 0.33 10.51
CA ASN A 5 13.87 1.61 11.16
C ASN A 5 13.39 2.60 10.10
N GLU A 6 13.05 2.12 8.93
CA GLU A 6 12.57 3.03 7.85
C GLU A 6 11.05 3.05 7.84
N TYR A 7 10.46 4.12 7.38
CA TYR A 7 8.97 4.19 7.34
C TYR A 7 8.49 3.81 5.94
N VAL A 8 7.93 2.64 5.80
CA VAL A 8 7.43 2.19 4.48
C VAL A 8 6.01 1.64 4.63
N ASP A 9 5.26 1.61 3.56
CA ASP A 9 3.88 1.08 3.65
C ASP A 9 3.89 -0.44 3.47
N ALA A 10 3.09 -1.14 4.24
CA ALA A 10 3.05 -2.63 4.11
C ALA A 10 1.67 -3.03 3.61
N ARG A 11 1.59 -4.01 2.75
CA ARG A 11 0.26 -4.43 2.20
C ARG A 11 -0.10 -5.82 2.73
N ASP A 12 -1.34 -6.03 3.06
CA ASP A 12 -1.75 -7.37 3.53
C ASP A 12 -2.24 -8.17 2.32
N THR A 13 -1.52 -9.16 1.92
CA THR A 13 -1.94 -9.96 0.74
C THR A 13 -3.34 -10.54 0.95
N ASN A 14 -3.68 -10.92 2.15
CA ASN A 14 -5.02 -11.51 2.40
C ASN A 14 -6.16 -10.52 2.08
N MET A 15 -5.99 -9.27 2.42
CA MET A 15 -7.08 -8.28 2.14
C MET A 15 -6.64 -7.29 1.06
N GLY A 16 -5.37 -7.22 0.79
CA GLY A 16 -4.87 -6.27 -0.24
C GLY A 16 -4.98 -4.84 0.29
N ALA A 17 -4.96 -4.67 1.58
CA ALA A 17 -5.09 -3.30 2.16
C ALA A 17 -3.69 -2.75 2.50
N TRP A 18 -3.50 -1.47 2.36
CA TRP A 18 -2.18 -0.86 2.68
C TRP A 18 -2.29 -0.03 3.97
N PHE A 19 -1.30 -0.09 4.81
CA PHE A 19 -1.35 0.69 6.08
C PHE A 19 0.07 1.10 6.48
N GLU A 20 0.19 2.08 7.34
CA GLU A 20 1.55 2.53 7.78
C GLU A 20 2.26 1.39 8.50
N ALA A 21 3.53 1.20 8.21
CA ALA A 21 4.28 0.11 8.89
C ALA A 21 5.75 0.52 9.04
N GLN A 22 6.44 -0.03 10.01
CA GLN A 22 7.87 0.33 10.20
C GLN A 22 8.75 -0.88 9.85
N VAL A 23 9.91 -0.65 9.30
CA VAL A 23 10.79 -1.80 8.94
C VAL A 23 11.45 -2.33 10.22
N VAL A 24 11.28 -3.60 10.50
CA VAL A 24 11.88 -4.17 11.74
C VAL A 24 13.27 -4.74 11.44
N ARG A 25 13.40 -5.47 10.36
CA ARG A 25 14.73 -6.06 10.04
C ARG A 25 14.75 -6.53 8.58
N VAL A 26 15.91 -6.58 7.98
CA VAL A 26 16.01 -7.05 6.57
C VAL A 26 16.98 -8.23 6.52
N THR A 27 16.54 -9.34 6.02
CA THR A 27 17.45 -10.52 5.96
C THR A 27 17.14 -11.36 4.73
N ARG A 28 17.98 -12.31 4.42
CA ARG A 28 17.74 -13.17 3.23
C ARG A 28 18.16 -14.60 3.55
N LYS A 29 17.63 -15.57 2.85
CA LYS A 29 18.00 -16.99 3.13
C LYS A 29 18.99 -17.47 2.06
N ALA A 30 20.13 -17.95 2.47
CA ALA A 30 21.14 -18.45 1.49
C ALA A 30 21.36 -19.95 1.70
N PRO A 31 21.96 -20.61 0.74
CA PRO A 31 22.24 -22.08 0.82
C PRO A 31 23.30 -22.40 1.88
N SER A 32 23.13 -23.47 2.59
CA SER A 32 24.14 -23.82 3.63
C SER A 32 25.45 -24.21 2.95
N ARG A 33 25.37 -24.80 1.79
CA ARG A 33 26.60 -25.21 1.07
C ARG A 33 26.31 -25.25 -0.44
N ASP A 34 25.29 -25.96 -0.83
CA ASP A 34 24.94 -26.04 -2.27
C ASP A 34 23.53 -26.61 -2.43
N GLU A 35 22.73 -26.53 -1.39
CA GLU A 35 21.33 -27.07 -1.48
C GLU A 35 20.34 -25.97 -1.08
N PRO A 36 20.27 -24.91 -1.85
CA PRO A 36 19.32 -23.78 -1.57
C PRO A 36 17.86 -24.24 -1.57
N CYS A 37 17.05 -23.65 -0.74
CA CYS A 37 15.61 -24.04 -0.69
C CYS A 37 15.00 -23.88 -2.09
N SER A 38 15.51 -22.95 -2.86
CA SER A 38 14.96 -22.74 -4.23
C SER A 38 16.01 -23.14 -5.27
N SER A 39 15.59 -23.70 -6.37
CA SER A 39 16.55 -24.12 -7.42
C SER A 39 17.23 -22.88 -8.01
N THR A 40 16.69 -21.72 -7.76
CA THR A 40 17.31 -20.48 -8.30
C THR A 40 18.62 -20.19 -7.56
N SER A 41 19.43 -19.31 -8.09
CA SER A 41 20.72 -18.98 -7.42
C SER A 41 20.46 -18.40 -6.04
N ARG A 42 21.46 -18.35 -5.20
CA ARG A 42 21.28 -17.79 -3.84
C ARG A 42 20.99 -16.29 -3.94
N PRO A 43 20.21 -15.75 -3.03
CA PRO A 43 19.87 -14.30 -3.03
C PRO A 43 21.11 -13.42 -2.89
N ALA A 44 21.14 -12.29 -3.56
CA ALA A 44 22.31 -11.39 -3.48
C ALA A 44 21.88 -9.96 -3.77
N LEU A 45 20.85 -9.78 -4.55
CA LEU A 45 20.38 -8.41 -4.87
C LEU A 45 19.47 -7.90 -3.75
N GLU A 46 19.40 -6.62 -3.56
CA GLU A 46 18.54 -6.06 -2.48
C GLU A 46 17.11 -6.56 -2.69
N GLU A 47 16.70 -6.69 -3.92
CA GLU A 47 15.33 -7.19 -4.19
C GLU A 47 15.25 -8.68 -3.88
N ASP A 48 16.38 -9.32 -3.82
CA ASP A 48 16.40 -10.79 -3.53
C ASP A 48 16.52 -11.02 -2.01
N VAL A 49 16.12 -10.05 -1.22
CA VAL A 49 16.23 -10.22 0.26
C VAL A 49 14.84 -10.16 0.89
N ILE A 50 14.73 -10.49 2.14
CA ILE A 50 13.41 -10.47 2.82
C ILE A 50 13.34 -9.28 3.76
N TYR A 51 12.20 -8.64 3.84
CA TYR A 51 12.06 -7.44 4.74
C TYR A 51 11.01 -7.73 5.82
N HIS A 52 11.29 -7.36 7.04
CA HIS A 52 10.31 -7.60 8.14
C HIS A 52 9.65 -6.27 8.50
N VAL A 53 8.34 -6.21 8.45
CA VAL A 53 7.63 -4.94 8.78
C VAL A 53 6.47 -5.23 9.72
N LYS A 54 6.07 -4.25 10.49
CA LYS A 54 4.93 -4.44 11.43
C LYS A 54 3.92 -3.31 11.23
N TYR A 55 2.68 -3.55 11.55
CA TYR A 55 1.66 -2.48 11.36
C TYR A 55 1.58 -1.65 12.65
N ASP A 56 1.88 -0.39 12.56
CA ASP A 56 1.82 0.47 13.78
C ASP A 56 0.39 0.44 14.33
N ASP A 57 -0.58 0.44 13.48
CA ASP A 57 -1.99 0.41 13.96
C ASP A 57 -2.27 -0.90 14.70
N TYR A 58 -1.72 -1.99 14.21
CA TYR A 58 -1.95 -3.30 14.88
C TYR A 58 -0.61 -4.02 15.13
N PRO A 59 0.11 -3.60 16.14
CA PRO A 59 1.42 -4.21 16.48
C PRO A 59 1.26 -5.57 17.17
N GLU A 60 0.08 -5.88 17.63
CA GLU A 60 -0.15 -7.19 18.31
C GLU A 60 0.10 -8.34 17.32
N ASN A 61 -0.08 -8.09 16.06
CA ASN A 61 0.13 -9.18 15.05
C ASN A 61 1.49 -9.84 15.29
N GLY A 62 2.48 -9.09 15.70
CA GLY A 62 3.82 -9.68 15.95
C GLY A 62 4.80 -9.21 14.87
N VAL A 63 5.42 -10.13 14.18
CA VAL A 63 6.39 -9.74 13.12
C VAL A 63 5.94 -10.33 11.78
N VAL A 64 5.88 -9.51 10.75
CA VAL A 64 5.45 -10.01 9.42
C VAL A 64 6.64 -10.03 8.46
N GLN A 65 6.80 -11.07 7.69
CA GLN A 65 7.94 -11.14 6.73
C GLN A 65 7.41 -11.00 5.31
N MET A 66 7.84 -10.02 4.58
CA MET A 66 7.37 -9.86 3.18
C MET A 66 8.50 -9.34 2.29
N ASN A 67 8.35 -9.44 1.00
CA ASN A 67 9.42 -8.96 0.08
C ASN A 67 9.16 -7.50 -0.30
N SER A 68 10.08 -6.88 -0.98
CA SER A 68 9.91 -5.46 -1.37
C SER A 68 8.69 -5.31 -2.30
N ARG A 69 8.42 -6.32 -3.08
CA ARG A 69 7.26 -6.24 -4.01
C ARG A 69 5.97 -5.97 -3.23
N ASP A 70 5.84 -6.51 -2.05
CA ASP A 70 4.61 -6.28 -1.25
C ASP A 70 4.81 -5.09 -0.31
N VAL A 71 5.97 -4.49 -0.34
CA VAL A 71 6.23 -3.33 0.55
C VAL A 71 6.60 -2.10 -0.29
N ARG A 72 6.00 -0.98 0.00
CA ARG A 72 6.31 0.26 -0.79
C ARG A 72 6.70 1.38 0.16
N ALA A 73 7.49 2.31 -0.30
CA ALA A 73 7.91 3.44 0.57
C ALA A 73 6.68 4.25 1.00
N ARG A 74 6.71 4.83 2.16
CA ARG A 74 5.54 5.62 2.64
C ARG A 74 5.32 6.83 1.73
N ALA A 75 4.09 7.17 1.46
CA ALA A 75 3.80 8.33 0.59
C ALA A 75 4.41 9.60 1.20
N ARG A 76 4.94 10.47 0.38
CA ARG A 76 5.57 11.72 0.90
C ARG A 76 4.86 12.95 0.31
N THR A 77 4.51 12.90 -0.95
CA THR A 77 3.86 14.08 -1.59
C THR A 77 2.37 13.82 -1.81
N ILE A 78 1.54 14.76 -1.47
CA ILE A 78 0.08 14.61 -1.66
C ILE A 78 -0.35 15.36 -2.92
N ILE A 79 -1.09 14.73 -3.79
CA ILE A 79 -1.52 15.43 -5.03
C ILE A 79 -2.96 15.91 -4.87
N LYS A 80 -3.26 17.08 -5.36
CA LYS A 80 -4.64 17.63 -5.24
C LYS A 80 -5.38 17.46 -6.57
N TRP A 81 -6.68 17.52 -6.55
CA TRP A 81 -7.46 17.37 -7.81
C TRP A 81 -6.84 18.24 -8.91
N GLN A 82 -6.39 19.42 -8.57
CA GLN A 82 -5.77 20.29 -9.61
C GLN A 82 -4.53 19.60 -10.17
N ASP A 83 -3.84 18.84 -9.37
CA ASP A 83 -2.60 18.17 -9.86
C ASP A 83 -2.86 16.69 -10.18
N LEU A 84 -4.09 16.24 -10.17
CA LEU A 84 -4.34 14.80 -10.48
C LEU A 84 -4.24 14.58 -11.99
N GLU A 85 -3.63 13.50 -12.39
CA GLU A 85 -3.48 13.22 -13.85
C GLU A 85 -4.09 11.84 -14.14
N VAL A 86 -4.32 11.54 -15.39
CA VAL A 86 -4.90 10.21 -15.73
C VAL A 86 -3.77 9.26 -16.11
N GLY A 87 -3.80 8.05 -15.61
CA GLY A 87 -2.72 7.08 -15.94
C GLY A 87 -1.71 6.99 -14.80
N GLN A 88 -1.92 7.73 -13.74
CA GLN A 88 -0.97 7.67 -12.60
C GLN A 88 -1.51 6.71 -11.54
N VAL A 89 -0.64 6.09 -10.78
CA VAL A 89 -1.12 5.14 -9.74
C VAL A 89 -1.07 5.82 -8.37
N VAL A 90 -2.17 5.79 -7.66
CA VAL A 90 -2.21 6.43 -6.31
C VAL A 90 -2.95 5.52 -5.33
N MET A 91 -2.84 5.79 -4.05
CA MET A 91 -3.54 4.95 -3.04
C MET A 91 -4.66 5.76 -2.40
N LEU A 92 -5.83 5.20 -2.30
CA LEU A 92 -6.97 5.93 -1.68
C LEU A 92 -7.72 4.99 -0.74
N ASN A 93 -8.64 5.52 0.01
CA ASN A 93 -9.42 4.64 0.95
C ASN A 93 -10.67 4.13 0.24
N TYR A 94 -10.74 2.85 0.00
CA TYR A 94 -11.93 2.26 -0.68
C TYR A 94 -12.51 1.14 0.18
N ASN A 95 -13.81 1.09 0.32
CA ASN A 95 -14.45 0.04 1.15
C ASN A 95 -15.40 -0.79 0.27
N PRO A 96 -14.92 -1.90 -0.25
CA PRO A 96 -15.75 -2.79 -1.11
C PRO A 96 -17.07 -3.18 -0.44
N ASP A 97 -17.04 -3.50 0.82
CA ASP A 97 -18.29 -3.90 1.52
C ASP A 97 -19.25 -2.71 1.58
N ASN A 98 -18.75 -1.55 1.89
CA ASN A 98 -19.64 -0.34 1.97
C ASN A 98 -18.92 0.87 1.35
N PRO A 99 -18.90 0.94 0.05
CA PRO A 99 -18.25 2.07 -0.68
C PRO A 99 -18.73 3.43 -0.19
N LYS A 100 -19.90 3.49 0.40
CA LYS A 100 -20.43 4.79 0.88
C LYS A 100 -19.89 5.08 2.28
N GLU A 101 -19.05 4.21 2.80
CA GLU A 101 -18.49 4.44 4.17
C GLU A 101 -16.97 4.56 4.09
N ARG A 102 -16.31 4.49 5.21
CA ARG A 102 -14.81 4.60 5.23
C ARG A 102 -14.20 3.33 4.64
N GLY A 103 -13.04 3.44 4.07
CA GLY A 103 -12.37 2.27 3.46
C GLY A 103 -10.90 2.22 3.87
N PHE A 104 -10.19 1.19 3.50
CA PHE A 104 -8.75 1.10 3.86
C PHE A 104 -7.94 1.61 2.68
N TRP A 105 -6.75 2.11 2.93
CA TRP A 105 -5.93 2.62 1.80
C TRP A 105 -5.69 1.51 0.78
N TYR A 106 -6.46 1.49 -0.27
CA TYR A 106 -6.27 0.45 -1.33
C TYR A 106 -5.57 1.07 -2.52
N ASP A 107 -4.68 0.33 -3.15
CA ASP A 107 -3.95 0.90 -4.34
C ASP A 107 -4.86 0.87 -5.56
N ALA A 108 -5.08 2.01 -6.16
CA ALA A 108 -5.94 2.07 -7.37
C ALA A 108 -5.37 3.08 -8.36
N GLU A 109 -5.68 2.94 -9.62
CA GLU A 109 -5.15 3.88 -10.63
C GLU A 109 -6.29 4.78 -11.13
N ILE A 110 -5.96 5.94 -11.63
CA ILE A 110 -7.03 6.86 -12.12
C ILE A 110 -7.42 6.43 -13.54
N SER A 111 -8.61 5.95 -13.71
CA SER A 111 -9.05 5.51 -15.07
C SER A 111 -9.61 6.69 -15.84
N ARG A 112 -10.34 7.57 -15.20
CA ARG A 112 -10.92 8.73 -15.93
C ARG A 112 -11.31 9.83 -14.93
N LYS A 113 -11.25 11.06 -15.35
CA LYS A 113 -11.63 12.18 -14.43
C LYS A 113 -12.82 12.93 -15.04
N ARG A 114 -13.86 13.15 -14.27
CA ARG A 114 -15.04 13.87 -14.81
C ARG A 114 -15.51 14.92 -13.79
N GLU A 115 -15.78 16.11 -14.24
CA GLU A 115 -16.24 17.18 -13.31
C GLU A 115 -17.63 17.66 -13.72
N THR A 116 -18.45 18.04 -12.78
CA THR A 116 -19.81 18.52 -13.11
C THR A 116 -19.93 20.00 -12.71
N ARG A 117 -20.96 20.67 -13.15
CA ARG A 117 -21.11 22.10 -12.81
C ARG A 117 -21.08 22.31 -11.30
N THR A 118 -21.67 21.41 -10.54
CA THR A 118 -21.66 21.57 -9.06
C THR A 118 -21.25 20.26 -8.38
N ALA A 119 -20.58 19.39 -9.09
CA ALA A 119 -20.17 18.10 -8.48
C ALA A 119 -18.91 17.58 -9.16
N ARG A 120 -18.17 16.73 -8.49
CA ARG A 120 -16.93 16.17 -9.09
C ARG A 120 -16.95 14.65 -8.98
N GLU A 121 -16.69 13.95 -10.05
CA GLU A 121 -16.70 12.46 -10.01
C GLU A 121 -15.39 11.92 -10.58
N LEU A 122 -14.79 10.98 -9.90
CA LEU A 122 -13.51 10.39 -10.39
C LEU A 122 -13.67 8.88 -10.58
N TYR A 123 -13.05 8.33 -11.60
CA TYR A 123 -13.16 6.86 -11.83
C TYR A 123 -11.79 6.24 -11.61
N ALA A 124 -11.73 5.17 -10.86
CA ALA A 124 -10.41 4.51 -10.60
C ALA A 124 -10.58 3.00 -10.54
N ASN A 125 -9.51 2.28 -10.74
CA ASN A 125 -9.60 0.79 -10.67
C ASN A 125 -8.99 0.32 -9.35
N VAL A 126 -9.75 -0.36 -8.54
CA VAL A 126 -9.22 -0.81 -7.23
C VAL A 126 -8.81 -2.29 -7.31
N VAL A 127 -7.67 -2.61 -6.77
CA VAL A 127 -7.20 -4.03 -6.82
C VAL A 127 -7.23 -4.61 -5.41
N LEU A 128 -7.85 -5.75 -5.23
CA LEU A 128 -7.90 -6.36 -3.88
C LEU A 128 -6.84 -7.46 -3.80
N GLY A 129 -6.49 -7.88 -2.61
CA GLY A 129 -5.45 -8.94 -2.47
C GLY A 129 -5.67 -10.03 -3.52
N ASP A 130 -6.89 -10.25 -3.93
CA ASP A 130 -7.15 -11.31 -4.95
C ASP A 130 -8.29 -10.88 -5.88
N ASP A 131 -9.27 -10.18 -5.37
CA ASP A 131 -10.41 -9.74 -6.22
C ASP A 131 -10.06 -8.43 -6.94
N SER A 132 -10.72 -8.15 -8.03
CA SER A 132 -10.45 -6.89 -8.78
C SER A 132 -11.69 -6.01 -8.76
N LEU A 133 -11.52 -4.73 -8.90
CA LEU A 133 -12.68 -3.79 -8.87
C LEU A 133 -12.49 -2.73 -9.96
N ASN A 134 -11.97 -3.11 -11.09
CA ASN A 134 -11.74 -2.11 -12.18
C ASN A 134 -13.03 -1.31 -12.43
N ASP A 135 -12.91 -0.18 -13.05
CA ASP A 135 -14.12 0.67 -13.32
C ASP A 135 -14.84 0.98 -12.01
N CYS A 136 -14.12 1.42 -11.01
CA CYS A 136 -14.77 1.74 -9.70
C CYS A 136 -14.86 3.25 -9.53
N ARG A 137 -15.90 3.73 -8.93
CA ARG A 137 -16.06 5.20 -8.73
C ARG A 137 -15.49 5.58 -7.36
N ILE A 138 -14.82 6.71 -7.28
CA ILE A 138 -14.24 7.14 -5.98
C ILE A 138 -15.12 8.22 -5.34
N ILE A 139 -15.71 7.93 -4.21
CA ILE A 139 -16.58 8.94 -3.55
C ILE A 139 -15.72 10.07 -2.96
N PHE A 140 -14.58 9.73 -2.43
CA PHE A 140 -13.71 10.79 -1.84
C PHE A 140 -12.69 11.23 -2.89
N VAL A 141 -12.69 12.50 -3.21
CA VAL A 141 -11.73 13.02 -4.23
C VAL A 141 -10.70 13.91 -3.54
N ASP A 142 -10.83 14.11 -2.25
CA ASP A 142 -9.86 14.97 -1.52
C ASP A 142 -8.82 14.11 -0.82
N GLU A 143 -8.86 12.81 -1.04
CA GLU A 143 -7.87 11.92 -0.37
C GLU A 143 -7.04 11.17 -1.42
N VAL A 144 -5.98 11.76 -1.89
CA VAL A 144 -5.13 11.08 -2.90
C VAL A 144 -3.70 10.99 -2.38
N PHE A 145 -3.05 9.88 -2.56
CA PHE A 145 -1.65 9.75 -2.08
C PHE A 145 -0.76 9.24 -3.21
N LYS A 146 0.47 9.66 -3.23
CA LYS A 146 1.40 9.21 -4.31
C LYS A 146 2.29 8.08 -3.77
N ILE A 147 2.62 7.14 -4.61
CA ILE A 147 3.48 6.01 -4.16
C ILE A 147 4.91 6.21 -4.66
N GLU A 148 5.87 6.02 -3.80
CA GLU A 148 7.28 6.19 -4.23
C GLU A 148 7.86 4.84 -4.68
N ARG A 149 8.76 4.85 -5.62
CA ARG A 149 9.36 3.58 -6.10
C ARG A 149 10.89 3.67 -6.05
N PRO A 150 11.55 2.56 -6.08
CA PRO A 150 13.03 2.49 -6.04
C PRO A 150 13.67 3.23 -7.22
N GLY A 151 12.94 3.41 -8.28
CA GLY A 151 13.50 4.11 -9.46
C GLY A 151 14.07 3.10 -10.46
N GLU A 152 13.88 1.83 -10.20
CA GLU A 152 14.41 0.79 -11.12
C GLU A 152 13.36 0.49 -12.19
N THR B 1 4.86 6.30 19.18
CA THR B 1 3.42 6.12 18.84
C THR B 1 2.58 7.02 19.74
N GLY B 2 1.28 6.98 19.60
CA GLY B 2 0.40 7.83 20.45
C GLY B 2 0.26 9.21 19.81
N LYS B 3 -0.22 10.17 20.56
CA LYS B 3 -0.39 11.54 20.00
C LYS B 3 0.95 12.07 19.51
N GLY B 4 2.03 11.69 20.15
CA GLY B 4 3.36 12.18 19.72
C GLY B 4 3.55 11.91 18.22
N LYS B 5 3.06 10.81 17.74
CA LYS B 5 3.19 10.48 16.29
C LYS B 5 1.82 10.52 15.63
N TRP B 6 1.75 10.97 14.41
CA TRP B 6 0.43 11.01 13.70
C TRP B 6 0.38 9.94 12.62
N LYS B 7 -0.76 9.30 12.47
CA LYS B 7 -0.89 8.23 11.43
C LYS B 7 -1.96 8.64 10.43
N ARG B 8 -1.84 8.19 9.20
CA ARG B 8 -2.87 8.54 8.19
C ARG B 8 -4.24 8.03 8.66
N LYS B 9 -5.29 8.73 8.34
CA LYS B 9 -6.64 8.27 8.77
C LYS B 9 -7.15 7.20 7.80
N SER B 10 -7.67 6.13 8.33
CA SER B 10 -8.19 5.05 7.44
C SER B 10 -9.17 4.19 8.22
N ALA B 11 -10.26 3.80 7.61
CA ALA B 11 -11.25 2.96 8.34
C ALA B 11 -12.13 2.20 7.33
N GLY B 12 -12.64 1.07 7.74
CA GLY B 12 -13.50 0.26 6.82
C GLY B 12 -14.96 0.66 7.04
N GLY B 13 -15.22 1.54 7.95
CA GLY B 13 -16.63 1.97 8.21
C GLY B 13 -17.29 0.99 9.19
N GLY B 14 -18.59 1.04 9.32
CA GLY B 14 -19.28 0.13 10.25
C GLY B 14 -19.21 -1.31 9.72
N PRO B 15 -19.36 -2.27 10.58
CA PRO B 15 -19.31 -3.71 10.20
C PRO B 15 -20.37 -4.07 9.15
N SER B 16 -20.05 -4.97 8.25
CA SER B 16 -21.04 -5.36 7.21
C SER B 16 -22.00 -6.40 7.78
N LEU A 1 14.76 2.16 -1.34
CA LEU A 1 14.89 0.73 -0.96
C LEU A 1 14.23 0.50 0.40
N TYR A 2 14.34 -0.69 0.93
CA TYR A 2 13.71 -0.97 2.26
C TYR A 2 14.81 -1.26 3.29
N LYS A 3 14.93 -0.41 4.27
CA LYS A 3 15.97 -0.61 5.31
C LYS A 3 15.32 -0.95 6.65
N VAL A 4 16.00 -1.66 7.49
CA VAL A 4 15.42 -2.02 8.82
C VAL A 4 15.01 -0.73 9.55
N ASN A 5 13.90 -0.76 10.22
CA ASN A 5 13.41 0.44 10.96
C ASN A 5 13.14 1.58 9.97
N GLU A 6 12.70 1.26 8.78
CA GLU A 6 12.39 2.32 7.79
C GLU A 6 10.87 2.40 7.60
N TYR A 7 10.37 3.55 7.23
CA TYR A 7 8.89 3.69 7.07
C TYR A 7 8.50 3.37 5.62
N VAL A 8 7.91 2.23 5.42
CA VAL A 8 7.46 1.84 4.05
C VAL A 8 6.05 1.26 4.12
N ASP A 9 5.33 1.28 3.03
CA ASP A 9 3.94 0.74 3.05
C ASP A 9 3.95 -0.76 2.69
N ALA A 10 3.22 -1.55 3.42
CA ALA A 10 3.15 -3.01 3.11
C ALA A 10 1.72 -3.35 2.68
N ARG A 11 1.56 -4.20 1.72
CA ARG A 11 0.19 -4.56 1.25
C ARG A 11 -0.10 -6.02 1.55
N ASP A 12 -1.32 -6.33 1.87
CA ASP A 12 -1.68 -7.74 2.14
C ASP A 12 -2.14 -8.37 0.83
N THR A 13 -1.34 -9.22 0.24
CA THR A 13 -1.72 -9.85 -1.04
C THR A 13 -3.09 -10.52 -0.93
N ASN A 14 -3.40 -11.10 0.20
CA ASN A 14 -4.71 -11.80 0.34
C ASN A 14 -5.88 -10.82 0.17
N MET A 15 -5.77 -9.62 0.67
CA MET A 15 -6.89 -8.64 0.53
C MET A 15 -6.51 -7.54 -0.46
N GLY A 16 -5.25 -7.40 -0.76
CA GLY A 16 -4.82 -6.35 -1.72
C GLY A 16 -4.99 -4.98 -1.06
N ALA A 17 -4.94 -4.92 0.24
CA ALA A 17 -5.11 -3.61 0.94
C ALA A 17 -3.75 -3.04 1.34
N TRP A 18 -3.61 -1.73 1.32
CA TRP A 18 -2.30 -1.12 1.70
C TRP A 18 -2.46 -0.41 3.06
N PHE A 19 -1.50 -0.56 3.92
CA PHE A 19 -1.57 0.09 5.26
C PHE A 19 -0.17 0.55 5.68
N GLU A 20 -0.09 1.48 6.59
CA GLU A 20 1.25 1.95 7.04
C GLU A 20 1.99 0.83 7.76
N ALA A 21 3.25 0.63 7.46
CA ALA A 21 4.03 -0.45 8.12
C ALA A 21 5.49 -0.03 8.22
N GLN A 22 6.22 -0.57 9.15
CA GLN A 22 7.66 -0.21 9.28
C GLN A 22 8.52 -1.46 9.12
N VAL A 23 9.75 -1.30 8.70
CA VAL A 23 10.64 -2.48 8.53
C VAL A 23 11.24 -2.83 9.88
N VAL A 24 11.13 -4.07 10.29
CA VAL A 24 11.70 -4.48 11.60
C VAL A 24 12.99 -5.27 11.40
N ARG A 25 13.17 -5.87 10.25
CA ARG A 25 14.42 -6.64 10.03
C ARG A 25 14.57 -7.02 8.55
N VAL A 26 15.79 -7.17 8.10
CA VAL A 26 16.02 -7.56 6.67
C VAL A 26 17.03 -8.71 6.65
N THR A 27 16.59 -9.90 6.38
CA THR A 27 17.53 -11.05 6.34
C THR A 27 17.09 -12.06 5.28
N ARG A 28 18.00 -12.86 4.80
CA ARG A 28 17.65 -13.88 3.77
C ARG A 28 17.86 -15.28 4.35
N LYS A 29 17.10 -16.23 3.92
CA LYS A 29 17.28 -17.62 4.43
C LYS A 29 18.48 -18.26 3.74
N ALA A 30 19.47 -18.66 4.48
CA ALA A 30 20.67 -19.30 3.86
C ALA A 30 20.65 -20.81 4.15
N PRO A 31 21.38 -21.57 3.38
CA PRO A 31 21.46 -23.05 3.54
C PRO A 31 22.31 -23.45 4.75
N SER A 32 21.99 -24.53 5.39
CA SER A 32 22.81 -24.95 6.56
C SER A 32 24.25 -25.20 6.10
N ARG A 33 24.43 -25.71 4.92
CA ARG A 33 25.81 -25.97 4.42
C ARG A 33 25.88 -25.59 2.94
N ASP A 34 24.85 -25.90 2.19
CA ASP A 34 24.84 -25.55 0.73
C ASP A 34 23.80 -26.42 0.01
N GLU A 35 23.33 -27.45 0.65
CA GLU A 35 22.32 -28.34 0.00
C GLU A 35 21.10 -28.49 0.92
N PRO A 36 20.21 -27.54 0.90
CA PRO A 36 18.98 -27.58 1.74
C PRO A 36 17.88 -28.45 1.13
N CYS A 37 17.39 -28.07 -0.02
CA CYS A 37 16.31 -28.87 -0.67
C CYS A 37 16.16 -28.41 -2.13
N SER A 38 16.07 -27.13 -2.34
CA SER A 38 15.93 -26.59 -3.72
C SER A 38 17.10 -25.66 -4.03
N SER A 39 17.47 -25.54 -5.27
CA SER A 39 18.61 -24.65 -5.61
C SER A 39 18.47 -23.33 -4.86
N THR A 40 19.44 -22.98 -4.07
CA THR A 40 19.36 -21.70 -3.30
C THR A 40 20.65 -20.91 -3.49
N SER A 41 20.56 -19.60 -3.51
CA SER A 41 21.78 -18.76 -3.68
C SER A 41 22.05 -17.99 -2.39
N ARG A 42 23.29 -17.77 -2.06
CA ARG A 42 23.61 -17.03 -0.81
C ARG A 42 23.23 -15.55 -0.99
N PRO A 43 22.82 -14.89 0.07
CA PRO A 43 22.43 -13.45 0.01
C PRO A 43 23.58 -12.58 -0.51
N ALA A 44 23.27 -11.57 -1.27
CA ALA A 44 24.34 -10.69 -1.80
C ALA A 44 23.75 -9.38 -2.33
N LEU A 45 22.74 -9.47 -3.15
CA LEU A 45 22.11 -8.23 -3.70
C LEU A 45 20.96 -7.80 -2.80
N GLU A 46 20.72 -6.52 -2.70
CA GLU A 46 19.61 -6.03 -1.84
C GLU A 46 18.29 -6.64 -2.32
N GLU A 47 18.15 -6.83 -3.60
CA GLU A 47 16.89 -7.42 -4.13
C GLU A 47 16.86 -8.91 -3.83
N ASP A 48 17.99 -9.48 -3.48
CA ASP A 48 18.06 -10.93 -3.19
C ASP A 48 17.87 -11.17 -1.68
N VAL A 49 17.29 -10.24 -0.98
CA VAL A 49 17.08 -10.43 0.49
C VAL A 49 15.60 -10.29 0.84
N ILE A 50 15.23 -10.71 2.01
CA ILE A 50 13.79 -10.63 2.42
C ILE A 50 13.64 -9.51 3.45
N TYR A 51 12.51 -8.84 3.45
CA TYR A 51 12.30 -7.73 4.42
C TYR A 51 11.15 -8.06 5.36
N HIS A 52 11.31 -7.80 6.62
CA HIS A 52 10.22 -8.09 7.59
C HIS A 52 9.56 -6.78 7.98
N VAL A 53 8.26 -6.68 7.86
CA VAL A 53 7.56 -5.42 8.22
C VAL A 53 6.38 -5.71 9.14
N LYS A 54 6.03 -4.75 9.96
CA LYS A 54 4.88 -4.93 10.88
C LYS A 54 3.86 -3.83 10.61
N TYR A 55 2.61 -4.09 10.84
CA TYR A 55 1.58 -3.05 10.58
C TYR A 55 1.29 -2.27 11.86
N ASP A 56 1.48 -0.99 11.85
CA ASP A 56 1.22 -0.18 13.08
C ASP A 56 -0.26 -0.33 13.45
N ASP A 57 -1.12 -0.39 12.47
CA ASP A 57 -2.57 -0.55 12.77
C ASP A 57 -2.82 -1.87 13.49
N TYR A 58 -2.13 -2.91 13.10
CA TYR A 58 -2.33 -4.24 13.75
C TYR A 58 -0.99 -4.84 14.14
N PRO A 59 -0.41 -4.39 15.22
CA PRO A 59 0.90 -4.91 15.70
C PRO A 59 0.78 -6.30 16.35
N GLU A 60 -0.42 -6.69 16.70
CA GLU A 60 -0.62 -8.03 17.34
C GLU A 60 -0.22 -9.13 16.36
N ASN A 61 -0.34 -8.87 15.08
CA ASN A 61 0.02 -9.91 14.08
C ASN A 61 1.41 -10.48 14.39
N GLY A 62 2.31 -9.66 14.86
CA GLY A 62 3.68 -10.16 15.19
C GLY A 62 4.66 -9.68 14.11
N VAL A 63 5.30 -10.60 13.43
CA VAL A 63 6.26 -10.20 12.37
C VAL A 63 5.84 -10.80 11.02
N VAL A 64 5.80 -9.99 10.00
CA VAL A 64 5.38 -10.50 8.65
C VAL A 64 6.59 -10.54 7.72
N GLN A 65 6.73 -11.59 6.95
CA GLN A 65 7.89 -11.67 6.00
C GLN A 65 7.36 -11.57 4.57
N MET A 66 7.82 -10.59 3.83
CA MET A 66 7.35 -10.45 2.42
C MET A 66 8.49 -9.96 1.54
N ASN A 67 8.33 -10.04 0.24
CA ASN A 67 9.40 -9.58 -0.68
C ASN A 67 9.18 -8.12 -1.06
N SER A 68 10.09 -7.54 -1.77
CA SER A 68 9.95 -6.11 -2.18
C SER A 68 8.72 -5.93 -3.07
N ARG A 69 8.37 -6.94 -3.83
CA ARG A 69 7.19 -6.82 -4.72
C ARG A 69 5.93 -6.49 -3.91
N ASP A 70 5.82 -7.01 -2.71
CA ASP A 70 4.62 -6.71 -1.88
C ASP A 70 4.91 -5.59 -0.90
N VAL A 71 6.09 -5.02 -0.95
CA VAL A 71 6.43 -3.91 -0.01
C VAL A 71 6.77 -2.65 -0.82
N ARG A 72 6.25 -1.52 -0.41
CA ARG A 72 6.53 -0.26 -1.15
C ARG A 72 6.90 0.86 -0.16
N ALA A 73 7.72 1.79 -0.59
CA ALA A 73 8.10 2.91 0.32
C ALA A 73 6.86 3.74 0.67
N ARG A 74 6.85 4.35 1.82
CA ARG A 74 5.66 5.16 2.22
C ARG A 74 5.54 6.39 1.31
N ALA A 75 4.34 6.75 0.95
CA ALA A 75 4.14 7.95 0.07
C ALA A 75 4.61 9.20 0.80
N ARG A 76 5.22 10.12 0.10
CA ARG A 76 5.70 11.37 0.77
C ARG A 76 5.17 12.60 0.03
N THR A 77 4.39 12.41 -1.00
CA THR A 77 3.85 13.58 -1.76
C THR A 77 2.33 13.49 -1.87
N ILE A 78 1.65 14.56 -1.58
CA ILE A 78 0.16 14.58 -1.67
C ILE A 78 -0.26 15.29 -2.95
N ILE A 79 -1.14 14.70 -3.72
CA ILE A 79 -1.58 15.35 -4.98
C ILE A 79 -2.91 16.08 -4.75
N LYS A 80 -3.03 17.28 -5.25
CA LYS A 80 -4.28 18.05 -5.06
C LYS A 80 -5.23 17.81 -6.23
N TRP A 81 -6.50 18.08 -6.05
CA TRP A 81 -7.46 17.86 -7.16
C TRP A 81 -6.95 18.51 -8.45
N GLN A 82 -6.45 19.71 -8.34
CA GLN A 82 -5.92 20.40 -9.56
C GLN A 82 -4.74 19.62 -10.14
N ASP A 83 -4.00 18.94 -9.31
CA ASP A 83 -2.82 18.18 -9.82
C ASP A 83 -3.24 16.78 -10.29
N LEU A 84 -4.51 16.49 -10.34
CA LEU A 84 -4.94 15.13 -10.80
C LEU A 84 -4.97 15.09 -12.32
N GLU A 85 -4.49 14.03 -12.90
CA GLU A 85 -4.49 13.91 -14.39
C GLU A 85 -5.25 12.62 -14.79
N VAL A 86 -5.53 12.47 -16.05
CA VAL A 86 -6.26 11.24 -16.49
C VAL A 86 -5.25 10.19 -16.90
N GLY A 87 -5.41 8.97 -16.45
CA GLY A 87 -4.46 7.90 -16.81
C GLY A 87 -3.35 7.83 -15.76
N GLN A 88 -3.49 8.59 -14.70
CA GLN A 88 -2.45 8.58 -13.63
C GLN A 88 -2.83 7.53 -12.58
N VAL A 89 -1.87 6.93 -11.94
CA VAL A 89 -2.19 5.90 -10.92
C VAL A 89 -2.13 6.53 -9.53
N VAL A 90 -3.19 6.40 -8.78
CA VAL A 90 -3.21 7.00 -7.40
C VAL A 90 -3.78 5.99 -6.41
N MET A 91 -3.58 6.21 -5.15
CA MET A 91 -4.10 5.26 -4.13
C MET A 91 -5.21 5.94 -3.33
N LEU A 92 -6.30 5.26 -3.12
CA LEU A 92 -7.44 5.85 -2.35
C LEU A 92 -8.04 4.79 -1.44
N ASN A 93 -8.94 5.19 -0.57
CA ASN A 93 -9.57 4.20 0.34
C ASN A 93 -10.88 3.71 -0.28
N TYR A 94 -10.97 2.43 -0.54
CA TYR A 94 -12.22 1.88 -1.14
C TYR A 94 -12.70 0.67 -0.34
N ASN A 95 -13.98 0.55 -0.12
CA ASN A 95 -14.52 -0.59 0.67
C ASN A 95 -15.50 -1.39 -0.18
N PRO A 96 -15.03 -2.42 -0.85
CA PRO A 96 -15.90 -3.27 -1.73
C PRO A 96 -17.14 -3.77 -0.99
N ASP A 97 -16.99 -4.19 0.23
CA ASP A 97 -18.16 -4.69 1.01
C ASP A 97 -19.16 -3.54 1.22
N ASN A 98 -18.68 -2.39 1.57
CA ASN A 98 -19.60 -1.24 1.81
C ASN A 98 -18.97 0.04 1.25
N PRO A 99 -19.05 0.23 -0.04
CA PRO A 99 -18.48 1.43 -0.72
C PRO A 99 -18.98 2.74 -0.10
N LYS A 100 -20.09 2.71 0.59
CA LYS A 100 -20.64 3.94 1.20
C LYS A 100 -19.98 4.17 2.57
N GLU A 101 -19.07 3.31 2.95
CA GLU A 101 -18.40 3.47 4.28
C GLU A 101 -16.91 3.68 4.09
N ARG A 102 -16.15 3.60 5.14
CA ARG A 102 -14.66 3.80 5.03
C ARG A 102 -14.05 2.60 4.32
N GLY A 103 -12.93 2.80 3.67
CA GLY A 103 -12.27 1.69 2.93
C GLY A 103 -10.77 1.67 3.26
N PHE A 104 -10.07 0.68 2.78
CA PHE A 104 -8.61 0.61 3.05
C PHE A 104 -7.86 1.19 1.85
N TRP A 105 -6.71 1.74 2.08
CA TRP A 105 -5.94 2.35 0.94
C TRP A 105 -5.78 1.32 -0.18
N TYR A 106 -6.63 1.39 -1.17
CA TYR A 106 -6.52 0.44 -2.32
C TYR A 106 -5.98 1.20 -3.54
N ASP A 107 -5.12 0.59 -4.31
CA ASP A 107 -4.57 1.29 -5.50
C ASP A 107 -5.68 1.53 -6.51
N ALA A 108 -5.67 2.66 -7.16
CA ALA A 108 -6.74 2.96 -8.17
C ALA A 108 -6.21 3.93 -9.22
N GLU A 109 -6.82 3.96 -10.37
CA GLU A 109 -6.36 4.88 -11.45
C GLU A 109 -7.44 5.92 -11.72
N ILE A 110 -7.07 7.07 -12.23
CA ILE A 110 -8.09 8.11 -12.51
C ILE A 110 -8.82 7.77 -13.81
N SER A 111 -10.11 7.57 -13.73
CA SER A 111 -10.88 7.23 -14.95
C SER A 111 -11.36 8.51 -15.64
N ARG A 112 -12.19 9.28 -14.99
CA ARG A 112 -12.69 10.53 -15.62
C ARG A 112 -12.86 11.63 -14.56
N LYS A 113 -12.51 12.84 -14.89
CA LYS A 113 -12.67 13.95 -13.91
C LYS A 113 -13.87 14.80 -14.32
N ARG A 114 -14.81 15.01 -13.42
CA ARG A 114 -16.00 15.83 -13.77
C ARG A 114 -16.34 16.78 -12.61
N GLU A 115 -16.62 18.01 -12.91
CA GLU A 115 -16.97 18.99 -11.83
C GLU A 115 -18.32 19.64 -12.14
N THR A 116 -19.07 19.96 -11.12
CA THR A 116 -20.40 20.60 -11.34
C THR A 116 -20.36 22.03 -10.79
N ARG A 117 -21.32 22.84 -11.12
CA ARG A 117 -21.32 24.24 -10.63
C ARG A 117 -21.21 24.28 -9.11
N THR A 118 -21.89 23.40 -8.42
CA THR A 118 -21.83 23.40 -6.93
C THR A 118 -21.53 22.00 -6.41
N ALA A 119 -20.97 21.14 -7.22
CA ALA A 119 -20.69 19.76 -6.75
C ALA A 119 -19.48 19.19 -7.50
N ARG A 120 -18.84 18.21 -6.94
CA ARG A 120 -17.66 17.59 -7.60
C ARG A 120 -17.92 16.11 -7.85
N GLU A 121 -17.46 15.58 -8.95
CA GLU A 121 -17.67 14.15 -9.25
C GLU A 121 -16.38 13.58 -9.83
N LEU A 122 -15.88 12.51 -9.24
CA LEU A 122 -14.61 11.92 -9.76
C LEU A 122 -14.80 10.43 -10.03
N TYR A 123 -14.33 9.96 -11.16
CA TYR A 123 -14.47 8.52 -11.48
C TYR A 123 -13.07 7.89 -11.48
N ALA A 124 -12.93 6.75 -10.86
CA ALA A 124 -11.58 6.09 -10.82
C ALA A 124 -11.74 4.57 -10.91
N ASN A 125 -10.71 3.89 -11.28
CA ASN A 125 -10.78 2.40 -11.38
C ASN A 125 -10.10 1.79 -10.15
N VAL A 126 -10.74 0.85 -9.51
CA VAL A 126 -10.12 0.23 -8.29
C VAL A 126 -9.72 -1.21 -8.59
N VAL A 127 -8.53 -1.60 -8.17
CA VAL A 127 -8.05 -2.98 -8.42
C VAL A 127 -7.78 -3.68 -7.09
N LEU A 128 -8.27 -4.88 -6.92
CA LEU A 128 -8.01 -5.60 -5.64
C LEU A 128 -6.82 -6.55 -5.84
N GLY A 129 -6.25 -7.03 -4.78
CA GLY A 129 -5.08 -7.95 -4.91
C GLY A 129 -5.37 -9.00 -5.98
N ASP A 130 -6.61 -9.37 -6.17
CA ASP A 130 -6.92 -10.41 -7.20
C ASP A 130 -8.20 -10.03 -7.96
N ASP A 131 -9.16 -9.48 -7.27
CA ASP A 131 -10.43 -9.09 -7.95
C ASP A 131 -10.29 -7.70 -8.56
N SER A 132 -11.10 -7.39 -9.55
CA SER A 132 -11.03 -6.05 -10.18
C SER A 132 -12.34 -5.31 -9.97
N LEU A 133 -12.27 -4.01 -9.88
CA LEU A 133 -13.51 -3.20 -9.68
C LEU A 133 -13.38 -1.89 -10.47
N ASN A 134 -12.81 -1.97 -11.63
CA ASN A 134 -12.61 -0.74 -12.45
C ASN A 134 -13.96 -0.04 -12.67
N ASP A 135 -13.93 1.15 -13.22
CA ASP A 135 -15.19 1.90 -13.46
C ASP A 135 -15.97 2.04 -12.15
N CYS A 136 -15.32 2.48 -11.11
CA CYS A 136 -16.01 2.63 -9.80
C CYS A 136 -16.05 4.12 -9.42
N ARG A 137 -17.00 4.51 -8.63
CA ARG A 137 -17.09 5.94 -8.21
C ARG A 137 -16.33 6.15 -6.90
N ILE A 138 -15.64 7.24 -6.77
CA ILE A 138 -14.87 7.49 -5.52
C ILE A 138 -15.59 8.54 -4.67
N ILE A 139 -16.05 8.16 -3.50
CA ILE A 139 -16.76 9.13 -2.63
C ILE A 139 -15.77 10.13 -2.05
N PHE A 140 -14.60 9.70 -1.70
CA PHE A 140 -13.60 10.66 -1.13
C PHE A 140 -12.64 11.10 -2.23
N VAL A 141 -12.59 12.38 -2.49
CA VAL A 141 -11.67 12.90 -3.54
C VAL A 141 -10.59 13.75 -2.89
N ASP A 142 -10.60 13.84 -1.58
CA ASP A 142 -9.58 14.67 -0.88
C ASP A 142 -8.45 13.76 -0.38
N GLU A 143 -8.48 12.51 -0.74
CA GLU A 143 -7.41 11.58 -0.27
C GLU A 143 -6.77 10.89 -1.49
N VAL A 144 -5.79 11.51 -2.09
CA VAL A 144 -5.13 10.90 -3.27
C VAL A 144 -3.61 10.82 -3.03
N PHE A 145 -3.02 9.68 -3.30
CA PHE A 145 -1.55 9.53 -3.11
C PHE A 145 -0.94 8.90 -4.37
N LYS A 146 0.31 9.16 -4.62
CA LYS A 146 0.96 8.57 -5.83
C LYS A 146 1.79 7.35 -5.40
N ILE A 147 1.90 6.37 -6.26
CA ILE A 147 2.68 5.15 -5.91
C ILE A 147 4.18 5.42 -6.14
N GLU A 148 5.00 5.06 -5.18
CA GLU A 148 6.46 5.30 -5.34
C GLU A 148 7.17 3.95 -5.56
N ARG A 149 8.26 3.96 -6.28
CA ARG A 149 9.00 2.70 -6.54
C ARG A 149 10.47 2.87 -6.17
N PRO A 150 11.16 1.79 -5.90
CA PRO A 150 12.60 1.81 -5.52
C PRO A 150 13.46 2.45 -6.62
N GLY A 151 12.95 2.54 -7.82
CA GLY A 151 13.74 3.15 -8.92
C GLY A 151 14.44 2.05 -9.72
N GLU A 152 14.18 0.82 -9.40
CA GLU A 152 14.84 -0.29 -10.14
C GLU A 152 14.23 -1.63 -9.73
N THR B 1 3.74 16.08 27.01
CA THR B 1 3.54 17.16 26.00
C THR B 1 4.71 17.17 25.02
N GLY B 2 4.46 16.87 23.78
CA GLY B 2 5.57 16.85 22.78
C GLY B 2 5.00 16.61 21.38
N LYS B 3 5.84 16.46 20.39
CA LYS B 3 5.34 16.22 19.01
C LYS B 3 4.84 14.79 18.90
N GLY B 4 3.67 14.60 18.36
CA GLY B 4 3.13 13.22 18.21
C GLY B 4 3.59 12.62 16.89
N LYS B 5 3.17 11.42 16.59
CA LYS B 5 3.59 10.78 15.31
C LYS B 5 2.51 11.00 14.26
N TRP B 6 2.88 11.01 13.00
CA TRP B 6 1.87 11.21 11.94
C TRP B 6 1.36 9.85 11.46
N LYS B 7 0.06 9.68 11.42
CA LYS B 7 -0.49 8.37 10.98
C LYS B 7 -1.65 8.59 9.99
N ARG B 8 -1.60 7.97 8.85
CA ARG B 8 -2.71 8.14 7.86
C ARG B 8 -3.97 7.44 8.38
N LYS B 9 -5.12 7.95 8.06
CA LYS B 9 -6.38 7.31 8.55
C LYS B 9 -6.84 6.27 7.53
N SER B 10 -7.35 5.16 8.00
CA SER B 10 -7.83 4.10 7.06
C SER B 10 -8.84 3.21 7.79
N ALA B 11 -9.93 2.89 7.15
CA ALA B 11 -10.94 2.01 7.81
C ALA B 11 -11.85 1.39 6.76
N GLY B 12 -12.47 0.29 7.10
CA GLY B 12 -13.38 -0.40 6.14
C GLY B 12 -13.58 -1.85 6.57
N GLY B 13 -13.44 -2.13 7.84
CA GLY B 13 -13.64 -3.53 8.31
C GLY B 13 -13.77 -3.53 9.84
N GLY B 14 -13.86 -4.70 10.43
CA GLY B 14 -13.99 -4.78 11.92
C GLY B 14 -15.30 -5.49 12.28
N PRO B 15 -16.40 -4.77 12.30
CA PRO B 15 -17.73 -5.35 12.63
C PRO B 15 -18.14 -6.46 11.66
N SER B 16 -18.83 -7.46 12.15
CA SER B 16 -19.26 -8.57 11.25
C SER B 16 -20.72 -8.38 10.87
N LEU A 1 16.52 -1.73 -0.12
CA LEU A 1 15.62 -0.61 -0.44
C LEU A 1 15.21 0.12 0.84
N TYR A 2 14.85 -0.62 1.86
CA TYR A 2 14.43 0.01 3.14
C TYR A 2 15.45 -0.35 4.23
N LYS A 3 15.74 0.57 5.11
CA LYS A 3 16.73 0.30 6.20
C LYS A 3 16.02 0.23 7.55
N VAL A 4 16.63 -0.41 8.50
CA VAL A 4 16.01 -0.52 9.85
C VAL A 4 15.56 0.86 10.32
N ASN A 5 14.42 0.92 10.95
CA ASN A 5 13.86 2.22 11.44
C ASN A 5 13.40 3.08 10.26
N GLU A 6 13.15 2.46 9.13
CA GLU A 6 12.67 3.23 7.95
C GLU A 6 11.13 3.23 7.97
N TYR A 7 10.51 4.25 7.43
CA TYR A 7 9.02 4.28 7.43
C TYR A 7 8.49 3.78 6.09
N VAL A 8 7.95 2.60 6.09
CA VAL A 8 7.40 2.02 4.82
C VAL A 8 6.01 1.44 5.09
N ASP A 9 5.21 1.30 4.08
CA ASP A 9 3.84 0.74 4.28
C ASP A 9 3.85 -0.76 3.95
N ALA A 10 3.10 -1.54 4.68
CA ALA A 10 3.03 -3.00 4.41
C ALA A 10 1.62 -3.35 3.95
N ARG A 11 1.49 -4.23 2.99
CA ARG A 11 0.13 -4.59 2.48
C ARG A 11 -0.25 -6.00 2.93
N ASP A 12 -1.49 -6.18 3.29
CA ASP A 12 -1.94 -7.54 3.69
C ASP A 12 -2.51 -8.24 2.46
N THR A 13 -1.82 -9.22 1.96
CA THR A 13 -2.31 -9.94 0.75
C THR A 13 -3.70 -10.55 1.01
N ASN A 14 -3.98 -10.89 2.23
CA ASN A 14 -5.30 -11.50 2.54
C ASN A 14 -6.44 -10.54 2.24
N MET A 15 -6.29 -9.27 2.55
CA MET A 15 -7.39 -8.30 2.28
C MET A 15 -6.94 -7.28 1.24
N GLY A 16 -5.66 -7.18 1.00
CA GLY A 16 -5.15 -6.20 0.00
C GLY A 16 -5.24 -4.80 0.59
N ALA A 17 -5.15 -4.67 1.89
CA ALA A 17 -5.23 -3.33 2.52
C ALA A 17 -3.84 -2.84 2.92
N TRP A 18 -3.60 -1.56 2.84
CA TRP A 18 -2.26 -1.02 3.20
C TRP A 18 -2.36 -0.23 4.51
N PHE A 19 -1.38 -0.35 5.37
CA PHE A 19 -1.42 0.39 6.66
C PHE A 19 -0.01 0.88 7.01
N GLU A 20 0.09 1.89 7.83
CA GLU A 20 1.43 2.42 8.21
C GLU A 20 2.24 1.32 8.90
N ALA A 21 3.50 1.21 8.59
CA ALA A 21 4.34 0.17 9.24
C ALA A 21 5.78 0.69 9.36
N GLN A 22 6.53 0.17 10.30
CA GLN A 22 7.93 0.62 10.48
C GLN A 22 8.89 -0.55 10.22
N VAL A 23 10.10 -0.28 9.83
CA VAL A 23 11.07 -1.38 9.57
C VAL A 23 11.89 -1.62 10.84
N VAL A 24 11.99 -2.85 11.27
CA VAL A 24 12.76 -3.14 12.50
C VAL A 24 14.00 -3.97 12.17
N ARG A 25 13.87 -4.97 11.32
CA ARG A 25 15.06 -5.81 11.00
C ARG A 25 15.05 -6.20 9.52
N VAL A 26 16.21 -6.30 8.93
CA VAL A 26 16.30 -6.70 7.49
C VAL A 26 17.20 -7.93 7.39
N THR A 27 16.71 -9.00 6.81
CA THR A 27 17.54 -10.23 6.69
C THR A 27 17.20 -10.95 5.40
N ARG A 28 18.02 -11.89 5.01
CA ARG A 28 17.75 -12.64 3.74
C ARG A 28 17.99 -14.13 3.98
N LYS A 29 17.33 -14.97 3.23
CA LYS A 29 17.53 -16.44 3.40
C LYS A 29 18.32 -16.97 2.21
N ALA A 30 19.35 -17.74 2.46
CA ALA A 30 20.17 -18.28 1.34
C ALA A 30 19.90 -19.78 1.17
N PRO A 31 20.29 -20.33 0.05
CA PRO A 31 20.09 -21.77 -0.26
C PRO A 31 21.01 -22.67 0.58
N SER A 32 20.56 -23.83 0.94
CA SER A 32 21.41 -24.73 1.74
C SER A 32 22.65 -25.14 0.94
N ARG A 33 22.49 -25.34 -0.34
CA ARG A 33 23.66 -25.73 -1.19
C ARG A 33 23.50 -25.11 -2.58
N ASP A 34 23.15 -23.87 -2.64
CA ASP A 34 22.98 -23.21 -3.96
C ASP A 34 21.95 -23.98 -4.79
N GLU A 35 21.10 -24.73 -4.13
CA GLU A 35 20.07 -25.51 -4.89
C GLU A 35 18.70 -25.28 -4.25
N PRO A 36 18.21 -24.08 -4.32
CA PRO A 36 16.88 -23.71 -3.76
C PRO A 36 15.73 -24.14 -4.68
N CYS A 37 15.73 -23.64 -5.88
CA CYS A 37 14.65 -24.01 -6.84
C CYS A 37 15.05 -23.56 -8.25
N SER A 38 14.12 -23.03 -9.00
CA SER A 38 14.44 -22.57 -10.38
C SER A 38 15.40 -21.38 -10.32
N SER A 39 15.35 -20.62 -9.25
CA SER A 39 16.24 -19.43 -9.16
C SER A 39 17.71 -19.88 -9.28
N THR A 40 18.03 -21.01 -8.71
CA THR A 40 19.44 -21.50 -8.79
C THR A 40 20.41 -20.33 -8.58
N SER A 41 19.94 -19.26 -7.99
CA SER A 41 20.84 -18.08 -7.75
C SER A 41 20.87 -17.75 -6.26
N ARG A 42 21.98 -17.26 -5.77
CA ARG A 42 22.06 -16.93 -4.33
C ARG A 42 21.65 -15.46 -4.13
N PRO A 43 21.07 -15.13 -3.01
CA PRO A 43 20.64 -13.74 -2.70
C PRO A 43 21.83 -12.78 -2.56
N ALA A 44 21.68 -11.56 -2.97
CA ALA A 44 22.80 -10.58 -2.87
C ALA A 44 22.29 -9.17 -3.14
N LEU A 45 21.18 -9.05 -3.81
CA LEU A 45 20.63 -7.69 -4.10
C LEU A 45 19.64 -7.29 -3.00
N GLU A 46 19.50 -6.02 -2.77
CA GLU A 46 18.57 -5.57 -1.71
C GLU A 46 17.18 -6.14 -1.99
N GLU A 47 16.83 -6.28 -3.25
CA GLU A 47 15.51 -6.85 -3.60
C GLU A 47 15.51 -8.36 -3.31
N ASP A 48 16.67 -8.94 -3.16
CA ASP A 48 16.76 -10.40 -2.89
C ASP A 48 16.85 -10.66 -1.39
N VAL A 49 16.46 -9.70 -0.57
CA VAL A 49 16.52 -9.91 0.91
C VAL A 49 15.11 -9.81 1.50
N ILE A 50 14.97 -10.20 2.74
CA ILE A 50 13.64 -10.14 3.39
C ILE A 50 13.62 -8.97 4.38
N TYR A 51 12.53 -8.28 4.49
CA TYR A 51 12.45 -7.12 5.42
C TYR A 51 11.42 -7.41 6.51
N HIS A 52 11.73 -7.06 7.72
CA HIS A 52 10.76 -7.30 8.83
C HIS A 52 10.12 -5.97 9.22
N VAL A 53 8.82 -5.88 9.12
CA VAL A 53 8.13 -4.61 9.47
C VAL A 53 7.00 -4.90 10.47
N LYS A 54 6.63 -3.92 11.24
CA LYS A 54 5.53 -4.10 12.22
C LYS A 54 4.40 -3.12 11.88
N TYR A 55 3.20 -3.41 12.28
CA TYR A 55 2.08 -2.49 11.96
C TYR A 55 1.74 -1.64 13.18
N ASP A 56 1.87 -0.34 13.07
CA ASP A 56 1.55 0.54 14.23
C ASP A 56 0.08 0.36 14.60
N ASP A 57 -0.77 0.24 13.62
CA ASP A 57 -2.23 0.07 13.91
C ASP A 57 -2.46 -1.24 14.66
N TYR A 58 -1.73 -2.28 14.30
CA TYR A 58 -1.92 -3.59 14.98
C TYR A 58 -0.58 -4.12 15.49
N PRO A 59 -0.10 -3.57 16.58
CA PRO A 59 1.19 -3.99 17.20
C PRO A 59 1.07 -5.33 17.94
N GLU A 60 -0.12 -5.74 18.24
CA GLU A 60 -0.31 -7.02 18.97
C GLU A 60 0.22 -8.18 18.11
N ASN A 61 0.13 -8.08 16.82
CA ASN A 61 0.63 -9.16 15.94
C ASN A 61 2.07 -9.50 16.29
N GLY A 62 2.83 -8.53 16.72
CA GLY A 62 4.26 -8.80 17.07
C GLY A 62 5.15 -8.37 15.90
N VAL A 63 5.97 -9.25 15.41
CA VAL A 63 6.86 -8.90 14.27
C VAL A 63 6.40 -9.66 13.02
N VAL A 64 6.18 -8.94 11.94
CA VAL A 64 5.73 -9.61 10.68
C VAL A 64 6.85 -9.58 9.63
N GLN A 65 7.04 -10.65 8.92
CA GLN A 65 8.11 -10.68 7.88
C GLN A 65 7.46 -10.44 6.52
N MET A 66 7.99 -9.54 5.73
CA MET A 66 7.38 -9.29 4.39
C MET A 66 8.47 -9.05 3.35
N ASN A 67 8.18 -9.31 2.10
CA ASN A 67 9.19 -9.09 1.03
C ASN A 67 9.08 -7.67 0.50
N SER A 68 10.06 -7.21 -0.23
CA SER A 68 10.02 -5.82 -0.76
C SER A 68 8.84 -5.67 -1.74
N ARG A 69 8.47 -6.73 -2.40
CA ARG A 69 7.34 -6.64 -3.37
C ARG A 69 6.06 -6.19 -2.66
N ASP A 70 5.86 -6.62 -1.45
CA ASP A 70 4.62 -6.22 -0.72
C ASP A 70 4.90 -5.01 0.17
N VAL A 71 6.11 -4.51 0.17
CA VAL A 71 6.42 -3.33 1.02
C VAL A 71 6.73 -2.14 0.13
N ARG A 72 6.15 -1.00 0.40
CA ARG A 72 6.40 0.20 -0.43
C ARG A 72 6.74 1.39 0.47
N ALA A 73 7.52 2.31 -0.02
CA ALA A 73 7.88 3.50 0.81
C ALA A 73 6.62 4.29 1.15
N ARG A 74 6.58 4.91 2.29
CA ARG A 74 5.38 5.70 2.68
C ARG A 74 5.20 6.88 1.72
N ALA A 75 4.00 7.14 1.29
CA ALA A 75 3.76 8.27 0.36
C ALA A 75 4.06 9.59 1.08
N ARG A 76 4.63 10.54 0.39
CA ARG A 76 4.97 11.85 1.03
C ARG A 76 4.39 12.99 0.20
N THR A 77 4.15 12.75 -1.06
CA THR A 77 3.61 13.84 -1.92
C THR A 77 2.10 13.69 -2.08
N ILE A 78 1.37 14.76 -1.90
CA ILE A 78 -0.11 14.69 -2.05
C ILE A 78 -0.50 15.26 -3.42
N ILE A 79 -1.31 14.55 -4.16
CA ILE A 79 -1.70 15.03 -5.51
C ILE A 79 -3.09 15.66 -5.44
N LYS A 80 -3.22 16.86 -5.94
CA LYS A 80 -4.56 17.54 -5.91
C LYS A 80 -5.25 17.36 -7.27
N TRP A 81 -6.52 17.60 -7.33
CA TRP A 81 -7.25 17.44 -8.63
C TRP A 81 -6.43 18.09 -9.75
N GLN A 82 -5.89 19.25 -9.51
CA GLN A 82 -5.06 19.91 -10.56
C GLN A 82 -3.84 19.05 -10.89
N ASP A 83 -3.35 18.31 -9.93
CA ASP A 83 -2.14 17.47 -10.18
C ASP A 83 -2.52 16.01 -10.44
N LEU A 84 -3.77 15.69 -10.59
CA LEU A 84 -4.15 14.27 -10.87
C LEU A 84 -3.87 13.94 -12.34
N GLU A 85 -3.28 12.80 -12.59
CA GLU A 85 -2.99 12.40 -14.00
C GLU A 85 -3.63 11.05 -14.29
N VAL A 86 -3.70 10.67 -15.53
CA VAL A 86 -4.32 9.37 -15.87
C VAL A 86 -3.22 8.31 -16.03
N GLY A 87 -3.40 7.16 -15.45
CA GLY A 87 -2.37 6.09 -15.57
C GLY A 87 -1.46 6.10 -14.35
N GLN A 88 -1.71 6.97 -13.40
CA GLN A 88 -0.84 7.01 -12.18
C GLN A 88 -1.45 6.11 -11.11
N VAL A 89 -0.63 5.46 -10.32
CA VAL A 89 -1.18 4.57 -9.26
C VAL A 89 -1.24 5.34 -7.95
N VAL A 90 -2.38 5.34 -7.31
CA VAL A 90 -2.50 6.07 -6.02
C VAL A 90 -3.24 5.20 -5.01
N MET A 91 -3.11 5.52 -3.74
CA MET A 91 -3.79 4.72 -2.69
C MET A 91 -4.89 5.58 -2.06
N LEU A 92 -6.07 5.03 -1.90
CA LEU A 92 -7.18 5.80 -1.30
C LEU A 92 -7.98 4.90 -0.36
N ASN A 93 -8.89 5.47 0.38
CA ASN A 93 -9.71 4.64 1.31
C ASN A 93 -10.93 4.09 0.57
N TYR A 94 -10.99 2.79 0.39
CA TYR A 94 -12.14 2.18 -0.33
C TYR A 94 -12.72 1.06 0.52
N ASN A 95 -14.03 1.02 0.65
CA ASN A 95 -14.67 -0.04 1.48
C ASN A 95 -15.68 -0.81 0.62
N PRO A 96 -15.30 -1.95 0.09
CA PRO A 96 -16.21 -2.77 -0.77
C PRO A 96 -17.55 -3.06 -0.09
N ASP A 97 -17.53 -3.36 1.18
CA ASP A 97 -18.79 -3.64 1.89
C ASP A 97 -19.67 -2.39 1.92
N ASN A 98 -19.09 -1.25 2.19
CA ASN A 98 -19.89 0.00 2.23
C ASN A 98 -19.09 1.14 1.60
N PRO A 99 -19.07 1.21 0.30
CA PRO A 99 -18.33 2.26 -0.45
C PRO A 99 -18.73 3.67 -0.02
N LYS A 100 -19.90 3.81 0.55
CA LYS A 100 -20.36 5.16 1.00
C LYS A 100 -19.78 5.48 2.38
N GLU A 101 -19.00 4.59 2.93
CA GLU A 101 -18.40 4.83 4.28
C GLU A 101 -16.88 4.91 4.17
N ARG A 102 -16.20 4.91 5.29
CA ARG A 102 -14.72 4.99 5.28
C ARG A 102 -14.14 3.65 4.78
N GLY A 103 -12.98 3.69 4.19
CA GLY A 103 -12.38 2.44 3.66
C GLY A 103 -10.90 2.35 4.06
N PHE A 104 -10.27 1.24 3.76
CA PHE A 104 -8.83 1.10 4.11
C PHE A 104 -7.98 1.57 2.93
N TRP A 105 -6.76 1.94 3.18
CA TRP A 105 -5.89 2.42 2.06
C TRP A 105 -5.77 1.33 0.99
N TYR A 106 -6.59 1.38 -0.02
CA TYR A 106 -6.52 0.36 -1.11
C TYR A 106 -5.82 0.96 -2.33
N ASP A 107 -4.98 0.19 -2.98
CA ASP A 107 -4.26 0.71 -4.17
C ASP A 107 -5.16 0.66 -5.40
N ALA A 108 -5.32 1.77 -6.06
CA ALA A 108 -6.19 1.81 -7.27
C ALA A 108 -5.55 2.72 -8.32
N GLU A 109 -5.86 2.53 -9.57
CA GLU A 109 -5.27 3.39 -10.64
C GLU A 109 -6.35 4.31 -11.22
N ILE A 110 -5.95 5.43 -11.77
CA ILE A 110 -6.96 6.36 -12.35
C ILE A 110 -7.31 5.89 -13.76
N SER A 111 -8.55 5.53 -13.98
CA SER A 111 -8.95 5.05 -15.34
C SER A 111 -9.42 6.23 -16.20
N ARG A 112 -10.18 7.13 -15.65
CA ARG A 112 -10.67 8.28 -16.47
C ARG A 112 -11.11 9.43 -15.57
N LYS A 113 -11.05 10.64 -16.06
CA LYS A 113 -11.48 11.81 -15.26
C LYS A 113 -12.62 12.53 -16.01
N ARG A 114 -13.64 12.93 -15.30
CA ARG A 114 -14.79 13.62 -15.97
C ARG A 114 -15.18 14.87 -15.18
N GLU A 115 -15.44 15.96 -15.85
CA GLU A 115 -15.83 17.21 -15.15
C GLU A 115 -17.26 17.59 -15.53
N THR A 116 -17.98 18.15 -14.61
CA THR A 116 -19.39 18.56 -14.90
C THR A 116 -19.51 20.07 -14.70
N ARG A 117 -20.61 20.65 -15.11
CA ARG A 117 -20.77 22.13 -14.95
C ARG A 117 -20.51 22.53 -13.50
N THR A 118 -20.94 21.75 -12.55
CA THR A 118 -20.72 22.11 -11.13
C THR A 118 -20.34 20.87 -10.31
N ALA A 119 -19.79 19.87 -10.93
CA ALA A 119 -19.42 18.64 -10.17
C ALA A 119 -18.29 17.91 -10.88
N ARG A 120 -17.55 17.10 -10.16
CA ARG A 120 -16.43 16.35 -10.77
C ARG A 120 -16.58 14.86 -10.46
N GLU A 121 -16.35 14.01 -11.43
CA GLU A 121 -16.46 12.54 -11.19
C GLU A 121 -15.16 11.86 -11.57
N LEU A 122 -14.69 10.95 -10.76
CA LEU A 122 -13.41 10.25 -11.07
C LEU A 122 -13.64 8.75 -11.20
N TYR A 123 -13.01 8.13 -12.17
CA TYR A 123 -13.16 6.66 -12.35
C TYR A 123 -11.81 6.01 -12.06
N ALA A 124 -11.79 4.98 -11.27
CA ALA A 124 -10.48 4.32 -10.94
C ALA A 124 -10.68 2.82 -10.81
N ASN A 125 -9.62 2.07 -10.93
CA ASN A 125 -9.73 0.59 -10.79
C ASN A 125 -9.19 0.20 -9.42
N VAL A 126 -9.98 -0.51 -8.63
CA VAL A 126 -9.50 -0.90 -7.27
C VAL A 126 -9.17 -2.40 -7.27
N VAL A 127 -8.06 -2.75 -6.66
CA VAL A 127 -7.66 -4.18 -6.63
C VAL A 127 -7.68 -4.69 -5.19
N LEU A 128 -8.30 -5.82 -4.94
CA LEU A 128 -8.33 -6.37 -3.56
C LEU A 128 -7.23 -7.43 -3.44
N GLY A 129 -6.89 -7.80 -2.24
CA GLY A 129 -5.82 -8.82 -2.05
C GLY A 129 -6.08 -10.04 -2.94
N ASP A 130 -7.32 -10.35 -3.21
CA ASP A 130 -7.61 -11.54 -4.07
C ASP A 130 -8.72 -11.22 -5.08
N ASP A 131 -9.57 -10.27 -4.78
CA ASP A 131 -10.67 -9.93 -5.72
C ASP A 131 -10.34 -8.67 -6.51
N SER A 132 -10.94 -8.49 -7.65
CA SER A 132 -10.68 -7.28 -8.48
C SER A 132 -11.93 -6.42 -8.55
N LEU A 133 -11.77 -5.13 -8.71
CA LEU A 133 -12.95 -4.23 -8.78
C LEU A 133 -12.69 -3.14 -9.84
N ASN A 134 -12.08 -3.52 -10.92
CA ASN A 134 -11.77 -2.51 -11.98
C ASN A 134 -13.05 -1.74 -12.35
N ASP A 135 -12.89 -0.63 -13.04
CA ASP A 135 -14.09 0.17 -13.44
C ASP A 135 -14.89 0.55 -12.19
N CYS A 136 -14.24 1.09 -11.19
CA CYS A 136 -14.96 1.48 -9.95
C CYS A 136 -15.04 3.01 -9.86
N ARG A 137 -16.09 3.53 -9.29
CA ARG A 137 -16.23 5.00 -9.16
C ARG A 137 -15.67 5.44 -7.81
N ILE A 138 -14.99 6.56 -7.76
CA ILE A 138 -14.42 7.04 -6.47
C ILE A 138 -15.34 8.09 -5.85
N ILE A 139 -15.91 7.79 -4.71
CA ILE A 139 -16.81 8.78 -4.04
C ILE A 139 -15.99 9.92 -3.48
N PHE A 140 -14.86 9.64 -2.89
CA PHE A 140 -14.04 10.73 -2.30
C PHE A 140 -12.97 11.14 -3.31
N VAL A 141 -12.95 12.39 -3.71
CA VAL A 141 -11.93 12.86 -4.68
C VAL A 141 -10.94 13.77 -3.97
N ASP A 142 -11.11 13.98 -2.70
CA ASP A 142 -10.18 14.86 -1.94
C ASP A 142 -9.14 14.00 -1.21
N GLU A 143 -9.16 12.71 -1.42
CA GLU A 143 -8.17 11.83 -0.73
C GLU A 143 -7.37 11.06 -1.77
N VAL A 144 -6.30 11.63 -2.26
CA VAL A 144 -5.46 10.91 -3.26
C VAL A 144 -4.02 10.84 -2.75
N PHE A 145 -3.38 9.72 -2.90
CA PHE A 145 -1.97 9.59 -2.43
C PHE A 145 -1.09 9.04 -3.54
N LYS A 146 0.16 9.43 -3.54
CA LYS A 146 1.10 8.94 -4.58
C LYS A 146 1.94 7.80 -4.02
N ILE A 147 2.30 6.85 -4.84
CA ILE A 147 3.12 5.70 -4.35
C ILE A 147 4.55 5.84 -4.84
N GLU A 148 5.50 5.64 -3.97
CA GLU A 148 6.93 5.77 -4.37
C GLU A 148 7.50 4.38 -4.63
N ARG A 149 8.43 4.26 -5.55
CA ARG A 149 9.03 2.93 -5.85
C ARG A 149 10.55 3.06 -5.94
N PRO A 150 11.25 1.98 -5.81
CA PRO A 150 12.74 1.95 -5.87
C PRO A 150 13.26 2.44 -7.23
N GLY A 151 12.45 2.36 -8.24
CA GLY A 151 12.90 2.83 -9.59
C GLY A 151 13.46 1.65 -10.38
N GLU A 152 13.36 0.46 -9.84
CA GLU A 152 13.88 -0.73 -10.56
C GLU A 152 12.71 -1.53 -11.14
N THR B 1 1.68 5.42 22.64
CA THR B 1 1.16 5.95 23.94
C THR B 1 1.95 7.21 24.33
N GLY B 2 1.69 8.31 23.68
CA GLY B 2 2.42 9.55 24.02
C GLY B 2 3.65 9.69 23.12
N LYS B 3 3.77 8.83 22.14
CA LYS B 3 4.95 8.90 21.23
C LYS B 3 4.97 10.27 20.55
N GLY B 4 3.83 10.81 20.26
CA GLY B 4 3.78 12.15 19.59
C GLY B 4 3.73 11.96 18.07
N LYS B 5 3.61 10.75 17.62
CA LYS B 5 3.56 10.49 16.15
C LYS B 5 2.11 10.53 15.68
N TRP B 6 1.88 11.04 14.49
CA TRP B 6 0.48 11.10 13.97
C TRP B 6 0.29 10.02 12.91
N LYS B 7 -0.81 9.32 12.96
CA LYS B 7 -1.05 8.24 11.95
C LYS B 7 -1.99 8.77 10.86
N ARG B 8 -1.79 8.35 9.64
CA ARG B 8 -2.67 8.83 8.54
C ARG B 8 -4.11 8.41 8.85
N LYS B 9 -5.07 9.17 8.39
CA LYS B 9 -6.49 8.82 8.68
C LYS B 9 -6.93 7.67 7.77
N SER B 10 -7.50 6.65 8.34
CA SER B 10 -7.96 5.50 7.52
C SER B 10 -9.00 4.71 8.33
N ALA B 11 -10.05 4.27 7.69
CA ALA B 11 -11.08 3.49 8.43
C ALA B 11 -11.97 2.72 7.45
N GLY B 12 -12.51 1.61 7.89
CA GLY B 12 -13.39 0.81 7.00
C GLY B 12 -13.78 -0.49 7.71
N GLY B 13 -14.53 -1.34 7.06
CA GLY B 13 -14.94 -2.62 7.71
C GLY B 13 -16.03 -2.35 8.74
N GLY B 14 -16.89 -1.40 8.47
CA GLY B 14 -17.98 -1.09 9.45
C GLY B 14 -18.58 -2.40 9.97
N PRO B 15 -19.00 -3.25 9.08
CA PRO B 15 -19.61 -4.57 9.45
C PRO B 15 -18.69 -5.40 10.33
N SER B 16 -17.42 -5.17 10.26
CA SER B 16 -16.46 -5.96 11.10
C SER B 16 -15.31 -5.05 11.56
N LEU A 1 16.03 -0.74 -0.76
CA LEU A 1 15.00 0.33 -0.71
C LEU A 1 14.38 0.39 0.70
N TYR A 2 14.42 -0.70 1.41
CA TYR A 2 13.85 -0.71 2.78
C TYR A 2 14.98 -0.90 3.79
N LYS A 3 15.11 0.01 4.73
CA LYS A 3 16.19 -0.09 5.74
C LYS A 3 15.61 -0.39 7.11
N VAL A 4 16.33 -1.08 7.95
CA VAL A 4 15.80 -1.38 9.31
C VAL A 4 15.36 -0.08 9.97
N ASN A 5 14.32 -0.12 10.74
CA ASN A 5 13.82 1.11 11.42
C ASN A 5 13.45 2.15 10.35
N GLU A 6 12.94 1.71 9.24
CA GLU A 6 12.53 2.66 8.16
C GLU A 6 11.01 2.71 8.07
N TYR A 7 10.46 3.80 7.60
CA TYR A 7 8.98 3.90 7.50
C TYR A 7 8.56 3.58 6.07
N VAL A 8 7.97 2.43 5.86
CA VAL A 8 7.52 2.05 4.51
C VAL A 8 6.09 1.52 4.59
N ASP A 9 5.37 1.52 3.49
CA ASP A 9 3.97 1.02 3.52
C ASP A 9 3.94 -0.51 3.39
N ALA A 10 3.20 -1.15 4.23
CA ALA A 10 3.10 -2.65 4.17
C ALA A 10 1.66 -3.02 3.81
N ARG A 11 1.47 -4.02 3.00
CA ARG A 11 0.08 -4.40 2.60
C ARG A 11 -0.17 -5.89 2.88
N ASP A 12 -1.38 -6.22 3.24
CA ASP A 12 -1.71 -7.65 3.52
C ASP A 12 -2.22 -8.31 2.23
N THR A 13 -1.53 -9.30 1.75
CA THR A 13 -1.95 -9.99 0.51
C THR A 13 -3.35 -10.59 0.67
N ASN A 14 -3.66 -11.06 1.84
CA ASN A 14 -5.00 -11.70 2.05
C ASN A 14 -6.13 -10.69 1.83
N MET A 15 -5.97 -9.46 2.26
CA MET A 15 -7.05 -8.46 2.06
C MET A 15 -6.63 -7.43 1.01
N GLY A 16 -5.37 -7.36 0.71
CA GLY A 16 -4.89 -6.38 -0.31
C GLY A 16 -5.07 -4.96 0.25
N ALA A 17 -4.97 -4.80 1.54
CA ALA A 17 -5.15 -3.45 2.13
C ALA A 17 -3.78 -2.84 2.46
N TRP A 18 -3.65 -1.55 2.34
CA TRP A 18 -2.34 -0.90 2.63
C TRP A 18 -2.43 -0.15 3.96
N PHE A 19 -1.39 -0.19 4.75
CA PHE A 19 -1.40 0.53 6.06
C PHE A 19 0.02 0.92 6.44
N GLU A 20 0.17 1.93 7.26
CA GLU A 20 1.54 2.37 7.67
C GLU A 20 2.24 1.24 8.42
N ALA A 21 3.50 1.03 8.15
CA ALA A 21 4.26 -0.05 8.84
C ALA A 21 5.73 0.36 8.97
N GLN A 22 6.43 -0.19 9.93
CA GLN A 22 7.87 0.16 10.12
C GLN A 22 8.73 -1.07 9.77
N VAL A 23 9.91 -0.85 9.27
CA VAL A 23 10.78 -2.02 8.92
C VAL A 23 11.46 -2.54 10.19
N VAL A 24 11.32 -3.80 10.46
CA VAL A 24 11.94 -4.39 11.68
C VAL A 24 13.35 -4.87 11.37
N ARG A 25 13.53 -5.55 10.26
CA ARG A 25 14.89 -6.05 9.91
C ARG A 25 14.93 -6.45 8.43
N VAL A 26 16.09 -6.44 7.83
CA VAL A 26 16.22 -6.85 6.41
C VAL A 26 17.13 -8.08 6.34
N THR A 27 16.64 -9.17 5.84
CA THR A 27 17.49 -10.39 5.76
C THR A 27 17.13 -11.21 4.52
N ARG A 28 17.95 -12.18 4.20
CA ARG A 28 17.68 -13.02 3.00
C ARG A 28 18.16 -14.44 3.27
N LYS A 29 17.65 -15.41 2.56
CA LYS A 29 18.10 -16.81 2.79
C LYS A 29 19.07 -17.23 1.68
N ALA A 30 20.25 -17.65 2.03
CA ALA A 30 21.24 -18.08 0.99
C ALA A 30 21.57 -19.56 1.20
N PRO A 31 22.17 -20.17 0.22
CA PRO A 31 22.55 -21.61 0.28
C PRO A 31 23.73 -21.85 1.24
N SER A 32 23.67 -22.88 2.02
CA SER A 32 24.80 -23.15 2.95
C SER A 32 26.06 -23.46 2.15
N ARG A 33 25.92 -24.18 1.08
CA ARG A 33 27.11 -24.52 0.24
C ARG A 33 26.67 -24.72 -1.21
N ASP A 34 25.61 -25.46 -1.42
CA ASP A 34 25.11 -25.68 -2.80
C ASP A 34 23.69 -26.23 -2.74
N GLU A 35 23.00 -26.01 -1.65
CA GLU A 35 21.60 -26.52 -1.52
C GLU A 35 20.67 -25.36 -1.16
N PRO A 36 20.52 -24.40 -2.03
CA PRO A 36 19.64 -23.22 -1.78
C PRO A 36 18.19 -23.64 -1.52
N CYS A 37 17.50 -22.93 -0.68
CA CYS A 37 16.08 -23.28 -0.37
C CYS A 37 15.27 -23.26 -1.67
N SER A 38 15.66 -22.45 -2.62
CA SER A 38 14.92 -22.38 -3.90
C SER A 38 15.84 -22.81 -5.05
N SER A 39 15.29 -23.40 -6.07
CA SER A 39 16.13 -23.84 -7.23
C SER A 39 16.74 -22.62 -7.92
N THR A 40 16.22 -21.45 -7.64
CA THR A 40 16.76 -20.22 -8.28
C THR A 40 18.14 -19.91 -7.69
N SER A 41 18.87 -19.03 -8.33
CA SER A 41 20.23 -18.68 -7.82
C SER A 41 20.11 -18.06 -6.43
N ARG A 42 21.20 -17.96 -5.72
CA ARG A 42 21.15 -17.37 -4.35
C ARG A 42 20.81 -15.88 -4.46
N PRO A 43 20.12 -15.33 -3.48
CA PRO A 43 19.73 -13.88 -3.49
C PRO A 43 20.95 -12.96 -3.38
N ALA A 44 20.90 -11.84 -4.03
CA ALA A 44 22.07 -10.89 -3.97
C ALA A 44 21.57 -9.46 -4.17
N LEU A 45 20.50 -9.29 -4.88
CA LEU A 45 19.96 -7.92 -5.11
C LEU A 45 19.08 -7.50 -3.94
N GLU A 46 18.99 -6.23 -3.68
CA GLU A 46 18.14 -5.76 -2.55
C GLU A 46 16.72 -6.29 -2.74
N GLU A 47 16.27 -6.36 -3.97
CA GLU A 47 14.91 -6.88 -4.23
C GLU A 47 14.89 -8.40 -4.00
N ASP A 48 16.04 -9.01 -3.98
CA ASP A 48 16.11 -10.49 -3.78
C ASP A 48 16.30 -10.80 -2.29
N VAL A 49 15.92 -9.89 -1.43
CA VAL A 49 16.08 -10.14 0.05
C VAL A 49 14.72 -10.13 0.72
N ILE A 50 14.66 -10.55 1.95
CA ILE A 50 13.36 -10.60 2.68
C ILE A 50 13.31 -9.45 3.70
N TYR A 51 12.20 -8.78 3.80
CA TYR A 51 12.07 -7.66 4.77
C TYR A 51 10.99 -7.98 5.80
N HIS A 52 11.23 -7.64 7.04
CA HIS A 52 10.22 -7.91 8.10
C HIS A 52 9.63 -6.56 8.54
N VAL A 53 8.33 -6.41 8.48
CA VAL A 53 7.72 -5.13 8.89
C VAL A 53 6.54 -5.39 9.82
N LYS A 54 6.21 -4.42 10.64
CA LYS A 54 5.05 -4.58 11.57
C LYS A 54 4.03 -3.48 11.28
N TYR A 55 2.79 -3.69 11.67
CA TYR A 55 1.76 -2.65 11.40
C TYR A 55 1.61 -1.77 12.64
N ASP A 56 1.84 -0.49 12.50
CA ASP A 56 1.72 0.41 13.67
C ASP A 56 0.29 0.31 14.23
N ASP A 57 -0.68 0.22 13.37
CA ASP A 57 -2.09 0.11 13.84
C ASP A 57 -2.28 -1.20 14.61
N TYR A 58 -1.67 -2.26 14.16
CA TYR A 58 -1.82 -3.58 14.85
C TYR A 58 -0.45 -4.21 15.10
N PRO A 59 0.27 -3.73 16.08
CA PRO A 59 1.62 -4.26 16.41
C PRO A 59 1.54 -5.59 17.17
N GLU A 60 0.38 -5.92 17.69
CA GLU A 60 0.24 -7.20 18.44
C GLU A 60 0.49 -8.39 17.50
N ASN A 61 0.25 -8.22 16.23
CA ASN A 61 0.46 -9.34 15.28
C ASN A 61 1.86 -9.94 15.49
N GLY A 62 2.83 -9.12 15.81
CA GLY A 62 4.21 -9.65 16.04
C GLY A 62 5.11 -9.21 14.89
N VAL A 63 5.67 -10.14 14.16
CA VAL A 63 6.57 -9.77 13.02
C VAL A 63 6.01 -10.34 11.72
N VAL A 64 5.91 -9.51 10.71
CA VAL A 64 5.38 -9.99 9.40
C VAL A 64 6.52 -10.02 8.38
N GLN A 65 6.67 -11.11 7.67
CA GLN A 65 7.76 -11.20 6.65
C GLN A 65 7.15 -11.17 5.25
N MET A 66 7.53 -10.22 4.45
CA MET A 66 6.97 -10.16 3.06
C MET A 66 8.05 -9.71 2.09
N ASN A 67 7.83 -9.90 0.81
CA ASN A 67 8.84 -9.49 -0.20
C ASN A 67 8.67 -8.01 -0.54
N SER A 68 9.57 -7.45 -1.29
CA SER A 68 9.47 -6.01 -1.65
C SER A 68 8.21 -5.77 -2.49
N ARG A 69 7.78 -6.76 -3.23
CA ARG A 69 6.56 -6.58 -4.07
C ARG A 69 5.37 -6.17 -3.20
N ASP A 70 5.27 -6.72 -2.03
CA ASP A 70 4.11 -6.37 -1.15
C ASP A 70 4.51 -5.23 -0.20
N VAL A 71 5.72 -4.75 -0.30
CA VAL A 71 6.16 -3.64 0.59
C VAL A 71 6.63 -2.45 -0.27
N ARG A 72 6.18 -1.27 0.05
CA ARG A 72 6.60 -0.07 -0.74
C ARG A 72 6.99 1.06 0.21
N ALA A 73 7.84 1.96 -0.24
CA ALA A 73 8.26 3.09 0.63
C ALA A 73 7.05 3.92 1.02
N ARG A 74 7.06 4.51 2.18
CA ARG A 74 5.90 5.34 2.62
C ARG A 74 5.74 6.53 1.67
N ALA A 75 4.52 6.88 1.34
CA ALA A 75 4.30 8.04 0.43
C ALA A 75 4.75 9.32 1.10
N ARG A 76 5.34 10.22 0.36
CA ARG A 76 5.80 11.51 0.96
C ARG A 76 5.20 12.69 0.21
N THR A 77 4.54 12.43 -0.89
CA THR A 77 3.93 13.55 -1.68
C THR A 77 2.42 13.37 -1.78
N ILE A 78 1.68 14.42 -1.53
CA ILE A 78 0.20 14.33 -1.63
C ILE A 78 -0.27 14.94 -2.94
N ILE A 79 -1.10 14.25 -3.66
CA ILE A 79 -1.56 14.79 -4.97
C ILE A 79 -2.93 15.46 -4.80
N LYS A 80 -3.09 16.65 -5.31
CA LYS A 80 -4.39 17.37 -5.17
C LYS A 80 -5.21 17.16 -6.44
N TRP A 81 -6.48 17.46 -6.39
CA TRP A 81 -7.34 17.29 -7.60
C TRP A 81 -6.64 17.89 -8.83
N GLN A 82 -6.08 19.05 -8.69
CA GLN A 82 -5.38 19.69 -9.84
C GLN A 82 -4.16 18.87 -10.25
N ASP A 83 -3.54 18.20 -9.32
CA ASP A 83 -2.32 17.41 -9.66
C ASP A 83 -2.68 15.97 -10.05
N LEU A 84 -3.93 15.66 -10.23
CA LEU A 84 -4.29 14.26 -10.63
C LEU A 84 -4.00 14.05 -12.11
N GLU A 85 -3.44 12.91 -12.45
CA GLU A 85 -3.13 12.62 -13.87
C GLU A 85 -3.72 11.26 -14.23
N VAL A 86 -3.85 10.97 -15.50
CA VAL A 86 -4.42 9.67 -15.91
C VAL A 86 -3.28 8.69 -16.21
N GLY A 87 -3.37 7.49 -15.72
CA GLY A 87 -2.29 6.49 -15.99
C GLY A 87 -1.35 6.40 -14.79
N GLN A 88 -1.62 7.14 -13.74
CA GLN A 88 -0.73 7.07 -12.54
C GLN A 88 -1.38 6.16 -11.49
N VAL A 89 -0.58 5.52 -10.68
CA VAL A 89 -1.15 4.62 -9.64
C VAL A 89 -1.14 5.33 -8.28
N VAL A 90 -2.26 5.36 -7.61
CA VAL A 90 -2.33 6.03 -6.29
C VAL A 90 -3.10 5.13 -5.31
N MET A 91 -2.98 5.40 -4.03
CA MET A 91 -3.71 4.57 -3.02
C MET A 91 -4.80 5.41 -2.38
N LEU A 92 -5.98 4.88 -2.28
CA LEU A 92 -7.11 5.65 -1.66
C LEU A 92 -7.90 4.72 -0.75
N ASN A 93 -8.82 5.25 0.02
CA ASN A 93 -9.62 4.39 0.92
C ASN A 93 -10.86 3.89 0.20
N TYR A 94 -10.95 2.60 -0.03
CA TYR A 94 -12.14 2.03 -0.73
C TYR A 94 -12.76 0.95 0.16
N ASN A 95 -14.05 0.96 0.33
CA ASN A 95 -14.72 -0.05 1.19
C ASN A 95 -15.66 -0.91 0.35
N PRO A 96 -15.21 -2.06 -0.10
CA PRO A 96 -16.05 -2.97 -0.92
C PRO A 96 -17.41 -3.25 -0.29
N ASP A 97 -17.44 -3.47 1.00
CA ASP A 97 -18.73 -3.74 1.68
C ASP A 97 -19.63 -2.50 1.64
N ASN A 98 -19.08 -1.34 1.91
CA ASN A 98 -19.90 -0.10 1.89
C ASN A 98 -19.10 1.04 1.27
N PRO A 99 -19.04 1.09 -0.03
CA PRO A 99 -18.30 2.15 -0.77
C PRO A 99 -18.71 3.56 -0.33
N LYS A 100 -19.89 3.69 0.24
CA LYS A 100 -20.35 5.04 0.68
C LYS A 100 -19.81 5.34 2.08
N GLU A 101 -19.05 4.44 2.65
CA GLU A 101 -18.50 4.68 4.01
C GLU A 101 -16.98 4.73 3.96
N ARG A 102 -16.32 4.66 5.08
CA ARG A 102 -14.84 4.70 5.10
C ARG A 102 -14.29 3.39 4.53
N GLY A 103 -13.12 3.44 3.97
CA GLY A 103 -12.51 2.21 3.37
C GLY A 103 -11.04 2.11 3.78
N PHE A 104 -10.40 1.02 3.44
CA PHE A 104 -8.96 0.87 3.81
C PHE A 104 -8.12 1.33 2.62
N TRP A 105 -6.96 1.86 2.87
CA TRP A 105 -6.12 2.35 1.75
C TRP A 105 -5.90 1.23 0.73
N TYR A 106 -6.69 1.22 -0.32
CA TYR A 106 -6.53 0.17 -1.37
C TYR A 106 -5.81 0.77 -2.58
N ASP A 107 -4.98 0.01 -3.22
CA ASP A 107 -4.24 0.55 -4.40
C ASP A 107 -5.15 0.55 -5.63
N ALA A 108 -5.30 1.69 -6.25
CA ALA A 108 -6.18 1.80 -7.44
C ALA A 108 -5.50 2.70 -8.48
N GLU A 109 -5.85 2.56 -9.72
CA GLU A 109 -5.23 3.42 -10.77
C GLU A 109 -6.23 4.48 -11.22
N ILE A 110 -5.75 5.58 -11.73
CA ILE A 110 -6.69 6.65 -12.19
C ILE A 110 -7.16 6.32 -13.61
N SER A 111 -8.43 6.13 -13.78
CA SER A 111 -8.96 5.79 -15.13
C SER A 111 -9.31 7.08 -15.90
N ARG A 112 -10.22 7.86 -15.38
CA ARG A 112 -10.58 9.12 -16.09
C ARG A 112 -11.03 10.19 -15.10
N LYS A 113 -10.71 11.43 -15.36
CA LYS A 113 -11.12 12.52 -14.44
C LYS A 113 -12.36 13.22 -15.03
N ARG A 114 -13.35 13.48 -14.23
CA ARG A 114 -14.58 14.16 -14.76
C ARG A 114 -14.98 15.30 -13.83
N GLU A 115 -15.32 16.43 -14.39
CA GLU A 115 -15.73 17.59 -13.55
C GLU A 115 -17.16 18.00 -13.90
N THR A 116 -17.90 18.47 -12.94
CA THR A 116 -19.31 18.90 -13.20
C THR A 116 -19.44 20.39 -12.87
N ARG A 117 -20.52 21.01 -13.25
CA ARG A 117 -20.68 22.46 -12.97
C ARG A 117 -20.45 22.74 -11.49
N THR A 118 -20.94 21.89 -10.62
CA THR A 118 -20.75 22.14 -9.16
C THR A 118 -20.34 20.83 -8.46
N ALA A 119 -19.76 19.91 -9.18
CA ALA A 119 -19.35 18.63 -8.53
C ALA A 119 -18.17 18.01 -9.27
N ARG A 120 -17.42 17.16 -8.62
CA ARG A 120 -16.26 16.52 -9.29
C ARG A 120 -16.40 14.99 -9.18
N GLU A 121 -16.11 14.29 -10.25
CA GLU A 121 -16.22 12.80 -10.20
C GLU A 121 -14.95 12.18 -10.79
N LEU A 122 -14.41 11.19 -10.13
CA LEU A 122 -13.18 10.54 -10.65
C LEU A 122 -13.42 9.04 -10.87
N TYR A 123 -12.84 8.48 -11.89
CA TYR A 123 -13.02 7.02 -12.15
C TYR A 123 -11.66 6.35 -11.96
N ALA A 124 -11.62 5.27 -11.23
CA ALA A 124 -10.33 4.58 -11.01
C ALA A 124 -10.55 3.07 -10.95
N ASN A 125 -9.52 2.30 -11.17
CA ASN A 125 -9.67 0.82 -11.11
C ASN A 125 -9.09 0.33 -9.78
N VAL A 126 -9.86 -0.37 -9.00
CA VAL A 126 -9.35 -0.84 -7.69
C VAL A 126 -9.16 -2.36 -7.71
N VAL A 127 -8.06 -2.83 -7.18
CA VAL A 127 -7.80 -4.30 -7.17
C VAL A 127 -7.64 -4.79 -5.72
N LEU A 128 -8.24 -5.90 -5.40
CA LEU A 128 -8.13 -6.42 -4.02
C LEU A 128 -7.07 -7.52 -3.99
N GLY A 129 -6.58 -7.88 -2.83
CA GLY A 129 -5.53 -8.92 -2.76
C GLY A 129 -5.93 -10.12 -3.63
N ASP A 130 -7.19 -10.35 -3.82
CA ASP A 130 -7.61 -11.51 -4.66
C ASP A 130 -8.76 -11.10 -5.60
N ASP A 131 -9.71 -10.35 -5.10
CA ASP A 131 -10.85 -9.93 -5.97
C ASP A 131 -10.48 -8.66 -6.74
N SER A 132 -11.15 -8.41 -7.83
CA SER A 132 -10.85 -7.19 -8.64
C SER A 132 -12.07 -6.29 -8.68
N LEU A 133 -11.88 -5.01 -8.80
CA LEU A 133 -13.02 -4.06 -8.85
C LEU A 133 -12.70 -2.95 -9.86
N ASN A 134 -12.09 -3.31 -10.96
CA ASN A 134 -11.74 -2.29 -11.98
C ASN A 134 -12.98 -1.50 -12.37
N ASP A 135 -12.81 -0.41 -13.07
CA ASP A 135 -13.98 0.42 -13.49
C ASP A 135 -14.80 0.81 -12.25
N CYS A 136 -14.16 1.33 -11.24
CA CYS A 136 -14.90 1.73 -10.01
C CYS A 136 -14.95 3.26 -9.90
N ARG A 137 -15.82 3.77 -9.09
CA ARG A 137 -15.94 5.25 -8.93
C ARG A 137 -15.36 5.66 -7.58
N ILE A 138 -14.66 6.77 -7.53
CA ILE A 138 -14.07 7.21 -6.23
C ILE A 138 -14.94 8.31 -5.61
N ILE A 139 -15.52 8.05 -4.48
CA ILE A 139 -16.38 9.08 -3.82
C ILE A 139 -15.51 10.18 -3.21
N PHE A 140 -14.40 9.81 -2.60
CA PHE A 140 -13.53 10.83 -1.98
C PHE A 140 -12.37 11.15 -2.93
N VAL A 141 -12.29 12.37 -3.37
CA VAL A 141 -11.17 12.76 -4.29
C VAL A 141 -10.07 13.43 -3.49
N ASP A 142 -10.42 14.06 -2.39
CA ASP A 142 -9.40 14.74 -1.55
C ASP A 142 -8.38 13.74 -1.01
N GLU A 143 -8.80 12.54 -0.74
CA GLU A 143 -7.84 11.54 -0.18
C GLU A 143 -7.08 10.85 -1.32
N VAL A 144 -6.00 11.43 -1.76
CA VAL A 144 -5.19 10.81 -2.84
C VAL A 144 -3.75 10.64 -2.35
N PHE A 145 -3.15 9.50 -2.58
CA PHE A 145 -1.75 9.30 -2.11
C PHE A 145 -0.86 8.85 -3.27
N LYS A 146 0.37 9.28 -3.26
CA LYS A 146 1.31 8.90 -4.35
C LYS A 146 2.21 7.76 -3.87
N ILE A 147 2.59 6.88 -4.77
CA ILE A 147 3.46 5.74 -4.38
C ILE A 147 4.88 5.99 -4.91
N GLU A 148 5.87 5.78 -4.09
CA GLU A 148 7.27 6.01 -4.54
C GLU A 148 7.89 4.67 -4.96
N ARG A 149 8.81 4.72 -5.91
CA ARG A 149 9.46 3.46 -6.38
C ARG A 149 10.98 3.62 -6.31
N PRO A 150 11.69 2.53 -6.32
CA PRO A 150 13.18 2.54 -6.25
C PRO A 150 13.81 3.34 -7.41
N GLY A 151 13.08 3.51 -8.48
CA GLY A 151 13.63 4.28 -9.62
C GLY A 151 14.27 3.32 -10.63
N GLU A 152 14.15 2.04 -10.40
CA GLU A 152 14.76 1.04 -11.35
C GLU A 152 13.65 0.47 -12.23
N THR B 1 2.13 8.63 24.25
CA THR B 1 0.81 9.12 23.81
C THR B 1 0.62 8.83 22.32
N GLY B 2 -0.23 7.89 21.99
CA GLY B 2 -0.44 7.56 20.55
C GLY B 2 -0.84 8.82 19.79
N LYS B 3 -1.55 9.71 20.41
CA LYS B 3 -1.96 10.97 19.72
C LYS B 3 -0.72 11.71 19.24
N GLY B 4 0.35 11.65 19.98
CA GLY B 4 1.60 12.35 19.56
C GLY B 4 1.98 11.90 18.16
N LYS B 5 1.74 10.66 17.83
CA LYS B 5 2.10 10.17 16.48
C LYS B 5 0.91 10.33 15.53
N TRP B 6 1.15 10.68 14.31
CA TRP B 6 0.03 10.85 13.34
C TRP B 6 0.01 9.70 12.33
N LYS B 7 -1.13 9.13 12.10
CA LYS B 7 -1.22 8.00 11.12
C LYS B 7 -2.25 8.34 10.04
N ARG B 8 -2.08 7.81 8.86
CA ARG B 8 -3.06 8.11 7.77
C ARG B 8 -4.45 7.69 8.23
N LYS B 9 -5.47 8.41 7.82
CA LYS B 9 -6.84 8.04 8.23
C LYS B 9 -7.29 6.83 7.41
N SER B 10 -7.72 5.78 8.06
CA SER B 10 -8.17 4.58 7.31
C SER B 10 -9.25 3.86 8.12
N ALA B 11 -10.33 3.50 7.49
CA ALA B 11 -11.41 2.79 8.22
C ALA B 11 -12.38 2.15 7.22
N GLY B 12 -13.09 1.14 7.66
CA GLY B 12 -14.06 0.46 6.75
C GLY B 12 -15.48 0.94 7.06
N GLY B 13 -15.83 0.98 8.32
CA GLY B 13 -17.20 1.44 8.70
C GLY B 13 -17.32 1.48 10.22
N GLY B 14 -18.49 1.76 10.72
CA GLY B 14 -18.67 1.82 12.21
C GLY B 14 -17.97 0.62 12.85
N PRO B 15 -18.46 -0.56 12.61
CA PRO B 15 -17.88 -1.81 13.18
C PRO B 15 -16.42 -2.03 12.72
N SER B 16 -16.06 -1.45 11.61
CA SER B 16 -14.66 -1.63 11.11
C SER B 16 -13.80 -0.46 11.57
N LEU A 1 15.31 -2.77 -0.46
CA LEU A 1 15.94 -1.42 -0.62
C LEU A 1 15.62 -0.56 0.60
N TYR A 2 15.07 -1.16 1.63
CA TYR A 2 14.73 -0.38 2.86
C TYR A 2 15.71 -0.76 3.98
N LYS A 3 15.95 0.15 4.88
CA LYS A 3 16.90 -0.16 6.00
C LYS A 3 16.15 -0.28 7.33
N VAL A 4 16.74 -0.95 8.28
CA VAL A 4 16.07 -1.12 9.60
C VAL A 4 15.61 0.25 10.11
N ASN A 5 14.48 0.28 10.77
CA ASN A 5 13.94 1.57 11.30
C ASN A 5 13.49 2.46 10.14
N GLU A 6 13.25 1.89 8.99
CA GLU A 6 12.79 2.71 7.83
C GLU A 6 11.26 2.73 7.83
N TYR A 7 10.66 3.76 7.31
CA TYR A 7 9.17 3.82 7.29
C TYR A 7 8.66 3.38 5.92
N VAL A 8 8.06 2.22 5.85
CA VAL A 8 7.53 1.72 4.56
C VAL A 8 6.10 1.20 4.75
N ASP A 9 5.34 1.13 3.69
CA ASP A 9 3.95 0.62 3.82
C ASP A 9 3.94 -0.90 3.59
N ALA A 10 3.15 -1.61 4.36
CA ALA A 10 3.08 -3.10 4.18
C ALA A 10 1.67 -3.47 3.72
N ARG A 11 1.57 -4.41 2.82
CA ARG A 11 0.22 -4.81 2.31
C ARG A 11 -0.08 -6.25 2.69
N ASP A 12 -1.32 -6.53 3.01
CA ASP A 12 -1.69 -7.93 3.37
C ASP A 12 -2.19 -8.63 2.09
N THR A 13 -1.43 -9.55 1.58
CA THR A 13 -1.83 -10.25 0.34
C THR A 13 -3.21 -10.90 0.51
N ASN A 14 -3.52 -11.40 1.67
CA ASN A 14 -4.83 -12.07 1.88
C ASN A 14 -6.00 -11.09 1.66
N MET A 15 -5.86 -9.87 2.10
CA MET A 15 -6.98 -8.89 1.91
C MET A 15 -6.59 -7.84 0.85
N GLY A 16 -5.32 -7.75 0.55
CA GLY A 16 -4.88 -6.74 -0.46
C GLY A 16 -5.04 -5.35 0.13
N ALA A 17 -4.97 -5.21 1.42
CA ALA A 17 -5.13 -3.86 2.04
C ALA A 17 -3.76 -3.29 2.40
N TRP A 18 -3.61 -1.99 2.31
CA TRP A 18 -2.31 -1.37 2.64
C TRP A 18 -2.43 -0.60 3.97
N PHE A 19 -1.42 -0.67 4.80
CA PHE A 19 -1.47 0.06 6.09
C PHE A 19 -0.06 0.53 6.48
N GLU A 20 0.02 1.53 7.31
CA GLU A 20 1.36 2.04 7.72
C GLU A 20 2.16 0.92 8.40
N ALA A 21 3.43 0.83 8.10
CA ALA A 21 4.27 -0.23 8.72
C ALA A 21 5.71 0.28 8.87
N GLN A 22 6.43 -0.24 9.83
CA GLN A 22 7.85 0.21 10.02
C GLN A 22 8.78 -0.99 9.81
N VAL A 23 10.01 -0.73 9.44
CA VAL A 23 10.97 -1.86 9.24
C VAL A 23 11.68 -2.14 10.55
N VAL A 24 11.74 -3.38 10.96
CA VAL A 24 12.40 -3.73 12.24
C VAL A 24 13.70 -4.49 11.95
N ARG A 25 13.66 -5.42 11.04
CA ARG A 25 14.90 -6.21 10.74
C ARG A 25 14.89 -6.65 9.28
N VAL A 26 16.05 -6.83 8.70
CA VAL A 26 16.14 -7.29 7.29
C VAL A 26 17.12 -8.45 7.20
N THR A 27 16.74 -9.52 6.57
CA THR A 27 17.66 -10.68 6.46
C THR A 27 17.43 -11.40 5.13
N ARG A 28 18.26 -12.35 4.81
CA ARG A 28 18.09 -13.09 3.53
C ARG A 28 18.49 -14.55 3.71
N LYS A 29 17.97 -15.44 2.91
CA LYS A 29 18.33 -16.88 3.04
C LYS A 29 19.27 -17.27 1.90
N ALA A 30 20.32 -17.99 2.22
CA ALA A 30 21.28 -18.41 1.16
C ALA A 30 21.28 -19.95 1.05
N PRO A 31 21.74 -20.46 -0.05
CA PRO A 31 21.81 -21.93 -0.30
C PRO A 31 22.92 -22.60 0.51
N SER A 32 22.66 -23.75 1.06
CA SER A 32 23.72 -24.44 1.84
C SER A 32 24.88 -24.79 0.90
N ARG A 33 24.56 -25.23 -0.28
CA ARG A 33 25.63 -25.57 -1.27
C ARG A 33 25.20 -25.12 -2.65
N ASP A 34 24.29 -25.84 -3.27
CA ASP A 34 23.82 -25.45 -4.63
C ASP A 34 22.34 -25.82 -4.77
N GLU A 35 21.67 -26.07 -3.68
CA GLU A 35 20.23 -26.45 -3.76
C GLU A 35 19.39 -25.50 -2.88
N PRO A 36 19.32 -24.24 -3.25
CA PRO A 36 18.53 -23.24 -2.47
C PRO A 36 17.08 -23.69 -2.25
N CYS A 37 16.53 -23.41 -1.11
CA CYS A 37 15.13 -23.82 -0.84
C CYS A 37 14.20 -23.17 -1.87
N SER A 38 14.54 -22.01 -2.35
CA SER A 38 13.67 -21.33 -3.36
C SER A 38 14.39 -21.26 -4.70
N SER A 39 13.66 -21.18 -5.77
CA SER A 39 14.30 -21.12 -7.12
C SER A 39 14.67 -19.66 -7.43
N THR A 40 14.53 -18.78 -6.48
CA THR A 40 14.87 -17.35 -6.72
C THR A 40 16.39 -17.20 -6.82
N SER A 41 16.85 -16.10 -7.35
CA SER A 41 18.32 -15.88 -7.49
C SER A 41 18.97 -15.93 -6.11
N ARG A 42 20.24 -16.22 -6.07
CA ARG A 42 20.95 -16.29 -4.76
C ARG A 42 21.03 -14.89 -4.14
N PRO A 43 21.03 -14.79 -2.84
CA PRO A 43 21.10 -13.47 -2.15
C PRO A 43 22.32 -12.66 -2.60
N ALA A 44 22.15 -11.38 -2.74
CA ALA A 44 23.29 -10.52 -3.18
C ALA A 44 22.79 -9.10 -3.44
N LEU A 45 21.63 -8.97 -4.03
CA LEU A 45 21.08 -7.63 -4.32
C LEU A 45 20.14 -7.21 -3.17
N GLU A 46 19.99 -5.94 -2.95
CA GLU A 46 19.09 -5.49 -1.85
C GLU A 46 17.70 -6.05 -2.08
N GLU A 47 17.29 -6.17 -3.31
CA GLU A 47 15.94 -6.72 -3.61
C GLU A 47 15.96 -8.25 -3.42
N ASP A 48 17.14 -8.82 -3.36
CA ASP A 48 17.25 -10.29 -3.19
C ASP A 48 17.29 -10.64 -1.70
N VAL A 49 16.83 -9.76 -0.85
CA VAL A 49 16.84 -10.05 0.62
C VAL A 49 15.42 -9.99 1.17
N ILE A 50 15.23 -10.43 2.39
CA ILE A 50 13.88 -10.42 2.99
C ILE A 50 13.79 -9.27 4.00
N TYR A 51 12.66 -8.61 4.06
CA TYR A 51 12.51 -7.47 5.02
C TYR A 51 11.42 -7.79 6.05
N HIS A 52 11.66 -7.45 7.28
CA HIS A 52 10.64 -7.71 8.34
C HIS A 52 10.00 -6.38 8.75
N VAL A 53 8.70 -6.28 8.63
CA VAL A 53 8.02 -5.01 8.99
C VAL A 53 6.87 -5.31 9.96
N LYS A 54 6.44 -4.31 10.70
CA LYS A 54 5.33 -4.53 11.67
C LYS A 54 4.22 -3.50 11.37
N TYR A 55 3.00 -3.80 11.74
CA TYR A 55 1.90 -2.84 11.47
C TYR A 55 1.72 -1.94 12.68
N ASP A 56 1.94 -0.66 12.52
CA ASP A 56 1.78 0.27 13.66
C ASP A 56 0.34 0.24 14.15
N ASP A 57 -0.60 0.17 13.25
CA ASP A 57 -2.04 0.15 13.66
C ASP A 57 -2.34 -1.11 14.49
N TYR A 58 -1.76 -2.22 14.12
CA TYR A 58 -2.02 -3.48 14.87
C TYR A 58 -0.69 -4.15 15.27
N PRO A 59 -0.04 -3.64 16.29
CA PRO A 59 1.25 -4.21 16.76
C PRO A 59 1.06 -5.53 17.50
N GLU A 60 -0.12 -5.77 18.02
CA GLU A 60 -0.38 -7.04 18.75
C GLU A 60 -0.23 -8.22 17.79
N ASN A 61 -0.52 -8.03 16.54
CA ASN A 61 -0.40 -9.14 15.56
C ASN A 61 0.97 -9.81 15.68
N GLY A 62 1.99 -9.04 15.99
CA GLY A 62 3.35 -9.62 16.13
C GLY A 62 4.26 -9.08 15.02
N VAL A 63 5.20 -9.86 14.58
CA VAL A 63 6.12 -9.38 13.49
C VAL A 63 5.79 -10.12 12.19
N VAL A 64 5.62 -9.39 11.12
CA VAL A 64 5.29 -10.03 9.81
C VAL A 64 6.48 -9.93 8.87
N GLN A 65 6.77 -11.00 8.15
CA GLN A 65 7.94 -10.97 7.21
C GLN A 65 7.42 -11.06 5.77
N MET A 66 7.80 -10.15 4.92
CA MET A 66 7.33 -10.21 3.51
C MET A 66 8.47 -9.80 2.57
N ASN A 67 8.29 -10.01 1.29
CA ASN A 67 9.35 -9.64 0.31
C ASN A 67 9.18 -8.18 -0.12
N SER A 68 10.11 -7.66 -0.86
CA SER A 68 10.00 -6.25 -1.32
C SER A 68 8.78 -6.06 -2.22
N ARG A 69 8.40 -7.08 -2.95
CA ARG A 69 7.23 -6.96 -3.85
C ARG A 69 5.98 -6.57 -3.04
N ASP A 70 5.86 -7.06 -1.84
CA ASP A 70 4.65 -6.72 -1.02
C ASP A 70 4.97 -5.55 -0.10
N VAL A 71 6.15 -5.00 -0.18
CA VAL A 71 6.52 -3.85 0.68
C VAL A 71 6.88 -2.64 -0.19
N ARG A 72 6.34 -1.50 0.10
CA ARG A 72 6.65 -0.28 -0.71
C ARG A 72 6.97 0.89 0.22
N ALA A 73 7.75 1.83 -0.24
CA ALA A 73 8.10 3.01 0.60
C ALA A 73 6.83 3.76 0.98
N ARG A 74 6.80 4.36 2.14
CA ARG A 74 5.58 5.10 2.56
C ARG A 74 5.42 6.35 1.68
N ALA A 75 4.20 6.68 1.32
CA ALA A 75 3.97 7.88 0.47
C ALA A 75 4.43 9.13 1.22
N ARG A 76 5.00 10.08 0.52
CA ARG A 76 5.47 11.32 1.19
C ARG A 76 4.77 12.54 0.59
N THR A 77 4.41 12.46 -0.66
CA THR A 77 3.75 13.63 -1.31
C THR A 77 2.25 13.39 -1.47
N ILE A 78 1.45 14.36 -1.11
CA ILE A 78 -0.02 14.21 -1.24
C ILE A 78 -0.50 14.94 -2.50
N ILE A 79 -1.28 14.30 -3.31
CA ILE A 79 -1.76 14.97 -4.56
C ILE A 79 -3.16 15.54 -4.33
N LYS A 80 -3.37 16.78 -4.71
CA LYS A 80 -4.70 17.41 -4.52
C LYS A 80 -5.51 17.26 -5.81
N TRP A 81 -6.81 17.46 -5.74
CA TRP A 81 -7.65 17.32 -6.96
C TRP A 81 -7.00 18.07 -8.14
N GLN A 82 -6.50 19.24 -7.90
CA GLN A 82 -5.85 20.01 -9.00
C GLN A 82 -4.59 19.30 -9.48
N ASP A 83 -3.93 18.58 -8.61
CA ASP A 83 -2.67 17.89 -9.01
C ASP A 83 -2.93 16.44 -9.44
N LEU A 84 -4.16 16.04 -9.59
CA LEU A 84 -4.42 14.62 -10.02
C LEU A 84 -4.12 14.47 -11.51
N GLU A 85 -3.48 13.39 -11.87
CA GLU A 85 -3.15 13.15 -13.31
C GLU A 85 -3.69 11.78 -13.72
N VAL A 86 -3.80 11.53 -14.99
CA VAL A 86 -4.31 10.22 -15.45
C VAL A 86 -3.15 9.28 -15.77
N GLY A 87 -3.22 8.06 -15.33
CA GLY A 87 -2.11 7.10 -15.60
C GLY A 87 -1.17 7.03 -14.39
N GLN A 88 -1.47 7.75 -13.34
CA GLN A 88 -0.59 7.71 -12.15
C GLN A 88 -1.15 6.70 -11.14
N VAL A 89 -0.30 6.03 -10.41
CA VAL A 89 -0.80 5.03 -9.43
C VAL A 89 -0.94 5.70 -8.06
N VAL A 90 -2.09 5.60 -7.45
CA VAL A 90 -2.30 6.24 -6.13
C VAL A 90 -3.00 5.26 -5.19
N MET A 91 -2.94 5.49 -3.91
CA MET A 91 -3.62 4.58 -2.94
C MET A 91 -4.78 5.34 -2.29
N LEU A 92 -5.92 4.71 -2.19
CA LEU A 92 -7.09 5.40 -1.58
C LEU A 92 -7.86 4.40 -0.70
N ASN A 93 -8.81 4.88 0.06
CA ASN A 93 -9.59 3.96 0.94
C ASN A 93 -10.79 3.44 0.16
N TYR A 94 -10.88 2.16 -0.02
CA TYR A 94 -12.03 1.58 -0.76
C TYR A 94 -12.65 0.45 0.06
N ASN A 95 -13.96 0.40 0.14
CA ASN A 95 -14.62 -0.67 0.95
C ASN A 95 -15.49 -1.53 0.03
N PRO A 96 -14.96 -2.63 -0.47
CA PRO A 96 -15.72 -3.53 -1.38
C PRO A 96 -17.08 -3.96 -0.80
N ASP A 97 -17.12 -4.27 0.47
CA ASP A 97 -18.42 -4.68 1.08
C ASP A 97 -19.40 -3.52 1.06
N ASN A 98 -18.95 -2.35 1.42
CA ASN A 98 -19.87 -1.17 1.43
C ASN A 98 -19.12 0.07 0.90
N PRO A 99 -19.02 0.21 -0.39
CA PRO A 99 -18.32 1.36 -1.02
C PRO A 99 -18.81 2.71 -0.50
N LYS A 100 -20.00 2.75 0.04
CA LYS A 100 -20.54 4.04 0.56
C LYS A 100 -20.03 4.26 1.99
N GLU A 101 -19.23 3.37 2.50
CA GLU A 101 -18.70 3.52 3.89
C GLU A 101 -17.18 3.71 3.85
N ARG A 102 -16.55 3.67 5.00
CA ARG A 102 -15.08 3.85 5.05
C ARG A 102 -14.40 2.60 4.47
N GLY A 103 -13.23 2.75 3.93
CA GLY A 103 -12.52 1.59 3.32
C GLY A 103 -11.05 1.57 3.77
N PHE A 104 -10.34 0.53 3.41
CA PHE A 104 -8.91 0.45 3.79
C PHE A 104 -8.06 0.97 2.62
N TRP A 105 -6.90 1.50 2.90
CA TRP A 105 -6.07 2.03 1.79
C TRP A 105 -5.83 0.93 0.74
N TYR A 106 -6.59 0.94 -0.32
CA TYR A 106 -6.40 -0.09 -1.38
C TYR A 106 -5.67 0.55 -2.57
N ASP A 107 -4.75 -0.16 -3.15
CA ASP A 107 -4.00 0.41 -4.31
C ASP A 107 -4.92 0.55 -5.52
N ALA A 108 -4.90 1.68 -6.16
CA ALA A 108 -5.76 1.89 -7.35
C ALA A 108 -5.11 2.92 -8.28
N GLU A 109 -5.41 2.86 -9.55
CA GLU A 109 -4.80 3.82 -10.51
C GLU A 109 -5.88 4.80 -11.00
N ILE A 110 -5.49 5.97 -11.43
CA ILE A 110 -6.50 6.95 -11.92
C ILE A 110 -6.95 6.54 -13.33
N SER A 111 -8.20 6.23 -13.49
CA SER A 111 -8.69 5.82 -14.83
C SER A 111 -9.14 7.05 -15.62
N ARG A 112 -10.20 7.70 -15.19
CA ARG A 112 -10.68 8.90 -15.94
C ARG A 112 -11.18 9.95 -14.96
N LYS A 113 -10.91 11.20 -15.23
CA LYS A 113 -11.39 12.28 -14.32
C LYS A 113 -12.57 13.00 -14.99
N ARG A 114 -13.64 13.19 -14.28
CA ARG A 114 -14.81 13.88 -14.88
C ARG A 114 -15.35 14.93 -13.91
N GLU A 115 -15.67 16.10 -14.40
CA GLU A 115 -16.19 17.18 -13.51
C GLU A 115 -17.58 17.61 -13.99
N THR A 116 -18.44 17.99 -13.08
CA THR A 116 -19.81 18.43 -13.48
C THR A 116 -19.97 19.91 -13.12
N ARG A 117 -20.99 20.55 -13.62
CA ARG A 117 -21.18 21.99 -13.33
C ARG A 117 -21.20 22.23 -11.81
N THR A 118 -21.81 21.36 -11.07
CA THR A 118 -21.87 21.55 -9.58
C THR A 118 -21.49 20.25 -8.86
N ALA A 119 -20.77 19.37 -9.51
CA ALA A 119 -20.39 18.10 -8.84
C ALA A 119 -19.07 17.57 -9.41
N ARG A 120 -18.38 16.75 -8.69
CA ARG A 120 -17.09 16.19 -9.18
C ARG A 120 -17.17 14.66 -9.19
N GLU A 121 -16.64 14.03 -10.20
CA GLU A 121 -16.67 12.54 -10.25
C GLU A 121 -15.28 12.03 -10.61
N LEU A 122 -14.84 10.99 -9.97
CA LEU A 122 -13.48 10.44 -10.26
C LEU A 122 -13.58 8.95 -10.59
N TYR A 123 -12.90 8.51 -11.62
CA TYR A 123 -12.94 7.06 -11.97
C TYR A 123 -11.55 6.47 -11.75
N ALA A 124 -11.48 5.35 -11.09
CA ALA A 124 -10.14 4.73 -10.84
C ALA A 124 -10.25 3.21 -10.90
N ASN A 125 -9.17 2.53 -11.11
CA ASN A 125 -9.20 1.04 -11.16
C ASN A 125 -8.64 0.50 -9.84
N VAL A 126 -9.40 -0.32 -9.16
CA VAL A 126 -8.92 -0.87 -7.85
C VAL A 126 -8.68 -2.37 -7.98
N VAL A 127 -7.58 -2.85 -7.45
CA VAL A 127 -7.28 -4.31 -7.53
C VAL A 127 -7.17 -4.88 -6.11
N LEU A 128 -7.74 -6.04 -5.88
CA LEU A 128 -7.67 -6.64 -4.53
C LEU A 128 -6.57 -7.71 -4.52
N GLY A 129 -6.13 -8.11 -3.36
CA GLY A 129 -5.05 -9.14 -3.28
C GLY A 129 -5.34 -10.27 -4.28
N ASP A 130 -6.59 -10.54 -4.55
CA ASP A 130 -6.91 -11.63 -5.51
C ASP A 130 -8.03 -11.20 -6.46
N ASP A 131 -9.01 -10.52 -5.95
CA ASP A 131 -10.14 -10.07 -6.82
C ASP A 131 -9.77 -8.74 -7.50
N SER A 132 -10.40 -8.43 -8.60
CA SER A 132 -10.10 -7.15 -9.30
C SER A 132 -11.35 -6.26 -9.32
N LEU A 133 -11.17 -4.98 -9.38
CA LEU A 133 -12.34 -4.06 -9.38
C LEU A 133 -12.06 -2.90 -10.34
N ASN A 134 -11.42 -3.19 -11.45
CA ASN A 134 -11.10 -2.11 -12.44
C ASN A 134 -12.38 -1.37 -12.81
N ASP A 135 -12.24 -0.20 -13.38
CA ASP A 135 -13.45 0.59 -13.78
C ASP A 135 -14.35 0.80 -12.57
N CYS A 136 -13.79 1.26 -11.48
CA CYS A 136 -14.61 1.49 -10.25
C CYS A 136 -14.72 3.00 -9.98
N ARG A 137 -15.79 3.43 -9.39
CA ARG A 137 -15.95 4.88 -9.09
C ARG A 137 -15.43 5.17 -7.68
N ILE A 138 -14.78 6.29 -7.50
CA ILE A 138 -14.24 6.62 -6.16
C ILE A 138 -15.13 7.67 -5.49
N ILE A 139 -15.73 7.33 -4.38
CA ILE A 139 -16.62 8.31 -3.68
C ILE A 139 -15.77 9.41 -3.04
N PHE A 140 -14.67 9.07 -2.42
CA PHE A 140 -13.83 10.11 -1.78
C PHE A 140 -12.67 10.48 -2.69
N VAL A 141 -12.65 11.70 -3.18
CA VAL A 141 -11.55 12.13 -4.08
C VAL A 141 -10.50 12.87 -3.26
N ASP A 142 -10.90 13.47 -2.17
CA ASP A 142 -9.93 14.22 -1.32
C ASP A 142 -8.85 13.28 -0.79
N GLU A 143 -9.19 12.05 -0.53
CA GLU A 143 -8.16 11.10 0.00
C GLU A 143 -7.35 10.50 -1.14
N VAL A 144 -6.30 11.17 -1.54
CA VAL A 144 -5.46 10.64 -2.65
C VAL A 144 -4.01 10.51 -2.15
N PHE A 145 -3.36 9.42 -2.45
CA PHE A 145 -1.95 9.25 -1.97
C PHE A 145 -1.06 8.82 -3.14
N LYS A 146 0.16 9.29 -3.16
CA LYS A 146 1.09 8.92 -4.26
C LYS A 146 2.02 7.80 -3.77
N ILE A 147 2.40 6.91 -4.65
CA ILE A 147 3.30 5.79 -4.24
C ILE A 147 4.72 6.07 -4.75
N GLU A 148 5.70 5.90 -3.91
CA GLU A 148 7.10 6.17 -4.33
C GLU A 148 7.78 4.84 -4.67
N ARG A 149 8.71 4.88 -5.60
CA ARG A 149 9.43 3.63 -5.98
C ARG A 149 10.93 3.89 -6.02
N PRO A 150 11.71 2.85 -5.98
CA PRO A 150 13.20 2.96 -6.00
C PRO A 150 13.71 3.67 -7.26
N GLY A 151 12.89 3.73 -8.29
CA GLY A 151 13.33 4.40 -9.53
C GLY A 151 13.92 3.37 -10.50
N GLU A 152 13.83 2.11 -10.16
CA GLU A 152 14.39 1.06 -11.05
C GLU A 152 13.47 -0.16 -11.03
N THR B 1 0.26 8.10 23.12
CA THR B 1 1.67 7.99 22.65
C THR B 1 1.70 7.96 21.12
N GLY B 2 2.76 8.44 20.52
CA GLY B 2 2.83 8.44 19.03
C GLY B 2 2.28 9.76 18.49
N LYS B 3 1.98 10.69 19.35
CA LYS B 3 1.44 11.99 18.88
C LYS B 3 2.43 12.64 17.91
N GLY B 4 3.70 12.52 18.18
CA GLY B 4 4.72 13.12 17.28
C GLY B 4 4.52 12.58 15.85
N LYS B 5 4.14 11.34 15.73
CA LYS B 5 3.94 10.75 14.38
C LYS B 5 2.44 10.72 14.06
N TRP B 6 2.07 10.98 12.84
CA TRP B 6 0.62 10.95 12.47
C TRP B 6 0.34 9.71 11.63
N LYS B 7 -0.76 9.05 11.88
CA LYS B 7 -1.09 7.82 11.10
C LYS B 7 -2.16 8.15 10.06
N ARG B 8 -2.12 7.51 8.92
CA ARG B 8 -3.15 7.78 7.88
C ARG B 8 -4.51 7.28 8.39
N LYS B 9 -5.57 7.92 7.98
CA LYS B 9 -6.92 7.49 8.45
C LYS B 9 -7.38 6.29 7.61
N SER B 10 -7.84 5.25 8.26
CA SER B 10 -8.32 4.06 7.51
C SER B 10 -9.52 3.44 8.24
N ALA B 11 -10.39 2.80 7.53
CA ALA B 11 -11.57 2.18 8.19
C ALA B 11 -12.43 1.45 7.16
N GLY B 12 -13.07 0.38 7.56
CA GLY B 12 -13.93 -0.39 6.62
C GLY B 12 -15.40 -0.17 6.98
N GLY B 13 -15.72 -0.20 8.25
CA GLY B 13 -17.14 0.00 8.66
C GLY B 13 -17.43 1.51 8.76
N GLY B 14 -18.62 1.85 9.21
CA GLY B 14 -18.98 3.30 9.33
C GLY B 14 -19.17 3.65 10.80
N PRO B 15 -19.42 4.89 11.10
CA PRO B 15 -19.63 5.37 12.49
C PRO B 15 -20.69 4.53 13.24
N SER B 16 -21.58 3.91 12.51
CA SER B 16 -22.63 3.09 13.17
C SER B 16 -23.37 2.27 12.11
N LEU A 1 15.91 -2.56 0.26
CA LEU A 1 15.78 -1.13 -0.11
C LEU A 1 15.39 -0.31 1.13
N TYR A 2 14.86 -0.96 2.13
CA TYR A 2 14.45 -0.23 3.36
C TYR A 2 15.33 -0.67 4.54
N LYS A 3 15.50 0.18 5.52
CA LYS A 3 16.36 -0.19 6.69
C LYS A 3 15.51 -0.38 7.94
N VAL A 4 16.01 -1.11 8.89
CA VAL A 4 15.24 -1.37 10.15
C VAL A 4 14.85 -0.05 10.81
N ASN A 5 13.68 0.00 11.38
CA ASN A 5 13.20 1.25 12.06
C ASN A 5 12.80 2.29 11.01
N GLU A 6 12.66 1.88 9.78
CA GLU A 6 12.24 2.83 8.72
C GLU A 6 10.73 2.83 8.60
N TYR A 7 10.15 3.92 8.15
CA TYR A 7 8.67 3.96 8.01
C TYR A 7 8.28 3.60 6.58
N VAL A 8 7.76 2.42 6.39
CA VAL A 8 7.35 1.98 5.02
C VAL A 8 5.94 1.41 5.08
N ASP A 9 5.25 1.38 3.96
CA ASP A 9 3.88 0.82 3.96
C ASP A 9 3.92 -0.68 3.65
N ALA A 10 3.11 -1.45 4.33
CA ALA A 10 3.08 -2.92 4.07
C ALA A 10 1.71 -3.29 3.51
N ARG A 11 1.67 -4.17 2.55
CA ARG A 11 0.36 -4.56 1.95
C ARG A 11 -0.01 -5.98 2.36
N ASP A 12 -1.26 -6.22 2.65
CA ASP A 12 -1.70 -7.58 3.01
C ASP A 12 -2.15 -8.29 1.74
N THR A 13 -1.39 -9.22 1.24
CA THR A 13 -1.78 -9.92 -0.01
C THR A 13 -3.15 -10.59 0.17
N ASN A 14 -3.51 -10.96 1.37
CA ASN A 14 -4.82 -11.62 1.58
C ASN A 14 -5.98 -10.69 1.21
N MET A 15 -5.89 -9.43 1.56
CA MET A 15 -7.00 -8.48 1.23
C MET A 15 -6.51 -7.43 0.22
N GLY A 16 -5.23 -7.29 0.08
CA GLY A 16 -4.69 -6.27 -0.86
C GLY A 16 -4.85 -4.89 -0.25
N ALA A 17 -4.87 -4.80 1.05
CA ALA A 17 -5.03 -3.47 1.71
C ALA A 17 -3.67 -2.96 2.18
N TRP A 18 -3.47 -1.66 2.14
CA TRP A 18 -2.17 -1.09 2.59
C TRP A 18 -2.37 -0.34 3.91
N PHE A 19 -1.42 -0.45 4.81
CA PHE A 19 -1.56 0.26 6.11
C PHE A 19 -0.17 0.73 6.58
N GLU A 20 -0.13 1.71 7.45
CA GLU A 20 1.18 2.21 7.95
C GLU A 20 1.91 1.09 8.70
N ALA A 21 3.19 0.93 8.44
CA ALA A 21 3.96 -0.14 9.14
C ALA A 21 5.41 0.31 9.29
N GLN A 22 6.12 -0.25 10.23
CA GLN A 22 7.56 0.13 10.42
C GLN A 22 8.45 -1.09 10.22
N VAL A 23 9.68 -0.88 9.84
CA VAL A 23 10.60 -2.02 9.64
C VAL A 23 11.19 -2.45 10.99
N VAL A 24 11.06 -3.70 11.32
CA VAL A 24 11.60 -4.17 12.63
C VAL A 24 12.89 -4.96 12.39
N ARG A 25 12.96 -5.72 11.34
CA ARG A 25 14.20 -6.51 11.07
C ARG A 25 14.32 -6.80 9.57
N VAL A 26 15.53 -6.90 9.08
CA VAL A 26 15.75 -7.22 7.64
C VAL A 26 16.62 -8.47 7.57
N THR A 27 16.20 -9.46 6.85
CA THR A 27 17.02 -10.71 6.78
C THR A 27 16.88 -11.34 5.39
N ARG A 28 17.66 -12.36 5.13
CA ARG A 28 17.58 -13.05 3.81
C ARG A 28 17.42 -14.54 4.05
N LYS A 29 16.83 -15.26 3.12
CA LYS A 29 16.68 -16.73 3.30
C LYS A 29 17.40 -17.48 2.18
N ALA A 30 18.26 -18.40 2.53
CA ALA A 30 19.01 -19.18 1.49
C ALA A 30 18.60 -20.64 1.61
N PRO A 31 18.91 -21.43 0.61
CA PRO A 31 18.57 -22.88 0.59
C PRO A 31 19.41 -23.69 1.59
N SER A 32 18.79 -24.58 2.31
CA SER A 32 19.57 -25.42 3.27
C SER A 32 20.08 -26.63 2.50
N ARG A 33 19.29 -27.08 1.56
CA ARG A 33 19.68 -28.26 0.73
C ARG A 33 18.58 -28.52 -0.30
N ASP A 34 17.39 -28.02 -0.07
CA ASP A 34 16.28 -28.25 -1.03
C ASP A 34 16.55 -27.53 -2.36
N GLU A 35 16.90 -26.26 -2.32
CA GLU A 35 17.15 -25.52 -3.61
C GLU A 35 18.48 -24.75 -3.53
N PRO A 36 19.55 -25.46 -3.39
CA PRO A 36 20.93 -24.88 -3.32
C PRO A 36 21.13 -23.76 -4.35
N CYS A 37 22.13 -22.95 -4.16
CA CYS A 37 22.39 -21.84 -5.12
C CYS A 37 22.39 -22.38 -6.55
N SER A 38 22.82 -23.59 -6.74
CA SER A 38 22.84 -24.17 -8.11
C SER A 38 21.42 -24.19 -8.69
N SER A 39 20.45 -24.58 -7.90
CA SER A 39 19.05 -24.63 -8.42
C SER A 39 18.47 -23.22 -8.51
N THR A 40 18.74 -22.38 -7.56
CA THR A 40 18.20 -20.99 -7.61
C THR A 40 19.31 -19.99 -7.28
N SER A 41 19.11 -18.74 -7.61
CA SER A 41 20.16 -17.72 -7.33
C SER A 41 20.28 -17.53 -5.81
N ARG A 42 21.39 -17.00 -5.36
CA ARG A 42 21.56 -16.79 -3.88
C ARG A 42 21.33 -15.31 -3.56
N PRO A 43 20.82 -15.02 -2.39
CA PRO A 43 20.57 -13.60 -1.98
C PRO A 43 21.86 -12.79 -1.90
N ALA A 44 21.81 -11.54 -2.27
CA ALA A 44 23.03 -10.69 -2.22
C ALA A 44 22.64 -9.22 -2.39
N LEU A 45 21.63 -8.96 -3.17
CA LEU A 45 21.19 -7.55 -3.38
C LEU A 45 20.17 -7.18 -2.31
N GLU A 46 20.08 -5.92 -1.98
CA GLU A 46 19.10 -5.50 -0.94
C GLU A 46 17.70 -5.93 -1.37
N GLU A 47 17.43 -5.91 -2.64
CA GLU A 47 16.08 -6.33 -3.14
C GLU A 47 15.98 -7.85 -3.07
N ASP A 48 17.10 -8.53 -2.96
CA ASP A 48 17.07 -10.01 -2.89
C ASP A 48 17.04 -10.48 -1.43
N VAL A 49 16.56 -9.64 -0.54
CA VAL A 49 16.51 -10.04 0.90
C VAL A 49 15.06 -9.99 1.38
N ILE A 50 14.81 -10.51 2.55
CA ILE A 50 13.42 -10.51 3.08
C ILE A 50 13.32 -9.44 4.17
N TYR A 51 12.20 -8.77 4.25
CA TYR A 51 12.05 -7.69 5.26
C TYR A 51 10.94 -8.04 6.25
N HIS A 52 11.15 -7.73 7.50
CA HIS A 52 10.12 -8.01 8.54
C HIS A 52 9.45 -6.69 8.90
N VAL A 53 8.15 -6.61 8.75
CA VAL A 53 7.45 -5.32 9.07
C VAL A 53 6.27 -5.59 10.00
N LYS A 54 5.90 -4.60 10.77
CA LYS A 54 4.74 -4.76 11.69
C LYS A 54 3.76 -3.61 11.46
N TYR A 55 2.49 -3.85 11.68
CA TYR A 55 1.49 -2.76 11.46
C TYR A 55 1.28 -2.01 12.76
N ASP A 56 1.50 -0.72 12.76
CA ASP A 56 1.31 0.08 14.00
C ASP A 56 -0.14 -0.04 14.46
N ASP A 57 -1.06 -0.03 13.54
CA ASP A 57 -2.50 -0.13 13.91
C ASP A 57 -2.77 -1.48 14.57
N TYR A 58 -2.15 -2.53 14.09
CA TYR A 58 -2.38 -3.88 14.69
C TYR A 58 -1.04 -4.55 14.99
N PRO A 59 -0.40 -4.18 16.08
CA PRO A 59 0.91 -4.76 16.47
C PRO A 59 0.74 -6.18 17.04
N GLU A 60 -0.44 -6.51 17.48
CA GLU A 60 -0.67 -7.88 18.05
C GLU A 60 -0.45 -8.93 16.96
N ASN A 61 -0.65 -8.57 15.72
CA ASN A 61 -0.45 -9.56 14.62
C ASN A 61 0.90 -10.25 14.77
N GLY A 62 1.89 -9.54 15.24
CA GLY A 62 3.24 -10.17 15.41
C GLY A 62 4.19 -9.65 14.33
N VAL A 63 4.95 -10.52 13.73
CA VAL A 63 5.90 -10.09 12.66
C VAL A 63 5.59 -10.81 11.35
N VAL A 64 5.53 -10.07 10.27
CA VAL A 64 5.24 -10.71 8.95
C VAL A 64 6.49 -10.64 8.07
N GLN A 65 6.66 -11.60 7.20
CA GLN A 65 7.86 -11.58 6.31
C GLN A 65 7.42 -11.31 4.86
N MET A 66 7.96 -10.30 4.25
CA MET A 66 7.56 -9.99 2.84
C MET A 66 8.74 -9.39 2.09
N ASN A 67 8.68 -9.35 0.79
CA ASN A 67 9.80 -8.77 -0.01
C ASN A 67 9.53 -7.29 -0.27
N SER A 68 10.48 -6.60 -0.85
CA SER A 68 10.28 -5.15 -1.13
C SER A 68 9.13 -4.95 -2.11
N ARG A 69 8.90 -5.90 -2.99
CA ARG A 69 7.80 -5.75 -3.98
C ARG A 69 6.47 -5.54 -3.25
N ASP A 70 6.29 -6.18 -2.12
CA ASP A 70 5.00 -6.02 -1.38
C ASP A 70 5.14 -4.89 -0.35
N VAL A 71 6.30 -4.31 -0.25
CA VAL A 71 6.50 -3.19 0.72
C VAL A 71 6.93 -1.94 -0.02
N ARG A 72 6.31 -0.82 0.28
CA ARG A 72 6.67 0.44 -0.42
C ARG A 72 6.92 1.54 0.60
N ALA A 73 7.71 2.54 0.25
CA ALA A 73 8.00 3.65 1.20
C ALA A 73 6.69 4.33 1.61
N ARG A 74 6.64 4.86 2.81
CA ARG A 74 5.39 5.53 3.27
C ARG A 74 5.13 6.77 2.41
N ALA A 75 3.89 7.06 2.14
CA ALA A 75 3.54 8.25 1.32
C ALA A 75 4.09 9.51 1.99
N ARG A 76 4.57 10.44 1.22
CA ARG A 76 5.12 11.70 1.80
C ARG A 76 4.40 12.91 1.21
N THR A 77 4.24 12.93 -0.09
CA THR A 77 3.58 14.10 -0.74
C THR A 77 2.11 13.78 -1.03
N ILE A 78 1.23 14.70 -0.70
CA ILE A 78 -0.22 14.49 -0.96
C ILE A 78 -0.62 15.24 -2.23
N ILE A 79 -1.31 14.59 -3.12
CA ILE A 79 -1.72 15.25 -4.39
C ILE A 79 -3.13 15.82 -4.25
N LYS A 80 -3.33 17.04 -4.70
CA LYS A 80 -4.68 17.67 -4.59
C LYS A 80 -5.47 17.38 -5.88
N TRP A 81 -6.76 17.51 -5.83
CA TRP A 81 -7.58 17.24 -7.04
C TRP A 81 -6.97 17.95 -8.25
N GLN A 82 -6.57 19.18 -8.09
CA GLN A 82 -5.97 19.94 -9.22
C GLN A 82 -4.67 19.28 -9.67
N ASP A 83 -3.96 18.66 -8.77
CA ASP A 83 -2.67 18.03 -9.14
C ASP A 83 -2.85 16.56 -9.54
N LEU A 84 -4.07 16.09 -9.68
CA LEU A 84 -4.27 14.66 -10.07
C LEU A 84 -4.02 14.49 -11.56
N GLU A 85 -3.37 13.42 -11.95
CA GLU A 85 -3.10 13.17 -13.39
C GLU A 85 -3.66 11.80 -13.75
N VAL A 86 -3.76 11.51 -15.03
CA VAL A 86 -4.30 10.18 -15.43
C VAL A 86 -3.13 9.24 -15.71
N GLY A 87 -3.20 8.04 -15.22
CA GLY A 87 -2.09 7.06 -15.46
C GLY A 87 -1.16 7.01 -14.25
N GLN A 88 -1.45 7.73 -13.21
CA GLN A 88 -0.57 7.68 -12.00
C GLN A 88 -1.16 6.71 -10.98
N VAL A 89 -0.33 6.11 -10.17
CA VAL A 89 -0.85 5.15 -9.16
C VAL A 89 -0.91 5.82 -7.79
N VAL A 90 -2.05 5.77 -7.15
CA VAL A 90 -2.18 6.40 -5.80
C VAL A 90 -2.95 5.47 -4.87
N MET A 91 -2.87 5.69 -3.59
CA MET A 91 -3.60 4.80 -2.63
C MET A 91 -4.74 5.60 -1.99
N LEU A 92 -5.92 5.04 -1.95
CA LEU A 92 -7.07 5.75 -1.33
C LEU A 92 -7.88 4.76 -0.50
N ASN A 93 -8.80 5.24 0.29
CA ASN A 93 -9.61 4.32 1.12
C ASN A 93 -10.83 3.85 0.33
N TYR A 94 -10.89 2.58 0.02
CA TYR A 94 -12.06 2.06 -0.75
C TYR A 94 -12.72 0.92 0.05
N ASN A 95 -14.02 0.93 0.12
CA ASN A 95 -14.73 -0.13 0.89
C ASN A 95 -15.68 -0.90 -0.05
N PRO A 96 -15.21 -1.98 -0.63
CA PRO A 96 -16.04 -2.79 -1.56
C PRO A 96 -17.38 -3.21 -0.95
N ASP A 97 -17.37 -3.59 0.30
CA ASP A 97 -18.65 -4.01 0.95
C ASP A 97 -19.60 -2.81 1.05
N ASN A 98 -19.10 -1.66 1.44
CA ASN A 98 -19.98 -0.47 1.54
C ASN A 98 -19.24 0.77 1.01
N PRO A 99 -19.23 0.95 -0.28
CA PRO A 99 -18.56 2.11 -0.92
C PRO A 99 -19.01 3.46 -0.33
N LYS A 100 -20.17 3.48 0.26
CA LYS A 100 -20.68 4.77 0.85
C LYS A 100 -20.13 4.93 2.27
N GLU A 101 -19.31 4.02 2.71
CA GLU A 101 -18.74 4.11 4.09
C GLU A 101 -17.22 4.22 4.02
N ARG A 102 -16.57 4.13 5.15
CA ARG A 102 -15.08 4.23 5.18
C ARG A 102 -14.47 2.97 4.57
N GLY A 103 -13.29 3.07 4.03
CA GLY A 103 -12.63 1.91 3.40
C GLY A 103 -11.17 1.84 3.84
N PHE A 104 -10.47 0.80 3.46
CA PHE A 104 -9.03 0.69 3.84
C PHE A 104 -8.18 1.25 2.70
N TRP A 105 -7.03 1.78 3.01
CA TRP A 105 -6.18 2.35 1.93
C TRP A 105 -5.89 1.29 0.88
N TYR A 106 -6.64 1.28 -0.19
CA TYR A 106 -6.41 0.29 -1.28
C TYR A 106 -5.66 0.95 -2.43
N ASP A 107 -4.78 0.24 -3.08
CA ASP A 107 -4.02 0.84 -4.20
C ASP A 107 -4.90 0.91 -5.44
N ALA A 108 -5.03 2.08 -6.02
CA ALA A 108 -5.87 2.23 -7.23
C ALA A 108 -5.20 3.24 -8.17
N GLU A 109 -5.47 3.15 -9.45
CA GLU A 109 -4.85 4.10 -10.41
C GLU A 109 -5.92 5.06 -10.93
N ILE A 110 -5.53 6.23 -11.36
CA ILE A 110 -6.54 7.20 -11.87
C ILE A 110 -7.00 6.76 -13.26
N SER A 111 -8.26 6.48 -13.40
CA SER A 111 -8.78 6.04 -14.73
C SER A 111 -9.24 7.24 -15.54
N ARG A 112 -10.27 7.92 -15.09
CA ARG A 112 -10.76 9.10 -15.85
C ARG A 112 -11.18 10.22 -14.89
N LYS A 113 -10.87 11.45 -15.21
CA LYS A 113 -11.25 12.58 -14.32
C LYS A 113 -12.41 13.35 -14.96
N ARG A 114 -13.49 13.52 -14.24
CA ARG A 114 -14.65 14.25 -14.81
C ARG A 114 -15.23 15.20 -13.76
N GLU A 115 -15.51 16.41 -14.13
CA GLU A 115 -16.09 17.39 -13.15
C GLU A 115 -17.37 17.97 -13.72
N THR A 116 -18.31 18.29 -12.86
CA THR A 116 -19.59 18.88 -13.34
C THR A 116 -19.70 20.32 -12.83
N ARG A 117 -20.59 21.09 -13.38
CA ARG A 117 -20.71 22.51 -12.94
C ARG A 117 -20.98 22.58 -11.42
N THR A 118 -21.76 21.68 -10.90
CA THR A 118 -22.06 21.71 -9.43
C THR A 118 -21.74 20.36 -8.79
N ALA A 119 -20.95 19.54 -9.43
CA ALA A 119 -20.65 18.20 -8.83
C ALA A 119 -19.28 17.71 -9.32
N ARG A 120 -18.68 16.80 -8.61
CA ARG A 120 -17.36 16.27 -9.02
C ARG A 120 -17.48 14.76 -9.26
N GLU A 121 -16.80 14.24 -10.25
CA GLU A 121 -16.88 12.79 -10.53
C GLU A 121 -15.48 12.27 -10.86
N LEU A 122 -15.03 11.27 -10.16
CA LEU A 122 -13.68 10.72 -10.42
C LEU A 122 -13.76 9.20 -10.64
N TYR A 123 -13.07 8.71 -11.63
CA TYR A 123 -13.12 7.24 -11.90
C TYR A 123 -11.73 6.65 -11.63
N ALA A 124 -11.68 5.56 -10.91
CA ALA A 124 -10.37 4.94 -10.60
C ALA A 124 -10.51 3.41 -10.58
N ASN A 125 -9.43 2.71 -10.75
CA ASN A 125 -9.50 1.22 -10.72
C ASN A 125 -8.97 0.72 -9.38
N VAL A 126 -9.72 -0.10 -8.69
CA VAL A 126 -9.26 -0.61 -7.37
C VAL A 126 -8.88 -2.07 -7.47
N VAL A 127 -7.78 -2.45 -6.89
CA VAL A 127 -7.34 -3.87 -6.95
C VAL A 127 -7.39 -4.50 -5.56
N LEU A 128 -8.00 -5.66 -5.44
CA LEU A 128 -8.07 -6.32 -4.10
C LEU A 128 -6.98 -7.38 -4.02
N GLY A 129 -6.67 -7.85 -2.84
CA GLY A 129 -5.60 -8.87 -2.70
C GLY A 129 -5.84 -10.04 -3.66
N ASP A 130 -7.07 -10.29 -4.02
CA ASP A 130 -7.35 -11.42 -4.94
C ASP A 130 -8.41 -11.04 -5.97
N ASP A 131 -9.27 -10.12 -5.65
CA ASP A 131 -10.34 -9.71 -6.60
C ASP A 131 -9.96 -8.39 -7.28
N SER A 132 -10.52 -8.13 -8.43
CA SER A 132 -10.20 -6.85 -9.15
C SER A 132 -11.48 -6.03 -9.29
N LEU A 133 -11.35 -4.73 -9.33
CA LEU A 133 -12.54 -3.85 -9.46
C LEU A 133 -12.19 -2.68 -10.37
N ASN A 134 -11.44 -2.94 -11.41
CA ASN A 134 -11.04 -1.84 -12.34
C ASN A 134 -12.29 -1.12 -12.84
N ASP A 135 -12.12 0.06 -13.38
CA ASP A 135 -13.28 0.84 -13.90
C ASP A 135 -14.31 1.02 -12.79
N CYS A 136 -13.89 1.47 -11.64
CA CYS A 136 -14.84 1.67 -10.51
C CYS A 136 -14.93 3.17 -10.18
N ARG A 137 -16.02 3.59 -9.61
CA ARG A 137 -16.17 5.03 -9.27
C ARG A 137 -15.68 5.27 -7.84
N ILE A 138 -15.00 6.37 -7.60
CA ILE A 138 -14.51 6.65 -6.23
C ILE A 138 -15.34 7.78 -5.61
N ILE A 139 -16.05 7.49 -4.55
CA ILE A 139 -16.88 8.54 -3.91
C ILE A 139 -15.98 9.58 -3.23
N PHE A 140 -14.93 9.16 -2.58
CA PHE A 140 -14.04 10.14 -1.91
C PHE A 140 -12.84 10.44 -2.80
N VAL A 141 -12.68 11.69 -3.16
CA VAL A 141 -11.51 12.06 -4.02
C VAL A 141 -10.53 12.90 -3.20
N ASP A 142 -11.00 13.49 -2.13
CA ASP A 142 -10.11 14.33 -1.28
C ASP A 142 -9.01 13.47 -0.67
N GLU A 143 -9.30 12.23 -0.37
CA GLU A 143 -8.28 11.34 0.24
C GLU A 143 -7.38 10.76 -0.86
N VAL A 144 -6.35 11.46 -1.23
CA VAL A 144 -5.42 10.95 -2.28
C VAL A 144 -4.00 10.89 -1.71
N PHE A 145 -3.29 9.83 -1.98
CA PHE A 145 -1.89 9.73 -1.47
C PHE A 145 -0.96 9.29 -2.59
N LYS A 146 0.26 9.74 -2.57
CA LYS A 146 1.21 9.36 -3.64
C LYS A 146 2.12 8.22 -3.13
N ILE A 147 2.49 7.32 -3.99
CA ILE A 147 3.36 6.19 -3.54
C ILE A 147 4.80 6.44 -3.99
N GLU A 148 5.74 6.23 -3.10
CA GLU A 148 7.16 6.45 -3.45
C GLU A 148 7.80 5.14 -3.91
N ARG A 149 8.77 5.20 -4.77
CA ARG A 149 9.42 3.96 -5.26
C ARG A 149 10.94 4.08 -5.09
N PRO A 150 11.62 2.97 -5.05
CA PRO A 150 13.11 2.94 -4.89
C PRO A 150 13.82 3.71 -6.01
N GLY A 151 13.18 3.87 -7.13
CA GLY A 151 13.83 4.61 -8.26
C GLY A 151 14.53 3.61 -9.18
N GLU A 152 14.36 2.34 -8.95
CA GLU A 152 15.02 1.32 -9.80
C GLU A 152 16.51 1.66 -9.94
N THR B 1 4.86 17.58 11.56
CA THR B 1 4.09 16.80 12.57
C THR B 1 4.75 16.97 13.95
N GLY B 2 6.01 17.27 13.98
CA GLY B 2 6.70 17.43 15.29
C GLY B 2 7.16 16.07 15.81
N LYS B 3 7.58 16.00 17.04
CA LYS B 3 8.04 14.70 17.59
C LYS B 3 6.91 13.67 17.50
N GLY B 4 5.69 14.09 17.68
CA GLY B 4 4.55 13.14 17.59
C GLY B 4 4.22 12.87 16.12
N LYS B 5 3.61 11.74 15.84
CA LYS B 5 3.26 11.41 14.43
C LYS B 5 1.78 11.02 14.35
N TRP B 6 1.12 11.36 13.27
CA TRP B 6 -0.32 11.00 13.14
C TRP B 6 -0.47 9.88 12.12
N LYS B 7 -1.37 8.97 12.35
CA LYS B 7 -1.55 7.84 11.39
C LYS B 7 -2.64 8.21 10.37
N ARG B 8 -2.54 7.70 9.17
CA ARG B 8 -3.57 8.01 8.14
C ARG B 8 -4.92 7.48 8.61
N LYS B 9 -6.00 8.14 8.27
CA LYS B 9 -7.33 7.64 8.70
C LYS B 9 -7.70 6.41 7.89
N SER B 10 -7.93 5.30 8.55
CA SER B 10 -8.30 4.05 7.83
C SER B 10 -9.55 3.46 8.47
N ALA B 11 -10.39 2.84 7.69
CA ALA B 11 -11.63 2.22 8.27
C ALA B 11 -12.46 1.59 7.16
N GLY B 12 -13.03 0.44 7.44
CA GLY B 12 -13.87 -0.26 6.42
C GLY B 12 -14.38 -1.57 7.01
N GLY B 13 -15.04 -2.37 6.20
CA GLY B 13 -15.56 -3.67 6.71
C GLY B 13 -16.93 -3.45 7.35
N GLY B 14 -17.42 -4.42 8.09
CA GLY B 14 -18.76 -4.27 8.74
C GLY B 14 -18.62 -4.56 10.24
N PRO B 15 -19.68 -4.37 10.98
CA PRO B 15 -19.68 -4.63 12.45
C PRO B 15 -19.18 -6.02 12.80
N SER B 16 -19.28 -6.95 11.88
CA SER B 16 -18.81 -8.34 12.15
C SER B 16 -17.44 -8.55 11.49
N LEU A 1 16.05 -2.24 -0.67
CA LEU A 1 15.45 -0.92 -0.97
C LEU A 1 14.95 -0.28 0.33
N TYR A 2 14.65 -1.09 1.32
CA TYR A 2 14.16 -0.55 2.61
C TYR A 2 15.21 -0.79 3.69
N LYS A 3 15.29 0.09 4.65
CA LYS A 3 16.31 -0.06 5.74
C LYS A 3 15.62 -0.42 7.06
N VAL A 4 16.31 -1.10 7.93
CA VAL A 4 15.70 -1.47 9.23
C VAL A 4 15.19 -0.20 9.90
N ASN A 5 14.07 -0.28 10.57
CA ASN A 5 13.49 0.92 11.24
C ASN A 5 13.21 2.00 10.20
N GLU A 6 12.80 1.60 9.02
CA GLU A 6 12.49 2.58 7.95
C GLU A 6 10.97 2.70 7.80
N TYR A 7 10.48 3.81 7.33
CA TYR A 7 9.01 3.97 7.18
C TYR A 7 8.58 3.57 5.76
N VAL A 8 7.95 2.44 5.64
CA VAL A 8 7.49 1.98 4.30
C VAL A 8 6.04 1.51 4.41
N ASP A 9 5.32 1.48 3.32
CA ASP A 9 3.90 1.02 3.38
C ASP A 9 3.85 -0.50 3.25
N ALA A 10 3.15 -1.15 4.14
CA ALA A 10 3.04 -2.64 4.08
C ALA A 10 1.57 -2.99 3.82
N ARG A 11 1.31 -3.98 3.00
CA ARG A 11 -0.10 -4.36 2.70
C ARG A 11 -0.33 -5.85 2.95
N ASP A 12 -1.51 -6.20 3.38
CA ASP A 12 -1.80 -7.63 3.64
C ASP A 12 -2.38 -8.26 2.37
N THR A 13 -1.68 -9.21 1.80
CA THR A 13 -2.17 -9.87 0.56
C THR A 13 -3.52 -10.54 0.82
N ASN A 14 -3.77 -10.96 2.02
CA ASN A 14 -5.06 -11.65 2.31
C ASN A 14 -6.24 -10.72 2.06
N MET A 15 -6.10 -9.46 2.39
CA MET A 15 -7.22 -8.49 2.16
C MET A 15 -6.81 -7.49 1.08
N GLY A 16 -5.55 -7.38 0.80
CA GLY A 16 -5.08 -6.42 -0.23
C GLY A 16 -5.24 -4.99 0.32
N ALA A 17 -5.13 -4.84 1.61
CA ALA A 17 -5.28 -3.47 2.20
C ALA A 17 -3.90 -2.89 2.52
N TRP A 18 -3.74 -1.60 2.36
CA TRP A 18 -2.42 -0.97 2.65
C TRP A 18 -2.51 -0.17 3.95
N PHE A 19 -1.50 -0.23 4.77
CA PHE A 19 -1.52 0.55 6.05
C PHE A 19 -0.09 0.97 6.40
N GLU A 20 0.05 1.99 7.20
CA GLU A 20 1.42 2.45 7.59
C GLU A 20 2.16 1.34 8.34
N ALA A 21 3.40 1.12 7.99
CA ALA A 21 4.19 0.05 8.68
C ALA A 21 5.65 0.44 8.70
N GLN A 22 6.39 0.01 9.69
CA GLN A 22 7.85 0.35 9.76
C GLN A 22 8.68 -0.92 9.64
N VAL A 23 9.82 -0.84 9.01
CA VAL A 23 10.68 -2.05 8.87
C VAL A 23 11.37 -2.30 10.20
N VAL A 24 11.27 -3.50 10.71
CA VAL A 24 11.93 -3.81 12.01
C VAL A 24 13.23 -4.57 11.77
N ARG A 25 13.32 -5.27 10.66
CA ARG A 25 14.57 -6.04 10.39
C ARG A 25 14.64 -6.43 8.91
N VAL A 26 15.83 -6.54 8.37
CA VAL A 26 15.97 -6.96 6.94
C VAL A 26 16.89 -8.17 6.89
N THR A 27 16.43 -9.25 6.33
CA THR A 27 17.29 -10.47 6.26
C THR A 27 16.97 -11.26 4.98
N ARG A 28 17.81 -12.19 4.64
CA ARG A 28 17.57 -13.00 3.42
C ARG A 28 17.91 -14.46 3.70
N LYS A 29 17.33 -15.39 2.99
CA LYS A 29 17.63 -16.82 3.24
C LYS A 29 18.51 -17.36 2.10
N ALA A 30 19.62 -17.95 2.44
CA ALA A 30 20.52 -18.50 1.39
C ALA A 30 20.63 -20.02 1.56
N PRO A 31 21.09 -20.70 0.53
CA PRO A 31 21.24 -22.19 0.55
C PRO A 31 22.43 -22.61 1.43
N SER A 32 22.26 -23.63 2.22
CA SER A 32 23.39 -24.08 3.07
C SER A 32 24.52 -24.59 2.18
N ARG A 33 24.16 -25.30 1.14
CA ARG A 33 25.20 -25.84 0.21
C ARG A 33 24.57 -26.00 -1.17
N ASP A 34 23.33 -26.39 -1.22
CA ASP A 34 22.64 -26.58 -2.52
C ASP A 34 21.14 -26.78 -2.28
N GLU A 35 20.65 -26.29 -1.18
CA GLU A 35 19.19 -26.45 -0.88
C GLU A 35 18.57 -25.08 -0.61
N PRO A 36 18.55 -24.21 -1.60
CA PRO A 36 17.96 -22.85 -1.46
C PRO A 36 16.46 -22.90 -1.16
N CYS A 37 15.95 -21.88 -0.52
CA CYS A 37 14.50 -21.86 -0.18
C CYS A 37 13.67 -22.09 -1.45
N SER A 38 14.08 -21.53 -2.56
CA SER A 38 13.30 -21.73 -3.82
C SER A 38 14.02 -21.04 -4.98
N SER A 39 15.26 -20.65 -4.79
CA SER A 39 16.01 -19.98 -5.90
C SER A 39 17.23 -20.83 -6.27
N THR A 40 17.58 -20.85 -7.53
CA THR A 40 18.76 -21.64 -7.97
C THR A 40 20.04 -20.95 -7.52
N SER A 41 19.98 -19.66 -7.30
CA SER A 41 21.19 -18.90 -6.87
C SER A 41 20.91 -18.22 -5.52
N ARG A 42 21.92 -18.08 -4.71
CA ARG A 42 21.73 -17.43 -3.38
C ARG A 42 21.38 -15.94 -3.60
N PRO A 43 20.58 -15.37 -2.73
CA PRO A 43 20.18 -13.94 -2.84
C PRO A 43 21.38 -12.99 -2.67
N ALA A 44 21.38 -11.89 -3.38
CA ALA A 44 22.51 -10.93 -3.27
C ALA A 44 22.01 -9.51 -3.53
N LEU A 45 20.97 -9.38 -4.30
CA LEU A 45 20.43 -8.02 -4.60
C LEU A 45 19.50 -7.58 -3.47
N GLU A 46 19.39 -6.31 -3.24
CA GLU A 46 18.50 -5.82 -2.15
C GLU A 46 17.09 -6.36 -2.41
N GLU A 47 16.70 -6.48 -3.64
CA GLU A 47 15.35 -7.01 -3.95
C GLU A 47 15.32 -8.52 -3.69
N ASP A 48 16.48 -9.13 -3.59
CA ASP A 48 16.54 -10.59 -3.34
C ASP A 48 16.63 -10.86 -1.84
N VAL A 49 16.21 -9.94 -1.02
CA VAL A 49 16.27 -10.15 0.46
C VAL A 49 14.87 -10.09 1.05
N ILE A 50 14.72 -10.49 2.28
CA ILE A 50 13.38 -10.46 2.93
C ILE A 50 13.32 -9.30 3.92
N TYR A 51 12.19 -8.63 3.99
CA TYR A 51 12.06 -7.48 4.93
C TYR A 51 10.99 -7.77 5.97
N HIS A 52 11.23 -7.45 7.21
CA HIS A 52 10.22 -7.68 8.27
C HIS A 52 9.59 -6.34 8.62
N VAL A 53 8.29 -6.23 8.55
CA VAL A 53 7.62 -4.94 8.87
C VAL A 53 6.49 -5.16 9.86
N LYS A 54 6.18 -4.17 10.64
CA LYS A 54 5.07 -4.29 11.62
C LYS A 54 4.06 -3.18 11.38
N TYR A 55 2.81 -3.42 11.64
CA TYR A 55 1.78 -2.37 11.41
C TYR A 55 1.70 -1.48 12.66
N ASP A 56 1.98 -0.21 12.51
CA ASP A 56 1.90 0.70 13.68
C ASP A 56 0.50 0.65 14.27
N ASP A 57 -0.50 0.59 13.43
CA ASP A 57 -1.90 0.54 13.92
C ASP A 57 -2.12 -0.75 14.73
N TYR A 58 -1.54 -1.84 14.30
CA TYR A 58 -1.73 -3.13 15.03
C TYR A 58 -0.37 -3.79 15.27
N PRO A 59 0.37 -3.31 16.24
CA PRO A 59 1.71 -3.87 16.57
C PRO A 59 1.62 -5.19 17.34
N GLU A 60 0.46 -5.49 17.88
CA GLU A 60 0.29 -6.76 18.64
C GLU A 60 0.52 -7.96 17.72
N ASN A 61 0.26 -7.80 16.45
CA ASN A 61 0.44 -8.93 15.51
C ASN A 61 1.83 -9.57 15.71
N GLY A 62 2.82 -8.78 16.02
CA GLY A 62 4.19 -9.34 16.23
C GLY A 62 5.09 -8.92 15.07
N VAL A 63 5.67 -9.87 14.39
CA VAL A 63 6.57 -9.53 13.25
C VAL A 63 6.04 -10.18 11.97
N VAL A 64 5.95 -9.42 10.90
CA VAL A 64 5.43 -9.98 9.62
C VAL A 64 6.58 -10.08 8.60
N GLN A 65 6.66 -11.16 7.87
CA GLN A 65 7.75 -11.30 6.86
C GLN A 65 7.13 -11.27 5.46
N MET A 66 7.54 -10.34 4.64
CA MET A 66 6.97 -10.28 3.26
C MET A 66 8.05 -9.87 2.27
N ASN A 67 7.79 -10.01 0.99
CA ASN A 67 8.80 -9.63 -0.03
C ASN A 67 8.67 -8.14 -0.35
N SER A 68 9.61 -7.61 -1.09
CA SER A 68 9.54 -6.16 -1.43
C SER A 68 8.30 -5.88 -2.29
N ARG A 69 7.86 -6.85 -3.05
CA ARG A 69 6.66 -6.63 -3.90
C ARG A 69 5.46 -6.21 -3.04
N ASP A 70 5.33 -6.78 -1.87
CA ASP A 70 4.19 -6.42 -0.99
C ASP A 70 4.56 -5.25 -0.09
N VAL A 71 5.76 -4.75 -0.22
CA VAL A 71 6.20 -3.60 0.62
C VAL A 71 6.65 -2.44 -0.28
N ARG A 72 6.16 -1.26 -0.02
CA ARG A 72 6.56 -0.08 -0.87
C ARG A 72 6.95 1.09 0.04
N ALA A 73 7.77 1.98 -0.44
CA ALA A 73 8.19 3.15 0.38
C ALA A 73 6.96 3.97 0.75
N ARG A 74 6.97 4.59 1.90
CA ARG A 74 5.80 5.41 2.31
C ARG A 74 5.67 6.64 1.40
N ALA A 75 4.48 7.02 1.06
CA ALA A 75 4.30 8.21 0.18
C ALA A 75 4.85 9.45 0.89
N ARG A 76 5.47 10.34 0.15
CA ARG A 76 6.03 11.56 0.78
C ARG A 76 5.43 12.82 0.14
N THR A 77 4.76 12.67 -0.98
CA THR A 77 4.17 13.85 -1.65
C THR A 77 2.66 13.72 -1.79
N ILE A 78 1.93 14.74 -1.44
CA ILE A 78 0.45 14.70 -1.54
C ILE A 78 0.02 15.47 -2.80
N ILE A 79 -0.82 14.88 -3.61
CA ILE A 79 -1.25 15.58 -4.86
C ILE A 79 -2.66 16.16 -4.68
N LYS A 80 -2.90 17.31 -5.24
CA LYS A 80 -4.24 17.95 -5.14
C LYS A 80 -5.17 17.40 -6.23
N TRP A 81 -6.45 17.46 -6.01
CA TRP A 81 -7.40 16.94 -7.04
C TRP A 81 -7.07 17.55 -8.41
N GLN A 82 -6.81 18.82 -8.44
CA GLN A 82 -6.50 19.49 -9.74
C GLN A 82 -5.18 18.95 -10.30
N ASP A 83 -4.26 18.56 -9.45
CA ASP A 83 -2.95 18.05 -9.93
C ASP A 83 -3.01 16.55 -10.26
N LEU A 84 -4.17 15.96 -10.26
CA LEU A 84 -4.25 14.50 -10.57
C LEU A 84 -4.13 14.29 -12.09
N GLU A 85 -3.46 13.26 -12.50
CA GLU A 85 -3.29 12.98 -13.94
C GLU A 85 -3.88 11.60 -14.27
N VAL A 86 -4.06 11.31 -15.52
CA VAL A 86 -4.62 9.97 -15.89
C VAL A 86 -3.47 9.04 -16.23
N GLY A 87 -3.51 7.83 -15.73
CA GLY A 87 -2.42 6.86 -16.03
C GLY A 87 -1.44 6.79 -14.85
N GLN A 88 -1.68 7.55 -13.82
CA GLN A 88 -0.77 7.51 -12.64
C GLN A 88 -1.36 6.57 -11.58
N VAL A 89 -0.53 5.94 -10.80
CA VAL A 89 -1.05 5.01 -9.75
C VAL A 89 -1.03 5.70 -8.39
N VAL A 90 -2.13 5.70 -7.70
CA VAL A 90 -2.18 6.34 -6.37
C VAL A 90 -2.93 5.44 -5.40
N MET A 91 -2.83 5.68 -4.12
CA MET A 91 -3.55 4.84 -3.12
C MET A 91 -4.66 5.66 -2.47
N LEU A 92 -5.82 5.10 -2.32
CA LEU A 92 -6.94 5.84 -1.68
C LEU A 92 -7.72 4.90 -0.78
N ASN A 93 -8.63 5.41 0.01
CA ASN A 93 -9.42 4.53 0.92
C ASN A 93 -10.70 4.08 0.21
N TYR A 94 -10.86 2.79 0.05
CA TYR A 94 -12.09 2.27 -0.62
C TYR A 94 -12.73 1.22 0.29
N ASN A 95 -14.02 1.27 0.44
CA ASN A 95 -14.72 0.28 1.32
C ASN A 95 -15.68 -0.58 0.48
N PRO A 96 -15.23 -1.72 0.03
CA PRO A 96 -16.07 -2.64 -0.80
C PRO A 96 -17.42 -2.94 -0.15
N ASP A 97 -17.44 -3.18 1.13
CA ASP A 97 -18.73 -3.49 1.82
C ASP A 97 -19.64 -2.26 1.78
N ASN A 98 -19.11 -1.11 2.08
CA ASN A 98 -19.95 0.13 2.07
C ASN A 98 -19.15 1.30 1.49
N PRO A 99 -19.06 1.36 0.19
CA PRO A 99 -18.30 2.44 -0.51
C PRO A 99 -18.70 3.84 -0.01
N LYS A 100 -19.86 3.98 0.57
CA LYS A 100 -20.30 5.31 1.07
C LYS A 100 -19.73 5.56 2.47
N GLU A 101 -18.94 4.65 2.97
CA GLU A 101 -18.35 4.81 4.33
C GLU A 101 -16.82 4.88 4.23
N ARG A 102 -16.15 4.78 5.34
CA ARG A 102 -14.66 4.83 5.34
C ARG A 102 -14.11 3.53 4.73
N GLY A 103 -12.94 3.59 4.16
CA GLY A 103 -12.36 2.37 3.52
C GLY A 103 -10.89 2.25 3.93
N PHE A 104 -10.24 1.17 3.54
CA PHE A 104 -8.81 1.00 3.89
C PHE A 104 -7.97 1.42 2.68
N TRP A 105 -6.89 2.11 2.91
CA TRP A 105 -6.05 2.56 1.77
C TRP A 105 -5.88 1.41 0.78
N TYR A 106 -6.65 1.41 -0.28
CA TYR A 106 -6.54 0.34 -1.30
C TYR A 106 -5.81 0.89 -2.53
N ASP A 107 -4.91 0.14 -3.09
CA ASP A 107 -4.18 0.64 -4.29
C ASP A 107 -5.14 0.72 -5.49
N ALA A 108 -5.07 1.81 -6.22
CA ALA A 108 -5.97 1.97 -7.39
C ALA A 108 -5.32 2.93 -8.39
N GLU A 109 -5.70 2.84 -9.64
CA GLU A 109 -5.11 3.74 -10.67
C GLU A 109 -6.19 4.72 -11.16
N ILE A 110 -5.78 5.86 -11.66
CA ILE A 110 -6.78 6.85 -12.15
C ILE A 110 -7.21 6.48 -13.57
N SER A 111 -8.47 6.21 -13.78
CA SER A 111 -8.94 5.83 -15.13
C SER A 111 -9.44 7.09 -15.86
N ARG A 112 -10.44 7.74 -15.33
CA ARG A 112 -10.96 8.96 -16.00
C ARG A 112 -11.38 9.99 -14.95
N LYS A 113 -11.24 11.25 -15.25
CA LYS A 113 -11.64 12.31 -14.28
C LYS A 113 -12.71 13.20 -14.91
N ARG A 114 -13.74 13.54 -14.16
CA ARG A 114 -14.81 14.41 -14.74
C ARG A 114 -15.18 15.49 -13.72
N GLU A 115 -15.31 16.71 -14.17
CA GLU A 115 -15.67 17.82 -13.24
C GLU A 115 -17.06 18.35 -13.59
N THR A 116 -17.79 18.79 -12.60
CA THR A 116 -19.16 19.33 -12.86
C THR A 116 -19.19 20.80 -12.46
N ARG A 117 -20.20 21.52 -12.85
CA ARG A 117 -20.26 22.97 -12.52
C ARG A 117 -20.12 23.18 -11.00
N THR A 118 -20.70 22.31 -10.21
CA THR A 118 -20.61 22.48 -8.73
C THR A 118 -20.26 21.14 -8.08
N ALA A 119 -19.67 20.23 -8.80
CA ALA A 119 -19.31 18.92 -8.20
C ALA A 119 -18.11 18.31 -8.92
N ARG A 120 -17.42 17.42 -8.26
CA ARG A 120 -16.23 16.77 -8.90
C ARG A 120 -16.42 15.26 -8.91
N GLU A 121 -16.10 14.61 -10.00
CA GLU A 121 -16.27 13.13 -10.07
C GLU A 121 -14.99 12.49 -10.61
N LEU A 122 -14.43 11.55 -9.91
CA LEU A 122 -13.18 10.88 -10.40
C LEU A 122 -13.43 9.39 -10.61
N TYR A 123 -12.85 8.82 -11.63
CA TYR A 123 -13.03 7.37 -11.87
C TYR A 123 -11.68 6.68 -11.68
N ALA A 124 -11.64 5.60 -10.97
CA ALA A 124 -10.35 4.90 -10.74
C ALA A 124 -10.57 3.39 -10.70
N ASN A 125 -9.53 2.63 -10.92
CA ASN A 125 -9.66 1.15 -10.88
C ASN A 125 -9.07 0.66 -9.56
N VAL A 126 -9.84 -0.06 -8.78
CA VAL A 126 -9.32 -0.56 -7.47
C VAL A 126 -9.21 -2.08 -7.51
N VAL A 127 -8.12 -2.61 -7.01
CA VAL A 127 -7.94 -4.09 -7.00
C VAL A 127 -7.78 -4.59 -5.58
N LEU A 128 -8.43 -5.68 -5.25
CA LEU A 128 -8.31 -6.23 -3.86
C LEU A 128 -7.37 -7.43 -3.89
N GLY A 129 -6.83 -7.79 -2.77
CA GLY A 129 -5.89 -8.94 -2.73
C GLY A 129 -6.53 -10.19 -3.35
N ASP A 130 -7.81 -10.36 -3.20
CA ASP A 130 -8.47 -11.58 -3.78
C ASP A 130 -9.63 -11.19 -4.71
N ASP A 131 -9.93 -9.92 -4.83
CA ASP A 131 -11.06 -9.52 -5.73
C ASP A 131 -10.66 -8.27 -6.52
N SER A 132 -11.31 -8.04 -7.62
CA SER A 132 -10.97 -6.84 -8.45
C SER A 132 -12.18 -5.89 -8.50
N LEU A 133 -11.93 -4.62 -8.65
CA LEU A 133 -13.04 -3.63 -8.70
C LEU A 133 -12.71 -2.57 -9.74
N ASN A 134 -12.11 -2.96 -10.84
CA ASN A 134 -11.75 -1.97 -11.88
C ASN A 134 -12.99 -1.16 -12.29
N ASP A 135 -12.79 -0.04 -12.95
CA ASP A 135 -13.94 0.79 -13.38
C ASP A 135 -14.79 1.16 -12.16
N CYS A 136 -14.18 1.64 -11.12
CA CYS A 136 -14.96 2.01 -9.90
C CYS A 136 -15.02 3.53 -9.78
N ARG A 137 -15.88 4.03 -8.93
CA ARG A 137 -16.00 5.50 -8.76
C ARG A 137 -15.42 5.91 -7.41
N ILE A 138 -14.74 7.02 -7.35
CA ILE A 138 -14.13 7.46 -6.06
C ILE A 138 -15.01 8.52 -5.41
N ILE A 139 -15.57 8.21 -4.26
CA ILE A 139 -16.44 9.21 -3.57
C ILE A 139 -15.59 10.32 -2.96
N PHE A 140 -14.46 9.97 -2.40
CA PHE A 140 -13.60 11.02 -1.78
C PHE A 140 -12.51 11.43 -2.78
N VAL A 141 -12.45 12.69 -3.11
CA VAL A 141 -11.41 13.16 -4.08
C VAL A 141 -10.38 14.01 -3.35
N ASP A 142 -10.54 14.18 -2.06
CA ASP A 142 -9.57 14.99 -1.29
C ASP A 142 -8.55 14.07 -0.61
N GLU A 143 -8.61 12.79 -0.88
CA GLU A 143 -7.64 11.86 -0.25
C GLU A 143 -6.86 11.12 -1.34
N VAL A 144 -5.79 11.69 -1.82
CA VAL A 144 -4.97 11.02 -2.86
C VAL A 144 -3.53 10.89 -2.37
N PHE A 145 -2.91 9.76 -2.58
CA PHE A 145 -1.50 9.59 -2.13
C PHE A 145 -0.64 9.09 -3.29
N LYS A 146 0.59 9.50 -3.31
CA LYS A 146 1.51 9.07 -4.42
C LYS A 146 2.38 7.91 -3.94
N ILE A 147 2.67 6.98 -4.81
CA ILE A 147 3.52 5.82 -4.40
C ILE A 147 4.91 5.98 -5.00
N GLU A 148 5.93 5.76 -4.20
CA GLU A 148 7.32 5.90 -4.73
C GLU A 148 7.83 4.52 -5.16
N ARG A 149 8.69 4.48 -6.15
CA ARG A 149 9.23 3.18 -6.63
C ARG A 149 10.75 3.25 -6.69
N PRO A 150 11.41 2.12 -6.72
CA PRO A 150 12.89 2.03 -6.79
C PRO A 150 13.45 2.74 -8.02
N GLY A 151 12.66 2.87 -9.05
CA GLY A 151 13.15 3.55 -10.29
C GLY A 151 13.67 2.51 -11.27
N GLU A 152 13.52 1.25 -10.95
CA GLU A 152 14.01 0.18 -11.87
C GLU A 152 12.96 -0.94 -11.95
N THR B 1 -2.93 11.11 16.89
CA THR B 1 -3.76 11.73 17.95
C THR B 1 -3.10 11.50 19.32
N GLY B 2 -3.49 10.48 20.01
CA GLY B 2 -2.87 10.20 21.35
C GLY B 2 -1.36 10.09 21.20
N LYS B 3 -0.89 9.60 20.08
CA LYS B 3 0.58 9.45 19.88
C LYS B 3 1.12 10.72 19.20
N GLY B 4 2.30 11.14 19.59
CA GLY B 4 2.89 12.36 18.97
C GLY B 4 2.98 12.18 17.45
N LYS B 5 3.16 10.97 17.00
CA LYS B 5 3.26 10.73 15.53
C LYS B 5 1.87 10.69 14.92
N TRP B 6 1.72 11.15 13.71
CA TRP B 6 0.38 11.14 13.05
C TRP B 6 0.32 9.99 12.04
N LYS B 7 -0.81 9.34 11.94
CA LYS B 7 -0.95 8.21 10.97
C LYS B 7 -2.04 8.54 9.96
N ARG B 8 -1.93 8.03 8.76
CA ARG B 8 -2.98 8.31 7.73
C ARG B 8 -4.33 7.83 8.25
N LYS B 9 -5.39 8.50 7.90
CA LYS B 9 -6.74 8.07 8.37
C LYS B 9 -7.16 6.80 7.62
N SER B 10 -7.42 5.74 8.34
CA SER B 10 -7.83 4.47 7.68
C SER B 10 -9.07 3.92 8.39
N ALA B 11 -9.95 3.28 7.67
CA ALA B 11 -11.17 2.72 8.32
C ALA B 11 -12.08 2.09 7.27
N GLY B 12 -12.69 0.97 7.60
CA GLY B 12 -13.59 0.30 6.64
C GLY B 12 -14.20 -0.95 7.29
N GLY B 13 -15.04 -1.65 6.57
CA GLY B 13 -15.67 -2.87 7.14
C GLY B 13 -14.77 -4.09 6.88
N GLY B 14 -15.25 -5.26 7.21
CA GLY B 14 -14.44 -6.48 6.97
C GLY B 14 -13.12 -6.40 7.77
N PRO B 15 -13.24 -6.29 9.08
CA PRO B 15 -12.05 -6.19 9.97
C PRO B 15 -11.17 -7.44 9.88
N SER B 16 -11.72 -8.54 9.45
CA SER B 16 -10.91 -9.80 9.34
C SER B 16 -10.48 -9.99 7.89
N LEU A 1 16.72 -1.68 -1.08
CA LEU A 1 15.75 -0.58 -1.33
C LEU A 1 15.40 0.09 0.00
N TYR A 2 14.95 -0.68 0.96
CA TYR A 2 14.58 -0.10 2.28
C TYR A 2 15.55 -0.59 3.35
N LYS A 3 15.82 0.23 4.33
CA LYS A 3 16.77 -0.18 5.41
C LYS A 3 16.03 -0.40 6.73
N VAL A 4 16.61 -1.15 7.62
CA VAL A 4 15.95 -1.42 8.92
C VAL A 4 15.49 -0.09 9.54
N ASN A 5 14.38 -0.12 10.23
CA ASN A 5 13.84 1.13 10.87
C ASN A 5 13.40 2.12 9.78
N GLU A 6 13.15 1.65 8.59
CA GLU A 6 12.70 2.56 7.51
C GLU A 6 11.16 2.58 7.50
N TYR A 7 10.57 3.68 7.08
CA TYR A 7 9.09 3.75 7.08
C TYR A 7 8.58 3.43 5.66
N VAL A 8 7.94 2.32 5.50
CA VAL A 8 7.43 1.94 4.15
C VAL A 8 5.98 1.46 4.26
N ASP A 9 5.24 1.51 3.19
CA ASP A 9 3.83 1.04 3.23
C ASP A 9 3.78 -0.45 2.93
N ALA A 10 3.11 -1.22 3.75
CA ALA A 10 3.03 -2.69 3.52
C ALA A 10 1.59 -3.06 3.17
N ARG A 11 1.41 -3.96 2.25
CA ARG A 11 0.03 -4.36 1.85
C ARG A 11 -0.29 -5.75 2.40
N ASP A 12 -1.51 -5.97 2.80
CA ASP A 12 -1.89 -7.31 3.30
C ASP A 12 -2.45 -8.12 2.13
N THR A 13 -1.71 -9.09 1.66
CA THR A 13 -2.18 -9.90 0.51
C THR A 13 -3.57 -10.50 0.79
N ASN A 14 -3.85 -10.87 2.00
CA ASN A 14 -5.16 -11.49 2.31
C ASN A 14 -6.32 -10.52 2.02
N MET A 15 -6.18 -9.26 2.32
CA MET A 15 -7.31 -8.30 2.05
C MET A 15 -6.90 -7.30 0.97
N GLY A 16 -5.64 -7.20 0.69
CA GLY A 16 -5.18 -6.23 -0.34
C GLY A 16 -5.29 -4.80 0.22
N ALA A 17 -5.23 -4.66 1.51
CA ALA A 17 -5.34 -3.29 2.10
C ALA A 17 -3.94 -2.74 2.41
N TRP A 18 -3.76 -1.45 2.27
CA TRP A 18 -2.42 -0.86 2.55
C TRP A 18 -2.48 -0.05 3.84
N PHE A 19 -1.46 -0.13 4.67
CA PHE A 19 -1.46 0.65 5.93
C PHE A 19 -0.02 1.05 6.28
N GLU A 20 0.14 2.03 7.13
CA GLU A 20 1.51 2.47 7.50
C GLU A 20 2.27 1.33 8.19
N ALA A 21 3.51 1.13 7.84
CA ALA A 21 4.30 0.04 8.48
C ALA A 21 5.77 0.46 8.52
N GLN A 22 6.50 -0.01 9.50
CA GLN A 22 7.94 0.35 9.59
C GLN A 22 8.80 -0.90 9.42
N VAL A 23 9.95 -0.77 8.81
CA VAL A 23 10.84 -1.96 8.62
C VAL A 23 11.52 -2.26 9.95
N VAL A 24 11.44 -3.48 10.41
CA VAL A 24 12.08 -3.84 11.70
C VAL A 24 13.38 -4.60 11.45
N ARG A 25 13.38 -5.53 10.54
CA ARG A 25 14.64 -6.30 10.28
C ARG A 25 14.66 -6.81 8.84
N VAL A 26 15.81 -6.83 8.22
CA VAL A 26 15.91 -7.33 6.83
C VAL A 26 16.96 -8.43 6.77
N THR A 27 16.58 -9.62 6.40
CA THR A 27 17.57 -10.73 6.34
C THR A 27 17.20 -11.71 5.22
N ARG A 28 18.13 -12.52 4.78
CA ARG A 28 17.84 -13.49 3.70
C ARG A 28 18.31 -14.88 4.14
N LYS A 29 17.63 -15.91 3.72
CA LYS A 29 18.04 -17.28 4.12
C LYS A 29 19.05 -17.82 3.11
N ALA A 30 20.07 -18.48 3.57
CA ALA A 30 21.09 -19.05 2.63
C ALA A 30 21.01 -20.58 2.65
N PRO A 31 21.58 -21.21 1.66
CA PRO A 31 21.58 -22.71 1.54
C PRO A 31 22.52 -23.36 2.56
N SER A 32 22.14 -24.49 3.08
CA SER A 32 23.02 -25.16 4.08
C SER A 32 24.31 -25.63 3.40
N ARG A 33 24.22 -26.13 2.20
CA ARG A 33 25.44 -26.60 1.48
C ARG A 33 25.40 -26.11 0.04
N ASP A 34 24.84 -24.96 -0.18
CA ASP A 34 24.76 -24.42 -1.57
C ASP A 34 24.05 -25.44 -2.46
N GLU A 35 23.20 -26.26 -1.87
CA GLU A 35 22.47 -27.27 -2.69
C GLU A 35 20.98 -27.23 -2.32
N PRO A 36 20.33 -26.13 -2.57
CA PRO A 36 18.88 -25.97 -2.27
C PRO A 36 18.00 -26.86 -3.16
N CYS A 37 17.09 -27.58 -2.57
CA CYS A 37 16.20 -28.47 -3.37
C CYS A 37 15.21 -27.62 -4.17
N SER A 38 14.70 -26.57 -3.56
CA SER A 38 13.73 -25.70 -4.28
C SER A 38 14.48 -24.69 -5.16
N SER A 39 15.78 -24.72 -5.11
CA SER A 39 16.58 -23.75 -5.93
C SER A 39 16.62 -22.39 -5.24
N THR A 40 17.65 -22.14 -4.47
CA THR A 40 17.75 -20.84 -3.75
C THR A 40 19.08 -20.17 -4.13
N SER A 41 19.11 -18.86 -4.15
CA SER A 41 20.36 -18.15 -4.51
C SER A 41 20.93 -17.46 -3.28
N ARG A 42 22.24 -17.38 -3.19
CA ARG A 42 22.86 -16.72 -2.00
C ARG A 42 22.55 -15.22 -2.02
N PRO A 43 22.43 -14.60 -0.87
CA PRO A 43 22.14 -13.14 -0.78
C PRO A 43 23.17 -12.30 -1.54
N ALA A 44 22.73 -11.26 -2.18
CA ALA A 44 23.68 -10.41 -2.94
C ALA A 44 23.02 -9.09 -3.33
N LEU A 45 21.90 -9.15 -4.00
CA LEU A 45 21.21 -7.90 -4.40
C LEU A 45 20.18 -7.51 -3.34
N GLU A 46 19.94 -6.25 -3.17
CA GLU A 46 18.96 -5.80 -2.15
C GLU A 46 17.59 -6.40 -2.47
N GLU A 47 17.27 -6.53 -3.73
CA GLU A 47 15.96 -7.11 -4.11
C GLU A 47 15.97 -8.62 -3.84
N ASP A 48 17.14 -9.18 -3.67
CA ASP A 48 17.23 -10.65 -3.42
C ASP A 48 17.17 -10.94 -1.91
N VAL A 49 16.73 -9.99 -1.13
CA VAL A 49 16.67 -10.22 0.35
C VAL A 49 15.22 -10.14 0.83
N ILE A 50 14.98 -10.53 2.05
CA ILE A 50 13.59 -10.50 2.58
C ILE A 50 13.46 -9.32 3.55
N TYR A 51 12.33 -8.67 3.57
CA TYR A 51 12.14 -7.50 4.48
C TYR A 51 11.05 -7.81 5.49
N HIS A 52 11.27 -7.49 6.73
CA HIS A 52 10.24 -7.74 7.79
C HIS A 52 9.68 -6.40 8.25
N VAL A 53 8.39 -6.23 8.17
CA VAL A 53 7.79 -4.93 8.59
C VAL A 53 6.63 -5.17 9.55
N LYS A 54 6.32 -4.19 10.36
CA LYS A 54 5.20 -4.33 11.33
C LYS A 54 4.21 -3.20 11.11
N TYR A 55 2.97 -3.40 11.45
CA TYR A 55 1.96 -2.31 11.25
C TYR A 55 1.90 -1.43 12.49
N ASP A 56 2.18 -0.17 12.35
CA ASP A 56 2.14 0.74 13.53
C ASP A 56 0.74 0.70 14.15
N ASP A 57 -0.27 0.68 13.32
CA ASP A 57 -1.66 0.64 13.85
C ASP A 57 -1.91 -0.66 14.60
N TYR A 58 -1.36 -1.75 14.12
CA TYR A 58 -1.58 -3.06 14.80
C TYR A 58 -0.23 -3.76 15.02
N PRO A 59 0.53 -3.33 16.00
CA PRO A 59 1.85 -3.93 16.32
C PRO A 59 1.71 -5.27 17.04
N GLU A 60 0.54 -5.57 17.54
CA GLU A 60 0.32 -6.86 18.26
C GLU A 60 0.52 -8.03 17.29
N ASN A 61 0.30 -7.81 16.02
CA ASN A 61 0.47 -8.91 15.03
C ASN A 61 1.82 -9.59 15.24
N GLY A 62 2.83 -8.84 15.60
CA GLY A 62 4.18 -9.44 15.81
C GLY A 62 5.11 -9.02 14.67
N VAL A 63 5.65 -9.96 13.94
CA VAL A 63 6.56 -9.61 12.82
C VAL A 63 6.00 -10.16 11.50
N VAL A 64 5.94 -9.34 10.49
CA VAL A 64 5.41 -9.80 9.17
C VAL A 64 6.57 -9.87 8.16
N GLN A 65 6.68 -10.95 7.44
CA GLN A 65 7.79 -11.07 6.45
C GLN A 65 7.22 -10.99 5.04
N MET A 66 7.65 -10.04 4.25
CA MET A 66 7.14 -9.93 2.86
C MET A 66 8.28 -9.49 1.93
N ASN A 67 8.10 -9.66 0.65
CA ASN A 67 9.17 -9.27 -0.31
C ASN A 67 9.04 -7.78 -0.65
N SER A 68 10.02 -7.23 -1.31
CA SER A 68 9.96 -5.77 -1.66
C SER A 68 8.78 -5.52 -2.60
N ARG A 69 8.43 -6.50 -3.40
CA ARG A 69 7.29 -6.32 -4.34
C ARG A 69 6.01 -6.00 -3.58
N ASP A 70 5.84 -6.59 -2.42
CA ASP A 70 4.61 -6.33 -1.62
C ASP A 70 4.86 -5.16 -0.66
N VAL A 71 6.05 -4.63 -0.65
CA VAL A 71 6.37 -3.49 0.26
C VAL A 71 6.78 -2.27 -0.56
N ARG A 72 6.22 -1.13 -0.28
CA ARG A 72 6.58 0.09 -1.05
C ARG A 72 6.88 1.24 -0.08
N ALA A 73 7.66 2.20 -0.50
CA ALA A 73 7.99 3.34 0.41
C ALA A 73 6.69 4.05 0.81
N ARG A 74 6.65 4.59 2.00
CA ARG A 74 5.42 5.30 2.45
C ARG A 74 5.27 6.63 1.72
N ALA A 75 4.09 6.92 1.23
CA ALA A 75 3.87 8.20 0.50
C ALA A 75 3.89 9.36 1.50
N ARG A 76 4.46 10.47 1.13
CA ARG A 76 4.51 11.64 2.07
C ARG A 76 4.10 12.91 1.32
N THR A 77 3.56 12.77 0.14
CA THR A 77 3.15 13.98 -0.64
C THR A 77 1.67 13.88 -1.03
N ILE A 78 0.93 14.93 -0.83
CA ILE A 78 -0.52 14.92 -1.20
C ILE A 78 -0.71 15.65 -2.52
N ILE A 79 -1.41 15.05 -3.45
CA ILE A 79 -1.60 15.72 -4.76
C ILE A 79 -2.93 16.48 -4.78
N LYS A 80 -2.96 17.60 -5.46
CA LYS A 80 -4.21 18.40 -5.53
C LYS A 80 -5.08 17.90 -6.68
N TRP A 81 -6.37 18.15 -6.61
CA TRP A 81 -7.27 17.69 -7.70
C TRP A 81 -6.76 18.20 -9.05
N GLN A 82 -6.34 19.43 -9.11
CA GLN A 82 -5.83 20.00 -10.40
C GLN A 82 -4.57 19.26 -10.83
N ASP A 83 -3.80 18.76 -9.90
CA ASP A 83 -2.53 18.06 -10.27
C ASP A 83 -2.79 16.58 -10.56
N LEU A 84 -4.03 16.16 -10.65
CA LEU A 84 -4.31 14.73 -10.95
C LEU A 84 -4.20 14.48 -12.46
N GLU A 85 -3.63 13.37 -12.84
CA GLU A 85 -3.48 13.06 -14.30
C GLU A 85 -4.22 11.76 -14.61
N VAL A 86 -4.38 11.45 -15.87
CA VAL A 86 -5.09 10.19 -16.23
C VAL A 86 -4.05 9.08 -16.47
N GLY A 87 -4.28 7.92 -15.93
CA GLY A 87 -3.30 6.81 -16.11
C GLY A 87 -2.28 6.85 -14.97
N GLN A 88 -2.51 7.69 -14.00
CA GLN A 88 -1.56 7.79 -12.85
C GLN A 88 -1.98 6.80 -11.78
N VAL A 89 -1.04 6.22 -11.06
CA VAL A 89 -1.40 5.26 -10.00
C VAL A 89 -1.36 5.95 -8.65
N VAL A 90 -2.46 5.90 -7.92
CA VAL A 90 -2.50 6.56 -6.59
C VAL A 90 -3.20 5.64 -5.58
N MET A 91 -3.05 5.91 -4.31
CA MET A 91 -3.70 5.05 -3.29
C MET A 91 -4.80 5.86 -2.59
N LEU A 92 -5.96 5.28 -2.44
CA LEU A 92 -7.08 6.01 -1.77
C LEU A 92 -7.85 5.04 -0.88
N ASN A 93 -8.76 5.54 -0.08
CA ASN A 93 -9.54 4.64 0.81
C ASN A 93 -10.77 4.14 0.06
N TYR A 94 -10.89 2.85 -0.10
CA TYR A 94 -12.08 2.29 -0.82
C TYR A 94 -12.71 1.20 0.05
N ASN A 95 -14.02 1.19 0.14
CA ASN A 95 -14.71 0.18 0.98
C ASN A 95 -15.62 -0.68 0.10
N PRO A 96 -15.13 -1.78 -0.40
CA PRO A 96 -15.92 -2.68 -1.29
C PRO A 96 -17.24 -3.11 -0.65
N ASP A 97 -17.23 -3.44 0.61
CA ASP A 97 -18.49 -3.87 1.28
C ASP A 97 -19.49 -2.71 1.31
N ASN A 98 -19.03 -1.55 1.65
CA ASN A 98 -19.94 -0.37 1.69
C ASN A 98 -19.22 0.87 1.16
N PRO A 99 -19.18 1.01 -0.14
CA PRO A 99 -18.50 2.17 -0.80
C PRO A 99 -18.99 3.51 -0.24
N LYS A 100 -20.14 3.54 0.37
CA LYS A 100 -20.66 4.81 0.94
C LYS A 100 -20.09 5.03 2.35
N GLU A 101 -19.24 4.13 2.79
CA GLU A 101 -18.65 4.27 4.16
C GLU A 101 -17.13 4.43 4.06
N ARG A 102 -16.45 4.38 5.17
CA ARG A 102 -14.97 4.53 5.16
C ARG A 102 -14.33 3.28 4.55
N GLY A 103 -13.17 3.42 3.99
CA GLY A 103 -12.49 2.26 3.35
C GLY A 103 -11.02 2.24 3.76
N PHE A 104 -10.30 1.22 3.37
CA PHE A 104 -8.85 1.14 3.72
C PHE A 104 -8.04 1.63 2.52
N TRP A 105 -6.85 2.11 2.75
CA TRP A 105 -6.03 2.61 1.61
C TRP A 105 -5.86 1.49 0.56
N TYR A 106 -6.66 1.53 -0.47
CA TYR A 106 -6.54 0.48 -1.54
C TYR A 106 -5.89 1.09 -2.77
N ASP A 107 -5.02 0.37 -3.42
CA ASP A 107 -4.36 0.93 -4.64
C ASP A 107 -5.40 1.10 -5.74
N ALA A 108 -5.21 2.05 -6.61
CA ALA A 108 -6.20 2.28 -7.70
C ALA A 108 -5.61 3.21 -8.76
N GLU A 109 -6.13 3.17 -9.95
CA GLU A 109 -5.61 4.06 -11.03
C GLU A 109 -6.69 5.07 -11.42
N ILE A 110 -6.30 6.20 -11.96
CA ILE A 110 -7.31 7.22 -12.35
C ILE A 110 -7.92 6.83 -13.69
N SER A 111 -9.22 6.68 -13.75
CA SER A 111 -9.87 6.30 -15.03
C SER A 111 -10.25 7.55 -15.82
N ARG A 112 -11.18 8.32 -15.32
CA ARG A 112 -11.59 9.56 -16.07
C ARG A 112 -11.89 10.69 -15.09
N LYS A 113 -11.51 11.90 -15.45
CA LYS A 113 -11.79 13.05 -14.55
C LYS A 113 -13.02 13.79 -15.06
N ARG A 114 -13.99 14.00 -14.21
CA ARG A 114 -15.22 14.73 -14.65
C ARG A 114 -15.66 15.73 -13.57
N GLU A 115 -15.99 16.92 -13.98
CA GLU A 115 -16.42 17.94 -12.98
C GLU A 115 -17.74 18.57 -13.44
N THR A 116 -18.58 18.94 -12.51
CA THR A 116 -19.88 19.57 -12.87
C THR A 116 -19.90 21.02 -12.38
N ARG A 117 -20.82 21.82 -12.85
CA ARG A 117 -20.86 23.24 -12.41
C ARG A 117 -20.96 23.33 -10.88
N THR A 118 -21.70 22.45 -10.26
CA THR A 118 -21.84 22.51 -8.78
C THR A 118 -21.55 21.13 -8.16
N ALA A 119 -20.87 20.28 -8.87
CA ALA A 119 -20.57 18.92 -8.30
C ALA A 119 -19.29 18.37 -8.91
N ARG A 120 -18.68 17.42 -8.25
CA ARG A 120 -17.43 16.82 -8.78
C ARG A 120 -17.63 15.32 -8.98
N GLU A 121 -17.09 14.78 -10.03
CA GLU A 121 -17.24 13.31 -10.27
C GLU A 121 -15.92 12.75 -10.76
N LEU A 122 -15.41 11.74 -10.11
CA LEU A 122 -14.10 11.16 -10.52
C LEU A 122 -14.24 9.65 -10.72
N TYR A 123 -13.64 9.13 -11.76
CA TYR A 123 -13.72 7.67 -12.01
C TYR A 123 -12.32 7.07 -11.84
N ALA A 124 -12.22 5.98 -11.13
CA ALA A 124 -10.89 5.35 -10.91
C ALA A 124 -11.03 3.82 -10.90
N ASN A 125 -9.96 3.13 -11.14
CA ASN A 125 -10.01 1.64 -11.13
C ASN A 125 -9.40 1.13 -9.83
N VAL A 126 -10.10 0.28 -9.11
CA VAL A 126 -9.56 -0.24 -7.82
C VAL A 126 -9.24 -1.73 -7.95
N VAL A 127 -8.11 -2.14 -7.44
CA VAL A 127 -7.73 -3.58 -7.53
C VAL A 127 -7.56 -4.15 -6.12
N LEU A 128 -8.15 -5.29 -5.85
CA LEU A 128 -8.01 -5.89 -4.49
C LEU A 128 -6.89 -6.94 -4.54
N GLY A 129 -6.39 -7.34 -3.41
CA GLY A 129 -5.30 -8.33 -3.38
C GLY A 129 -5.67 -9.56 -4.23
N ASP A 130 -6.94 -9.84 -4.36
CA ASP A 130 -7.34 -11.04 -5.16
C ASP A 130 -8.51 -10.70 -6.07
N ASP A 131 -9.32 -9.75 -5.70
CA ASP A 131 -10.49 -9.38 -6.55
C ASP A 131 -10.21 -8.07 -7.30
N SER A 132 -10.91 -7.85 -8.39
CA SER A 132 -10.69 -6.59 -9.17
C SER A 132 -11.98 -5.77 -9.15
N LEU A 133 -11.84 -4.46 -9.21
CA LEU A 133 -13.04 -3.58 -9.19
C LEU A 133 -12.79 -2.41 -10.13
N ASN A 134 -12.17 -2.66 -11.26
CA ASN A 134 -11.89 -1.57 -12.22
C ASN A 134 -13.19 -0.87 -12.62
N ASP A 135 -13.09 0.30 -13.20
CA ASP A 135 -14.31 1.05 -13.62
C ASP A 135 -15.24 1.24 -12.42
N CYS A 136 -14.71 1.75 -11.34
CA CYS A 136 -15.55 1.97 -10.13
C CYS A 136 -15.63 3.48 -9.82
N ARG A 137 -16.63 3.90 -9.10
CA ARG A 137 -16.76 5.34 -8.77
C ARG A 137 -16.07 5.63 -7.45
N ILE A 138 -15.39 6.75 -7.33
CA ILE A 138 -14.70 7.07 -6.06
C ILE A 138 -15.44 8.20 -5.35
N ILE A 139 -15.97 7.94 -4.18
CA ILE A 139 -16.70 9.02 -3.44
C ILE A 139 -15.72 10.05 -2.90
N PHE A 140 -14.61 9.63 -2.37
CA PHE A 140 -13.64 10.61 -1.83
C PHE A 140 -12.53 10.87 -2.86
N VAL A 141 -12.44 12.07 -3.34
CA VAL A 141 -11.38 12.40 -4.34
C VAL A 141 -10.28 13.22 -3.67
N ASP A 142 -10.60 13.87 -2.58
CA ASP A 142 -9.58 14.69 -1.86
C ASP A 142 -8.47 13.79 -1.34
N GLU A 143 -8.79 12.58 -0.97
CA GLU A 143 -7.74 11.66 -0.44
C GLU A 143 -6.97 11.02 -1.60
N VAL A 144 -5.93 11.68 -2.06
CA VAL A 144 -5.14 11.12 -3.19
C VAL A 144 -3.68 10.98 -2.75
N PHE A 145 -3.09 9.84 -2.95
CA PHE A 145 -1.67 9.66 -2.56
C PHE A 145 -0.88 9.04 -3.72
N LYS A 146 0.36 9.41 -3.85
CA LYS A 146 1.19 8.85 -4.95
C LYS A 146 2.08 7.74 -4.38
N ILE A 147 2.38 6.74 -5.17
CA ILE A 147 3.24 5.63 -4.67
C ILE A 147 4.68 5.82 -5.16
N GLU A 148 5.64 5.67 -4.29
CA GLU A 148 7.05 5.83 -4.70
C GLU A 148 7.64 4.47 -5.08
N ARG A 149 8.56 4.44 -6.01
CA ARG A 149 9.16 3.14 -6.42
C ARG A 149 10.69 3.28 -6.44
N PRO A 150 11.37 2.16 -6.41
CA PRO A 150 12.86 2.13 -6.43
C PRO A 150 13.43 2.77 -7.70
N GLY A 151 12.66 2.85 -8.74
CA GLY A 151 13.14 3.46 -10.00
C GLY A 151 13.68 2.37 -10.92
N GLU A 152 13.52 1.12 -10.53
CA GLU A 152 14.02 0.01 -11.39
C GLU A 152 12.86 -0.55 -12.22
N THR B 1 4.55 8.02 23.77
CA THR B 1 3.78 8.92 24.68
C THR B 1 3.56 10.27 24.00
N GLY B 2 2.55 10.99 24.41
CA GLY B 2 2.28 12.31 23.79
C GLY B 2 1.44 12.11 22.53
N LYS B 3 1.34 13.12 21.70
CA LYS B 3 0.53 13.00 20.46
C LYS B 3 1.06 11.83 19.62
N GLY B 4 2.35 11.66 19.60
CA GLY B 4 2.94 10.54 18.79
C GLY B 4 3.11 10.99 17.34
N LYS B 5 3.33 10.07 16.45
CA LYS B 5 3.50 10.44 15.02
C LYS B 5 2.14 10.39 14.31
N TRP B 6 1.93 11.26 13.36
CA TRP B 6 0.62 11.25 12.64
C TRP B 6 0.56 10.03 11.72
N LYS B 7 -0.59 9.41 11.63
CA LYS B 7 -0.72 8.21 10.76
C LYS B 7 -1.82 8.45 9.72
N ARG B 8 -1.73 7.81 8.58
CA ARG B 8 -2.79 7.99 7.55
C ARG B 8 -4.14 7.54 8.13
N LYS B 9 -5.22 8.16 7.72
CA LYS B 9 -6.54 7.75 8.27
C LYS B 9 -7.05 6.53 7.51
N SER B 10 -7.50 5.53 8.22
CA SER B 10 -8.01 4.31 7.55
C SER B 10 -9.27 3.82 8.25
N ALA B 11 -10.15 3.16 7.54
CA ALA B 11 -11.39 2.66 8.19
C ALA B 11 -12.29 2.02 7.13
N GLY B 12 -12.92 0.92 7.48
CA GLY B 12 -13.82 0.23 6.51
C GLY B 12 -14.20 -1.14 7.06
N GLY B 13 -14.90 -1.93 6.30
CA GLY B 13 -15.31 -3.28 6.78
C GLY B 13 -16.61 -3.16 7.57
N GLY B 14 -16.95 -4.17 8.33
CA GLY B 14 -18.21 -4.12 9.13
C GLY B 14 -17.87 -4.22 10.62
N PRO B 15 -18.86 -4.08 11.47
CA PRO B 15 -18.66 -4.17 12.94
C PRO B 15 -17.91 -5.43 13.37
N SER B 16 -17.97 -6.46 12.56
CA SER B 16 -17.26 -7.72 12.92
C SER B 16 -15.88 -7.72 12.27
N LEU A 1 15.93 -1.41 -0.81
CA LEU A 1 15.50 0.01 -0.91
C LEU A 1 15.06 0.51 0.47
N TYR A 2 14.64 -0.38 1.32
CA TYR A 2 14.20 0.04 2.69
C TYR A 2 15.21 -0.46 3.72
N LYS A 3 15.50 0.34 4.71
CA LYS A 3 16.48 -0.07 5.76
C LYS A 3 15.75 -0.31 7.08
N VAL A 4 16.36 -1.08 7.95
CA VAL A 4 15.72 -1.35 9.26
C VAL A 4 15.34 -0.03 9.93
N ASN A 5 14.19 0.01 10.54
CA ASN A 5 13.73 1.26 11.21
C ASN A 5 13.22 2.25 10.15
N GLU A 6 12.93 1.78 8.97
CA GLU A 6 12.41 2.67 7.91
C GLU A 6 10.88 2.66 7.94
N TYR A 7 10.25 3.70 7.48
CA TYR A 7 8.75 3.73 7.50
C TYR A 7 8.21 3.37 6.12
N VAL A 8 7.67 2.18 5.98
CA VAL A 8 7.11 1.75 4.68
C VAL A 8 5.73 1.15 4.90
N ASP A 9 4.91 1.10 3.88
CA ASP A 9 3.55 0.53 4.05
C ASP A 9 3.56 -0.94 3.59
N ALA A 10 2.82 -1.78 4.25
CA ALA A 10 2.78 -3.22 3.87
C ALA A 10 1.37 -3.57 3.38
N ARG A 11 1.27 -4.38 2.37
CA ARG A 11 -0.09 -4.75 1.85
C ARG A 11 -0.49 -6.14 2.35
N ASP A 12 -1.74 -6.31 2.69
CA ASP A 12 -2.21 -7.65 3.16
C ASP A 12 -2.74 -8.43 1.97
N THR A 13 -2.18 -9.57 1.69
CA THR A 13 -2.65 -10.37 0.53
C THR A 13 -4.12 -10.75 0.72
N ASN A 14 -4.52 -11.02 1.94
CA ASN A 14 -5.93 -11.43 2.19
C ASN A 14 -6.93 -10.32 1.83
N MET A 15 -6.65 -9.08 2.17
CA MET A 15 -7.61 -7.98 1.84
C MET A 15 -7.00 -7.02 0.83
N GLY A 16 -5.70 -7.05 0.67
CA GLY A 16 -5.06 -6.13 -0.30
C GLY A 16 -5.12 -4.70 0.25
N ALA A 17 -5.14 -4.55 1.55
CA ALA A 17 -5.22 -3.18 2.14
C ALA A 17 -3.83 -2.71 2.57
N TRP A 18 -3.58 -1.43 2.48
CA TRP A 18 -2.25 -0.90 2.89
C TRP A 18 -2.36 -0.22 4.26
N PHE A 19 -1.43 -0.45 5.13
CA PHE A 19 -1.49 0.20 6.47
C PHE A 19 -0.09 0.69 6.87
N GLU A 20 -0.01 1.64 7.75
CA GLU A 20 1.33 2.15 8.17
C GLU A 20 2.11 1.00 8.80
N ALA A 21 3.36 0.85 8.45
CA ALA A 21 4.17 -0.26 9.03
C ALA A 21 5.63 0.18 9.10
N GLN A 22 6.39 -0.39 10.01
CA GLN A 22 7.83 -0.03 10.11
C GLN A 22 8.70 -1.24 9.79
N VAL A 23 9.90 -1.02 9.34
CA VAL A 23 10.79 -2.16 9.01
C VAL A 23 11.46 -2.68 10.28
N VAL A 24 11.26 -3.92 10.60
CA VAL A 24 11.88 -4.49 11.82
C VAL A 24 13.29 -4.99 11.50
N ARG A 25 13.45 -5.67 10.39
CA ARG A 25 14.80 -6.18 10.02
C ARG A 25 14.77 -6.67 8.57
N VAL A 26 15.90 -6.66 7.91
CA VAL A 26 15.95 -7.16 6.52
C VAL A 26 16.92 -8.33 6.46
N THR A 27 16.48 -9.46 5.99
CA THR A 27 17.39 -10.63 5.94
C THR A 27 17.07 -11.49 4.71
N ARG A 28 17.93 -12.42 4.40
CA ARG A 28 17.70 -13.31 3.23
C ARG A 28 18.28 -14.70 3.53
N LYS A 29 17.80 -15.71 2.86
CA LYS A 29 18.34 -17.08 3.12
C LYS A 29 19.42 -17.40 2.08
N ALA A 30 20.62 -17.65 2.53
CA ALA A 30 21.72 -17.98 1.57
C ALA A 30 22.23 -19.40 1.87
N PRO A 31 22.98 -19.95 0.95
CA PRO A 31 23.54 -21.33 1.10
C PRO A 31 24.61 -21.40 2.21
N SER A 32 24.58 -22.42 3.01
CA SER A 32 25.60 -22.51 4.09
C SER A 32 26.97 -22.80 3.47
N ARG A 33 27.00 -23.50 2.38
CA ARG A 33 28.29 -23.82 1.72
C ARG A 33 28.04 -24.04 0.22
N ASP A 34 27.06 -24.84 -0.11
CA ASP A 34 26.76 -25.10 -1.54
C ASP A 34 25.39 -25.74 -1.66
N GLU A 35 24.55 -25.58 -0.67
CA GLU A 35 23.18 -26.18 -0.72
C GLU A 35 22.12 -25.11 -0.40
N PRO A 36 21.93 -24.18 -1.30
CA PRO A 36 20.93 -23.10 -1.13
C PRO A 36 19.55 -23.64 -0.71
N CYS A 37 18.83 -22.90 0.08
CA CYS A 37 17.48 -23.37 0.52
C CYS A 37 16.61 -23.62 -0.71
N SER A 38 16.82 -22.88 -1.76
CA SER A 38 15.99 -23.06 -3.00
C SER A 38 16.90 -23.49 -4.15
N SER A 39 16.37 -24.26 -5.06
CA SER A 39 17.20 -24.71 -6.23
C SER A 39 17.61 -23.50 -7.06
N THR A 40 16.95 -22.39 -6.89
CA THR A 40 17.31 -21.17 -7.67
C THR A 40 18.63 -20.61 -7.17
N SER A 41 19.23 -19.71 -7.92
CA SER A 41 20.53 -19.13 -7.49
C SER A 41 20.38 -18.50 -6.10
N ARG A 42 21.47 -18.35 -5.39
CA ARG A 42 21.38 -17.76 -4.03
C ARG A 42 20.99 -16.28 -4.14
N PRO A 43 20.27 -15.76 -3.16
CA PRO A 43 19.83 -14.34 -3.17
C PRO A 43 21.01 -13.37 -3.15
N ALA A 44 20.88 -12.25 -3.81
CA ALA A 44 22.00 -11.27 -3.83
C ALA A 44 21.44 -9.87 -4.10
N LEU A 45 20.33 -9.80 -4.78
CA LEU A 45 19.72 -8.46 -5.09
C LEU A 45 18.83 -8.03 -3.93
N GLU A 46 18.67 -6.75 -3.74
CA GLU A 46 17.81 -6.26 -2.63
C GLU A 46 16.41 -6.87 -2.78
N GLU A 47 15.98 -7.04 -4.00
CA GLU A 47 14.63 -7.64 -4.22
C GLU A 47 14.68 -9.13 -3.90
N ASP A 48 15.85 -9.70 -3.86
CA ASP A 48 15.98 -11.14 -3.57
C ASP A 48 16.18 -11.36 -2.06
N VAL A 49 15.77 -10.42 -1.26
CA VAL A 49 15.94 -10.57 0.22
C VAL A 49 14.57 -10.54 0.91
N ILE A 50 14.54 -10.88 2.17
CA ILE A 50 13.24 -10.89 2.90
C ILE A 50 13.17 -9.67 3.82
N TYR A 51 12.03 -9.06 3.94
CA TYR A 51 11.89 -7.86 4.81
C TYR A 51 10.91 -8.15 5.94
N HIS A 52 11.21 -7.70 7.13
CA HIS A 52 10.29 -7.94 8.29
C HIS A 52 9.63 -6.62 8.65
N VAL A 53 8.33 -6.54 8.58
CA VAL A 53 7.64 -5.27 8.94
C VAL A 53 6.47 -5.56 9.88
N LYS A 54 6.14 -4.60 10.72
CA LYS A 54 5.01 -4.79 11.66
C LYS A 54 3.99 -3.68 11.45
N TYR A 55 2.75 -3.93 11.72
CA TYR A 55 1.71 -2.88 11.52
C TYR A 55 1.50 -2.12 12.82
N ASP A 56 1.77 -0.85 12.83
CA ASP A 56 1.57 -0.05 14.08
C ASP A 56 0.13 -0.19 14.53
N ASP A 57 -0.79 -0.22 13.61
CA ASP A 57 -2.23 -0.36 13.99
C ASP A 57 -2.46 -1.70 14.68
N TYR A 58 -1.80 -2.74 14.23
CA TYR A 58 -1.98 -4.08 14.84
C TYR A 58 -0.62 -4.70 15.16
N PRO A 59 0.01 -4.27 16.22
CA PRO A 59 1.34 -4.81 16.64
C PRO A 59 1.25 -6.18 17.30
N GLU A 60 0.06 -6.58 17.70
CA GLU A 60 -0.11 -7.91 18.35
C GLU A 60 0.27 -9.02 17.36
N ASN A 61 0.11 -8.77 16.09
CA ASN A 61 0.45 -9.82 15.08
C ASN A 61 1.86 -10.35 15.34
N GLY A 62 2.75 -9.51 15.79
CA GLY A 62 4.14 -9.98 16.05
C GLY A 62 5.06 -9.52 14.91
N VAL A 63 5.68 -10.43 14.22
CA VAL A 63 6.58 -10.06 13.09
C VAL A 63 6.07 -10.67 11.80
N VAL A 64 5.85 -9.87 10.79
CA VAL A 64 5.36 -10.38 9.49
C VAL A 64 6.46 -10.27 8.43
N GLN A 65 6.64 -11.29 7.63
CA GLN A 65 7.69 -11.22 6.58
C GLN A 65 7.04 -10.81 5.26
N MET A 66 7.59 -9.86 4.57
CA MET A 66 6.98 -9.42 3.29
C MET A 66 8.07 -9.11 2.26
N ASN A 67 7.75 -9.19 1.00
CA ASN A 67 8.77 -8.89 -0.06
C ASN A 67 8.75 -7.39 -0.36
N SER A 68 9.80 -6.89 -0.95
CA SER A 68 9.84 -5.43 -1.26
C SER A 68 8.75 -5.10 -2.28
N ARG A 69 8.42 -6.02 -3.14
CA ARG A 69 7.37 -5.75 -4.16
C ARG A 69 6.04 -5.48 -3.45
N ASP A 70 5.76 -6.20 -2.40
CA ASP A 70 4.48 -5.98 -1.67
C ASP A 70 4.65 -4.86 -0.64
N VAL A 71 5.83 -4.33 -0.51
CA VAL A 71 6.06 -3.23 0.47
C VAL A 71 6.44 -1.96 -0.28
N ARG A 72 5.82 -0.85 0.06
CA ARG A 72 6.14 0.42 -0.63
C ARG A 72 6.41 1.52 0.40
N ALA A 73 7.24 2.47 0.07
CA ALA A 73 7.54 3.57 1.01
C ALA A 73 6.26 4.35 1.31
N ARG A 74 6.13 4.91 2.48
CA ARG A 74 4.89 5.68 2.80
C ARG A 74 4.78 6.87 1.85
N ALA A 75 3.59 7.19 1.42
CA ALA A 75 3.41 8.34 0.50
C ALA A 75 3.83 9.63 1.21
N ARG A 76 4.47 10.53 0.50
CA ARG A 76 4.92 11.80 1.14
C ARG A 76 4.54 12.99 0.25
N THR A 77 3.82 12.75 -0.81
CA THR A 77 3.42 13.87 -1.72
C THR A 77 1.90 13.96 -1.80
N ILE A 78 1.36 15.13 -1.65
CA ILE A 78 -0.12 15.31 -1.73
C ILE A 78 -0.48 15.88 -3.10
N ILE A 79 -1.41 15.28 -3.79
CA ILE A 79 -1.78 15.79 -5.13
C ILE A 79 -3.19 16.40 -5.08
N LYS A 80 -3.39 17.48 -5.78
CA LYS A 80 -4.73 18.14 -5.80
C LYS A 80 -5.62 17.46 -6.84
N TRP A 81 -6.91 17.55 -6.68
CA TRP A 81 -7.83 16.91 -7.66
C TRP A 81 -7.45 17.36 -9.07
N GLN A 82 -7.15 18.62 -9.23
CA GLN A 82 -6.77 19.14 -10.58
C GLN A 82 -5.42 18.55 -11.01
N ASP A 83 -4.56 18.27 -10.07
CA ASP A 83 -3.21 17.73 -10.43
C ASP A 83 -3.24 16.21 -10.59
N LEU A 84 -4.40 15.60 -10.61
CA LEU A 84 -4.44 14.12 -10.78
C LEU A 84 -4.13 13.76 -12.23
N GLU A 85 -3.43 12.69 -12.45
CA GLU A 85 -3.10 12.27 -13.84
C GLU A 85 -3.74 10.92 -14.14
N VAL A 86 -3.91 10.60 -15.40
CA VAL A 86 -4.53 9.30 -15.75
C VAL A 86 -3.42 8.28 -16.05
N GLY A 87 -3.54 7.09 -15.55
CA GLY A 87 -2.49 6.07 -15.80
C GLY A 87 -1.55 5.97 -14.60
N GLN A 88 -1.78 6.76 -13.58
CA GLN A 88 -0.90 6.70 -12.38
C GLN A 88 -1.60 5.92 -11.28
N VAL A 89 -0.86 5.33 -10.37
CA VAL A 89 -1.51 4.55 -9.29
C VAL A 89 -1.55 5.37 -8.01
N VAL A 90 -2.69 5.46 -7.38
CA VAL A 90 -2.80 6.25 -6.13
C VAL A 90 -3.60 5.45 -5.10
N MET A 91 -3.51 5.81 -3.84
CA MET A 91 -4.26 5.08 -2.80
C MET A 91 -5.36 5.99 -2.24
N LEU A 92 -6.54 5.48 -2.09
CA LEU A 92 -7.65 6.32 -1.55
C LEU A 92 -8.48 5.50 -0.56
N ASN A 93 -9.39 6.13 0.13
CA ASN A 93 -10.22 5.37 1.11
C ASN A 93 -11.45 4.79 0.40
N TYR A 94 -11.53 3.50 0.30
CA TYR A 94 -12.70 2.87 -0.37
C TYR A 94 -13.32 1.83 0.56
N ASN A 95 -14.64 1.82 0.65
CA ASN A 95 -15.32 0.85 1.55
C ASN A 95 -16.27 -0.02 0.72
N PRO A 96 -15.83 -1.18 0.31
CA PRO A 96 -16.67 -2.11 -0.51
C PRO A 96 -18.03 -2.36 0.13
N ASP A 97 -18.08 -2.54 1.41
CA ASP A 97 -19.39 -2.78 2.08
C ASP A 97 -20.27 -1.54 1.96
N ASN A 98 -19.73 -0.39 2.17
CA ASN A 98 -20.54 0.86 2.06
C ASN A 98 -19.72 1.96 1.37
N PRO A 99 -19.64 1.91 0.07
CA PRO A 99 -18.88 2.91 -0.72
C PRO A 99 -19.30 4.35 -0.41
N LYS A 100 -20.47 4.54 0.12
CA LYS A 100 -20.95 5.91 0.45
C LYS A 100 -20.42 6.33 1.82
N GLU A 101 -19.64 5.48 2.45
CA GLU A 101 -19.11 5.83 3.80
C GLU A 101 -17.57 5.95 3.72
N ARG A 102 -16.93 6.07 4.85
CA ARG A 102 -15.44 6.20 4.84
C ARG A 102 -14.84 4.84 4.48
N GLY A 103 -13.66 4.84 3.91
CA GLY A 103 -13.03 3.54 3.50
C GLY A 103 -11.63 3.43 4.06
N PHE A 104 -11.01 2.28 3.89
CA PHE A 104 -9.63 2.09 4.41
C PHE A 104 -8.63 2.33 3.27
N TRP A 105 -7.39 2.56 3.59
CA TRP A 105 -6.40 2.83 2.52
C TRP A 105 -6.34 1.65 1.53
N TYR A 106 -7.05 1.76 0.44
CA TYR A 106 -7.03 0.67 -0.59
C TYR A 106 -6.33 1.18 -1.85
N ASP A 107 -5.57 0.35 -2.51
CA ASP A 107 -4.87 0.80 -3.74
C ASP A 107 -5.88 0.96 -4.88
N ALA A 108 -5.61 1.86 -5.78
CA ALA A 108 -6.55 2.08 -6.91
C ALA A 108 -5.84 2.86 -8.03
N GLU A 109 -6.30 2.72 -9.24
CA GLU A 109 -5.66 3.44 -10.38
C GLU A 109 -6.66 4.44 -10.98
N ILE A 110 -6.17 5.47 -11.62
CA ILE A 110 -7.10 6.46 -12.23
C ILE A 110 -7.44 6.01 -13.65
N SER A 111 -8.70 5.76 -13.91
CA SER A 111 -9.09 5.31 -15.28
C SER A 111 -9.51 6.51 -16.13
N ARG A 112 -10.28 7.41 -15.58
CA ARG A 112 -10.72 8.59 -16.38
C ARG A 112 -11.07 9.76 -15.44
N LYS A 113 -10.82 10.97 -15.86
CA LYS A 113 -11.15 12.15 -15.02
C LYS A 113 -12.28 12.93 -15.67
N ARG A 114 -13.28 13.30 -14.91
CA ARG A 114 -14.42 14.08 -15.49
C ARG A 114 -14.81 15.21 -14.56
N GLU A 115 -14.95 16.41 -15.09
CA GLU A 115 -15.33 17.57 -14.24
C GLU A 115 -16.65 18.15 -14.73
N THR A 116 -17.44 18.68 -13.83
CA THR A 116 -18.75 19.28 -14.24
C THR A 116 -18.71 20.78 -13.95
N ARG A 117 -19.63 21.52 -14.48
CA ARG A 117 -19.64 22.99 -14.25
C ARG A 117 -19.66 23.30 -12.75
N THR A 118 -20.39 22.53 -11.98
CA THR A 118 -20.45 22.80 -10.52
C THR A 118 -20.18 21.51 -9.73
N ALA A 119 -19.54 20.54 -10.34
CA ALA A 119 -19.27 19.28 -9.59
C ALA A 119 -18.03 18.59 -10.18
N ARG A 120 -17.42 17.72 -9.41
CA ARG A 120 -16.21 17.02 -9.91
C ARG A 120 -16.47 15.50 -9.88
N GLU A 121 -16.08 14.80 -10.91
CA GLU A 121 -16.31 13.32 -10.94
C GLU A 121 -15.04 12.62 -11.40
N LEU A 122 -14.55 11.67 -10.64
CA LEU A 122 -13.32 10.93 -11.04
C LEU A 122 -13.61 9.44 -11.14
N TYR A 123 -13.02 8.78 -12.10
CA TYR A 123 -13.23 7.31 -12.24
C TYR A 123 -11.91 6.61 -11.95
N ALA A 124 -11.93 5.59 -11.14
CA ALA A 124 -10.66 4.87 -10.81
C ALA A 124 -10.94 3.38 -10.66
N ASN A 125 -9.92 2.57 -10.79
CA ASN A 125 -10.11 1.11 -10.64
C ASN A 125 -9.57 0.69 -9.27
N VAL A 126 -10.36 0.00 -8.49
CA VAL A 126 -9.89 -0.42 -7.13
C VAL A 126 -9.64 -1.92 -7.12
N VAL A 127 -8.54 -2.34 -6.54
CA VAL A 127 -8.23 -3.80 -6.52
C VAL A 127 -8.19 -4.30 -5.07
N LEU A 128 -8.85 -5.39 -4.79
CA LEU A 128 -8.83 -5.93 -3.39
C LEU A 128 -7.80 -7.06 -3.33
N GLY A 129 -7.41 -7.47 -2.15
CA GLY A 129 -6.40 -8.55 -2.04
C GLY A 129 -6.78 -9.72 -2.94
N ASP A 130 -8.05 -9.94 -3.16
CA ASP A 130 -8.46 -11.09 -4.02
C ASP A 130 -9.59 -10.65 -4.97
N ASP A 131 -10.49 -9.84 -4.51
CA ASP A 131 -11.62 -9.39 -5.37
C ASP A 131 -11.20 -8.17 -6.19
N SER A 132 -11.86 -7.93 -7.29
CA SER A 132 -11.51 -6.76 -8.15
C SER A 132 -12.72 -5.82 -8.23
N LEU A 133 -12.48 -4.55 -8.39
CA LEU A 133 -13.59 -3.57 -8.47
C LEU A 133 -13.26 -2.50 -9.51
N ASN A 134 -12.68 -2.91 -10.60
CA ASN A 134 -12.31 -1.93 -11.66
C ASN A 134 -13.53 -1.10 -12.04
N ASP A 135 -13.33 -0.02 -12.76
CA ASP A 135 -14.47 0.84 -13.17
C ASP A 135 -15.24 1.30 -11.93
N CYS A 136 -14.54 1.81 -10.95
CA CYS A 136 -15.23 2.28 -9.71
C CYS A 136 -15.22 3.81 -9.66
N ARG A 137 -16.24 4.39 -9.10
CA ARG A 137 -16.30 5.89 -9.02
C ARG A 137 -15.72 6.34 -7.68
N ILE A 138 -15.00 7.42 -7.67
CA ILE A 138 -14.40 7.90 -6.39
C ILE A 138 -15.26 9.02 -5.81
N ILE A 139 -15.84 8.79 -4.66
CA ILE A 139 -16.70 9.84 -4.03
C ILE A 139 -15.83 10.99 -3.53
N PHE A 140 -14.71 10.69 -2.92
CA PHE A 140 -13.84 11.76 -2.40
C PHE A 140 -12.69 12.01 -3.38
N VAL A 141 -12.63 13.19 -3.94
CA VAL A 141 -11.54 13.49 -4.90
C VAL A 141 -10.39 14.19 -4.16
N ASP A 142 -10.72 14.94 -3.15
CA ASP A 142 -9.67 15.66 -2.38
C ASP A 142 -8.71 14.67 -1.72
N GLU A 143 -9.20 13.51 -1.32
CA GLU A 143 -8.29 12.54 -0.65
C GLU A 143 -7.57 11.67 -1.68
N VAL A 144 -6.46 12.13 -2.18
CA VAL A 144 -5.69 11.34 -3.18
C VAL A 144 -4.26 11.15 -2.66
N PHE A 145 -3.71 9.96 -2.78
CA PHE A 145 -2.33 9.75 -2.30
C PHE A 145 -1.44 9.24 -3.43
N LYS A 146 -0.19 9.55 -3.38
CA LYS A 146 0.76 9.11 -4.45
C LYS A 146 1.52 7.88 -3.98
N ILE A 147 1.86 7.01 -4.89
CA ILE A 147 2.59 5.78 -4.50
C ILE A 147 4.07 5.93 -4.88
N GLU A 148 4.96 5.59 -3.99
CA GLU A 148 6.41 5.71 -4.29
C GLU A 148 6.93 4.37 -4.82
N ARG A 149 7.91 4.42 -5.69
CA ARG A 149 8.46 3.16 -6.25
C ARG A 149 9.98 3.24 -6.32
N PRO A 150 10.64 2.12 -6.43
CA PRO A 150 12.13 2.05 -6.51
C PRO A 150 12.68 2.86 -7.68
N GLY A 151 11.87 3.11 -8.67
CA GLY A 151 12.35 3.91 -9.84
C GLY A 151 12.79 2.96 -10.97
N GLU A 152 12.62 1.68 -10.80
CA GLU A 152 13.03 0.73 -11.88
C GLU A 152 12.51 1.24 -13.22
N THR B 1 1.96 4.05 23.37
CA THR B 1 3.32 4.27 22.83
C THR B 1 3.22 4.71 21.36
N GLY B 2 4.05 5.64 20.96
CA GLY B 2 3.99 6.11 19.55
C GLY B 2 3.08 7.33 19.45
N LYS B 3 2.60 7.81 20.56
CA LYS B 3 1.69 9.01 20.53
C LYS B 3 2.41 10.17 19.86
N GLY B 4 3.70 10.28 20.06
CA GLY B 4 4.46 11.41 19.42
C GLY B 4 4.23 11.38 17.90
N LYS B 5 4.09 10.22 17.33
CA LYS B 5 3.86 10.13 15.87
C LYS B 5 2.36 10.14 15.58
N TRP B 6 1.95 10.74 14.49
CA TRP B 6 0.50 10.78 14.16
C TRP B 6 0.22 9.81 13.01
N LYS B 7 -0.87 9.09 13.08
CA LYS B 7 -1.20 8.13 11.99
C LYS B 7 -2.03 8.84 10.92
N ARG B 8 -1.92 8.40 9.70
CA ARG B 8 -2.70 9.05 8.60
C ARG B 8 -4.19 8.98 8.92
N LYS B 9 -4.95 9.94 8.47
CA LYS B 9 -6.41 9.93 8.75
C LYS B 9 -7.12 9.05 7.72
N SER B 10 -8.18 8.40 8.12
CA SER B 10 -8.93 7.51 7.17
C SER B 10 -9.72 6.47 7.97
N ALA B 11 -10.88 6.10 7.50
CA ALA B 11 -11.69 5.10 8.24
C ALA B 11 -12.47 4.22 7.25
N GLY B 12 -12.77 3.01 7.64
CA GLY B 12 -13.52 2.10 6.74
C GLY B 12 -14.01 0.89 7.54
N GLY B 13 -14.51 -0.12 6.88
CA GLY B 13 -15.00 -1.32 7.61
C GLY B 13 -13.81 -2.19 8.03
N GLY B 14 -14.07 -3.26 8.73
CA GLY B 14 -12.96 -4.15 9.17
C GLY B 14 -13.25 -5.59 8.75
N PRO B 15 -13.05 -5.91 7.51
CA PRO B 15 -13.30 -7.28 6.97
C PRO B 15 -12.55 -8.35 7.76
N SER B 16 -13.13 -9.51 7.92
CA SER B 16 -12.45 -10.59 8.68
C SER B 16 -13.37 -11.81 8.77
N LEU A 1 15.57 -2.93 -0.41
CA LEU A 1 15.02 -1.58 -0.75
C LEU A 1 14.58 -0.89 0.55
N TYR A 2 14.28 -1.65 1.57
CA TYR A 2 13.84 -1.04 2.85
C TYR A 2 14.90 -1.27 3.92
N LYS A 3 15.00 -0.38 4.87
CA LYS A 3 16.03 -0.52 5.93
C LYS A 3 15.35 -0.86 7.27
N VAL A 4 16.03 -1.54 8.13
CA VAL A 4 15.46 -1.88 9.45
C VAL A 4 15.06 -0.59 10.18
N ASN A 5 13.90 -0.57 10.77
CA ASN A 5 13.46 0.65 11.49
C ASN A 5 13.10 1.74 10.46
N GLU A 6 12.66 1.34 9.31
CA GLU A 6 12.27 2.33 8.26
C GLU A 6 10.74 2.36 8.12
N TYR A 7 10.19 3.46 7.68
CA TYR A 7 8.71 3.54 7.54
C TYR A 7 8.29 3.14 6.13
N VAL A 8 7.67 2.00 5.99
CA VAL A 8 7.22 1.53 4.66
C VAL A 8 5.79 1.01 4.76
N ASP A 9 5.08 0.97 3.65
CA ASP A 9 3.68 0.47 3.70
C ASP A 9 3.67 -1.06 3.55
N ALA A 10 2.81 -1.72 4.27
CA ALA A 10 2.74 -3.21 4.18
C ALA A 10 1.38 -3.61 3.60
N ARG A 11 1.34 -4.60 2.76
CA ARG A 11 0.04 -5.02 2.16
C ARG A 11 -0.50 -6.25 2.87
N ASP A 12 -1.78 -6.29 3.12
CA ASP A 12 -2.38 -7.47 3.79
C ASP A 12 -2.87 -8.45 2.72
N THR A 13 -2.26 -9.58 2.62
CA THR A 13 -2.69 -10.56 1.60
C THR A 13 -4.14 -10.99 1.86
N ASN A 14 -4.55 -11.03 3.10
CA ASN A 14 -5.95 -11.46 3.41
C ASN A 14 -6.98 -10.50 2.82
N MET A 15 -6.79 -9.21 2.99
CA MET A 15 -7.80 -8.24 2.45
C MET A 15 -7.18 -7.39 1.34
N GLY A 16 -5.87 -7.37 1.27
CA GLY A 16 -5.20 -6.56 0.21
C GLY A 16 -5.26 -5.08 0.60
N ALA A 17 -5.32 -4.81 1.88
CA ALA A 17 -5.38 -3.38 2.33
C ALA A 17 -3.99 -2.91 2.75
N TRP A 18 -3.68 -1.67 2.51
CA TRP A 18 -2.35 -1.13 2.89
C TRP A 18 -2.47 -0.29 4.16
N PHE A 19 -1.53 -0.44 5.07
CA PHE A 19 -1.59 0.37 6.32
C PHE A 19 -0.17 0.78 6.72
N GLU A 20 -0.03 1.75 7.57
CA GLU A 20 1.33 2.18 7.99
C GLU A 20 2.05 1.03 8.71
N ALA A 21 3.28 0.80 8.38
CA ALA A 21 4.03 -0.31 9.05
C ALA A 21 5.52 0.08 9.12
N GLN A 22 6.22 -0.41 10.10
CA GLN A 22 7.66 -0.10 10.23
C GLN A 22 8.48 -1.37 10.03
N VAL A 23 9.66 -1.26 9.50
CA VAL A 23 10.49 -2.48 9.29
C VAL A 23 11.19 -2.84 10.60
N VAL A 24 10.98 -4.03 11.08
CA VAL A 24 11.64 -4.43 12.35
C VAL A 24 12.99 -5.07 12.04
N ARG A 25 13.12 -5.72 10.92
CA ARG A 25 14.42 -6.35 10.57
C ARG A 25 14.43 -6.79 9.10
N VAL A 26 15.54 -6.61 8.43
CA VAL A 26 15.63 -7.05 7.01
C VAL A 26 16.71 -8.13 6.90
N THR A 27 16.34 -9.30 6.45
CA THR A 27 17.35 -10.39 6.34
C THR A 27 17.04 -11.29 5.14
N ARG A 28 17.94 -12.15 4.79
CA ARG A 28 17.72 -13.06 3.63
C ARG A 28 18.26 -14.45 3.98
N LYS A 29 17.72 -15.47 3.37
CA LYS A 29 18.22 -16.85 3.65
C LYS A 29 19.16 -17.29 2.54
N ALA A 30 20.34 -17.74 2.88
CA ALA A 30 21.30 -18.18 1.84
C ALA A 30 21.46 -19.70 1.89
N PRO A 31 22.01 -20.28 0.86
CA PRO A 31 22.23 -21.75 0.76
C PRO A 31 23.32 -22.24 1.71
N SER A 32 23.12 -23.35 2.35
CA SER A 32 24.17 -23.86 3.27
C SER A 32 25.43 -24.14 2.46
N ARG A 33 25.27 -24.60 1.25
CA ARG A 33 26.44 -24.89 0.38
C ARG A 33 26.10 -24.51 -1.06
N ASP A 34 25.06 -25.09 -1.61
CA ASP A 34 24.67 -24.75 -3.01
C ASP A 34 23.33 -25.43 -3.36
N GLU A 35 22.60 -25.88 -2.38
CA GLU A 35 21.30 -26.55 -2.67
C GLU A 35 20.21 -25.96 -1.77
N PRO A 36 19.80 -24.75 -2.02
CA PRO A 36 18.74 -24.06 -1.23
C PRO A 36 17.34 -24.53 -1.64
N CYS A 37 16.97 -24.28 -2.87
CA CYS A 37 15.62 -24.70 -3.35
C CYS A 37 15.56 -24.56 -4.87
N SER A 38 14.50 -24.01 -5.38
CA SER A 38 14.38 -23.85 -6.86
C SER A 38 15.44 -22.87 -7.36
N SER A 39 15.84 -21.93 -6.53
CA SER A 39 16.88 -20.95 -6.98
C SER A 39 18.21 -21.67 -7.18
N THR A 40 19.00 -21.21 -8.11
CA THR A 40 20.32 -21.86 -8.37
C THR A 40 21.45 -20.95 -7.86
N SER A 41 21.13 -19.73 -7.53
CA SER A 41 22.18 -18.78 -7.03
C SER A 41 21.77 -18.23 -5.67
N ARG A 42 22.71 -17.94 -4.83
CA ARG A 42 22.38 -17.39 -3.48
C ARG A 42 21.83 -15.96 -3.65
N PRO A 43 20.93 -15.55 -2.77
CA PRO A 43 20.34 -14.18 -2.84
C PRO A 43 21.40 -13.09 -2.69
N ALA A 44 21.23 -11.99 -3.38
CA ALA A 44 22.24 -10.89 -3.28
C ALA A 44 21.56 -9.56 -3.61
N LEU A 45 20.53 -9.59 -4.41
CA LEU A 45 19.84 -8.34 -4.79
C LEU A 45 18.88 -7.92 -3.66
N GLU A 46 18.62 -6.66 -3.53
CA GLU A 46 17.70 -6.20 -2.45
C GLU A 46 16.36 -6.92 -2.61
N GLU A 47 15.97 -7.17 -3.83
CA GLU A 47 14.68 -7.88 -4.05
C GLU A 47 14.85 -9.35 -3.68
N ASP A 48 16.07 -9.81 -3.57
CA ASP A 48 16.33 -11.23 -3.23
C ASP A 48 16.46 -11.38 -1.70
N VAL A 49 15.94 -10.45 -0.95
CA VAL A 49 16.04 -10.55 0.54
C VAL A 49 14.65 -10.60 1.16
N ILE A 50 14.56 -10.91 2.42
CA ILE A 50 13.23 -10.97 3.09
C ILE A 50 13.07 -9.76 3.98
N TYR A 51 11.89 -9.18 4.02
CA TYR A 51 11.68 -7.98 4.87
C TYR A 51 10.66 -8.28 5.97
N HIS A 52 10.95 -7.89 7.18
CA HIS A 52 9.99 -8.13 8.30
C HIS A 52 9.38 -6.81 8.72
N VAL A 53 8.09 -6.67 8.62
CA VAL A 53 7.44 -5.38 9.00
C VAL A 53 6.27 -5.63 9.96
N LYS A 54 5.98 -4.67 10.80
CA LYS A 54 4.84 -4.82 11.75
C LYS A 54 3.88 -3.65 11.56
N TYR A 55 2.63 -3.85 11.87
CA TYR A 55 1.65 -2.74 11.68
C TYR A 55 1.61 -1.90 12.95
N ASP A 56 1.86 -0.62 12.84
CA ASP A 56 1.83 0.25 14.04
C ASP A 56 0.44 0.20 14.67
N ASP A 57 -0.58 0.16 13.86
CA ASP A 57 -1.97 0.10 14.40
C ASP A 57 -2.17 -1.19 15.19
N TYR A 58 -1.62 -2.28 14.72
CA TYR A 58 -1.79 -3.58 15.43
C TYR A 58 -0.44 -4.29 15.57
N PRO A 59 0.37 -3.85 16.50
CA PRO A 59 1.71 -4.46 16.74
C PRO A 59 1.62 -5.80 17.48
N GLU A 60 0.50 -6.04 18.12
CA GLU A 60 0.34 -7.33 18.88
C GLU A 60 0.37 -8.51 17.91
N ASN A 61 0.03 -8.29 16.67
CA ASN A 61 0.03 -9.41 15.68
C ASN A 61 1.36 -10.17 15.76
N GLY A 62 2.44 -9.48 16.03
CA GLY A 62 3.76 -10.16 16.12
C GLY A 62 4.67 -9.67 14.99
N VAL A 63 5.25 -10.57 14.25
CA VAL A 63 6.16 -10.16 13.13
C VAL A 63 5.62 -10.72 11.80
N VAL A 64 5.56 -9.90 10.78
CA VAL A 64 5.05 -10.36 9.47
C VAL A 64 6.21 -10.42 8.47
N GLN A 65 6.28 -11.47 7.68
CA GLN A 65 7.39 -11.58 6.69
C GLN A 65 6.80 -11.52 5.27
N MET A 66 7.22 -10.56 4.50
CA MET A 66 6.68 -10.44 3.11
C MET A 66 7.79 -10.00 2.15
N ASN A 67 7.58 -10.16 0.88
CA ASN A 67 8.61 -9.75 -0.11
C ASN A 67 8.40 -8.27 -0.47
N SER A 68 9.34 -7.68 -1.16
CA SER A 68 9.20 -6.25 -1.52
C SER A 68 8.00 -6.06 -2.46
N ARG A 69 7.66 -7.06 -3.22
CA ARG A 69 6.51 -6.95 -4.15
C ARG A 69 5.23 -6.62 -3.36
N ASP A 70 5.10 -7.15 -2.18
CA ASP A 70 3.88 -6.87 -1.37
C ASP A 70 4.14 -5.71 -0.41
N VAL A 71 5.32 -5.14 -0.44
CA VAL A 71 5.62 -4.01 0.47
C VAL A 71 6.04 -2.79 -0.35
N ARG A 72 5.52 -1.63 -0.02
CA ARG A 72 5.89 -0.40 -0.79
C ARG A 72 6.33 0.70 0.20
N ALA A 73 7.16 1.60 -0.25
CA ALA A 73 7.63 2.69 0.65
C ALA A 73 6.45 3.53 1.12
N ARG A 74 6.52 4.07 2.31
CA ARG A 74 5.39 4.91 2.82
C ARG A 74 5.27 6.18 1.99
N ALA A 75 4.06 6.56 1.65
CA ALA A 75 3.87 7.79 0.84
C ALA A 75 4.35 9.01 1.64
N ARG A 76 4.95 9.96 0.98
CA ARG A 76 5.45 11.17 1.68
C ARG A 76 4.89 12.42 1.02
N THR A 77 4.61 12.37 -0.24
CA THR A 77 4.07 13.56 -0.95
C THR A 77 2.57 13.42 -1.17
N ILE A 78 1.83 14.46 -0.86
CA ILE A 78 0.36 14.41 -1.06
C ILE A 78 -0.02 15.15 -2.34
N ILE A 79 -0.82 14.54 -3.17
CA ILE A 79 -1.21 15.21 -4.45
C ILE A 79 -2.57 15.89 -4.28
N LYS A 80 -2.69 17.11 -4.72
CA LYS A 80 -3.99 17.84 -4.59
C LYS A 80 -4.77 17.72 -5.89
N TRP A 81 -6.06 17.97 -5.86
CA TRP A 81 -6.87 17.87 -7.10
C TRP A 81 -6.16 18.57 -8.25
N GLN A 82 -5.59 19.71 -8.01
CA GLN A 82 -4.88 20.44 -9.09
C GLN A 82 -3.69 19.61 -9.58
N ASP A 83 -3.10 18.82 -8.72
CA ASP A 83 -1.92 18.01 -9.14
C ASP A 83 -2.32 16.58 -9.51
N LEU A 84 -3.59 16.27 -9.59
CA LEU A 84 -3.98 14.88 -9.96
C LEU A 84 -3.85 14.69 -11.47
N GLU A 85 -3.30 13.58 -11.89
CA GLU A 85 -3.14 13.32 -13.35
C GLU A 85 -3.76 11.96 -13.68
N VAL A 86 -3.93 11.68 -14.95
CA VAL A 86 -4.52 10.38 -15.34
C VAL A 86 -3.39 9.40 -15.67
N GLY A 87 -3.48 8.18 -15.18
CA GLY A 87 -2.41 7.19 -15.47
C GLY A 87 -1.45 7.09 -14.28
N GLN A 88 -1.69 7.84 -13.24
CA GLN A 88 -0.79 7.76 -12.06
C GLN A 88 -1.41 6.84 -11.01
N VAL A 89 -0.60 6.21 -10.20
CA VAL A 89 -1.15 5.29 -9.16
C VAL A 89 -1.16 5.98 -7.80
N VAL A 90 -2.28 5.99 -7.14
CA VAL A 90 -2.37 6.63 -5.80
C VAL A 90 -3.15 5.72 -4.85
N MET A 91 -3.09 5.97 -3.57
CA MET A 91 -3.82 5.11 -2.60
C MET A 91 -4.95 5.91 -1.97
N LEU A 92 -6.10 5.31 -1.84
CA LEU A 92 -7.26 6.02 -1.23
C LEU A 92 -8.04 5.05 -0.34
N ASN A 93 -8.98 5.53 0.41
CA ASN A 93 -9.76 4.62 1.29
C ASN A 93 -11.01 4.15 0.54
N TYR A 94 -11.13 2.87 0.31
CA TYR A 94 -12.32 2.34 -0.41
C TYR A 94 -12.92 1.18 0.38
N ASN A 95 -14.23 1.13 0.46
CA ASN A 95 -14.90 0.05 1.23
C ASN A 95 -15.83 -0.74 0.29
N PRO A 96 -15.35 -1.82 -0.27
CA PRO A 96 -16.16 -2.65 -1.21
C PRO A 96 -17.52 -3.04 -0.61
N ASP A 97 -17.55 -3.40 0.64
CA ASP A 97 -18.84 -3.78 1.28
C ASP A 97 -19.77 -2.57 1.32
N ASN A 98 -19.26 -1.43 1.69
CA ASN A 98 -20.12 -0.22 1.76
C ASN A 98 -19.34 0.99 1.23
N PRO A 99 -19.28 1.14 -0.06
CA PRO A 99 -18.54 2.27 -0.72
C PRO A 99 -18.99 3.63 -0.18
N LYS A 100 -20.18 3.72 0.35
CA LYS A 100 -20.67 5.03 0.89
C LYS A 100 -20.17 5.23 2.32
N GLU A 101 -19.39 4.30 2.83
CA GLU A 101 -18.88 4.44 4.22
C GLU A 101 -17.35 4.57 4.20
N ARG A 102 -16.73 4.47 5.34
CA ARG A 102 -15.24 4.59 5.40
C ARG A 102 -14.61 3.33 4.80
N GLY A 103 -13.42 3.46 4.27
CA GLY A 103 -12.75 2.29 3.65
C GLY A 103 -11.28 2.23 4.11
N PHE A 104 -10.58 1.20 3.74
CA PHE A 104 -9.14 1.11 4.14
C PHE A 104 -8.28 1.56 2.96
N TRP A 105 -7.11 2.08 3.23
CA TRP A 105 -6.25 2.56 2.13
C TRP A 105 -6.01 1.44 1.11
N TYR A 106 -6.76 1.44 0.04
CA TYR A 106 -6.58 0.39 -1.00
C TYR A 106 -5.88 1.00 -2.22
N ASP A 107 -4.95 0.30 -2.80
CA ASP A 107 -4.24 0.85 -3.99
C ASP A 107 -5.18 0.95 -5.18
N ALA A 108 -5.14 2.05 -5.88
CA ALA A 108 -6.04 2.22 -7.05
C ALA A 108 -5.38 3.17 -8.05
N GLU A 109 -5.77 3.08 -9.30
CA GLU A 109 -5.17 3.98 -10.34
C GLU A 109 -6.22 4.98 -10.80
N ILE A 110 -5.80 6.13 -11.28
CA ILE A 110 -6.78 7.14 -11.75
C ILE A 110 -7.23 6.79 -13.17
N SER A 111 -8.48 6.49 -13.34
CA SER A 111 -8.99 6.14 -14.70
C SER A 111 -9.26 7.41 -15.49
N ARG A 112 -10.26 8.17 -15.12
CA ARG A 112 -10.57 9.42 -15.87
C ARG A 112 -11.03 10.51 -14.89
N LYS A 113 -10.62 11.73 -15.13
CA LYS A 113 -11.06 12.84 -14.23
C LYS A 113 -12.10 13.69 -14.97
N ARG A 114 -13.22 13.95 -14.35
CA ARG A 114 -14.27 14.76 -15.03
C ARG A 114 -14.78 15.84 -14.07
N GLU A 115 -14.92 17.05 -14.55
CA GLU A 115 -15.43 18.16 -13.67
C GLU A 115 -16.76 18.68 -14.23
N THR A 116 -17.63 19.10 -13.36
CA THR A 116 -18.95 19.64 -13.82
C THR A 116 -19.05 21.11 -13.41
N ARG A 117 -20.00 21.83 -13.94
CA ARG A 117 -20.13 23.26 -13.60
C ARG A 117 -20.24 23.44 -12.08
N THR A 118 -20.95 22.56 -11.41
CA THR A 118 -21.10 22.70 -9.93
C THR A 118 -20.78 21.37 -9.23
N ALA A 119 -20.08 20.49 -9.87
CA ALA A 119 -19.76 19.19 -9.22
C ALA A 119 -18.50 18.58 -9.84
N ARG A 120 -17.80 17.76 -9.09
CA ARG A 120 -16.56 17.14 -9.64
C ARG A 120 -16.56 15.64 -9.28
N GLU A 121 -16.26 14.80 -10.23
CA GLU A 121 -16.24 13.33 -9.94
C GLU A 121 -14.94 12.71 -10.45
N LEU A 122 -14.41 11.74 -9.75
CA LEU A 122 -13.15 11.08 -10.20
C LEU A 122 -13.40 9.59 -10.45
N TYR A 123 -12.79 9.05 -11.47
CA TYR A 123 -12.96 7.59 -11.75
C TYR A 123 -11.61 6.90 -11.53
N ALA A 124 -11.60 5.81 -10.82
CA ALA A 124 -10.32 5.11 -10.56
C ALA A 124 -10.52 3.61 -10.55
N ASN A 125 -9.47 2.86 -10.75
CA ASN A 125 -9.58 1.38 -10.75
C ASN A 125 -9.01 0.86 -9.42
N VAL A 126 -9.79 0.12 -8.67
CA VAL A 126 -9.30 -0.39 -7.36
C VAL A 126 -9.12 -1.91 -7.42
N VAL A 127 -8.03 -2.41 -6.90
CA VAL A 127 -7.80 -3.88 -6.92
C VAL A 127 -7.68 -4.41 -5.49
N LEU A 128 -8.29 -5.52 -5.20
CA LEU A 128 -8.20 -6.10 -3.83
C LEU A 128 -7.14 -7.19 -3.83
N GLY A 129 -6.68 -7.59 -2.67
CA GLY A 129 -5.64 -8.65 -2.60
C GLY A 129 -6.04 -9.85 -3.46
N ASP A 130 -7.31 -10.12 -3.58
CA ASP A 130 -7.74 -11.30 -4.40
C ASP A 130 -8.86 -10.89 -5.36
N ASP A 131 -9.64 -9.91 -5.02
CA ASP A 131 -10.75 -9.49 -5.92
C ASP A 131 -10.38 -8.20 -6.65
N SER A 132 -11.00 -7.94 -7.77
CA SER A 132 -10.70 -6.70 -8.54
C SER A 132 -11.93 -5.81 -8.58
N LEU A 133 -11.73 -4.52 -8.68
CA LEU A 133 -12.89 -3.57 -8.73
C LEU A 133 -12.57 -2.46 -9.72
N ASN A 134 -11.94 -2.79 -10.81
CA ASN A 134 -11.59 -1.75 -11.82
C ASN A 134 -12.84 -0.95 -12.21
N ASP A 135 -12.67 0.17 -12.85
CA ASP A 135 -13.84 1.00 -13.26
C ASP A 135 -14.69 1.32 -12.03
N CYS A 136 -14.08 1.80 -10.98
CA CYS A 136 -14.85 2.14 -9.76
C CYS A 136 -14.91 3.66 -9.58
N ARG A 137 -15.96 4.15 -8.98
CA ARG A 137 -16.09 5.63 -8.78
C ARG A 137 -15.53 6.00 -7.41
N ILE A 138 -14.86 7.11 -7.30
CA ILE A 138 -14.29 7.51 -5.99
C ILE A 138 -15.21 8.52 -5.31
N ILE A 139 -15.77 8.17 -4.19
CA ILE A 139 -16.67 9.11 -3.47
C ILE A 139 -15.85 10.19 -2.75
N PHE A 140 -14.78 9.80 -2.11
CA PHE A 140 -13.96 10.82 -1.40
C PHE A 140 -12.77 11.22 -2.28
N VAL A 141 -12.67 12.48 -2.58
CA VAL A 141 -11.53 12.95 -3.43
C VAL A 141 -10.54 13.74 -2.57
N ASP A 142 -10.77 13.79 -1.29
CA ASP A 142 -9.86 14.55 -0.40
C ASP A 142 -8.84 13.59 0.23
N GLU A 143 -8.83 12.35 -0.18
CA GLU A 143 -7.86 11.38 0.40
C GLU A 143 -7.06 10.73 -0.72
N VAL A 144 -6.00 11.35 -1.15
CA VAL A 144 -5.16 10.75 -2.23
C VAL A 144 -3.70 10.65 -1.75
N PHE A 145 -3.04 9.57 -2.05
CA PHE A 145 -1.62 9.42 -1.61
C PHE A 145 -0.76 8.97 -2.79
N LYS A 146 0.51 9.27 -2.75
CA LYS A 146 1.42 8.86 -3.86
C LYS A 146 2.20 7.61 -3.43
N ILE A 147 2.45 6.72 -4.35
CA ILE A 147 3.21 5.48 -4.01
C ILE A 147 4.61 5.57 -4.59
N GLU A 148 5.60 5.24 -3.82
CA GLU A 148 7.00 5.30 -4.32
C GLU A 148 7.38 3.94 -4.92
N ARG A 149 8.24 3.94 -5.89
CA ARG A 149 8.66 2.64 -6.53
C ARG A 149 10.18 2.55 -6.54
N PRO A 150 10.70 1.35 -6.68
CA PRO A 150 12.16 1.09 -6.71
C PRO A 150 12.85 1.83 -7.87
N GLY A 151 12.13 2.16 -8.90
CA GLY A 151 12.75 2.88 -10.04
C GLY A 151 13.20 1.87 -11.09
N GLU A 152 12.89 0.62 -10.90
CA GLU A 152 13.31 -0.41 -11.89
C GLU A 152 14.77 -0.18 -12.28
N THR B 1 1.33 21.28 18.96
CA THR B 1 0.67 20.54 17.84
C THR B 1 1.74 20.08 16.85
N GLY B 2 1.58 18.90 16.31
CA GLY B 2 2.58 18.40 15.33
C GLY B 2 3.66 17.59 16.05
N LYS B 3 3.48 17.36 17.32
CA LYS B 3 4.50 16.58 18.09
C LYS B 3 4.13 15.11 18.09
N GLY B 4 5.09 14.24 18.07
CA GLY B 4 4.80 12.78 18.07
C GLY B 4 4.60 12.30 16.63
N LYS B 5 4.15 11.10 16.45
CA LYS B 5 3.93 10.57 15.07
C LYS B 5 2.45 10.64 14.71
N TRP B 6 2.15 10.96 13.49
CA TRP B 6 0.72 11.05 13.06
C TRP B 6 0.39 9.85 12.16
N LYS B 7 -0.66 9.15 12.45
CA LYS B 7 -1.02 7.97 11.61
C LYS B 7 -2.14 8.33 10.64
N ARG B 8 -2.11 7.77 9.46
CA ARG B 8 -3.18 8.08 8.46
C ARG B 8 -4.52 7.57 8.99
N LYS B 9 -5.60 8.23 8.66
CA LYS B 9 -6.92 7.77 9.16
C LYS B 9 -7.46 6.68 8.22
N SER B 10 -7.92 5.60 8.79
CA SER B 10 -8.45 4.48 7.94
C SER B 10 -9.65 3.86 8.65
N ALA B 11 -10.58 3.34 7.90
CA ALA B 11 -11.77 2.69 8.53
C ALA B 11 -12.65 2.06 7.46
N GLY B 12 -13.30 0.97 7.80
CA GLY B 12 -14.19 0.29 6.83
C GLY B 12 -14.69 -1.03 7.42
N GLY B 13 -15.45 -1.78 6.68
CA GLY B 13 -15.98 -3.08 7.21
C GLY B 13 -14.95 -4.18 6.99
N GLY B 14 -15.24 -5.37 7.41
CA GLY B 14 -14.29 -6.51 7.22
C GLY B 14 -14.96 -7.62 6.40
N PRO B 15 -15.78 -8.40 7.06
CA PRO B 15 -16.51 -9.53 6.40
C PRO B 15 -17.40 -9.05 5.25
N SER B 16 -17.54 -9.84 4.22
CA SER B 16 -18.40 -9.43 3.08
C SER B 16 -19.86 -9.35 3.53
N LEU A 1 16.34 -1.60 -0.16
CA LEU A 1 15.78 -0.25 -0.38
C LEU A 1 15.19 0.29 0.92
N TYR A 2 14.91 -0.58 1.86
CA TYR A 2 14.34 -0.13 3.16
C TYR A 2 15.36 -0.34 4.27
N LYS A 3 15.45 0.59 5.18
CA LYS A 3 16.44 0.47 6.28
C LYS A 3 15.74 0.20 7.62
N VAL A 4 16.37 -0.51 8.51
CA VAL A 4 15.75 -0.77 9.82
C VAL A 4 15.29 0.56 10.42
N ASN A 5 14.19 0.55 11.12
CA ASN A 5 13.67 1.81 11.72
C ASN A 5 13.38 2.82 10.62
N GLU A 6 12.94 2.35 9.47
CA GLU A 6 12.61 3.26 8.34
C GLU A 6 11.08 3.32 8.19
N TYR A 7 10.56 4.38 7.66
CA TYR A 7 9.08 4.48 7.51
C TYR A 7 8.66 4.01 6.12
N VAL A 8 8.10 2.83 6.05
CA VAL A 8 7.63 2.29 4.73
C VAL A 8 6.21 1.74 4.90
N ASP A 9 5.48 1.61 3.83
CA ASP A 9 4.10 1.08 3.95
C ASP A 9 4.09 -0.42 3.63
N ALA A 10 3.36 -1.19 4.40
CA ALA A 10 3.29 -2.66 4.15
C ALA A 10 1.86 -3.02 3.75
N ARG A 11 1.69 -3.91 2.81
CA ARG A 11 0.30 -4.26 2.37
C ARG A 11 -0.02 -5.70 2.77
N ASP A 12 -1.25 -5.96 3.10
CA ASP A 12 -1.63 -7.35 3.46
C ASP A 12 -2.12 -8.04 2.19
N THR A 13 -1.33 -8.93 1.65
CA THR A 13 -1.73 -9.63 0.40
C THR A 13 -3.11 -10.29 0.56
N ASN A 14 -3.41 -10.80 1.72
CA ASN A 14 -4.73 -11.48 1.92
C ASN A 14 -5.90 -10.51 1.70
N MET A 15 -5.78 -9.28 2.14
CA MET A 15 -6.91 -8.31 1.96
C MET A 15 -6.52 -7.25 0.92
N GLY A 16 -5.27 -7.13 0.62
CA GLY A 16 -4.83 -6.10 -0.37
C GLY A 16 -4.99 -4.72 0.23
N ALA A 17 -4.93 -4.62 1.54
CA ALA A 17 -5.09 -3.28 2.19
C ALA A 17 -3.71 -2.72 2.56
N TRP A 18 -3.54 -1.44 2.47
CA TRP A 18 -2.22 -0.83 2.82
C TRP A 18 -2.35 -0.03 4.12
N PHE A 19 -1.38 -0.12 4.98
CA PHE A 19 -1.44 0.63 6.26
C PHE A 19 -0.03 1.07 6.66
N GLU A 20 0.08 2.07 7.50
CA GLU A 20 1.43 2.55 7.92
C GLU A 20 2.20 1.43 8.62
N ALA A 21 3.46 1.28 8.31
CA ALA A 21 4.27 0.22 8.96
C ALA A 21 5.70 0.70 9.11
N GLN A 22 6.40 0.23 10.11
CA GLN A 22 7.81 0.66 10.31
C GLN A 22 8.74 -0.54 10.12
N VAL A 23 9.97 -0.30 9.75
CA VAL A 23 10.90 -1.44 9.55
C VAL A 23 11.65 -1.69 10.86
N VAL A 24 11.70 -2.93 11.28
CA VAL A 24 12.41 -3.25 12.54
C VAL A 24 13.77 -3.87 12.21
N ARG A 25 13.82 -4.75 11.24
CA ARG A 25 15.12 -5.38 10.89
C ARG A 25 15.11 -5.85 9.43
N VAL A 26 16.26 -5.85 8.79
CA VAL A 26 16.33 -6.32 7.38
C VAL A 26 17.35 -7.45 7.32
N THR A 27 16.96 -8.59 6.83
CA THR A 27 17.90 -9.73 6.74
C THR A 27 17.58 -10.58 5.51
N ARG A 28 18.47 -11.46 5.13
CA ARG A 28 18.22 -12.32 3.93
C ARG A 28 18.46 -13.78 4.30
N LYS A 29 17.67 -14.67 3.75
CA LYS A 29 17.85 -16.12 4.05
C LYS A 29 18.16 -16.86 2.75
N ALA A 30 19.03 -17.84 2.81
CA ALA A 30 19.37 -18.61 1.58
C ALA A 30 18.94 -20.06 1.76
N PRO A 31 18.73 -20.76 0.67
CA PRO A 31 18.30 -22.20 0.71
C PRO A 31 19.43 -23.14 1.16
N SER A 32 19.12 -24.12 1.93
CA SER A 32 20.16 -25.07 2.38
C SER A 32 20.32 -26.17 1.33
N ARG A 33 20.39 -25.78 0.09
CA ARG A 33 20.51 -26.77 -1.01
C ARG A 33 19.29 -27.66 -0.98
N ASP A 34 18.22 -27.17 -0.39
CA ASP A 34 16.98 -27.98 -0.31
C ASP A 34 16.09 -27.67 -1.52
N GLU A 35 15.42 -26.55 -1.52
CA GLU A 35 14.55 -26.21 -2.68
C GLU A 35 14.78 -24.76 -3.11
N PRO A 36 15.97 -24.44 -3.55
CA PRO A 36 16.31 -23.07 -4.02
C PRO A 36 15.29 -22.54 -5.04
N CYS A 37 14.82 -21.34 -4.84
CA CYS A 37 13.84 -20.76 -5.80
C CYS A 37 14.58 -19.82 -6.76
N SER A 38 15.87 -19.70 -6.59
CA SER A 38 16.66 -18.79 -7.47
C SER A 38 18.02 -19.43 -7.76
N SER A 39 18.83 -18.79 -8.56
CA SER A 39 20.15 -19.38 -8.89
C SER A 39 20.89 -19.75 -7.59
N THR A 40 21.82 -20.66 -7.66
CA THR A 40 22.56 -21.08 -6.44
C THR A 40 23.35 -19.90 -5.88
N SER A 41 23.47 -18.84 -6.64
CA SER A 41 24.23 -17.67 -6.14
C SER A 41 23.63 -17.18 -4.82
N ARG A 42 24.42 -16.61 -3.96
CA ARG A 42 23.88 -16.11 -2.66
C ARG A 42 23.18 -14.77 -2.88
N PRO A 43 22.17 -14.48 -2.11
CA PRO A 43 21.42 -13.19 -2.23
C PRO A 43 22.33 -11.98 -2.01
N ALA A 44 22.12 -10.92 -2.74
CA ALA A 44 22.99 -9.71 -2.57
C ALA A 44 22.21 -8.45 -2.96
N LEU A 45 21.26 -8.57 -3.84
CA LEU A 45 20.48 -7.38 -4.26
C LEU A 45 19.43 -7.06 -3.19
N GLU A 46 19.04 -5.81 -3.09
CA GLU A 46 18.02 -5.43 -2.08
C GLU A 46 16.77 -6.27 -2.30
N GLU A 47 16.47 -6.60 -3.52
CA GLU A 47 15.27 -7.43 -3.80
C GLU A 47 15.57 -8.87 -3.41
N ASP A 48 16.81 -9.18 -3.17
CA ASP A 48 17.20 -10.58 -2.79
C ASP A 48 17.30 -10.71 -1.26
N VAL A 49 16.75 -9.77 -0.53
CA VAL A 49 16.83 -9.85 0.97
C VAL A 49 15.42 -9.83 1.55
N ILE A 50 15.29 -10.14 2.81
CA ILE A 50 13.95 -10.15 3.46
C ILE A 50 13.83 -8.93 4.38
N TYR A 51 12.68 -8.31 4.41
CA TYR A 51 12.50 -7.12 5.29
C TYR A 51 11.44 -7.41 6.35
N HIS A 52 11.72 -7.07 7.58
CA HIS A 52 10.72 -7.32 8.66
C HIS A 52 10.09 -5.98 9.05
N VAL A 53 8.79 -5.87 8.93
CA VAL A 53 8.12 -4.59 9.29
C VAL A 53 6.96 -4.86 10.24
N LYS A 54 6.55 -3.87 10.98
CA LYS A 54 5.42 -4.05 11.94
C LYS A 54 4.36 -2.99 11.64
N TYR A 55 3.14 -3.23 12.02
CA TYR A 55 2.07 -2.21 11.74
C TYR A 55 1.95 -1.28 12.95
N ASP A 56 2.19 -0.01 12.75
CA ASP A 56 2.09 0.96 13.87
C ASP A 56 0.66 0.99 14.41
N ASP A 57 -0.31 0.94 13.53
CA ASP A 57 -1.73 0.97 13.98
C ASP A 57 -2.04 -0.27 14.81
N TYR A 58 -1.50 -1.41 14.44
CA TYR A 58 -1.78 -2.65 15.21
C TYR A 58 -0.46 -3.37 15.52
N PRO A 59 0.26 -2.90 16.50
CA PRO A 59 1.56 -3.52 16.89
C PRO A 59 1.36 -4.82 17.69
N GLU A 60 0.20 -5.00 18.26
CA GLU A 60 -0.07 -6.23 19.05
C GLU A 60 0.00 -7.45 18.12
N ASN A 61 -0.30 -7.28 16.87
CA ASN A 61 -0.26 -8.42 15.93
C ASN A 61 1.08 -9.16 16.06
N GLY A 62 2.13 -8.43 16.30
CA GLY A 62 3.47 -9.08 16.44
C GLY A 62 4.41 -8.59 15.33
N VAL A 63 5.28 -9.44 14.85
CA VAL A 63 6.22 -9.01 13.78
C VAL A 63 5.84 -9.70 12.47
N VAL A 64 5.70 -8.94 11.40
CA VAL A 64 5.33 -9.54 10.09
C VAL A 64 6.52 -9.47 9.14
N GLN A 65 6.79 -10.52 8.41
CA GLN A 65 7.94 -10.51 7.47
C GLN A 65 7.42 -10.59 6.03
N MET A 66 7.80 -9.67 5.19
CA MET A 66 7.32 -9.71 3.78
C MET A 66 8.48 -9.36 2.84
N ASN A 67 8.30 -9.57 1.56
CA ASN A 67 9.38 -9.28 0.59
C ASN A 67 9.31 -7.79 0.18
N SER A 68 10.32 -7.31 -0.48
CA SER A 68 10.31 -5.87 -0.89
C SER A 68 9.16 -5.62 -1.87
N ARG A 69 8.79 -6.61 -2.64
CA ARG A 69 7.68 -6.42 -3.62
C ARG A 69 6.39 -6.06 -2.88
N ASP A 70 6.18 -6.62 -1.72
CA ASP A 70 4.93 -6.31 -0.96
C ASP A 70 5.17 -5.11 -0.05
N VAL A 71 6.35 -4.54 -0.08
CA VAL A 71 6.64 -3.37 0.79
C VAL A 71 7.00 -2.17 -0.09
N ARG A 72 6.42 -1.03 0.18
CA ARG A 72 6.72 0.19 -0.63
C ARG A 72 7.05 1.37 0.28
N ALA A 73 7.76 2.34 -0.23
CA ALA A 73 8.13 3.52 0.61
C ALA A 73 6.85 4.23 1.08
N ARG A 74 6.89 4.82 2.24
CA ARG A 74 5.69 5.53 2.76
C ARG A 74 5.38 6.75 1.88
N ALA A 75 4.15 6.91 1.48
CA ALA A 75 3.78 8.07 0.62
C ALA A 75 3.76 9.34 1.47
N ARG A 76 4.21 10.44 0.92
CA ARG A 76 4.22 11.71 1.70
C ARG A 76 3.87 12.89 0.80
N THR A 77 3.34 12.61 -0.37
CA THR A 77 2.99 13.72 -1.31
C THR A 77 1.51 13.63 -1.69
N ILE A 78 0.82 14.73 -1.65
CA ILE A 78 -0.63 14.73 -2.02
C ILE A 78 -0.80 15.28 -3.43
N ILE A 79 -1.53 14.60 -4.27
CA ILE A 79 -1.72 15.09 -5.66
C ILE A 79 -2.99 15.93 -5.74
N LYS A 80 -2.97 16.96 -6.55
CA LYS A 80 -4.17 17.84 -6.68
C LYS A 80 -5.16 17.21 -7.67
N TRP A 81 -6.43 17.52 -7.52
CA TRP A 81 -7.45 16.95 -8.44
C TRP A 81 -7.06 17.27 -9.89
N GLN A 82 -6.61 18.48 -10.14
CA GLN A 82 -6.22 18.87 -11.51
C GLN A 82 -4.91 18.15 -11.90
N ASP A 83 -4.14 17.75 -10.93
CA ASP A 83 -2.85 17.07 -11.23
C ASP A 83 -3.09 15.57 -11.41
N LEU A 84 -4.32 15.15 -11.48
CA LEU A 84 -4.60 13.70 -11.67
C LEU A 84 -4.45 13.35 -13.15
N GLU A 85 -3.86 12.21 -13.43
CA GLU A 85 -3.67 11.80 -14.85
C GLU A 85 -4.38 10.46 -15.09
N VAL A 86 -4.65 10.13 -16.32
CA VAL A 86 -5.34 8.85 -16.61
C VAL A 86 -4.29 7.80 -17.00
N GLY A 87 -4.39 6.62 -16.45
CA GLY A 87 -3.40 5.56 -16.79
C GLY A 87 -2.32 5.48 -15.70
N GLN A 88 -2.41 6.29 -14.68
CA GLN A 88 -1.39 6.24 -13.59
C GLN A 88 -1.97 5.47 -12.40
N VAL A 89 -1.14 4.91 -11.57
CA VAL A 89 -1.64 4.15 -10.39
C VAL A 89 -1.54 5.02 -9.14
N VAL A 90 -2.61 5.11 -8.38
CA VAL A 90 -2.58 5.94 -7.14
C VAL A 90 -3.16 5.14 -5.98
N MET A 91 -2.93 5.56 -4.78
CA MET A 91 -3.48 4.83 -3.60
C MET A 91 -4.57 5.69 -2.93
N LEU A 92 -5.69 5.11 -2.65
CA LEU A 92 -6.79 5.88 -2.00
C LEU A 92 -7.48 5.01 -0.96
N ASN A 93 -8.35 5.57 -0.17
CA ASN A 93 -9.06 4.75 0.86
C ASN A 93 -10.39 4.25 0.30
N TYR A 94 -10.56 2.96 0.23
CA TYR A 94 -11.83 2.40 -0.32
C TYR A 94 -12.43 1.42 0.69
N ASN A 95 -13.71 1.51 0.93
CA ASN A 95 -14.36 0.60 1.91
C ASN A 95 -15.44 -0.22 1.19
N PRO A 96 -15.10 -1.41 0.74
CA PRO A 96 -16.06 -2.29 0.02
C PRO A 96 -17.36 -2.52 0.81
N ASP A 97 -17.24 -2.73 2.09
CA ASP A 97 -18.46 -2.95 2.92
C ASP A 97 -19.32 -1.68 2.94
N ASN A 98 -18.71 -0.54 3.12
CA ASN A 98 -19.48 0.72 3.17
C ASN A 98 -18.75 1.81 2.37
N PRO A 99 -18.86 1.79 1.08
CA PRO A 99 -18.20 2.78 0.19
C PRO A 99 -18.54 4.23 0.59
N LYS A 100 -19.62 4.43 1.28
CA LYS A 100 -19.99 5.81 1.70
C LYS A 100 -19.30 6.16 3.02
N GLU A 101 -18.49 5.27 3.54
CA GLU A 101 -17.77 5.55 4.82
C GLU A 101 -16.27 5.55 4.60
N ARG A 102 -15.51 5.55 5.66
CA ARG A 102 -14.03 5.54 5.53
C ARG A 102 -13.57 4.17 5.03
N GLY A 103 -12.45 4.13 4.36
CA GLY A 103 -11.93 2.84 3.82
C GLY A 103 -10.44 2.70 4.11
N PHE A 104 -9.85 1.58 3.80
CA PHE A 104 -8.39 1.41 4.05
C PHE A 104 -7.64 1.80 2.78
N TRP A 105 -6.42 2.23 2.91
CA TRP A 105 -5.64 2.63 1.71
C TRP A 105 -5.58 1.47 0.71
N TYR A 106 -6.45 1.47 -0.27
CA TYR A 106 -6.42 0.39 -1.29
C TYR A 106 -5.83 0.93 -2.59
N ASP A 107 -4.93 0.21 -3.20
CA ASP A 107 -4.33 0.69 -4.47
C ASP A 107 -5.43 0.80 -5.54
N ALA A 108 -5.36 1.79 -6.37
CA ALA A 108 -6.40 1.95 -7.42
C ALA A 108 -5.81 2.72 -8.61
N GLU A 109 -6.37 2.56 -9.78
CA GLU A 109 -5.85 3.28 -10.98
C GLU A 109 -6.91 4.25 -11.49
N ILE A 110 -6.50 5.29 -12.17
CA ILE A 110 -7.49 6.27 -12.71
C ILE A 110 -8.04 5.75 -14.03
N SER A 111 -9.33 5.57 -14.12
CA SER A 111 -9.91 5.06 -15.40
C SER A 111 -10.37 6.24 -16.27
N ARG A 112 -11.11 7.15 -15.73
CA ARG A 112 -11.58 8.32 -16.56
C ARG A 112 -11.90 9.50 -15.65
N LYS A 113 -11.60 10.69 -16.10
CA LYS A 113 -11.90 11.91 -15.29
C LYS A 113 -13.11 12.63 -15.90
N ARG A 114 -14.07 12.99 -15.09
CA ARG A 114 -15.27 13.70 -15.64
C ARG A 114 -15.62 14.88 -14.74
N GLU A 115 -15.87 16.03 -15.32
CA GLU A 115 -16.23 17.23 -14.51
C GLU A 115 -17.65 17.67 -14.86
N THR A 116 -18.36 18.20 -13.91
CA THR A 116 -19.75 18.66 -14.18
C THR A 116 -19.81 20.17 -13.96
N ARG A 117 -20.86 20.81 -14.40
CA ARG A 117 -20.97 22.29 -14.25
C ARG A 117 -20.77 22.68 -12.78
N THR A 118 -21.30 21.92 -11.86
CA THR A 118 -21.14 22.27 -10.42
C THR A 118 -20.73 21.03 -9.61
N ALA A 119 -20.15 20.06 -10.24
CA ALA A 119 -19.74 18.84 -9.50
C ALA A 119 -18.56 18.15 -10.19
N ARG A 120 -17.82 17.36 -9.47
CA ARG A 120 -16.65 16.65 -10.08
C ARG A 120 -16.83 15.14 -9.90
N GLU A 121 -16.53 14.37 -10.91
CA GLU A 121 -16.68 12.89 -10.78
C GLU A 121 -15.41 12.19 -11.27
N LEU A 122 -14.94 11.23 -10.54
CA LEU A 122 -13.69 10.50 -10.95
C LEU A 122 -13.96 9.00 -11.03
N TYR A 123 -13.43 8.35 -12.02
CA TYR A 123 -13.64 6.87 -12.14
C TYR A 123 -12.28 6.19 -11.94
N ALA A 124 -12.24 5.18 -11.13
CA ALA A 124 -10.94 4.48 -10.88
C ALA A 124 -11.17 2.98 -10.70
N ASN A 125 -10.15 2.20 -10.88
CA ASN A 125 -10.29 0.73 -10.70
C ASN A 125 -9.67 0.35 -9.36
N VAL A 126 -10.39 -0.35 -8.52
CA VAL A 126 -9.83 -0.75 -7.20
C VAL A 126 -9.54 -2.24 -7.19
N VAL A 127 -8.40 -2.63 -6.66
CA VAL A 127 -8.05 -4.09 -6.62
C VAL A 127 -7.95 -4.56 -5.17
N LEU A 128 -8.57 -5.66 -4.85
CA LEU A 128 -8.49 -6.18 -3.45
C LEU A 128 -7.42 -7.26 -3.39
N GLY A 129 -7.01 -7.63 -2.21
CA GLY A 129 -5.95 -8.68 -2.08
C GLY A 129 -6.25 -9.85 -3.01
N ASP A 130 -7.51 -10.14 -3.25
CA ASP A 130 -7.84 -11.28 -4.15
C ASP A 130 -9.04 -10.91 -5.03
N ASP A 131 -9.97 -10.16 -4.52
CA ASP A 131 -11.16 -9.78 -5.34
C ASP A 131 -10.84 -8.53 -6.17
N SER A 132 -11.56 -8.33 -7.25
CA SER A 132 -11.31 -7.14 -8.11
C SER A 132 -12.54 -6.23 -8.09
N LEU A 133 -12.35 -4.96 -8.29
CA LEU A 133 -13.50 -4.01 -8.28
C LEU A 133 -13.26 -2.95 -9.36
N ASN A 134 -12.75 -3.35 -10.50
CA ASN A 134 -12.49 -2.36 -11.58
C ASN A 134 -13.76 -1.56 -11.88
N ASP A 135 -13.64 -0.48 -12.60
CA ASP A 135 -14.83 0.35 -12.92
C ASP A 135 -15.53 0.77 -11.63
N CYS A 136 -14.79 1.29 -10.70
CA CYS A 136 -15.40 1.73 -9.41
C CYS A 136 -15.45 3.26 -9.37
N ARG A 137 -16.44 3.80 -8.70
CA ARG A 137 -16.57 5.28 -8.62
C ARG A 137 -15.87 5.78 -7.35
N ILE A 138 -15.20 6.90 -7.42
CA ILE A 138 -14.49 7.42 -6.23
C ILE A 138 -15.35 8.50 -5.55
N ILE A 139 -15.79 8.25 -4.34
CA ILE A 139 -16.62 9.27 -3.63
C ILE A 139 -15.73 10.42 -3.14
N PHE A 140 -14.59 10.11 -2.61
CA PHE A 140 -13.69 11.19 -2.11
C PHE A 140 -12.66 11.52 -3.19
N VAL A 141 -12.63 12.73 -3.64
CA VAL A 141 -11.64 13.13 -4.69
C VAL A 141 -10.59 14.06 -4.08
N ASP A 142 -10.67 14.29 -2.80
CA ASP A 142 -9.67 15.20 -2.15
C ASP A 142 -8.59 14.37 -1.46
N GLU A 143 -8.58 13.08 -1.66
CA GLU A 143 -7.56 12.21 -1.01
C GLU A 143 -6.86 11.34 -2.05
N VAL A 144 -5.83 11.84 -2.67
CA VAL A 144 -5.09 11.03 -3.68
C VAL A 144 -3.62 10.94 -3.27
N PHE A 145 -3.05 9.76 -3.27
CA PHE A 145 -1.62 9.62 -2.89
C PHE A 145 -0.85 8.95 -4.02
N LYS A 146 0.39 9.33 -4.20
CA LYS A 146 1.22 8.74 -5.28
C LYS A 146 2.16 7.68 -4.69
N ILE A 147 2.46 6.65 -5.43
CA ILE A 147 3.37 5.60 -4.89
C ILE A 147 4.81 5.94 -5.25
N GLU A 148 5.71 5.84 -4.30
CA GLU A 148 7.13 6.17 -4.58
C GLU A 148 7.87 4.94 -5.07
N ARG A 149 8.83 5.10 -5.95
CA ARG A 149 9.58 3.94 -6.47
C ARG A 149 11.09 4.25 -6.43
N PRO A 150 11.91 3.24 -6.49
CA PRO A 150 13.39 3.40 -6.46
C PRO A 150 13.90 4.26 -7.62
N GLY A 151 13.15 4.34 -8.69
CA GLY A 151 13.58 5.16 -9.85
C GLY A 151 14.35 4.29 -10.84
N GLU A 152 14.42 3.01 -10.59
CA GLU A 152 15.14 2.10 -11.53
C GLU A 152 14.35 0.80 -11.69
N THR B 1 1.78 0.64 23.66
CA THR B 1 3.05 1.04 22.98
C THR B 1 3.45 2.44 23.44
N GLY B 2 2.80 3.46 22.94
CA GLY B 2 3.16 4.84 23.35
C GLY B 2 2.16 5.83 22.74
N LYS B 3 2.39 7.11 22.91
CA LYS B 3 1.45 8.12 22.34
C LYS B 3 1.37 7.92 20.82
N GLY B 4 2.45 7.54 20.20
CA GLY B 4 2.43 7.33 18.72
C GLY B 4 2.70 8.66 18.02
N LYS B 5 2.38 8.75 16.75
CA LYS B 5 2.61 10.02 16.00
C LYS B 5 1.35 10.40 15.23
N TRP B 6 1.35 11.54 14.58
CA TRP B 6 0.15 11.98 13.82
C TRP B 6 -0.31 10.85 12.88
N LYS B 7 0.62 10.14 12.29
CA LYS B 7 0.23 9.05 11.36
C LYS B 7 -0.72 9.58 10.30
N ARG B 8 -1.35 8.70 9.57
CA ARG B 8 -2.32 9.13 8.51
C ARG B 8 -3.71 8.64 8.87
N LYS B 9 -4.74 9.34 8.45
CA LYS B 9 -6.12 8.89 8.80
C LYS B 9 -6.52 7.71 7.92
N SER B 10 -6.84 6.60 8.54
CA SER B 10 -7.25 5.39 7.77
C SER B 10 -8.40 4.70 8.50
N ALA B 11 -9.32 4.13 7.78
CA ALA B 11 -10.46 3.44 8.46
C ALA B 11 -11.32 2.72 7.42
N GLY B 12 -11.78 1.54 7.75
CA GLY B 12 -12.64 0.77 6.80
C GLY B 12 -13.41 -0.31 7.56
N GLY B 13 -14.22 -1.06 6.88
CA GLY B 13 -15.01 -2.13 7.56
C GLY B 13 -14.17 -3.41 7.66
N GLY B 14 -14.75 -4.46 8.17
CA GLY B 14 -14.01 -5.74 8.30
C GLY B 14 -14.78 -6.86 7.58
N PRO B 15 -14.22 -8.04 7.53
CA PRO B 15 -14.86 -9.20 6.87
C PRO B 15 -16.30 -9.43 7.35
N SER B 16 -16.61 -8.97 8.54
CA SER B 16 -17.99 -9.16 9.08
C SER B 16 -18.33 -10.65 9.10
N LEU A 1 16.96 -0.54 -1.13
CA LEU A 1 15.59 0.04 -1.25
C LEU A 1 15.13 0.53 0.13
N TYR A 2 14.69 -0.37 0.97
CA TYR A 2 14.23 0.04 2.32
C TYR A 2 15.21 -0.49 3.38
N LYS A 3 15.49 0.30 4.38
CA LYS A 3 16.45 -0.15 5.43
C LYS A 3 15.71 -0.39 6.75
N VAL A 4 16.29 -1.18 7.62
CA VAL A 4 15.64 -1.45 8.92
C VAL A 4 15.30 -0.14 9.61
N ASN A 5 14.16 -0.07 10.23
CA ASN A 5 13.73 1.19 10.92
C ASN A 5 13.22 2.19 9.88
N GLU A 6 12.94 1.73 8.69
CA GLU A 6 12.43 2.64 7.63
C GLU A 6 10.91 2.61 7.64
N TYR A 7 10.28 3.69 7.26
CA TYR A 7 8.79 3.71 7.26
C TYR A 7 8.30 3.41 5.84
N VAL A 8 7.74 2.25 5.64
CA VAL A 8 7.24 1.88 4.29
C VAL A 8 5.84 1.27 4.41
N ASP A 9 5.09 1.28 3.34
CA ASP A 9 3.72 0.70 3.39
C ASP A 9 3.80 -0.80 3.11
N ALA A 10 2.97 -1.58 3.76
CA ALA A 10 2.98 -3.05 3.54
C ALA A 10 1.65 -3.46 2.90
N ARG A 11 1.67 -4.39 1.98
CA ARG A 11 0.40 -4.80 1.31
C ARG A 11 -0.12 -6.11 1.91
N ASP A 12 -1.42 -6.22 2.05
CA ASP A 12 -2.01 -7.46 2.61
C ASP A 12 -2.37 -8.40 1.46
N THR A 13 -1.66 -9.49 1.31
CA THR A 13 -1.97 -10.42 0.21
C THR A 13 -3.40 -10.98 0.36
N ASN A 14 -3.82 -11.21 1.57
CA ASN A 14 -5.18 -11.79 1.80
C ASN A 14 -6.28 -10.84 1.31
N MET A 15 -6.19 -9.58 1.61
CA MET A 15 -7.27 -8.63 1.17
C MET A 15 -6.72 -7.63 0.14
N GLY A 16 -5.44 -7.51 0.05
CA GLY A 16 -4.84 -6.54 -0.91
C GLY A 16 -4.94 -5.13 -0.32
N ALA A 17 -5.01 -5.03 0.98
CA ALA A 17 -5.12 -3.69 1.62
C ALA A 17 -3.73 -3.23 2.08
N TRP A 18 -3.47 -1.95 2.01
CA TRP A 18 -2.14 -1.44 2.46
C TRP A 18 -2.29 -0.78 3.84
N PHE A 19 -1.35 -1.00 4.71
CA PHE A 19 -1.44 -0.37 6.07
C PHE A 19 -0.08 0.25 6.44
N GLU A 20 -0.08 1.22 7.30
CA GLU A 20 1.21 1.85 7.70
C GLU A 20 2.09 0.79 8.36
N ALA A 21 3.34 0.70 7.97
CA ALA A 21 4.22 -0.33 8.59
C ALA A 21 5.67 0.16 8.62
N GLN A 22 6.44 -0.29 9.57
CA GLN A 22 7.87 0.13 9.66
C GLN A 22 8.77 -1.08 9.44
N VAL A 23 9.93 -0.88 8.87
CA VAL A 23 10.83 -2.04 8.64
C VAL A 23 11.52 -2.42 9.95
N VAL A 24 11.51 -3.68 10.29
CA VAL A 24 12.14 -4.12 11.56
C VAL A 24 13.39 -4.95 11.26
N ARG A 25 13.33 -5.84 10.30
CA ARG A 25 14.53 -6.67 9.98
C ARG A 25 14.56 -7.03 8.49
N VAL A 26 15.72 -7.08 7.91
CA VAL A 26 15.82 -7.46 6.47
C VAL A 26 16.87 -8.56 6.33
N THR A 27 16.44 -9.75 6.02
CA THR A 27 17.41 -10.88 5.87
C THR A 27 16.92 -11.86 4.80
N ARG A 28 17.79 -12.69 4.31
CA ARG A 28 17.37 -13.69 3.28
C ARG A 28 17.92 -15.06 3.66
N LYS A 29 17.23 -16.11 3.33
CA LYS A 29 17.73 -17.46 3.68
C LYS A 29 18.88 -17.83 2.74
N ALA A 30 19.91 -18.41 3.26
CA ALA A 30 21.07 -18.81 2.41
C ALA A 30 21.21 -20.33 2.41
N PRO A 31 21.97 -20.86 1.49
CA PRO A 31 22.20 -22.33 1.38
C PRO A 31 23.01 -22.88 2.54
N SER A 32 22.72 -24.06 3.01
CA SER A 32 23.49 -24.62 4.13
C SER A 32 24.95 -24.82 3.69
N ARG A 33 25.16 -25.20 2.47
CA ARG A 33 26.55 -25.40 1.97
C ARG A 33 26.62 -25.05 0.49
N ASP A 34 25.90 -25.78 -0.33
CA ASP A 34 25.91 -25.48 -1.79
C ASP A 34 24.77 -26.24 -2.48
N GLU A 35 23.76 -26.63 -1.73
CA GLU A 35 22.62 -27.37 -2.34
C GLU A 35 21.30 -26.71 -1.94
N PRO A 36 21.08 -25.48 -2.34
CA PRO A 36 19.83 -24.74 -2.02
C PRO A 36 18.59 -25.41 -2.61
N CYS A 37 17.46 -25.29 -1.96
CA CYS A 37 16.23 -25.93 -2.49
C CYS A 37 15.98 -25.43 -3.92
N SER A 38 16.37 -24.22 -4.22
CA SER A 38 16.16 -23.68 -5.59
C SER A 38 17.52 -23.27 -6.16
N SER A 39 17.68 -23.35 -7.45
CA SER A 39 18.97 -22.97 -8.07
C SER A 39 19.34 -21.55 -7.65
N THR A 40 18.37 -20.70 -7.51
CA THR A 40 18.65 -19.29 -7.10
C THR A 40 17.90 -18.97 -5.80
N SER A 41 18.53 -18.29 -4.89
CA SER A 41 17.85 -17.96 -3.61
C SER A 41 18.86 -17.34 -2.64
N ARG A 42 20.12 -17.49 -2.90
CA ARG A 42 21.15 -16.92 -1.99
C ARG A 42 21.12 -15.38 -2.08
N PRO A 43 21.42 -14.71 -0.99
CA PRO A 43 21.42 -13.21 -0.96
C PRO A 43 22.42 -12.61 -1.94
N ALA A 44 22.06 -11.53 -2.58
CA ALA A 44 22.99 -10.90 -3.55
C ALA A 44 22.54 -9.46 -3.86
N LEU A 45 21.39 -9.31 -4.44
CA LEU A 45 20.89 -7.94 -4.76
C LEU A 45 19.94 -7.47 -3.66
N GLU A 46 19.88 -6.19 -3.43
CA GLU A 46 18.99 -5.67 -2.36
C GLU A 46 17.54 -6.08 -2.68
N GLU A 47 17.18 -6.10 -3.92
CA GLU A 47 15.79 -6.51 -4.30
C GLU A 47 15.65 -8.03 -4.15
N ASP A 48 16.74 -8.72 -4.08
CA ASP A 48 16.68 -10.21 -3.95
C ASP A 48 16.70 -10.61 -2.48
N VAL A 49 16.33 -9.71 -1.59
CA VAL A 49 16.35 -10.05 -0.13
C VAL A 49 14.92 -9.94 0.42
N ILE A 50 14.70 -10.41 1.62
CA ILE A 50 13.33 -10.35 2.21
C ILE A 50 13.30 -9.23 3.26
N TYR A 51 12.19 -8.54 3.36
CA TYR A 51 12.10 -7.44 4.36
C TYR A 51 11.01 -7.76 5.37
N HIS A 52 11.27 -7.51 6.62
CA HIS A 52 10.25 -7.81 7.67
C HIS A 52 9.63 -6.49 8.13
N VAL A 53 8.33 -6.40 8.12
CA VAL A 53 7.68 -5.13 8.53
C VAL A 53 6.58 -5.41 9.56
N LYS A 54 6.28 -4.45 10.39
CA LYS A 54 5.21 -4.64 11.41
C LYS A 54 4.09 -3.63 11.15
N TYR A 55 2.92 -3.88 11.64
CA TYR A 55 1.80 -2.92 11.40
C TYR A 55 1.65 -2.03 12.63
N ASP A 56 1.95 -0.77 12.50
CA ASP A 56 1.82 0.16 13.66
C ASP A 56 0.36 0.20 14.13
N ASP A 57 -0.56 0.18 13.20
CA ASP A 57 -2.00 0.21 13.59
C ASP A 57 -2.35 -1.05 14.39
N TYR A 58 -1.81 -2.17 14.01
CA TYR A 58 -2.10 -3.44 14.73
C TYR A 58 -0.79 -4.15 15.09
N PRO A 59 -0.12 -3.72 16.13
CA PRO A 59 1.17 -4.34 16.56
C PRO A 59 0.95 -5.73 17.17
N GLU A 60 -0.23 -6.00 17.65
CA GLU A 60 -0.50 -7.33 18.25
C GLU A 60 -0.36 -8.41 17.17
N ASN A 61 -0.65 -8.08 15.95
CA ASN A 61 -0.55 -9.07 14.85
C ASN A 61 0.85 -9.70 14.86
N GLY A 62 1.85 -8.94 15.20
CA GLY A 62 3.23 -9.48 15.22
C GLY A 62 4.03 -8.92 14.05
N VAL A 63 4.90 -9.71 13.47
CA VAL A 63 5.72 -9.22 12.32
C VAL A 63 5.49 -10.11 11.10
N VAL A 64 5.39 -9.53 9.94
CA VAL A 64 5.18 -10.33 8.70
C VAL A 64 6.46 -10.31 7.85
N GLN A 65 6.70 -11.36 7.12
CA GLN A 65 7.93 -11.41 6.28
C GLN A 65 7.54 -11.28 4.81
N MET A 66 8.03 -10.29 4.13
CA MET A 66 7.68 -10.12 2.69
C MET A 66 8.87 -9.51 1.93
N ASN A 67 8.84 -9.59 0.63
CA ASN A 67 9.96 -9.01 -0.18
C ASN A 67 9.62 -7.59 -0.61
N SER A 68 10.53 -6.92 -1.26
CA SER A 68 10.27 -5.52 -1.70
C SER A 68 9.12 -5.48 -2.70
N ARG A 69 8.92 -6.55 -3.42
CA ARG A 69 7.81 -6.58 -4.42
C ARG A 69 6.47 -6.32 -3.73
N ASP A 70 6.31 -6.80 -2.53
CA ASP A 70 5.01 -6.58 -1.82
C ASP A 70 5.13 -5.42 -0.84
N VAL A 71 6.27 -4.78 -0.81
CA VAL A 71 6.45 -3.62 0.13
C VAL A 71 6.81 -2.37 -0.67
N ARG A 72 6.18 -1.27 -0.38
CA ARG A 72 6.48 -0.01 -1.11
C ARG A 72 6.80 1.12 -0.12
N ALA A 73 7.58 2.07 -0.53
CA ALA A 73 7.93 3.20 0.38
C ALA A 73 6.65 3.90 0.85
N ARG A 74 6.65 4.40 2.05
CA ARG A 74 5.44 5.11 2.56
C ARG A 74 5.23 6.41 1.78
N ALA A 75 4.01 6.72 1.43
CA ALA A 75 3.74 7.97 0.67
C ALA A 75 4.10 9.17 1.54
N ARG A 76 4.66 10.20 0.96
CA ARG A 76 5.02 11.40 1.76
C ARG A 76 4.59 12.67 1.01
N THR A 77 3.96 12.51 -0.13
CA THR A 77 3.52 13.70 -0.90
C THR A 77 2.00 13.71 -1.04
N ILE A 78 1.38 14.83 -0.80
CA ILE A 78 -0.10 14.92 -0.93
C ILE A 78 -0.43 15.60 -2.26
N ILE A 79 -1.29 15.03 -3.04
CA ILE A 79 -1.63 15.64 -4.35
C ILE A 79 -3.02 16.28 -4.29
N LYS A 80 -3.17 17.42 -4.91
CA LYS A 80 -4.49 18.11 -4.91
C LYS A 80 -5.35 17.57 -6.05
N TRP A 81 -6.65 17.68 -5.93
CA TRP A 81 -7.54 17.17 -7.01
C TRP A 81 -7.06 17.71 -8.36
N GLN A 82 -6.73 18.97 -8.41
CA GLN A 82 -6.25 19.57 -9.70
C GLN A 82 -4.92 18.93 -10.11
N ASP A 83 -4.12 18.53 -9.16
CA ASP A 83 -2.78 17.94 -9.50
C ASP A 83 -2.90 16.43 -9.75
N LEU A 84 -4.08 15.89 -9.82
CA LEU A 84 -4.19 14.43 -10.07
C LEU A 84 -3.93 14.14 -11.55
N GLU A 85 -3.28 13.04 -11.84
CA GLU A 85 -2.97 12.70 -13.26
C GLU A 85 -3.64 11.37 -13.60
N VAL A 86 -3.97 11.16 -14.84
CA VAL A 86 -4.62 9.89 -15.24
C VAL A 86 -3.53 8.89 -15.66
N GLY A 87 -3.62 7.67 -15.20
CA GLY A 87 -2.59 6.66 -15.57
C GLY A 87 -1.62 6.47 -14.40
N GLN A 88 -1.78 7.21 -13.34
CA GLN A 88 -0.87 7.05 -12.17
C GLN A 88 -1.56 6.18 -11.12
N VAL A 89 -0.81 5.52 -10.28
CA VAL A 89 -1.43 4.65 -9.25
C VAL A 89 -1.42 5.38 -7.90
N VAL A 90 -2.55 5.44 -7.26
CA VAL A 90 -2.62 6.13 -5.94
C VAL A 90 -3.43 5.27 -4.96
N MET A 91 -3.34 5.55 -3.68
CA MET A 91 -4.10 4.75 -2.69
C MET A 91 -5.22 5.59 -2.09
N LEU A 92 -6.40 5.05 -2.00
CA LEU A 92 -7.54 5.80 -1.42
C LEU A 92 -8.38 4.87 -0.55
N ASN A 93 -9.33 5.40 0.18
CA ASN A 93 -10.16 4.53 1.04
C ASN A 93 -11.38 4.04 0.27
N TYR A 94 -11.51 2.74 0.10
CA TYR A 94 -12.67 2.19 -0.64
C TYR A 94 -13.32 1.08 0.18
N ASN A 95 -14.63 1.07 0.24
CA ASN A 95 -15.34 0.02 1.04
C ASN A 95 -16.24 -0.79 0.11
N PRO A 96 -15.77 -1.89 -0.41
CA PRO A 96 -16.55 -2.75 -1.33
C PRO A 96 -17.95 -3.06 -0.78
N ASP A 97 -18.05 -3.36 0.49
CA ASP A 97 -19.38 -3.66 1.08
C ASP A 97 -20.26 -2.41 1.05
N ASN A 98 -19.72 -1.27 1.41
CA ASN A 98 -20.52 -0.02 1.41
C ASN A 98 -19.69 1.13 0.85
N PRO A 99 -19.58 1.22 -0.45
CA PRO A 99 -18.79 2.29 -1.12
C PRO A 99 -19.22 3.69 -0.67
N LYS A 100 -20.40 3.82 -0.16
CA LYS A 100 -20.88 5.16 0.30
C LYS A 100 -20.40 5.42 1.73
N GLU A 101 -19.66 4.52 2.29
CA GLU A 101 -19.17 4.72 3.69
C GLU A 101 -17.64 4.81 3.70
N ARG A 102 -17.04 4.72 4.85
CA ARG A 102 -15.56 4.80 4.95
C ARG A 102 -14.95 3.50 4.39
N GLY A 103 -13.75 3.58 3.89
CA GLY A 103 -13.10 2.38 3.31
C GLY A 103 -11.68 2.23 3.88
N PHE A 104 -11.02 1.15 3.57
CA PHE A 104 -9.65 0.94 4.09
C PHE A 104 -8.64 1.32 3.01
N TRP A 105 -7.49 1.80 3.38
CA TRP A 105 -6.48 2.21 2.35
C TRP A 105 -6.36 1.12 1.29
N TYR A 106 -7.04 1.27 0.18
CA TYR A 106 -6.95 0.26 -0.91
C TYR A 106 -6.21 0.88 -2.10
N ASP A 107 -5.37 0.13 -2.75
CA ASP A 107 -4.62 0.68 -3.92
C ASP A 107 -5.52 0.69 -5.16
N ALA A 108 -5.66 1.83 -5.78
CA ALA A 108 -6.52 1.93 -6.98
C ALA A 108 -5.85 2.86 -8.00
N GLU A 109 -6.17 2.71 -9.26
CA GLU A 109 -5.54 3.59 -10.30
C GLU A 109 -6.58 4.58 -10.83
N ILE A 110 -6.15 5.69 -11.34
CA ILE A 110 -7.12 6.68 -11.88
C ILE A 110 -7.45 6.31 -13.34
N SER A 111 -8.68 5.92 -13.59
CA SER A 111 -9.05 5.55 -14.98
C SER A 111 -9.48 6.80 -15.75
N ARG A 112 -10.31 7.63 -15.17
CA ARG A 112 -10.76 8.85 -15.88
C ARG A 112 -11.23 9.90 -14.87
N LYS A 113 -11.12 11.15 -15.21
CA LYS A 113 -11.57 12.22 -14.28
C LYS A 113 -12.54 13.14 -15.02
N ARG A 114 -13.65 13.47 -14.41
CA ARG A 114 -14.64 14.36 -15.09
C ARG A 114 -15.11 15.44 -14.11
N GLU A 115 -15.17 16.66 -14.57
CA GLU A 115 -15.63 17.77 -13.68
C GLU A 115 -16.86 18.44 -14.28
N THR A 116 -17.75 18.91 -13.44
CA THR A 116 -18.98 19.57 -13.95
C THR A 116 -19.00 21.02 -13.45
N ARG A 117 -19.82 21.85 -14.02
CA ARG A 117 -19.87 23.27 -13.59
C ARG A 117 -20.14 23.37 -12.09
N THR A 118 -20.97 22.51 -11.56
CA THR A 118 -21.28 22.57 -10.09
C THR A 118 -21.06 21.19 -9.45
N ALA A 119 -20.32 20.33 -10.07
CA ALA A 119 -20.10 18.98 -9.46
C ALA A 119 -18.76 18.40 -9.94
N ARG A 120 -18.17 17.54 -9.16
CA ARG A 120 -16.86 16.95 -9.56
C ARG A 120 -16.90 15.43 -9.29
N GLU A 121 -16.48 14.64 -10.23
CA GLU A 121 -16.49 13.16 -10.02
C GLU A 121 -15.20 12.54 -10.57
N LEU A 122 -14.63 11.60 -9.86
CA LEU A 122 -13.37 10.95 -10.34
C LEU A 122 -13.62 9.46 -10.56
N TYR A 123 -13.01 8.89 -11.57
CA TYR A 123 -13.19 7.44 -11.83
C TYR A 123 -11.86 6.73 -11.58
N ALA A 124 -11.87 5.65 -10.86
CA ALA A 124 -10.60 4.93 -10.57
C ALA A 124 -10.84 3.42 -10.56
N ASN A 125 -9.79 2.65 -10.74
CA ASN A 125 -9.94 1.18 -10.72
C ASN A 125 -9.42 0.65 -9.39
N VAL A 126 -10.22 -0.13 -8.69
CA VAL A 126 -9.76 -0.65 -7.37
C VAL A 126 -9.43 -2.14 -7.49
N VAL A 127 -8.34 -2.56 -6.91
CA VAL A 127 -7.95 -3.99 -6.98
C VAL A 127 -7.91 -4.60 -5.58
N LEU A 128 -8.52 -5.74 -5.39
CA LEU A 128 -8.50 -6.38 -4.05
C LEU A 128 -7.42 -7.46 -4.04
N GLY A 129 -7.01 -7.91 -2.89
CA GLY A 129 -5.95 -8.95 -2.82
C GLY A 129 -6.22 -10.05 -3.84
N ASP A 130 -7.46 -10.32 -4.15
CA ASP A 130 -7.76 -11.40 -5.14
C ASP A 130 -8.91 -10.96 -6.06
N ASP A 131 -9.87 -10.26 -5.54
CA ASP A 131 -11.02 -9.82 -6.37
C ASP A 131 -10.67 -8.50 -7.08
N SER A 132 -11.32 -8.23 -8.19
CA SER A 132 -11.03 -6.97 -8.92
C SER A 132 -12.29 -6.09 -8.93
N LEU A 133 -12.11 -4.80 -8.97
CA LEU A 133 -13.27 -3.88 -8.99
C LEU A 133 -12.97 -2.70 -9.91
N ASN A 134 -12.33 -2.96 -11.01
CA ASN A 134 -11.98 -1.88 -11.96
C ASN A 134 -13.23 -1.06 -12.30
N ASP A 135 -13.05 0.07 -12.94
CA ASP A 135 -14.22 0.92 -13.30
C ASP A 135 -15.02 1.27 -12.04
N CYS A 136 -14.35 1.73 -11.02
CA CYS A 136 -15.06 2.09 -9.76
C CYS A 136 -15.13 3.61 -9.61
N ARG A 137 -16.19 4.11 -9.05
CA ARG A 137 -16.31 5.59 -8.87
C ARG A 137 -15.78 5.99 -7.50
N ILE A 138 -15.10 7.11 -7.41
CA ILE A 138 -14.56 7.54 -6.09
C ILE A 138 -15.42 8.67 -5.53
N ILE A 139 -16.07 8.43 -4.43
CA ILE A 139 -16.92 9.49 -3.82
C ILE A 139 -16.06 10.54 -3.15
N PHE A 140 -14.96 10.14 -2.56
CA PHE A 140 -14.08 11.13 -1.89
C PHE A 140 -12.95 11.52 -2.84
N VAL A 141 -12.85 12.79 -3.14
CA VAL A 141 -11.78 13.25 -4.05
C VAL A 141 -10.76 14.09 -3.29
N ASP A 142 -10.96 14.26 -2.01
CA ASP A 142 -10.01 15.07 -1.20
C ASP A 142 -9.02 14.13 -0.48
N GLU A 143 -9.09 12.87 -0.77
CA GLU A 143 -8.15 11.91 -0.10
C GLU A 143 -7.37 11.12 -1.16
N VAL A 144 -6.29 11.65 -1.63
CA VAL A 144 -5.47 10.93 -2.65
C VAL A 144 -4.05 10.76 -2.13
N PHE A 145 -3.47 9.61 -2.28
CA PHE A 145 -2.07 9.40 -1.80
C PHE A 145 -1.18 8.96 -2.94
N LYS A 146 0.07 9.34 -2.90
CA LYS A 146 1.01 8.97 -3.98
C LYS A 146 1.85 7.77 -3.53
N ILE A 147 2.14 6.88 -4.44
CA ILE A 147 2.95 5.67 -4.06
C ILE A 147 4.36 5.81 -4.65
N GLU A 148 5.36 5.53 -3.85
CA GLU A 148 6.76 5.65 -4.35
C GLU A 148 7.28 4.27 -4.76
N ARG A 149 8.17 4.22 -5.71
CA ARG A 149 8.70 2.90 -6.16
C ARG A 149 10.23 2.94 -6.12
N PRO A 150 10.86 1.79 -6.10
CA PRO A 150 12.35 1.68 -6.07
C PRO A 150 13.00 2.35 -7.27
N GLY A 151 12.28 2.49 -8.35
CA GLY A 151 12.86 3.15 -9.56
C GLY A 151 13.46 2.07 -10.48
N GLU A 152 13.26 0.83 -10.15
CA GLU A 152 13.82 -0.26 -11.00
C GLU A 152 12.84 -1.43 -11.05
N THR B 1 8.09 10.28 23.30
CA THR B 1 6.96 10.91 24.04
C THR B 1 6.37 12.05 23.20
N GLY B 2 5.52 12.85 23.78
CA GLY B 2 4.91 13.98 23.02
C GLY B 2 3.70 13.47 22.23
N LYS B 3 3.23 14.26 21.30
CA LYS B 3 2.05 13.83 20.51
C LYS B 3 2.37 12.51 19.79
N GLY B 4 3.60 12.36 19.36
CA GLY B 4 3.99 11.10 18.66
C GLY B 4 3.62 11.22 17.18
N LYS B 5 3.58 10.12 16.47
CA LYS B 5 3.23 10.16 15.03
C LYS B 5 1.71 10.06 14.87
N TRP B 6 1.18 10.63 13.83
CA TRP B 6 -0.30 10.57 13.63
C TRP B 6 -0.62 9.47 12.62
N LYS B 7 -1.71 8.76 12.85
CA LYS B 7 -2.08 7.66 11.91
C LYS B 7 -3.00 8.22 10.81
N ARG B 8 -2.87 7.74 9.62
CA ARG B 8 -3.74 8.23 8.51
C ARG B 8 -5.21 7.98 8.88
N LYS B 9 -6.10 8.81 8.41
CA LYS B 9 -7.54 8.62 8.73
C LYS B 9 -8.15 7.66 7.71
N SER B 10 -9.11 6.86 8.12
CA SER B 10 -9.75 5.90 7.16
C SER B 10 -10.41 4.78 7.94
N ALA B 11 -11.45 4.21 7.39
CA ALA B 11 -12.16 3.10 8.08
C ALA B 11 -12.84 2.23 7.04
N GLY B 12 -13.10 0.98 7.36
CA GLY B 12 -13.77 0.08 6.38
C GLY B 12 -13.76 -1.35 6.91
N GLY B 13 -14.28 -2.28 6.16
CA GLY B 13 -14.30 -3.69 6.63
C GLY B 13 -15.52 -3.91 7.52
N GLY B 14 -15.59 -5.05 8.16
CA GLY B 14 -16.76 -5.33 9.06
C GLY B 14 -16.96 -4.15 10.01
N PRO B 15 -15.92 -3.74 10.68
CA PRO B 15 -15.98 -2.60 11.64
C PRO B 15 -16.52 -1.33 11.00
N SER B 16 -17.25 -0.54 11.74
CA SER B 16 -17.80 0.72 11.18
C SER B 16 -18.36 0.45 9.78
N LEU A 1 16.13 -2.26 -0.20
CA LEU A 1 15.56 -0.92 -0.50
C LEU A 1 15.13 -0.24 0.80
N TYR A 2 14.72 -1.01 1.77
CA TYR A 2 14.28 -0.43 3.07
C TYR A 2 15.28 -0.83 4.17
N LYS A 3 15.56 0.06 5.08
CA LYS A 3 16.51 -0.26 6.17
C LYS A 3 15.76 -0.35 7.51
N VAL A 4 16.32 -1.03 8.47
CA VAL A 4 15.65 -1.18 9.79
C VAL A 4 15.24 0.20 10.30
N ASN A 5 14.08 0.29 10.90
CA ASN A 5 13.60 1.59 11.44
C ASN A 5 13.14 2.49 10.29
N GLU A 6 12.97 1.94 9.11
CA GLU A 6 12.50 2.75 7.96
C GLU A 6 10.97 2.76 7.95
N TYR A 7 10.38 3.81 7.43
CA TYR A 7 8.89 3.87 7.40
C TYR A 7 8.40 3.48 6.00
N VAL A 8 7.77 2.35 5.89
CA VAL A 8 7.26 1.90 4.56
C VAL A 8 5.82 1.43 4.70
N ASP A 9 5.09 1.42 3.62
CA ASP A 9 3.66 0.96 3.69
C ASP A 9 3.62 -0.56 3.54
N ALA A 10 2.81 -1.22 4.33
CA ALA A 10 2.70 -2.71 4.23
C ALA A 10 1.29 -3.07 3.77
N ARG A 11 1.18 -4.05 2.92
CA ARG A 11 -0.17 -4.45 2.42
C ARG A 11 -0.53 -5.86 2.90
N ASP A 12 -1.76 -6.07 3.25
CA ASP A 12 -2.17 -7.43 3.70
C ASP A 12 -2.69 -8.18 2.47
N THR A 13 -1.95 -9.13 1.98
CA THR A 13 -2.38 -9.89 0.79
C THR A 13 -3.78 -10.47 1.00
N ASN A 14 -4.09 -10.90 2.19
CA ASN A 14 -5.43 -11.51 2.44
C ASN A 14 -6.56 -10.51 2.17
N MET A 15 -6.39 -9.26 2.53
CA MET A 15 -7.48 -8.26 2.30
C MET A 15 -7.06 -7.28 1.20
N GLY A 16 -5.81 -7.22 0.89
CA GLY A 16 -5.34 -6.28 -0.17
C GLY A 16 -5.44 -4.84 0.35
N ALA A 17 -5.36 -4.67 1.65
CA ALA A 17 -5.47 -3.29 2.22
C ALA A 17 -4.08 -2.75 2.55
N TRP A 18 -3.88 -1.46 2.41
CA TRP A 18 -2.55 -0.87 2.73
C TRP A 18 -2.64 -0.04 4.01
N PHE A 19 -1.64 -0.09 4.84
CA PHE A 19 -1.68 0.71 6.11
C PHE A 19 -0.24 1.10 6.50
N GLU A 20 -0.11 2.10 7.32
CA GLU A 20 1.26 2.54 7.74
C GLU A 20 1.98 1.39 8.47
N ALA A 21 3.25 1.21 8.19
CA ALA A 21 4.00 0.11 8.86
C ALA A 21 5.46 0.52 9.03
N GLN A 22 6.13 -0.04 10.00
CA GLN A 22 7.56 0.30 10.23
C GLN A 22 8.42 -0.94 9.98
N VAL A 23 9.67 -0.74 9.62
CA VAL A 23 10.55 -1.92 9.37
C VAL A 23 11.23 -2.33 10.68
N VAL A 24 11.19 -3.59 11.00
CA VAL A 24 11.83 -4.05 12.27
C VAL A 24 13.10 -4.85 11.95
N ARG A 25 13.05 -5.71 10.96
CA ARG A 25 14.27 -6.51 10.64
C ARG A 25 14.33 -6.80 9.14
N VAL A 26 15.51 -6.89 8.59
CA VAL A 26 15.66 -7.21 7.14
C VAL A 26 16.49 -8.48 7.02
N THR A 27 15.98 -9.48 6.35
CA THR A 27 16.76 -10.73 6.23
C THR A 27 16.48 -11.38 4.88
N ARG A 28 17.22 -12.41 4.55
CA ARG A 28 17.01 -13.09 3.24
C ARG A 28 17.29 -14.59 3.40
N LYS A 29 16.94 -15.37 2.42
CA LYS A 29 17.18 -16.84 2.54
C LYS A 29 18.53 -17.18 1.90
N ALA A 30 19.34 -17.90 2.61
CA ALA A 30 20.67 -18.29 2.05
C ALA A 30 20.77 -19.82 1.99
N PRO A 31 21.72 -20.31 1.23
CA PRO A 31 21.94 -21.77 1.07
C PRO A 31 22.61 -22.39 2.29
N SER A 32 22.18 -23.54 2.71
CA SER A 32 22.80 -24.18 3.90
C SER A 32 24.27 -24.51 3.62
N ARG A 33 24.57 -24.92 2.42
CA ARG A 33 25.99 -25.26 2.08
C ARG A 33 26.37 -24.65 0.73
N ASP A 34 25.76 -23.56 0.37
CA ASP A 34 26.09 -22.91 -0.93
C ASP A 34 25.82 -23.91 -2.07
N GLU A 35 25.37 -25.09 -1.74
CA GLU A 35 25.08 -26.10 -2.80
C GLU A 35 23.68 -26.68 -2.58
N PRO A 36 22.67 -25.86 -2.71
CA PRO A 36 21.25 -26.29 -2.54
C PRO A 36 20.77 -27.15 -3.70
N CYS A 37 19.91 -28.09 -3.44
CA CYS A 37 19.40 -28.96 -4.54
C CYS A 37 18.75 -28.08 -5.61
N SER A 38 17.96 -27.12 -5.19
CA SER A 38 17.30 -26.22 -6.19
C SER A 38 17.01 -24.87 -5.53
N SER A 39 16.94 -23.83 -6.31
CA SER A 39 16.66 -22.49 -5.72
C SER A 39 16.20 -21.53 -6.83
N THR A 40 15.09 -20.88 -6.64
CA THR A 40 14.61 -19.93 -7.68
C THR A 40 15.64 -18.82 -7.90
N SER A 41 16.20 -18.31 -6.83
CA SER A 41 17.21 -17.23 -6.95
C SER A 41 18.12 -17.23 -5.71
N ARG A 42 19.24 -16.60 -5.80
CA ARG A 42 20.17 -16.55 -4.62
C ARG A 42 20.21 -15.12 -4.07
N PRO A 43 20.40 -14.97 -2.79
CA PRO A 43 20.46 -13.62 -2.15
C PRO A 43 21.60 -12.77 -2.72
N ALA A 44 21.38 -11.49 -2.89
CA ALA A 44 22.46 -10.62 -3.43
C ALA A 44 21.90 -9.22 -3.69
N LEU A 45 20.77 -9.14 -4.32
CA LEU A 45 20.17 -7.81 -4.61
C LEU A 45 19.25 -7.40 -3.46
N GLU A 46 19.09 -6.12 -3.24
CA GLU A 46 18.21 -5.67 -2.12
C GLU A 46 16.80 -6.23 -2.34
N GLU A 47 16.38 -6.35 -3.57
CA GLU A 47 15.03 -6.88 -3.85
C GLU A 47 15.04 -8.41 -3.65
N ASP A 48 16.21 -8.99 -3.58
CA ASP A 48 16.30 -10.46 -3.39
C ASP A 48 16.34 -10.81 -1.89
N VAL A 49 15.91 -9.90 -1.05
CA VAL A 49 15.93 -10.18 0.42
C VAL A 49 14.51 -10.07 0.98
N ILE A 50 14.32 -10.51 2.18
CA ILE A 50 12.97 -10.44 2.80
C ILE A 50 12.97 -9.32 3.85
N TYR A 51 11.89 -8.59 3.95
CA TYR A 51 11.84 -7.47 4.93
C TYR A 51 10.76 -7.75 5.97
N HIS A 52 11.02 -7.43 7.21
CA HIS A 52 10.01 -7.65 8.28
C HIS A 52 9.41 -6.31 8.67
N VAL A 53 8.12 -6.18 8.58
CA VAL A 53 7.48 -4.87 8.94
C VAL A 53 6.33 -5.11 9.92
N LYS A 54 5.98 -4.11 10.68
CA LYS A 54 4.86 -4.24 11.66
C LYS A 54 3.83 -3.16 11.38
N TYR A 55 2.61 -3.38 11.81
CA TYR A 55 1.56 -2.34 11.56
C TYR A 55 1.48 -1.42 12.77
N ASP A 56 1.72 -0.15 12.59
CA ASP A 56 1.67 0.79 13.74
C ASP A 56 0.26 0.77 14.33
N ASP A 57 -0.75 0.70 13.51
CA ASP A 57 -2.14 0.66 14.03
C ASP A 57 -2.36 -0.61 14.84
N TYR A 58 -1.80 -1.71 14.40
CA TYR A 58 -1.98 -2.99 15.14
C TYR A 58 -0.62 -3.66 15.39
N PRO A 59 0.12 -3.17 16.35
CA PRO A 59 1.47 -3.74 16.68
C PRO A 59 1.37 -5.07 17.43
N GLU A 60 0.20 -5.38 17.93
CA GLU A 60 0.03 -6.66 18.67
C GLU A 60 0.29 -7.84 17.75
N ASN A 61 0.08 -7.68 16.48
CA ASN A 61 0.32 -8.80 15.53
C ASN A 61 1.71 -9.39 15.76
N GLY A 62 2.67 -8.57 16.09
CA GLY A 62 4.05 -9.10 16.33
C GLY A 62 4.96 -8.72 15.15
N VAL A 63 5.50 -9.71 14.48
CA VAL A 63 6.39 -9.41 13.33
C VAL A 63 5.84 -10.05 12.05
N VAL A 64 5.76 -9.30 10.99
CA VAL A 64 5.23 -9.84 9.71
C VAL A 64 6.37 -9.98 8.70
N GLN A 65 6.41 -11.06 7.97
CA GLN A 65 7.51 -11.24 6.98
C GLN A 65 6.93 -11.15 5.56
N MET A 66 7.40 -10.22 4.78
CA MET A 66 6.88 -10.10 3.38
C MET A 66 8.01 -9.64 2.45
N ASN A 67 7.81 -9.77 1.17
CA ASN A 67 8.87 -9.35 0.20
C ASN A 67 8.67 -7.88 -0.17
N SER A 68 9.60 -7.31 -0.90
CA SER A 68 9.48 -5.88 -1.28
C SER A 68 8.25 -5.69 -2.18
N ARG A 69 7.86 -6.71 -2.90
CA ARG A 69 6.68 -6.58 -3.80
C ARG A 69 5.45 -6.20 -2.98
N ASP A 70 5.32 -6.69 -1.78
CA ASP A 70 4.13 -6.35 -0.95
C ASP A 70 4.45 -5.16 -0.03
N VAL A 71 5.66 -4.67 -0.09
CA VAL A 71 6.03 -3.52 0.77
C VAL A 71 6.47 -2.34 -0.12
N ARG A 72 5.96 -1.16 0.16
CA ARG A 72 6.33 0.02 -0.67
C ARG A 72 6.73 1.18 0.24
N ALA A 73 7.53 2.09 -0.25
CA ALA A 73 7.95 3.25 0.58
C ALA A 73 6.71 4.03 1.03
N ARG A 74 6.75 4.63 2.18
CA ARG A 74 5.57 5.40 2.67
C ARG A 74 5.33 6.59 1.74
N ALA A 75 4.09 6.89 1.47
CA ALA A 75 3.78 8.04 0.56
C ALA A 75 4.32 9.33 1.17
N ARG A 76 4.83 10.21 0.35
CA ARG A 76 5.38 11.49 0.88
C ARG A 76 4.70 12.67 0.18
N THR A 77 4.43 12.53 -1.08
CA THR A 77 3.81 13.65 -1.84
C THR A 77 2.30 13.45 -1.95
N ILE A 78 1.54 14.48 -1.67
CA ILE A 78 0.07 14.37 -1.76
C ILE A 78 -0.40 15.00 -3.07
N ILE A 79 -1.23 14.31 -3.82
CA ILE A 79 -1.69 14.88 -5.12
C ILE A 79 -3.06 15.55 -4.92
N LYS A 80 -3.19 16.76 -5.38
CA LYS A 80 -4.48 17.50 -5.23
C LYS A 80 -5.30 17.33 -6.51
N TRP A 81 -6.57 17.64 -6.45
CA TRP A 81 -7.42 17.49 -7.67
C TRP A 81 -6.70 18.10 -8.88
N GLN A 82 -6.13 19.25 -8.71
CA GLN A 82 -5.42 19.91 -9.85
C GLN A 82 -4.20 19.07 -10.25
N ASP A 83 -3.61 18.38 -9.32
CA ASP A 83 -2.39 17.57 -9.65
C ASP A 83 -2.76 16.13 -10.04
N LEU A 84 -4.02 15.83 -10.23
CA LEU A 84 -4.38 14.44 -10.63
C LEU A 84 -4.06 14.22 -12.11
N GLU A 85 -3.50 13.09 -12.43
CA GLU A 85 -3.15 12.80 -13.85
C GLU A 85 -3.79 11.47 -14.26
N VAL A 86 -3.94 11.23 -15.53
CA VAL A 86 -4.54 9.95 -15.98
C VAL A 86 -3.43 8.96 -16.34
N GLY A 87 -3.54 7.74 -15.89
CA GLY A 87 -2.48 6.74 -16.22
C GLY A 87 -1.51 6.60 -15.04
N GLN A 88 -1.73 7.31 -13.97
CA GLN A 88 -0.81 7.20 -12.80
C GLN A 88 -1.48 6.33 -11.72
N VAL A 89 -0.69 5.69 -10.89
CA VAL A 89 -1.29 4.84 -9.82
C VAL A 89 -1.29 5.57 -8.49
N VAL A 90 -2.41 5.61 -7.82
CA VAL A 90 -2.48 6.31 -6.52
C VAL A 90 -3.24 5.43 -5.51
N MET A 91 -3.14 5.73 -4.25
CA MET A 91 -3.86 4.90 -3.23
C MET A 91 -4.98 5.73 -2.61
N LEU A 92 -6.13 5.13 -2.45
CA LEU A 92 -7.29 5.87 -1.86
C LEU A 92 -8.05 4.95 -0.92
N ASN A 93 -8.99 5.47 -0.18
CA ASN A 93 -9.76 4.61 0.76
C ASN A 93 -11.00 4.07 0.05
N TYR A 94 -11.10 2.78 -0.09
CA TYR A 94 -12.29 2.17 -0.77
C TYR A 94 -12.91 1.12 0.14
N ASN A 95 -14.21 1.11 0.25
CA ASN A 95 -14.89 0.12 1.13
C ASN A 95 -15.84 -0.75 0.29
N PRO A 96 -15.36 -1.89 -0.15
CA PRO A 96 -16.19 -2.81 -0.99
C PRO A 96 -17.55 -3.13 -0.34
N ASP A 97 -17.55 -3.38 0.95
CA ASP A 97 -18.83 -3.70 1.63
C ASP A 97 -19.76 -2.49 1.58
N ASN A 98 -19.25 -1.31 1.84
CA ASN A 98 -20.12 -0.10 1.81
C ASN A 98 -19.36 1.06 1.17
N PRO A 99 -19.31 1.10 -0.14
CA PRO A 99 -18.60 2.17 -0.89
C PRO A 99 -19.03 3.57 -0.46
N LYS A 100 -20.20 3.70 0.11
CA LYS A 100 -20.68 5.04 0.55
C LYS A 100 -20.14 5.35 1.95
N GLU A 101 -19.36 4.46 2.51
CA GLU A 101 -18.81 4.70 3.88
C GLU A 101 -17.28 4.79 3.82
N ARG A 102 -16.64 4.77 4.95
CA ARG A 102 -15.15 4.85 4.99
C ARG A 102 -14.56 3.53 4.49
N GLY A 103 -13.38 3.59 3.94
CA GLY A 103 -12.73 2.36 3.39
C GLY A 103 -11.26 2.31 3.80
N PHE A 104 -10.58 1.23 3.50
CA PHE A 104 -9.14 1.14 3.84
C PHE A 104 -8.32 1.61 2.63
N TRP A 105 -7.11 2.06 2.86
CA TRP A 105 -6.29 2.54 1.71
C TRP A 105 -6.10 1.40 0.70
N TYR A 106 -6.89 1.37 -0.34
CA TYR A 106 -6.73 0.30 -1.36
C TYR A 106 -6.05 0.89 -2.60
N ASP A 107 -5.13 0.16 -3.19
CA ASP A 107 -4.43 0.69 -4.39
C ASP A 107 -5.43 0.83 -5.54
N ALA A 108 -5.22 1.79 -6.40
CA ALA A 108 -6.15 1.99 -7.53
C ALA A 108 -5.49 2.86 -8.60
N GLU A 109 -5.98 2.80 -9.82
CA GLU A 109 -5.38 3.63 -10.91
C GLU A 109 -6.41 4.67 -11.37
N ILE A 110 -5.95 5.77 -11.92
CA ILE A 110 -6.90 6.81 -12.39
C ILE A 110 -7.33 6.50 -13.82
N SER A 111 -8.59 6.28 -14.04
CA SER A 111 -9.07 5.96 -15.42
C SER A 111 -9.49 7.24 -16.14
N ARG A 112 -10.21 8.11 -15.48
CA ARG A 112 -10.65 9.37 -16.15
C ARG A 112 -11.05 10.41 -15.11
N LYS A 113 -10.87 11.67 -15.43
CA LYS A 113 -11.26 12.75 -14.47
C LYS A 113 -12.46 13.50 -15.05
N ARG A 114 -13.47 13.76 -14.26
CA ARG A 114 -14.66 14.48 -14.78
C ARG A 114 -15.06 15.58 -13.81
N GLU A 115 -15.40 16.74 -14.31
CA GLU A 115 -15.81 17.87 -13.43
C GLU A 115 -17.22 18.32 -13.78
N THR A 116 -17.96 18.77 -12.80
CA THR A 116 -19.35 19.24 -13.06
C THR A 116 -19.45 20.72 -12.70
N ARG A 117 -20.50 21.37 -13.10
CA ARG A 117 -20.62 22.83 -12.79
C ARG A 117 -20.42 23.08 -11.30
N THR A 118 -20.97 22.24 -10.45
CA THR A 118 -20.81 22.45 -8.98
C THR A 118 -20.42 21.13 -8.31
N ALA A 119 -19.83 20.22 -9.03
CA ALA A 119 -19.45 18.91 -8.40
C ALA A 119 -18.26 18.30 -9.14
N ARG A 120 -17.54 17.43 -8.49
CA ARG A 120 -16.36 16.79 -9.14
C ARG A 120 -16.54 15.27 -9.12
N GLU A 121 -16.24 14.62 -10.21
CA GLU A 121 -16.39 13.13 -10.25
C GLU A 121 -15.11 12.51 -10.82
N LEU A 122 -14.62 11.47 -10.19
CA LEU A 122 -13.38 10.81 -10.67
C LEU A 122 -13.63 9.32 -10.90
N TYR A 123 -13.03 8.76 -11.93
CA TYR A 123 -13.21 7.30 -12.18
C TYR A 123 -11.86 6.62 -11.95
N ALA A 124 -11.85 5.54 -11.23
CA ALA A 124 -10.55 4.84 -10.98
C ALA A 124 -10.77 3.34 -10.93
N ASN A 125 -9.72 2.58 -11.11
CA ASN A 125 -9.86 1.10 -11.06
C ASN A 125 -9.30 0.62 -9.72
N VAL A 126 -10.06 -0.16 -8.99
CA VAL A 126 -9.57 -0.64 -7.66
C VAL A 126 -9.25 -2.13 -7.72
N VAL A 127 -8.14 -2.53 -7.15
CA VAL A 127 -7.76 -3.97 -7.18
C VAL A 127 -7.70 -4.51 -5.74
N LEU A 128 -8.32 -5.61 -5.48
CA LEU A 128 -8.27 -6.19 -4.09
C LEU A 128 -7.17 -7.26 -4.04
N GLY A 129 -6.76 -7.64 -2.87
CA GLY A 129 -5.69 -8.66 -2.76
C GLY A 129 -6.01 -9.87 -3.64
N ASP A 130 -7.27 -10.18 -3.84
CA ASP A 130 -7.63 -11.36 -4.67
C ASP A 130 -8.77 -11.02 -5.64
N ASP A 131 -9.59 -10.06 -5.28
CA ASP A 131 -10.73 -9.70 -6.17
C ASP A 131 -10.42 -8.42 -6.96
N SER A 132 -11.08 -8.23 -8.07
CA SER A 132 -10.82 -7.00 -8.88
C SER A 132 -12.08 -6.14 -8.90
N LEU A 133 -11.92 -4.85 -9.00
CA LEU A 133 -13.10 -3.93 -9.03
C LEU A 133 -12.81 -2.79 -10.01
N ASN A 134 -12.19 -3.09 -11.11
CA ASN A 134 -11.87 -2.03 -12.10
C ASN A 134 -13.14 -1.25 -12.46
N ASP A 135 -12.99 -0.13 -13.12
CA ASP A 135 -14.19 0.69 -13.49
C ASP A 135 -14.98 1.04 -12.24
N CYS A 136 -14.33 1.55 -11.24
CA CYS A 136 -15.04 1.93 -9.98
C CYS A 136 -15.08 3.45 -9.84
N ARG A 137 -16.13 3.97 -9.26
CA ARG A 137 -16.24 5.44 -9.09
C ARG A 137 -15.67 5.84 -7.72
N ILE A 138 -14.98 6.96 -7.66
CA ILE A 138 -14.40 7.38 -6.36
C ILE A 138 -15.31 8.44 -5.71
N ILE A 139 -15.87 8.13 -4.58
CA ILE A 139 -16.76 9.11 -3.90
C ILE A 139 -15.92 10.23 -3.28
N PHE A 140 -14.79 9.90 -2.71
CA PHE A 140 -13.95 10.95 -2.10
C PHE A 140 -12.84 11.36 -3.07
N VAL A 141 -12.78 12.62 -3.40
CA VAL A 141 -11.72 13.09 -4.34
C VAL A 141 -10.72 13.97 -3.59
N ASP A 142 -10.90 14.13 -2.31
CA ASP A 142 -9.95 14.98 -1.52
C ASP A 142 -8.93 14.08 -0.83
N GLU A 143 -8.96 12.80 -1.10
CA GLU A 143 -7.98 11.88 -0.45
C GLU A 143 -7.22 11.10 -1.51
N VAL A 144 -6.14 11.65 -2.00
CA VAL A 144 -5.33 10.95 -3.04
C VAL A 144 -3.90 10.79 -2.53
N PHE A 145 -3.32 9.63 -2.70
CA PHE A 145 -1.92 9.42 -2.22
C PHE A 145 -1.05 8.92 -3.38
N LYS A 146 0.19 9.30 -3.38
CA LYS A 146 1.11 8.86 -4.46
C LYS A 146 1.97 7.70 -3.95
N ILE A 147 2.32 6.78 -4.82
CA ILE A 147 3.15 5.62 -4.39
C ILE A 147 4.58 5.81 -4.90
N GLU A 148 5.56 5.59 -4.05
CA GLU A 148 6.98 5.74 -4.49
C GLU A 148 7.51 4.39 -4.96
N ARG A 149 8.40 4.39 -5.91
CA ARG A 149 8.96 3.10 -6.42
C ARG A 149 10.49 3.21 -6.48
N PRO A 150 11.15 2.10 -6.54
CA PRO A 150 12.64 2.04 -6.61
C PRO A 150 13.19 2.77 -7.84
N GLY A 151 12.38 2.93 -8.86
CA GLY A 151 12.86 3.62 -10.08
C GLY A 151 13.36 2.59 -11.09
N GLU A 152 13.21 1.33 -10.79
CA GLU A 152 13.69 0.28 -11.74
C GLU A 152 15.16 0.53 -12.08
N THR B 1 8.94 9.96 24.67
CA THR B 1 7.48 9.81 24.43
C THR B 1 6.86 11.20 24.27
N GLY B 2 5.70 11.27 23.68
CA GLY B 2 5.03 12.58 23.49
C GLY B 2 5.45 13.18 22.14
N LYS B 3 6.11 12.40 21.32
CA LYS B 3 6.54 12.92 20.00
C LYS B 3 5.32 13.42 19.22
N GLY B 4 4.20 12.75 19.35
CA GLY B 4 2.98 13.19 18.62
C GLY B 4 3.05 12.70 17.17
N LYS B 5 3.19 11.41 16.98
CA LYS B 5 3.25 10.87 15.59
C LYS B 5 1.86 10.90 14.97
N TRP B 6 1.78 11.23 13.70
CA TRP B 6 0.44 11.27 13.03
C TRP B 6 0.32 10.09 12.07
N LYS B 7 -0.83 9.49 12.00
CA LYS B 7 -1.03 8.32 11.09
C LYS B 7 -2.11 8.66 10.06
N ARG B 8 -2.02 8.08 8.89
CA ARG B 8 -3.05 8.36 7.85
C ARG B 8 -4.42 7.91 8.37
N LYS B 9 -5.47 8.58 8.01
CA LYS B 9 -6.82 8.17 8.49
C LYS B 9 -7.35 7.04 7.62
N SER B 10 -7.82 5.99 8.23
CA SER B 10 -8.36 4.84 7.45
C SER B 10 -9.55 4.24 8.19
N ALA B 11 -10.50 3.69 7.48
CA ALA B 11 -11.67 3.07 8.15
C ALA B 11 -12.49 2.29 7.14
N GLY B 12 -13.03 1.17 7.56
CA GLY B 12 -13.86 0.34 6.64
C GLY B 12 -15.11 -0.15 7.38
N GLY B 13 -15.97 -0.86 6.70
CA GLY B 13 -17.21 -1.36 7.37
C GLY B 13 -16.89 -2.65 8.13
N GLY B 14 -17.88 -3.27 8.72
CA GLY B 14 -17.63 -4.53 9.46
C GLY B 14 -17.20 -5.63 8.49
N PRO B 15 -16.52 -6.63 8.97
CA PRO B 15 -16.04 -7.76 8.14
C PRO B 15 -17.19 -8.50 7.45
N SER B 16 -18.37 -8.43 8.00
CA SER B 16 -19.53 -9.13 7.39
C SER B 16 -20.45 -8.11 6.72
N LEU A 1 15.32 -2.87 -0.25
CA LEU A 1 14.80 -1.52 -0.62
C LEU A 1 14.37 -0.79 0.66
N TYR A 2 14.07 -1.52 1.70
CA TYR A 2 13.63 -0.87 2.97
C TYR A 2 14.72 -1.03 4.03
N LYS A 3 14.78 -0.13 4.97
CA LYS A 3 15.81 -0.20 6.03
C LYS A 3 15.14 -0.54 7.37
N VAL A 4 15.86 -1.20 8.25
CA VAL A 4 15.28 -1.56 9.56
C VAL A 4 14.74 -0.33 10.26
N ASN A 5 13.63 -0.45 10.93
CA ASN A 5 13.02 0.71 11.63
C ASN A 5 12.70 1.82 10.62
N GLU A 6 12.30 1.44 9.43
CA GLU A 6 11.95 2.46 8.40
C GLU A 6 10.43 2.50 8.25
N TYR A 7 9.89 3.60 7.79
CA TYR A 7 8.41 3.69 7.64
C TYR A 7 8.00 3.31 6.22
N VAL A 8 7.42 2.15 6.07
CA VAL A 8 6.97 1.69 4.72
C VAL A 8 5.55 1.14 4.83
N ASP A 9 4.84 1.09 3.73
CA ASP A 9 3.45 0.55 3.77
C ASP A 9 3.47 -0.96 3.59
N ALA A 10 2.67 -1.66 4.36
CA ALA A 10 2.63 -3.15 4.24
C ALA A 10 1.24 -3.56 3.74
N ARG A 11 1.17 -4.54 2.87
CA ARG A 11 -0.16 -4.97 2.34
C ARG A 11 -0.54 -6.33 2.90
N ASP A 12 -1.80 -6.51 3.21
CA ASP A 12 -2.25 -7.84 3.71
C ASP A 12 -2.74 -8.64 2.52
N THR A 13 -2.04 -9.68 2.15
CA THR A 13 -2.46 -10.49 0.97
C THR A 13 -3.87 -11.04 1.19
N ASN A 14 -4.22 -11.36 2.41
CA ASN A 14 -5.58 -11.93 2.67
C ASN A 14 -6.68 -10.92 2.30
N MET A 15 -6.49 -9.66 2.60
CA MET A 15 -7.54 -8.65 2.28
C MET A 15 -7.06 -7.72 1.16
N GLY A 16 -5.79 -7.70 0.90
CA GLY A 16 -5.27 -6.80 -0.16
C GLY A 16 -5.37 -5.36 0.34
N ALA A 17 -5.42 -5.16 1.63
CA ALA A 17 -5.53 -3.78 2.18
C ALA A 17 -4.15 -3.26 2.58
N TRP A 18 -3.92 -1.99 2.44
CA TRP A 18 -2.60 -1.42 2.81
C TRP A 18 -2.75 -0.57 4.08
N PHE A 19 -1.81 -0.66 4.98
CA PHE A 19 -1.90 0.15 6.23
C PHE A 19 -0.48 0.56 6.67
N GLU A 20 -0.38 1.53 7.54
CA GLU A 20 0.97 1.98 7.99
C GLU A 20 1.70 0.83 8.68
N ALA A 21 2.95 0.66 8.38
CA ALA A 21 3.74 -0.44 9.03
C ALA A 21 5.20 -0.01 9.15
N GLN A 22 5.90 -0.52 10.13
CA GLN A 22 7.33 -0.15 10.30
C GLN A 22 8.20 -1.38 10.00
N VAL A 23 9.42 -1.18 9.60
CA VAL A 23 10.29 -2.34 9.30
C VAL A 23 11.04 -2.75 10.56
N VAL A 24 10.98 -4.00 10.91
CA VAL A 24 11.69 -4.48 12.13
C VAL A 24 13.08 -4.98 11.73
N ARG A 25 13.16 -5.70 10.66
CA ARG A 25 14.51 -6.22 10.23
C ARG A 25 14.47 -6.65 8.77
N VAL A 26 15.55 -6.44 8.05
CA VAL A 26 15.60 -6.85 6.62
C VAL A 26 16.73 -7.86 6.44
N THR A 27 16.40 -9.09 6.09
CA THR A 27 17.47 -10.11 5.91
C THR A 27 17.06 -11.10 4.81
N ARG A 28 18.00 -11.85 4.30
CA ARG A 28 17.68 -12.84 3.24
C ARG A 28 18.21 -14.22 3.66
N LYS A 29 17.52 -15.27 3.32
CA LYS A 29 18.00 -16.62 3.70
C LYS A 29 19.02 -17.11 2.67
N ALA A 30 20.08 -17.71 3.12
CA ALA A 30 21.11 -18.22 2.16
C ALA A 30 21.20 -19.75 2.28
N PRO A 31 21.82 -20.36 1.31
CA PRO A 31 21.99 -21.85 1.29
C PRO A 31 23.05 -22.32 2.27
N SER A 32 22.87 -23.44 2.89
CA SER A 32 23.88 -23.94 3.86
C SER A 32 25.20 -24.17 3.12
N ARG A 33 25.14 -24.66 1.92
CA ARG A 33 26.39 -24.90 1.14
C ARG A 33 26.09 -24.72 -0.35
N ASP A 34 25.19 -25.51 -0.87
CA ASP A 34 24.85 -25.39 -2.32
C ASP A 34 23.50 -26.07 -2.57
N GLU A 35 22.71 -26.25 -1.54
CA GLU A 35 21.39 -26.91 -1.72
C GLU A 35 20.28 -26.02 -1.12
N PRO A 36 20.08 -24.85 -1.69
CA PRO A 36 19.02 -23.91 -1.20
C PRO A 36 17.63 -24.54 -1.20
N CYS A 37 16.78 -24.14 -0.31
CA CYS A 37 15.41 -24.72 -0.26
C CYS A 37 14.75 -24.61 -1.63
N SER A 38 14.98 -23.52 -2.33
CA SER A 38 14.35 -23.37 -3.67
C SER A 38 14.69 -21.99 -4.24
N SER A 39 15.19 -21.10 -3.43
CA SER A 39 15.52 -19.74 -3.93
C SER A 39 16.59 -19.86 -5.03
N THR A 40 17.45 -20.83 -4.93
CA THR A 40 18.51 -20.99 -5.96
C THR A 40 19.22 -19.67 -6.21
N SER A 41 18.89 -18.65 -5.44
CA SER A 41 19.55 -17.32 -5.64
C SER A 41 20.29 -16.92 -4.36
N ARG A 42 21.37 -16.19 -4.51
CA ARG A 42 22.14 -15.76 -3.31
C ARG A 42 21.91 -14.27 -3.07
N PRO A 43 21.97 -13.82 -1.85
CA PRO A 43 21.76 -12.37 -1.52
C PRO A 43 22.70 -11.47 -2.29
N ALA A 44 22.22 -10.34 -2.74
CA ALA A 44 23.11 -9.42 -3.51
C ALA A 44 22.36 -8.13 -3.82
N LEU A 45 21.24 -8.23 -4.48
CA LEU A 45 20.46 -7.01 -4.82
C LEU A 45 19.44 -6.73 -3.72
N GLU A 46 19.15 -5.48 -3.48
CA GLU A 46 18.16 -5.14 -2.41
C GLU A 46 16.82 -5.79 -2.75
N GLU A 47 16.48 -5.86 -4.00
CA GLU A 47 15.18 -6.51 -4.38
C GLU A 47 15.28 -8.02 -4.18
N ASP A 48 16.47 -8.53 -4.05
CA ASP A 48 16.65 -10.00 -3.86
C ASP A 48 16.68 -10.34 -2.37
N VAL A 49 16.19 -9.47 -1.53
CA VAL A 49 16.21 -9.76 -0.05
C VAL A 49 14.78 -9.84 0.48
N ILE A 50 14.64 -10.31 1.69
CA ILE A 50 13.28 -10.43 2.29
C ILE A 50 13.10 -9.31 3.32
N TYR A 51 11.91 -8.77 3.44
CA TYR A 51 11.69 -7.67 4.41
C TYR A 51 10.69 -8.10 5.49
N HIS A 52 10.98 -7.80 6.72
CA HIS A 52 10.05 -8.17 7.82
C HIS A 52 9.44 -6.87 8.38
N VAL A 53 8.13 -6.77 8.37
CA VAL A 53 7.50 -5.51 8.86
C VAL A 53 6.40 -5.81 9.88
N LYS A 54 6.07 -4.83 10.69
CA LYS A 54 5.00 -5.00 11.70
C LYS A 54 3.91 -3.96 11.45
N TYR A 55 2.73 -4.19 11.93
CA TYR A 55 1.64 -3.19 11.71
C TYR A 55 1.54 -2.28 12.92
N ASP A 56 1.72 -1.00 12.73
CA ASP A 56 1.64 -0.06 13.88
C ASP A 56 0.24 -0.13 14.50
N ASP A 57 -0.77 -0.20 13.67
CA ASP A 57 -2.16 -0.27 14.21
C ASP A 57 -2.36 -1.58 14.98
N TYR A 58 -1.80 -2.66 14.49
CA TYR A 58 -1.96 -3.97 15.18
C TYR A 58 -0.60 -4.66 15.31
N PRO A 59 0.21 -4.22 16.24
CA PRO A 59 1.56 -4.81 16.48
C PRO A 59 1.48 -6.18 17.16
N GLU A 60 0.35 -6.47 17.76
CA GLU A 60 0.21 -7.78 18.45
C GLU A 60 0.35 -8.93 17.44
N ASN A 61 -0.01 -8.70 16.21
CA ASN A 61 0.11 -9.77 15.18
C ASN A 61 1.52 -10.36 15.21
N GLY A 62 2.51 -9.55 15.47
CA GLY A 62 3.90 -10.08 15.51
C GLY A 62 4.68 -9.55 14.31
N VAL A 63 5.44 -10.40 13.66
CA VAL A 63 6.24 -9.96 12.49
C VAL A 63 5.84 -10.76 11.25
N VAL A 64 5.59 -10.08 10.15
CA VAL A 64 5.21 -10.79 8.90
C VAL A 64 6.34 -10.65 7.88
N GLN A 65 6.57 -11.67 7.10
CA GLN A 65 7.65 -11.60 6.08
C GLN A 65 7.02 -11.45 4.70
N MET A 66 7.34 -10.39 3.99
CA MET A 66 6.75 -10.19 2.64
C MET A 66 7.78 -9.60 1.69
N ASN A 67 7.56 -9.74 0.41
CA ASN A 67 8.52 -9.17 -0.58
C ASN A 67 8.16 -7.72 -0.89
N SER A 68 8.97 -7.04 -1.64
CA SER A 68 8.68 -5.62 -1.98
C SER A 68 7.38 -5.53 -2.78
N ARG A 69 7.07 -6.53 -3.55
CA ARG A 69 5.82 -6.50 -4.36
C ARG A 69 4.62 -6.21 -3.45
N ASP A 70 4.61 -6.78 -2.28
CA ASP A 70 3.45 -6.55 -1.36
C ASP A 70 3.77 -5.41 -0.39
N VAL A 71 4.93 -4.83 -0.49
CA VAL A 71 5.30 -3.72 0.44
C VAL A 71 5.71 -2.48 -0.38
N ARG A 72 5.22 -1.33 0.00
CA ARG A 72 5.58 -0.09 -0.75
C ARG A 72 6.04 0.99 0.24
N ALA A 73 6.83 1.92 -0.22
CA ALA A 73 7.33 3.00 0.69
C ALA A 73 6.13 3.81 1.21
N ARG A 74 6.21 4.31 2.42
CA ARG A 74 5.09 5.11 2.97
C ARG A 74 4.96 6.41 2.18
N ALA A 75 3.76 6.79 1.82
CA ALA A 75 3.56 8.05 1.06
C ALA A 75 3.76 9.25 1.99
N ARG A 76 4.40 10.29 1.50
CA ARG A 76 4.63 11.49 2.35
C ARG A 76 4.16 12.73 1.60
N THR A 77 3.64 12.55 0.42
CA THR A 77 3.17 13.72 -0.38
C THR A 77 1.71 13.52 -0.79
N ILE A 78 0.89 14.52 -0.61
CA ILE A 78 -0.56 14.39 -0.98
C ILE A 78 -0.79 15.08 -2.33
N ILE A 79 -1.44 14.43 -3.24
CA ILE A 79 -1.70 15.05 -4.57
C ILE A 79 -3.07 15.74 -4.55
N LYS A 80 -3.12 16.96 -5.03
CA LYS A 80 -4.42 17.69 -5.04
C LYS A 80 -5.12 17.49 -6.38
N TRP A 81 -6.37 17.86 -6.47
CA TRP A 81 -7.11 17.70 -7.74
C TRP A 81 -6.30 18.28 -8.89
N GLN A 82 -5.63 19.38 -8.67
CA GLN A 82 -4.82 20.01 -9.74
C GLN A 82 -3.58 19.17 -10.08
N ASP A 83 -3.09 18.40 -9.14
CA ASP A 83 -1.84 17.61 -9.41
C ASP A 83 -2.12 16.15 -9.77
N LEU A 84 -3.36 15.75 -9.99
CA LEU A 84 -3.59 14.32 -10.34
C LEU A 84 -3.52 14.14 -11.87
N GLU A 85 -2.96 13.05 -12.31
CA GLU A 85 -2.84 12.80 -13.78
C GLU A 85 -3.64 11.56 -14.15
N VAL A 86 -3.86 11.33 -15.42
CA VAL A 86 -4.64 10.13 -15.84
C VAL A 86 -3.66 9.00 -16.17
N GLY A 87 -3.95 7.81 -15.71
CA GLY A 87 -3.03 6.67 -15.98
C GLY A 87 -1.98 6.59 -14.87
N GLN A 88 -2.18 7.35 -13.82
CA GLN A 88 -1.22 7.34 -12.69
C GLN A 88 -1.70 6.36 -11.62
N VAL A 89 -0.79 5.74 -10.92
CA VAL A 89 -1.22 4.77 -9.86
C VAL A 89 -1.24 5.49 -8.51
N VAL A 90 -2.35 5.44 -7.82
CA VAL A 90 -2.42 6.13 -6.50
C VAL A 90 -3.14 5.23 -5.49
N MET A 91 -3.02 5.55 -4.23
CA MET A 91 -3.69 4.74 -3.17
C MET A 91 -4.82 5.57 -2.56
N LEU A 92 -5.99 5.01 -2.45
CA LEU A 92 -7.13 5.76 -1.86
C LEU A 92 -7.96 4.83 -0.97
N ASN A 93 -8.89 5.36 -0.23
CA ASN A 93 -9.72 4.51 0.65
C ASN A 93 -10.91 3.97 -0.13
N TYR A 94 -11.01 2.67 -0.27
CA TYR A 94 -12.15 2.08 -1.01
C TYR A 94 -12.77 0.96 -0.17
N ASN A 95 -14.07 0.92 -0.10
CA ASN A 95 -14.74 -0.13 0.72
C ASN A 95 -15.64 -1.00 -0.18
N PRO A 96 -15.15 -2.13 -0.63
CA PRO A 96 -15.93 -3.03 -1.52
C PRO A 96 -17.32 -3.34 -0.94
N ASP A 97 -17.41 -3.60 0.33
CA ASP A 97 -18.72 -3.91 0.94
C ASP A 97 -19.64 -2.68 0.87
N ASN A 98 -19.12 -1.53 1.19
CA ASN A 98 -19.96 -0.29 1.13
C ASN A 98 -19.13 0.87 0.58
N PRO A 99 -19.00 0.93 -0.73
CA PRO A 99 -18.22 2.00 -1.41
C PRO A 99 -18.66 3.41 -0.97
N LYS A 100 -19.85 3.54 -0.47
CA LYS A 100 -20.33 4.89 -0.03
C LYS A 100 -19.90 5.15 1.41
N GLU A 101 -19.18 4.23 1.99
CA GLU A 101 -18.72 4.42 3.41
C GLU A 101 -17.19 4.50 3.45
N ARG A 102 -16.62 4.42 4.61
CA ARG A 102 -15.13 4.50 4.72
C ARG A 102 -14.51 3.20 4.18
N GLY A 103 -13.31 3.28 3.68
CA GLY A 103 -12.65 2.07 3.11
C GLY A 103 -11.20 2.00 3.59
N PHE A 104 -10.52 0.94 3.26
CA PHE A 104 -9.09 0.82 3.68
C PHE A 104 -8.21 1.30 2.52
N TRP A 105 -7.02 1.73 2.80
CA TRP A 105 -6.15 2.22 1.70
C TRP A 105 -5.90 1.11 0.68
N TYR A 106 -6.64 1.13 -0.40
CA TYR A 106 -6.45 0.09 -1.46
C TYR A 106 -5.76 0.74 -2.67
N ASP A 107 -4.84 0.05 -3.27
CA ASP A 107 -4.14 0.64 -4.45
C ASP A 107 -5.13 0.77 -5.61
N ALA A 108 -5.11 1.88 -6.29
CA ALA A 108 -6.06 2.07 -7.43
C ALA A 108 -5.44 3.02 -8.46
N GLU A 109 -5.88 2.94 -9.69
CA GLU A 109 -5.33 3.83 -10.74
C GLU A 109 -6.41 4.83 -11.17
N ILE A 110 -6.02 5.97 -11.67
CA ILE A 110 -7.03 6.97 -12.11
C ILE A 110 -7.56 6.59 -13.49
N SER A 111 -8.85 6.38 -13.60
CA SER A 111 -9.43 5.99 -14.91
C SER A 111 -9.77 7.24 -15.73
N ARG A 112 -10.75 7.99 -15.32
CA ARG A 112 -11.12 9.22 -16.09
C ARG A 112 -11.53 10.35 -15.14
N LYS A 113 -11.21 11.56 -15.50
CA LYS A 113 -11.58 12.72 -14.63
C LYS A 113 -12.87 13.34 -15.16
N ARG A 114 -13.83 13.60 -14.30
CA ARG A 114 -15.10 14.21 -14.77
C ARG A 114 -15.52 15.33 -13.82
N GLU A 115 -15.93 16.44 -14.36
CA GLU A 115 -16.35 17.59 -13.49
C GLU A 115 -17.81 17.95 -13.79
N THR A 116 -18.53 18.40 -12.80
CA THR A 116 -19.95 18.78 -13.02
C THR A 116 -20.10 20.28 -12.75
N ARG A 117 -21.20 20.85 -13.13
CA ARG A 117 -21.40 22.32 -12.92
C ARG A 117 -21.18 22.67 -11.44
N THR A 118 -21.61 21.85 -10.53
CA THR A 118 -21.43 22.16 -9.09
C THR A 118 -20.91 20.92 -8.34
N ALA A 119 -20.30 20.01 -9.02
CA ALA A 119 -19.78 18.79 -8.33
C ALA A 119 -18.60 18.20 -9.09
N ARG A 120 -17.79 17.42 -8.43
CA ARG A 120 -16.62 16.80 -9.11
C ARG A 120 -16.72 15.27 -9.00
N GLU A 121 -16.43 14.57 -10.06
CA GLU A 121 -16.52 13.08 -10.02
C GLU A 121 -15.23 12.47 -10.58
N LEU A 122 -14.68 11.50 -9.90
CA LEU A 122 -13.42 10.86 -10.39
C LEU A 122 -13.64 9.36 -10.60
N TYR A 123 -13.06 8.81 -11.64
CA TYR A 123 -13.21 7.35 -11.88
C TYR A 123 -11.84 6.71 -11.71
N ALA A 124 -11.77 5.62 -11.01
CA ALA A 124 -10.46 4.95 -10.79
C ALA A 124 -10.63 3.44 -10.80
N ASN A 125 -9.57 2.71 -11.04
CA ASN A 125 -9.67 1.24 -11.05
C ASN A 125 -9.06 0.70 -9.75
N VAL A 126 -9.80 -0.09 -9.02
CA VAL A 126 -9.27 -0.62 -7.73
C VAL A 126 -9.07 -2.14 -7.83
N VAL A 127 -7.96 -2.63 -7.35
CA VAL A 127 -7.70 -4.09 -7.41
C VAL A 127 -7.52 -4.65 -6.00
N LEU A 128 -8.11 -5.78 -5.73
CA LEU A 128 -7.98 -6.39 -4.37
C LEU A 128 -6.93 -7.50 -4.43
N GLY A 129 -6.44 -7.93 -3.29
CA GLY A 129 -5.40 -8.99 -3.29
C GLY A 129 -5.84 -10.18 -4.15
N ASP A 130 -7.13 -10.43 -4.22
CA ASP A 130 -7.60 -11.60 -5.03
C ASP A 130 -8.76 -11.18 -5.95
N ASP A 131 -9.51 -10.17 -5.56
CA ASP A 131 -10.67 -9.74 -6.40
C ASP A 131 -10.32 -8.45 -7.15
N SER A 132 -10.99 -8.17 -8.23
CA SER A 132 -10.71 -6.93 -9.00
C SER A 132 -11.95 -6.03 -8.99
N LEU A 133 -11.75 -4.75 -9.06
CA LEU A 133 -12.91 -3.80 -9.06
C LEU A 133 -12.60 -2.66 -10.03
N ASN A 134 -11.99 -2.96 -11.13
CA ASN A 134 -11.65 -1.90 -12.12
C ASN A 134 -12.92 -1.11 -12.47
N ASP A 135 -12.76 0.01 -13.13
CA ASP A 135 -13.94 0.83 -13.52
C ASP A 135 -14.77 1.15 -12.27
N CYS A 136 -14.14 1.61 -11.23
CA CYS A 136 -14.88 1.93 -9.99
C CYS A 136 -15.05 3.45 -9.86
N ARG A 137 -15.81 3.90 -8.89
CA ARG A 137 -16.03 5.36 -8.70
C ARG A 137 -15.43 5.79 -7.35
N ILE A 138 -14.82 6.94 -7.31
CA ILE A 138 -14.22 7.40 -6.03
C ILE A 138 -15.14 8.43 -5.36
N ILE A 139 -15.66 8.11 -4.21
CA ILE A 139 -16.57 9.07 -3.51
C ILE A 139 -15.74 10.23 -2.95
N PHE A 140 -14.53 9.97 -2.55
CA PHE A 140 -13.68 11.07 -1.99
C PHE A 140 -12.65 11.49 -3.04
N VAL A 141 -12.57 12.76 -3.31
CA VAL A 141 -11.58 13.25 -4.32
C VAL A 141 -10.50 14.08 -3.63
N ASP A 142 -10.56 14.16 -2.33
CA ASP A 142 -9.54 14.95 -1.59
C ASP A 142 -8.51 14.03 -0.95
N GLU A 143 -8.55 12.76 -1.26
CA GLU A 143 -7.55 11.82 -0.66
C GLU A 143 -6.83 11.05 -1.77
N VAL A 144 -5.78 11.60 -2.30
CA VAL A 144 -5.01 10.90 -3.37
C VAL A 144 -3.55 10.77 -2.96
N PHE A 145 -2.97 9.61 -3.10
CA PHE A 145 -1.53 9.43 -2.74
C PHE A 145 -0.75 8.92 -3.94
N LYS A 146 0.48 9.32 -4.07
CA LYS A 146 1.31 8.87 -5.23
C LYS A 146 2.24 7.74 -4.76
N ILE A 147 2.55 6.81 -5.64
CA ILE A 147 3.45 5.70 -5.27
C ILE A 147 4.90 6.18 -5.31
N GLU A 148 5.67 5.89 -4.30
CA GLU A 148 7.09 6.34 -4.29
C GLU A 148 7.99 5.23 -4.82
N ARG A 149 9.03 5.57 -5.53
CA ARG A 149 9.94 4.53 -6.07
C ARG A 149 11.40 4.94 -5.81
N PRO A 150 12.29 3.99 -5.86
CA PRO A 150 13.75 4.24 -5.64
C PRO A 150 14.32 5.25 -6.63
N GLY A 151 13.69 5.40 -7.76
CA GLY A 151 14.20 6.36 -8.78
C GLY A 151 15.11 5.64 -9.77
N GLU A 152 15.18 4.34 -9.68
CA GLU A 152 16.06 3.58 -10.61
C GLU A 152 17.39 4.29 -10.76
N THR B 1 10.72 12.38 16.85
CA THR B 1 10.59 11.81 18.24
C THR B 1 9.63 10.62 18.20
N GLY B 2 9.82 9.67 19.07
CA GLY B 2 8.93 8.47 19.09
C GLY B 2 7.47 8.94 19.23
N LYS B 3 7.24 9.99 19.96
CA LYS B 3 5.84 10.49 20.13
C LYS B 3 5.59 11.65 19.16
N GLY B 4 4.35 11.91 18.85
CA GLY B 4 4.04 13.03 17.92
C GLY B 4 3.83 12.48 16.50
N LYS B 5 3.80 11.18 16.35
CA LYS B 5 3.59 10.60 15.00
C LYS B 5 2.10 10.55 14.68
N TRP B 6 1.73 10.87 13.47
CA TRP B 6 0.29 10.84 13.09
C TRP B 6 0.04 9.69 12.13
N LYS B 7 -0.99 8.92 12.36
CA LYS B 7 -1.27 7.77 11.45
C LYS B 7 -2.32 8.18 10.41
N ARG B 8 -2.24 7.65 9.22
CA ARG B 8 -3.24 8.01 8.18
C ARG B 8 -4.62 7.51 8.62
N LYS B 9 -5.66 8.18 8.23
CA LYS B 9 -7.02 7.73 8.65
C LYS B 9 -7.45 6.55 7.78
N SER B 10 -7.98 5.52 8.39
CA SER B 10 -8.43 4.33 7.61
C SER B 10 -9.71 3.78 8.23
N ALA B 11 -10.55 3.17 7.44
CA ALA B 11 -11.80 2.60 8.00
C ALA B 11 -12.61 1.92 6.89
N GLY B 12 -13.21 0.81 7.19
CA GLY B 12 -14.02 0.08 6.17
C GLY B 12 -14.51 -1.25 6.75
N GLY B 13 -15.11 -2.07 5.94
CA GLY B 13 -15.61 -3.37 6.44
C GLY B 13 -17.04 -3.20 6.98
N GLY B 14 -17.53 -4.19 7.69
CA GLY B 14 -18.91 -4.07 8.24
C GLY B 14 -18.96 -2.97 9.30
N PRO B 15 -20.12 -2.42 9.54
CA PRO B 15 -20.31 -1.33 10.54
C PRO B 15 -19.90 -1.76 11.95
N SER B 16 -19.91 -3.04 12.22
CA SER B 16 -19.52 -3.53 13.57
C SER B 16 -18.72 -4.83 13.44
#